data_7MKL
#
_entry.id   7MKL
#
_cell.length_a   1.00
_cell.length_b   1.00
_cell.length_c   1.00
_cell.angle_alpha   90.00
_cell.angle_beta   90.00
_cell.angle_gamma   90.00
#
_symmetry.space_group_name_H-M   'P 1'
#
loop_
_entity.id
_entity.type
_entity.pdbx_description
1 polymer 'Spike glycoprotein'
2 polymer 'SARS2-38 Fv heavy chain'
3 polymer 'SARS2-38 Fv light chain'
4 branched 2-acetamido-2-deoxy-beta-D-glucopyranose-(1-4)-2-acetamido-2-deoxy-beta-D-glucopyranose
5 non-polymer 2-acetamido-2-deoxy-beta-D-glucopyranose
#
loop_
_entity_poly.entity_id
_entity_poly.type
_entity_poly.pdbx_seq_one_letter_code
_entity_poly.pdbx_strand_id
1 'polypeptide(L)'
;AYTNSFTRGVYYPDKVFRSSVLHSTQDLFLPFFSNVTWFHAIHVSGTNGTKRFDNPVLPFNDGVYFASTEKSNIIRGWIF
GTTLDSKTQSLLIVNNATNVVIKVCEFQFCNDPFLGVYYHKNNKSWMESEFRVYSSANNCTFEYVSQPFLMDLEGKQGNF
KNLREFVFKNIDGYFKIYSKHTPINLVRDLPQGFSALEPLVDLPIGINITRFQTLLALHRSYLTPGDSSSGWTAGAAAYY
VGYLQPRTFLLKYNENGTITDAVDCALDPLSETKCTLKSFTVEKGIYQTSNFRVQPTESIVRFPNITNLCPFGEVFNATR
FASVYAWNRKRISNCVADYSVLYNSASFSTFKCYGVSPTKLNDLCFTNVYADSFVIRGDEVRQIAPGQTGKIADYNYKLP
DDFTGCVIAWNSNNLDSKVGGNYNYLYRLFRKSNLKPFERDISTEIYQAGSTPCNGVEGFNCYFPLQSYGFQPTNGVGYQ
PYRVVVLSFELLHAPATVCGPKKSTNLVKNKCVNFNFNGLTGTGVLTESNKKFLPFQQFGRDIADTTDAVRDPQTLEILD
ITPCSFGGVSVITPGTNTSNQVAVLYQDVNCTEVPVAIHADQLTPTWRVYSTGSNVFQTRAGCLIGAEHVNNSYECDIPI
GAGICASYQTQTNSPRRARSVASQSIIAYTMSLGAENSVAYSNNSIAIPTNFTISVTTEILPVSMTKTSVDCTMYICGDS
TECSNLLLQYGSFCTQLNRALTGIAVEQDKNTQEVFAQVKQIYKTPPIKDFGGFNFSQILPDPSKPSKRSPIEDLLFNKV
TLADAGFIKQYGDCLGDIAARDLICAQKFNGLTVLPPLLTDEMIAQYTSALLAGTITSGWTFGAGPALQIPFPMQMAYRF
NGIGVTQNVLYENQKLIANQFNSAIGKIQDSLSSTPSALGKLQDVVNQNAQALNTLVKQLSSNFGAISSVLNDILSRLDP
PEAEVQIDRLITGRLQSLQTYVTQQLIRAAEIRASANLAATKMSECVLGQSKRVDFCGKGYHLMSFPQSAPHGVVFLHVT
YVPAQEKNFTTAPAICHDGKAHFPREGVFVSNGTHWFVTQRNFYEPQIITTDNTFVSGNCDVVIGIVNNTVYDPLQPELD
S
;
A,B,C
2 'polypeptide(L)'
;QVQLKESGPGLVAPSQSLSITCTVSGFSLTRYGVHWVRQPPGKGLEWLGVIWADGSTYYNSALMSRLSISKDNSKSQVFL
NMNSLQTDDTAKYYCARDGRGYDDYWGQGTTLT
;
H
3 'polypeptide(L)'
;QIVLTQSPAIMSASPGEKVTMTCSASSTVSFIYWYQQKPGSSPRLLIYDTSNPASGVPVRFSGSGCGTSYYLTISRMEAE
DAATYYCQQWNTYPLTFGAGTKLEL
;
L
#
loop_
_chem_comp.id
_chem_comp.type
_chem_comp.name
_chem_comp.formula
NAG D-saccharide, beta linking 2-acetamido-2-deoxy-beta-D-glucopyranose 'C8 H15 N O6'
#
# COMPACT_ATOMS: atom_id res chain seq x y z
N ALA A 1 4.52 -33.12 46.92
CA ALA A 1 5.12 -31.89 47.40
C ALA A 1 5.65 -31.05 46.24
N TYR A 2 5.57 -29.73 46.39
CA TYR A 2 6.03 -28.79 45.38
C TYR A 2 6.91 -27.73 46.05
N THR A 3 7.82 -27.16 45.27
CA THR A 3 8.65 -26.04 45.69
C THR A 3 8.66 -24.98 44.58
N ASN A 4 9.33 -23.88 44.85
CA ASN A 4 9.38 -22.75 43.93
C ASN A 4 10.52 -22.95 42.94
N SER A 5 10.18 -23.04 41.66
CA SER A 5 11.18 -23.22 40.61
C SER A 5 12.01 -21.96 40.38
N PHE A 6 11.60 -20.82 40.93
CA PHE A 6 12.25 -19.54 40.72
C PHE A 6 12.40 -19.24 39.23
N THR A 7 13.64 -19.12 38.76
CA THR A 7 13.92 -18.72 37.39
C THR A 7 14.61 -19.81 36.59
N ARG A 8 14.50 -21.07 37.02
CA ARG A 8 15.14 -22.17 36.33
C ARG A 8 14.33 -22.58 35.10
N GLY A 9 14.99 -23.30 34.21
CA GLY A 9 14.34 -23.88 33.04
C GLY A 9 14.47 -23.10 31.75
N VAL A 10 15.48 -22.25 31.61
CA VAL A 10 15.75 -21.52 30.38
C VAL A 10 16.99 -22.10 29.72
N TYR A 11 16.85 -22.46 28.44
CA TYR A 11 17.96 -23.00 27.68
C TYR A 11 18.01 -22.30 26.32
N TYR A 12 19.17 -22.40 25.67
CA TYR A 12 19.36 -21.75 24.38
C TYR A 12 18.56 -22.43 23.28
N PRO A 13 17.64 -21.71 22.62
CA PRO A 13 16.77 -22.37 21.62
C PRO A 13 17.51 -22.90 20.40
N ASP A 14 18.70 -22.40 20.08
CA ASP A 14 19.43 -22.86 18.91
C ASP A 14 20.93 -22.79 19.17
N LYS A 15 21.72 -22.92 18.11
CA LYS A 15 23.18 -22.99 18.23
C LYS A 15 23.90 -21.74 17.70
N VAL A 16 23.26 -20.58 17.72
CA VAL A 16 23.88 -19.34 17.27
C VAL A 16 24.34 -18.56 18.49
N PHE A 17 25.57 -18.07 18.47
CA PHE A 17 26.08 -17.27 19.57
C PHE A 17 25.46 -15.87 19.50
N ARG A 18 24.92 -15.43 20.63
CA ARG A 18 24.30 -14.12 20.73
C ARG A 18 24.76 -13.47 22.03
N SER A 19 24.88 -12.13 22.02
CA SER A 19 25.32 -11.44 23.22
C SER A 19 24.78 -10.02 23.26
N SER A 20 24.69 -9.49 24.50
CA SER A 20 24.33 -8.10 24.79
C SER A 20 23.05 -7.66 24.08
N VAL A 21 21.99 -8.46 24.22
CA VAL A 21 20.73 -8.18 23.57
C VAL A 21 19.60 -8.81 24.38
N LEU A 22 18.42 -8.20 24.30
CA LEU A 22 17.20 -8.76 24.89
C LEU A 22 16.43 -9.43 23.78
N HIS A 23 16.31 -10.76 23.84
CA HIS A 23 15.72 -11.54 22.76
C HIS A 23 14.41 -12.17 23.21
N SER A 24 13.35 -11.94 22.44
CA SER A 24 12.04 -12.53 22.66
C SER A 24 11.88 -13.76 21.78
N THR A 25 11.65 -14.91 22.39
CA THR A 25 11.54 -16.17 21.65
C THR A 25 10.44 -17.02 22.27
N GLN A 26 9.81 -17.83 21.42
CA GLN A 26 8.78 -18.77 21.86
C GLN A 26 9.34 -20.19 21.73
N ASP A 27 9.38 -20.90 22.85
CA ASP A 27 9.91 -22.25 22.90
C ASP A 27 9.37 -22.91 24.17
N LEU A 28 9.78 -24.15 24.39
CA LEU A 28 9.32 -24.93 25.55
C LEU A 28 10.20 -24.61 26.75
N PHE A 29 9.71 -23.75 27.64
CA PHE A 29 10.42 -23.30 28.81
C PHE A 29 9.68 -23.68 30.08
N LEU A 30 10.43 -23.74 31.18
CA LEU A 30 9.85 -23.93 32.51
C LEU A 30 9.23 -22.64 33.01
N PRO A 31 7.94 -22.61 33.31
CA PRO A 31 7.32 -21.37 33.80
C PRO A 31 8.03 -20.88 35.06
N PHE A 32 8.24 -19.57 35.13
CA PHE A 32 8.93 -19.00 36.28
C PHE A 32 8.05 -19.07 37.52
N PHE A 33 8.68 -19.38 38.66
CA PHE A 33 8.02 -19.51 39.96
C PHE A 33 6.92 -20.58 39.94
N SER A 34 6.99 -21.49 38.96
CA SER A 34 6.07 -22.60 38.89
C SER A 34 6.43 -23.65 39.93
N ASN A 35 5.49 -24.56 40.17
CA ASN A 35 5.71 -25.64 41.13
C ASN A 35 6.39 -26.82 40.46
N VAL A 36 7.49 -27.28 41.06
CA VAL A 36 8.20 -28.47 40.61
C VAL A 36 8.24 -29.45 41.76
N THR A 37 8.04 -30.73 41.45
CA THR A 37 7.94 -31.75 42.48
C THR A 37 9.30 -32.03 43.09
N TRP A 38 9.33 -32.10 44.42
CA TRP A 38 10.56 -32.28 45.18
C TRP A 38 10.66 -33.75 45.58
N PHE A 39 11.70 -34.43 45.10
CA PHE A 39 11.87 -35.86 45.32
C PHE A 39 13.00 -36.10 46.31
N HIS A 40 12.94 -37.24 46.99
CA HIS A 40 13.92 -37.60 48.00
C HIS A 40 14.56 -38.93 47.62
N ALA A 41 15.80 -39.13 48.09
CA ALA A 41 16.57 -40.34 47.82
C ALA A 41 17.19 -40.87 49.11
N ILE A 42 16.37 -41.08 50.12
CA ILE A 42 16.83 -41.57 51.41
C ILE A 42 15.98 -42.77 51.82
N HIS A 43 16.54 -43.58 52.72
CA HIS A 43 15.87 -44.75 53.27
C HIS A 43 15.27 -45.65 52.19
N ASP A 54 11.57 -42.17 46.40
CA ASP A 54 10.63 -41.37 45.62
C ASP A 54 11.11 -41.20 44.19
N ASN A 55 10.93 -42.25 43.38
CA ASN A 55 11.35 -42.26 41.98
C ASN A 55 10.22 -42.72 41.06
N PRO A 56 9.10 -42.02 41.06
CA PRO A 56 7.98 -42.44 40.21
C PRO A 56 8.26 -42.17 38.74
N VAL A 57 7.42 -42.75 37.89
CA VAL A 57 7.47 -42.52 36.45
C VAL A 57 6.58 -41.32 36.13
N LEU A 58 7.16 -40.30 35.50
CA LEU A 58 6.42 -39.10 35.17
C LEU A 58 6.27 -38.93 33.66
N PRO A 59 5.21 -38.23 33.21
CA PRO A 59 5.12 -37.85 31.79
C PRO A 59 6.27 -36.96 31.35
N PHE A 60 6.61 -37.07 30.06
CA PHE A 60 7.62 -36.24 29.42
C PHE A 60 7.04 -35.05 28.69
N ASN A 61 5.79 -35.13 28.24
CA ASN A 61 5.10 -34.10 27.45
C ASN A 61 5.94 -33.81 26.21
N ASP A 62 6.32 -32.56 25.96
CA ASP A 62 7.08 -32.20 24.76
C ASP A 62 8.55 -31.92 25.06
N GLY A 63 9.01 -32.26 26.25
CA GLY A 63 10.38 -32.00 26.67
C GLY A 63 10.40 -31.66 28.15
N VAL A 64 11.47 -32.03 28.82
CA VAL A 64 11.60 -31.89 30.27
C VAL A 64 12.90 -31.17 30.60
N TYR A 65 12.82 -30.21 31.52
CA TYR A 65 13.99 -29.59 32.12
C TYR A 65 14.33 -30.37 33.38
N PHE A 66 15.61 -30.71 33.54
CA PHE A 66 16.06 -31.49 34.67
C PHE A 66 17.20 -30.80 35.38
N ALA A 67 17.17 -30.85 36.71
CA ALA A 67 18.23 -30.36 37.57
C ALA A 67 18.31 -31.29 38.77
N SER A 68 19.51 -31.44 39.33
CA SER A 68 19.65 -32.28 40.50
C SER A 68 20.74 -31.74 41.40
N THR A 69 20.62 -32.07 42.69
CA THR A 69 21.61 -31.72 43.70
C THR A 69 22.19 -33.00 44.25
N GLU A 70 23.52 -33.05 44.34
CA GLU A 70 24.21 -34.28 44.72
C GLU A 70 25.20 -34.02 45.83
N LYS A 71 25.49 -35.09 46.58
CA LYS A 71 26.55 -35.11 47.58
C LYS A 71 27.38 -36.39 47.53
N SER A 72 26.90 -37.45 46.88
CA SER A 72 27.59 -38.73 46.80
C SER A 72 27.40 -39.37 45.43
N ASN A 73 27.02 -38.57 44.42
CA ASN A 73 26.81 -39.04 43.05
C ASN A 73 25.77 -40.16 42.99
N ILE A 74 24.61 -39.92 43.61
CA ILE A 74 23.54 -40.90 43.62
C ILE A 74 22.87 -40.99 42.24
N ILE A 75 22.61 -39.85 41.61
CA ILE A 75 21.95 -39.84 40.31
C ILE A 75 23.00 -40.03 39.22
N ARG A 76 22.89 -41.13 38.49
CA ARG A 76 23.88 -41.46 37.46
C ARG A 76 23.28 -41.72 36.09
N GLY A 77 21.96 -41.67 35.93
CA GLY A 77 21.38 -41.91 34.61
C GLY A 77 19.91 -41.61 34.59
N TRP A 78 19.34 -41.75 33.40
CA TRP A 78 17.93 -41.47 33.15
C TRP A 78 17.36 -42.48 32.16
N ILE A 79 16.06 -42.72 32.26
CA ILE A 79 15.33 -43.58 31.33
C ILE A 79 14.19 -42.77 30.70
N PHE A 80 14.12 -42.80 29.38
CA PHE A 80 13.09 -42.09 28.62
C PHE A 80 12.38 -43.06 27.69
N GLY A 81 11.06 -42.94 27.60
CA GLY A 81 10.30 -43.80 26.71
C GLY A 81 8.82 -43.55 26.84
N THR A 82 8.03 -44.57 26.50
CA THR A 82 6.58 -44.48 26.60
C THR A 82 5.99 -45.42 27.64
N THR A 83 6.45 -46.66 27.69
CA THR A 83 5.97 -47.64 28.66
C THR A 83 7.03 -48.15 29.61
N LEU A 84 8.32 -48.04 29.26
CA LEU A 84 9.43 -48.44 30.12
C LEU A 84 9.28 -49.88 30.62
N ASP A 85 8.83 -50.76 29.73
CA ASP A 85 8.58 -52.15 30.11
C ASP A 85 9.02 -53.12 29.00
N SER A 86 10.01 -52.71 28.19
CA SER A 86 10.58 -53.47 27.08
C SER A 86 9.64 -53.58 25.88
N LYS A 87 8.47 -52.94 25.91
CA LYS A 87 7.55 -53.00 24.78
C LYS A 87 7.80 -51.92 23.74
N THR A 88 8.51 -50.85 24.09
CA THR A 88 8.79 -49.76 23.18
C THR A 88 10.26 -49.38 23.29
N GLN A 89 10.69 -48.43 22.45
CA GLN A 89 12.07 -47.98 22.48
C GLN A 89 12.30 -47.12 23.70
N SER A 90 13.43 -47.34 24.37
CA SER A 90 13.73 -46.62 25.60
C SER A 90 15.20 -46.21 25.60
N LEU A 91 15.44 -44.90 25.69
CA LEU A 91 16.80 -44.38 25.77
C LEU A 91 17.38 -44.67 27.14
N LEU A 92 18.60 -45.21 27.17
CA LEU A 92 19.30 -45.49 28.42
C LEU A 92 20.62 -44.76 28.41
N ILE A 93 20.83 -43.91 29.40
CA ILE A 93 22.07 -43.17 29.57
C ILE A 93 22.63 -43.54 30.94
N VAL A 94 23.87 -44.01 30.98
CA VAL A 94 24.52 -44.41 32.21
C VAL A 94 25.88 -43.74 32.28
N ASN A 95 26.18 -43.12 33.41
CA ASN A 95 27.48 -42.50 33.67
C ASN A 95 28.09 -43.21 34.86
N ASN A 96 28.84 -44.27 34.60
CA ASN A 96 29.49 -45.05 35.64
C ASN A 96 30.94 -44.59 35.71
N ALA A 97 31.30 -43.95 36.83
CA ALA A 97 32.63 -43.36 37.04
C ALA A 97 32.87 -42.35 35.92
N THR A 98 34.00 -42.40 35.23
CA THR A 98 34.35 -41.40 34.22
C THR A 98 33.91 -41.78 32.81
N ASN A 99 33.11 -42.84 32.65
CA ASN A 99 32.73 -43.35 31.34
C ASN A 99 31.23 -43.17 31.15
N VAL A 100 30.85 -42.26 30.25
CA VAL A 100 29.45 -42.07 29.89
C VAL A 100 29.04 -43.11 28.87
N VAL A 101 27.98 -43.86 29.17
CA VAL A 101 27.49 -44.92 28.29
C VAL A 101 26.04 -44.63 27.95
N ILE A 102 25.74 -44.59 26.65
CA ILE A 102 24.38 -44.38 26.17
C ILE A 102 24.02 -45.54 25.24
N LYS A 103 22.94 -46.24 25.56
CA LYS A 103 22.45 -47.37 24.77
C LYS A 103 20.93 -47.33 24.72
N VAL A 104 20.37 -47.89 23.65
CA VAL A 104 18.92 -47.98 23.52
C VAL A 104 18.47 -49.43 23.33
N CYS A 105 19.22 -50.36 23.91
CA CYS A 105 18.93 -51.78 23.76
C CYS A 105 17.74 -52.22 24.63
N GLU A 106 17.28 -53.43 24.36
CA GLU A 106 16.21 -54.07 25.13
C GLU A 106 16.81 -54.71 26.39
N PHE A 107 17.23 -53.83 27.30
CA PHE A 107 17.93 -54.29 28.50
C PHE A 107 16.99 -55.01 29.44
N GLN A 108 17.50 -56.06 30.08
CA GLN A 108 16.77 -56.76 31.14
C GLN A 108 17.17 -56.11 32.46
N PHE A 109 16.26 -55.30 33.02
CA PHE A 109 16.52 -54.59 34.25
C PHE A 109 16.01 -55.38 35.45
N CYS A 110 16.61 -55.13 36.60
CA CYS A 110 16.18 -55.75 37.84
C CYS A 110 14.82 -55.21 38.25
N ASN A 111 14.20 -55.87 39.24
CA ASN A 111 12.93 -55.39 39.77
C ASN A 111 13.03 -53.95 40.27
N ASP A 112 14.20 -53.57 40.80
CA ASP A 112 14.44 -52.20 41.22
C ASP A 112 15.85 -51.84 40.77
N PRO A 113 16.00 -51.34 39.54
CA PRO A 113 17.34 -51.05 39.02
C PRO A 113 18.05 -49.98 39.83
N PHE A 114 19.33 -50.24 40.13
CA PHE A 114 20.17 -49.25 40.79
C PHE A 114 21.63 -49.65 40.57
N LEU A 115 22.52 -48.69 40.80
CA LEU A 115 23.95 -48.93 40.74
C LEU A 115 24.55 -48.65 42.12
N GLY A 116 25.42 -49.56 42.58
CA GLY A 116 26.04 -49.38 43.87
C GLY A 116 27.27 -48.49 43.82
N VAL A 117 27.61 -47.91 44.96
CA VAL A 117 28.81 -47.11 45.10
C VAL A 117 29.97 -47.97 45.56
N ASN A 139 17.29 -55.45 19.98
CA ASN A 139 16.89 -54.55 18.90
C ASN A 139 17.64 -53.23 19.08
N CYS A 140 18.97 -53.30 19.12
CA CYS A 140 19.76 -52.10 19.38
C CYS A 140 19.94 -51.29 18.10
N THR A 141 19.77 -49.98 18.21
CA THR A 141 19.99 -49.07 17.10
C THR A 141 21.15 -48.11 17.36
N PHE A 142 21.76 -48.18 18.54
CA PHE A 142 22.88 -47.33 18.91
C PHE A 142 23.55 -47.94 20.12
N GLU A 143 24.88 -47.92 20.12
CA GLU A 143 25.66 -48.34 21.28
C GLU A 143 26.95 -47.53 21.32
N TYR A 144 27.33 -47.09 22.51
CA TYR A 144 28.60 -46.41 22.71
C TYR A 144 29.19 -46.83 24.05
N VAL A 145 30.49 -47.09 24.05
CA VAL A 145 31.23 -47.41 25.26
C VAL A 145 32.50 -46.57 25.29
N SER A 146 32.75 -45.92 26.42
CA SER A 146 33.97 -45.14 26.60
C SER A 146 35.15 -46.05 26.94
N PHE A 160 23.80 -29.36 49.80
CA PHE A 160 24.43 -30.09 48.70
C PHE A 160 25.58 -29.28 48.11
N LYS A 161 26.49 -29.98 47.42
CA LYS A 161 27.70 -29.36 46.90
C LYS A 161 27.74 -29.23 45.38
N ASN A 162 26.99 -30.04 44.64
CA ASN A 162 27.09 -30.06 43.19
C ASN A 162 25.69 -30.02 42.57
N LEU A 163 25.47 -29.05 41.70
CA LEU A 163 24.24 -28.93 40.92
C LEU A 163 24.54 -29.36 39.49
N ARG A 164 23.79 -30.33 38.98
CA ARG A 164 24.01 -30.87 37.64
C ARG A 164 22.71 -30.71 36.86
N GLU A 165 22.67 -29.72 35.97
CA GLU A 165 21.48 -29.40 35.19
C GLU A 165 21.62 -29.92 33.77
N PHE A 166 20.54 -30.49 33.25
CA PHE A 166 20.51 -31.06 31.90
C PHE A 166 19.18 -30.76 31.25
N VAL A 167 19.17 -30.75 29.91
CA VAL A 167 17.94 -30.71 29.12
C VAL A 167 17.97 -31.87 28.13
N PHE A 168 16.92 -32.66 28.10
CA PHE A 168 16.79 -33.82 27.22
C PHE A 168 15.52 -33.64 26.38
N LYS A 169 15.67 -33.46 25.08
CA LYS A 169 14.51 -33.33 24.21
C LYS A 169 14.75 -34.00 22.86
N ASN A 170 13.67 -34.44 22.22
CA ASN A 170 13.69 -35.05 20.89
C ASN A 170 12.86 -34.21 19.93
N ILE A 171 13.51 -33.58 18.96
CA ILE A 171 12.85 -32.82 17.91
C ILE A 171 13.22 -33.46 16.59
N ASP A 172 12.21 -34.02 15.91
CA ASP A 172 12.40 -34.67 14.61
C ASP A 172 13.51 -35.72 14.64
N GLY A 173 13.59 -36.46 15.74
CA GLY A 173 14.55 -37.53 15.85
C GLY A 173 15.89 -37.14 16.44
N TYR A 174 16.11 -35.87 16.76
CA TYR A 174 17.39 -35.39 17.26
C TYR A 174 17.30 -35.26 18.78
N PHE A 175 18.18 -35.96 19.50
CA PHE A 175 18.21 -35.87 20.95
C PHE A 175 19.21 -34.80 21.33
N LYS A 176 18.71 -33.63 21.72
CA LYS A 176 19.52 -32.45 21.97
C LYS A 176 19.73 -32.30 23.47
N ILE A 177 20.98 -32.11 23.87
CA ILE A 177 21.34 -32.02 25.29
C ILE A 177 21.81 -30.60 25.55
N TYR A 178 21.18 -29.95 26.52
CA TYR A 178 21.50 -28.60 26.98
C TYR A 178 21.84 -28.72 28.46
N SER A 179 23.12 -28.89 28.79
CA SER A 179 23.53 -29.01 30.18
C SER A 179 24.38 -27.82 30.61
N LYS A 180 24.46 -27.64 31.93
CA LYS A 180 25.30 -26.63 32.56
C LYS A 180 25.70 -27.16 33.93
N HIS A 181 27.00 -27.08 34.24
CA HIS A 181 27.53 -27.53 35.52
C HIS A 181 27.93 -26.33 36.36
N THR A 182 27.46 -26.30 37.61
CA THR A 182 27.84 -25.23 38.52
C THR A 182 27.89 -25.72 39.97
N PRO A 183 28.87 -25.27 40.75
CA PRO A 183 28.85 -25.58 42.19
C PRO A 183 27.79 -24.78 42.94
N ILE A 184 27.19 -25.43 43.93
CA ILE A 184 26.23 -24.78 44.83
C ILE A 184 26.56 -25.21 46.26
N ASN A 185 26.05 -24.42 47.23
CA ASN A 185 26.18 -24.77 48.65
C ASN A 185 24.85 -24.53 49.36
N LEU A 186 23.91 -25.47 49.19
CA LEU A 186 22.59 -25.33 49.80
C LEU A 186 21.90 -26.69 49.77
N VAL A 187 21.45 -27.14 50.93
CA VAL A 187 20.81 -28.46 51.06
C VAL A 187 19.29 -28.35 51.19
N ARG A 188 18.82 -27.28 51.86
CA ARG A 188 17.42 -27.21 52.24
C ARG A 188 16.49 -27.14 51.03
N ASP A 189 16.84 -26.34 50.03
CA ASP A 189 15.93 -26.08 48.92
C ASP A 189 16.74 -25.64 47.71
N LEU A 190 16.05 -25.33 46.62
CA LEU A 190 16.69 -24.80 45.44
C LEU A 190 17.32 -23.44 45.74
N PRO A 191 18.58 -23.22 45.37
CA PRO A 191 19.15 -21.87 45.48
C PRO A 191 18.41 -20.90 44.57
N GLN A 192 18.31 -19.66 45.01
CA GLN A 192 17.67 -18.63 44.19
C GLN A 192 18.71 -18.03 43.25
N GLY A 193 18.29 -17.86 42.00
CA GLY A 193 19.16 -17.30 40.98
C GLY A 193 18.72 -17.79 39.62
N PHE A 194 19.50 -17.40 38.62
CA PHE A 194 19.22 -17.75 37.23
C PHE A 194 20.47 -18.34 36.60
N SER A 195 20.30 -19.41 35.83
CA SER A 195 21.41 -19.99 35.08
C SER A 195 20.87 -20.68 33.83
N ALA A 196 21.41 -20.32 32.68
CA ALA A 196 21.01 -20.87 31.40
C ALA A 196 21.85 -22.10 31.08
N LEU A 197 21.24 -23.08 30.43
CA LEU A 197 21.90 -24.32 30.07
C LEU A 197 22.30 -24.28 28.60
N GLU A 198 23.63 -24.47 28.33
CA GLU A 198 24.07 -24.51 26.94
C GLU A 198 23.93 -25.92 26.36
N PRO A 199 23.67 -26.02 25.06
CA PRO A 199 23.71 -27.32 24.40
C PRO A 199 25.14 -27.83 24.25
N LEU A 200 25.31 -29.13 24.37
CA LEU A 200 26.60 -29.76 24.12
C LEU A 200 26.55 -30.90 23.11
N VAL A 201 25.51 -31.74 23.15
CA VAL A 201 25.47 -32.97 22.39
C VAL A 201 24.13 -33.07 21.66
N ASP A 202 24.15 -33.69 20.48
CA ASP A 202 22.94 -33.92 19.68
C ASP A 202 22.99 -35.34 19.14
N LEU A 203 22.17 -36.23 19.73
CA LEU A 203 22.18 -37.65 19.39
C LEU A 203 20.99 -38.00 18.51
N PRO A 204 21.21 -38.52 17.31
CA PRO A 204 20.08 -38.88 16.42
C PRO A 204 19.42 -40.20 16.79
N ILE A 205 18.80 -40.25 17.97
CA ILE A 205 18.25 -41.52 18.44
C ILE A 205 16.89 -41.81 17.80
N GLY A 206 16.08 -40.79 17.53
CA GLY A 206 14.82 -41.01 16.86
C GLY A 206 13.74 -41.69 17.67
N ILE A 207 13.77 -41.56 18.99
CA ILE A 207 12.81 -42.21 19.87
C ILE A 207 11.75 -41.20 20.29
N ASN A 208 10.48 -41.59 20.18
CA ASN A 208 9.36 -40.76 20.62
C ASN A 208 9.20 -40.91 22.13
N ILE A 209 9.55 -39.87 22.88
CA ILE A 209 9.55 -39.93 24.34
C ILE A 209 8.33 -39.20 24.87
N THR A 210 7.52 -39.91 25.67
CA THR A 210 6.32 -39.36 26.27
C THR A 210 6.31 -39.45 27.78
N ARG A 211 7.10 -40.35 28.38
CA ARG A 211 7.25 -40.49 29.81
C ARG A 211 8.71 -40.78 30.12
N PHE A 212 9.13 -40.49 31.34
CA PHE A 212 10.50 -40.81 31.73
C PHE A 212 10.59 -41.13 33.21
N GLN A 213 11.71 -41.75 33.56
CA GLN A 213 12.03 -42.11 34.94
C GLN A 213 13.53 -41.91 35.14
N THR A 214 13.92 -41.65 36.38
CA THR A 214 15.32 -41.49 36.73
C THR A 214 15.84 -42.77 37.36
N LEU A 215 17.16 -42.83 37.53
CA LEU A 215 17.84 -43.96 38.15
C LEU A 215 18.67 -43.47 39.32
N LEU A 216 18.38 -43.98 40.50
CA LEU A 216 19.05 -43.56 41.73
C LEU A 216 19.99 -44.66 42.22
N ALA A 217 21.08 -44.23 42.84
CA ALA A 217 22.03 -45.15 43.45
C ALA A 217 21.61 -45.39 44.90
N LEU A 218 21.24 -46.63 45.20
CA LEU A 218 20.69 -46.99 46.50
C LEU A 218 21.72 -47.81 47.28
N HIS A 219 21.88 -47.47 48.56
CA HIS A 219 22.83 -48.17 49.42
C HIS A 219 22.23 -49.47 49.95
N ALA A 237 20.40 -37.55 48.47
CA ALA A 237 20.55 -36.75 47.26
C ALA A 237 19.20 -36.43 46.65
N ALA A 238 18.57 -35.38 47.16
CA ALA A 238 17.29 -34.93 46.62
C ALA A 238 17.50 -34.29 45.25
N TYR A 239 16.44 -34.34 44.43
CA TYR A 239 16.48 -33.73 43.11
C TYR A 239 15.11 -33.17 42.77
N TYR A 240 15.10 -32.27 41.79
CA TYR A 240 13.90 -31.58 41.35
C TYR A 240 13.73 -31.76 39.86
N VAL A 241 12.50 -31.97 39.42
CA VAL A 241 12.18 -32.15 38.01
C VAL A 241 11.12 -31.13 37.63
N GLY A 242 11.40 -30.35 36.57
CA GLY A 242 10.47 -29.39 36.05
C GLY A 242 10.08 -29.76 34.63
N TYR A 243 9.09 -29.04 34.10
CA TYR A 243 8.57 -29.35 32.77
C TYR A 243 8.45 -28.10 31.93
N LEU A 244 8.69 -28.26 30.64
CA LEU A 244 8.69 -27.16 29.70
C LEU A 244 7.29 -26.93 29.15
N GLN A 245 6.98 -25.67 28.86
CA GLN A 245 5.72 -25.28 28.26
C GLN A 245 5.98 -24.28 27.14
N PRO A 246 5.09 -24.20 26.14
CA PRO A 246 5.31 -23.25 25.04
C PRO A 246 5.06 -21.81 25.45
N ARG A 247 5.81 -21.33 26.44
CA ARG A 247 5.72 -19.97 26.91
C ARG A 247 6.67 -19.06 26.15
N THR A 248 6.34 -17.78 26.11
CA THR A 248 7.21 -16.76 25.53
C THR A 248 8.02 -16.12 26.66
N PHE A 249 9.34 -16.10 26.50
CA PHE A 249 10.24 -15.49 27.47
C PHE A 249 11.10 -14.40 26.82
N LEU A 250 11.38 -13.36 27.59
CA LEU A 250 12.35 -12.34 27.21
C LEU A 250 13.67 -12.65 27.93
N LEU A 251 14.70 -12.98 27.15
CA LEU A 251 15.97 -13.46 27.68
C LEU A 251 17.02 -12.37 27.57
N LYS A 252 17.70 -12.08 28.68
CA LYS A 252 18.74 -11.05 28.71
C LYS A 252 20.12 -11.69 28.67
N TYR A 253 20.87 -11.38 27.60
CA TYR A 253 22.24 -11.85 27.42
C TYR A 253 23.19 -10.75 27.88
N ASN A 254 24.14 -11.11 28.73
CA ASN A 254 25.09 -10.12 29.24
C ASN A 254 26.25 -9.96 28.25
N GLU A 255 27.30 -9.22 28.65
CA GLU A 255 28.43 -8.95 27.76
C GLU A 255 29.20 -10.22 27.40
N ASN A 256 29.10 -11.28 28.20
CA ASN A 256 29.74 -12.55 27.90
C ASN A 256 28.74 -13.53 27.25
N GLY A 257 27.54 -13.06 26.95
CA GLY A 257 26.54 -13.84 26.24
C GLY A 257 25.83 -14.92 27.01
N THR A 258 25.85 -14.88 28.34
CA THR A 258 25.13 -15.84 29.16
C THR A 258 23.85 -15.18 29.66
N ILE A 259 22.74 -15.90 29.58
CA ILE A 259 21.47 -15.34 30.05
C ILE A 259 21.46 -15.33 31.57
N THR A 260 21.23 -14.14 32.14
CA THR A 260 21.27 -13.95 33.58
C THR A 260 19.89 -13.75 34.22
N ASP A 261 18.88 -13.37 33.45
CA ASP A 261 17.52 -13.26 33.95
C ASP A 261 16.54 -13.47 32.81
N ALA A 262 15.25 -13.50 33.15
CA ALA A 262 14.20 -13.67 32.16
C ALA A 262 12.87 -13.25 32.79
N VAL A 263 11.92 -12.87 31.93
CA VAL A 263 10.57 -12.51 32.35
C VAL A 263 9.59 -13.48 31.72
N ASP A 264 8.77 -14.11 32.56
CA ASP A 264 7.70 -14.98 32.11
C ASP A 264 6.48 -14.11 31.84
N CYS A 265 6.12 -13.96 30.57
CA CYS A 265 5.14 -12.96 30.16
C CYS A 265 3.74 -13.20 30.74
N ALA A 266 3.49 -14.39 31.30
CA ALA A 266 2.18 -14.70 31.89
C ALA A 266 2.25 -14.97 33.39
N LEU A 267 3.36 -14.60 34.05
CA LEU A 267 3.50 -14.87 35.48
C LEU A 267 2.57 -14.01 36.32
N ASP A 268 2.43 -12.73 35.97
CA ASP A 268 1.68 -11.76 36.77
C ASP A 268 1.59 -10.45 36.01
N PRO A 269 0.72 -9.51 36.40
CA PRO A 269 0.62 -8.24 35.67
C PRO A 269 1.93 -7.49 35.52
N LEU A 270 2.82 -7.54 36.52
CA LEU A 270 4.10 -6.84 36.38
C LEU A 270 4.97 -7.50 35.31
N SER A 271 4.98 -8.84 35.28
CA SER A 271 5.75 -9.53 34.25
C SER A 271 5.13 -9.28 32.87
N GLU A 272 3.81 -9.21 32.79
CA GLU A 272 3.17 -8.90 31.51
C GLU A 272 3.57 -7.50 31.03
N THR A 273 3.60 -6.52 31.93
CA THR A 273 4.01 -5.18 31.55
C THR A 273 5.46 -5.16 31.10
N LYS A 274 6.34 -5.80 31.87
CA LYS A 274 7.76 -5.86 31.51
C LYS A 274 7.95 -6.51 30.15
N CYS A 275 7.24 -7.61 29.89
CA CYS A 275 7.34 -8.29 28.61
C CYS A 275 6.82 -7.42 27.47
N THR A 276 5.71 -6.71 27.70
CA THR A 276 5.16 -5.82 26.69
C THR A 276 6.14 -4.70 26.33
N LEU A 277 6.80 -4.13 27.33
CA LEU A 277 7.68 -2.99 27.11
C LEU A 277 9.11 -3.40 26.76
N LYS A 278 9.41 -4.70 26.71
CA LYS A 278 10.75 -5.20 26.41
C LYS A 278 11.81 -4.56 27.31
N SER A 279 11.51 -4.51 28.60
CA SER A 279 12.42 -3.93 29.57
C SER A 279 12.16 -4.56 30.93
N PHE A 280 13.19 -4.58 31.77
CA PHE A 280 13.07 -5.10 33.12
C PHE A 280 12.73 -4.01 34.14
N THR A 281 12.58 -2.76 33.70
CA THR A 281 12.15 -1.66 34.56
C THR A 281 10.90 -1.04 33.93
N VAL A 282 9.87 -0.83 34.74
CA VAL A 282 8.61 -0.26 34.28
C VAL A 282 8.40 1.06 34.99
N GLU A 283 8.25 2.14 34.22
CA GLU A 283 8.00 3.45 34.79
C GLU A 283 6.57 3.55 35.32
N LYS A 284 6.38 4.47 36.26
CA LYS A 284 5.07 4.72 36.85
C LYS A 284 4.07 5.15 35.79
N GLY A 285 2.88 4.55 35.81
CA GLY A 285 1.84 4.88 34.86
C GLY A 285 0.89 3.72 34.65
N ILE A 286 0.02 3.88 33.65
CA ILE A 286 -0.99 2.90 33.30
C ILE A 286 -0.72 2.39 31.89
N TYR A 287 -0.70 1.07 31.73
CA TYR A 287 -0.39 0.42 30.46
C TYR A 287 -1.50 -0.52 30.03
N GLN A 288 -1.76 -0.57 28.73
CA GLN A 288 -2.68 -1.53 28.13
C GLN A 288 -1.88 -2.72 27.62
N THR A 289 -2.12 -3.91 28.19
CA THR A 289 -1.24 -5.03 27.93
C THR A 289 -1.85 -6.22 27.19
N SER A 290 -3.16 -6.46 27.31
CA SER A 290 -3.71 -7.68 26.69
C SER A 290 -5.21 -7.52 26.48
N ASN A 291 -5.87 -8.63 26.16
CA ASN A 291 -7.31 -8.70 25.92
C ASN A 291 -7.86 -9.98 26.54
N PHE A 292 -8.95 -9.85 27.29
CA PHE A 292 -9.59 -10.99 27.92
C PHE A 292 -10.50 -11.71 26.94
N ARG A 293 -10.39 -13.05 26.88
CA ARG A 293 -11.23 -13.87 26.03
C ARG A 293 -11.58 -15.17 26.74
N VAL A 294 -12.89 -15.44 26.87
CA VAL A 294 -13.37 -16.70 27.43
C VAL A 294 -13.20 -17.80 26.40
N GLN A 295 -12.66 -18.99 26.85
CA GLN A 295 -12.42 -20.09 25.93
C GLN A 295 -13.61 -21.05 25.87
N PRO A 296 -13.80 -21.70 24.72
CA PRO A 296 -14.86 -22.71 24.60
C PRO A 296 -14.55 -23.97 25.39
N THR A 297 -15.60 -24.65 25.82
CA THR A 297 -15.48 -25.89 26.60
C THR A 297 -15.71 -27.16 25.80
N GLU A 298 -16.65 -27.18 24.86
CA GLU A 298 -16.97 -28.40 24.12
C GLU A 298 -17.49 -28.07 22.74
N SER A 299 -17.43 -29.06 21.85
CA SER A 299 -17.92 -28.94 20.48
C SER A 299 -19.34 -29.50 20.34
N ILE A 300 -20.10 -28.90 19.41
CA ILE A 300 -21.45 -29.36 19.08
C ILE A 300 -21.53 -29.62 17.58
N VAL A 301 -21.79 -30.87 17.19
CA VAL A 301 -21.88 -31.26 15.79
C VAL A 301 -23.26 -31.84 15.48
N ARG A 302 -23.99 -31.20 14.56
CA ARG A 302 -25.27 -31.72 14.07
C ARG A 302 -25.31 -31.70 12.55
N PHE A 303 -25.81 -32.80 11.95
CA PHE A 303 -26.06 -32.93 10.53
C PHE A 303 -27.42 -33.59 10.31
N PRO A 304 -28.06 -33.34 9.16
CA PRO A 304 -29.34 -34.02 8.85
C PRO A 304 -29.30 -35.53 9.04
N ASN A 305 -30.39 -36.06 9.62
CA ASN A 305 -30.54 -37.48 9.93
C ASN A 305 -31.14 -38.26 8.76
N ILE A 306 -30.38 -38.37 7.69
CA ILE A 306 -30.73 -39.22 6.56
C ILE A 306 -29.54 -40.10 6.22
N THR A 307 -29.74 -41.42 6.18
CA THR A 307 -28.71 -42.33 5.71
C THR A 307 -29.28 -43.37 4.75
N ASN A 308 -28.64 -43.48 3.58
CA ASN A 308 -28.87 -44.57 2.64
C ASN A 308 -27.64 -44.65 1.75
N LEU A 309 -27.41 -45.82 1.16
CA LEU A 309 -26.33 -45.92 0.19
C LEU A 309 -26.68 -45.13 -1.07
N CYS A 310 -25.68 -44.47 -1.65
CA CYS A 310 -25.92 -43.62 -2.82
C CYS A 310 -26.43 -44.39 -4.03
N PRO A 311 -25.87 -45.56 -4.41
CA PRO A 311 -24.47 -45.95 -4.22
C PRO A 311 -23.55 -45.32 -5.26
N PHE A 312 -22.24 -45.31 -4.97
CA PHE A 312 -21.27 -44.92 -6.00
C PHE A 312 -21.10 -46.00 -7.05
N GLY A 313 -21.27 -47.27 -6.66
CA GLY A 313 -21.02 -48.36 -7.57
C GLY A 313 -21.83 -48.26 -8.86
N GLU A 314 -23.02 -47.69 -8.78
CA GLU A 314 -23.82 -47.48 -9.99
C GLU A 314 -23.16 -46.47 -10.94
N VAL A 315 -22.46 -45.48 -10.41
CA VAL A 315 -21.74 -44.54 -11.26
C VAL A 315 -20.43 -45.14 -11.76
N PHE A 316 -19.58 -45.56 -10.83
CA PHE A 316 -18.22 -45.98 -11.18
C PHE A 316 -18.16 -47.37 -11.78
N ASN A 317 -18.74 -48.36 -11.09
CA ASN A 317 -18.44 -49.76 -11.38
C ASN A 317 -19.13 -50.24 -12.65
N ALA A 318 -20.26 -49.65 -13.01
CA ALA A 318 -21.09 -50.13 -14.12
C ALA A 318 -20.30 -50.13 -15.44
N THR A 319 -20.90 -50.78 -16.43
CA THR A 319 -20.20 -51.17 -17.65
C THR A 319 -20.85 -50.57 -18.89
N ARG A 320 -20.05 -50.45 -19.95
CA ARG A 320 -20.50 -50.03 -21.28
C ARG A 320 -21.01 -48.59 -21.26
N PHE A 321 -20.17 -47.69 -20.74
CA PHE A 321 -20.55 -46.29 -20.64
C PHE A 321 -20.22 -45.54 -21.93
N ALA A 322 -20.69 -44.29 -21.99
CA ALA A 322 -20.96 -43.60 -23.25
C ALA A 322 -19.68 -43.26 -23.99
N SER A 323 -19.82 -43.03 -25.29
CA SER A 323 -18.75 -42.50 -26.12
C SER A 323 -18.55 -41.01 -25.85
N VAL A 324 -17.47 -40.47 -26.42
CA VAL A 324 -16.99 -39.15 -26.02
C VAL A 324 -18.03 -38.07 -26.30
N TYR A 325 -18.65 -38.10 -27.48
CA TYR A 325 -19.78 -37.23 -27.75
C TYR A 325 -21.07 -37.94 -27.34
N ALA A 326 -22.12 -37.15 -27.17
CA ALA A 326 -23.37 -37.62 -26.58
C ALA A 326 -23.11 -38.30 -25.24
N TRP A 327 -22.15 -37.76 -24.50
CA TRP A 327 -21.95 -38.13 -23.10
C TRP A 327 -23.21 -37.81 -22.28
N ASN A 328 -23.20 -38.30 -21.03
CA ASN A 328 -24.40 -38.37 -20.21
C ASN A 328 -24.14 -37.70 -18.87
N ARG A 329 -25.22 -37.19 -18.28
CA ARG A 329 -25.16 -36.50 -17.00
C ARG A 329 -26.12 -37.17 -16.02
N LYS A 330 -25.64 -37.40 -14.80
CA LYS A 330 -26.39 -38.10 -13.77
C LYS A 330 -26.37 -37.28 -12.50
N ARG A 331 -27.45 -37.36 -11.73
CA ARG A 331 -27.64 -36.51 -10.55
C ARG A 331 -27.87 -37.38 -9.33
N ILE A 332 -27.28 -36.98 -8.21
CA ILE A 332 -27.19 -37.80 -7.01
C ILE A 332 -27.65 -36.96 -5.82
N SER A 333 -28.47 -37.57 -4.96
CA SER A 333 -29.04 -36.85 -3.83
C SER A 333 -29.30 -37.82 -2.68
N ASN A 334 -29.41 -37.25 -1.48
CA ASN A 334 -29.94 -37.93 -0.29
C ASN A 334 -29.22 -39.25 -0.02
N CYS A 335 -27.92 -39.16 0.27
CA CYS A 335 -27.17 -40.33 0.66
C CYS A 335 -25.96 -39.94 1.50
N VAL A 336 -25.42 -40.94 2.21
CA VAL A 336 -24.20 -40.77 2.99
C VAL A 336 -22.99 -40.75 2.06
N ALA A 337 -22.01 -39.90 2.37
CA ALA A 337 -20.83 -39.76 1.52
C ALA A 337 -19.93 -40.99 1.60
N ASP A 338 -19.50 -41.35 2.82
CA ASP A 338 -18.78 -42.59 3.10
C ASP A 338 -17.62 -42.83 2.12
N TYR A 339 -16.86 -41.78 1.85
CA TYR A 339 -15.72 -41.86 0.93
C TYR A 339 -14.68 -42.90 1.34
N SER A 340 -14.59 -43.24 2.62
CA SER A 340 -13.53 -44.13 3.09
C SER A 340 -13.50 -45.45 2.33
N VAL A 341 -14.66 -45.94 1.90
CA VAL A 341 -14.69 -47.15 1.07
C VAL A 341 -14.02 -46.87 -0.27
N LEU A 342 -14.16 -45.65 -0.81
CA LEU A 342 -13.46 -45.30 -2.03
C LEU A 342 -11.96 -45.21 -1.79
N TYR A 343 -11.55 -44.62 -0.66
CA TYR A 343 -10.13 -44.54 -0.35
C TYR A 343 -9.49 -45.91 -0.28
N ASN A 344 -10.14 -46.84 0.42
CA ASN A 344 -9.62 -48.20 0.53
C ASN A 344 -9.64 -48.93 -0.81
N SER A 345 -10.79 -48.92 -1.49
CA SER A 345 -10.97 -49.77 -2.66
C SER A 345 -10.23 -49.25 -3.89
N ALA A 346 -10.13 -47.93 -4.06
CA ALA A 346 -9.68 -47.37 -5.32
C ALA A 346 -8.25 -47.75 -5.64
N SER A 347 -7.98 -47.98 -6.93
CA SER A 347 -6.65 -48.17 -7.47
C SER A 347 -6.39 -47.19 -8.61
N PHE A 348 -7.08 -46.06 -8.57
CA PHE A 348 -7.15 -45.16 -9.73
C PHE A 348 -5.83 -44.42 -9.89
N SER A 349 -5.27 -44.49 -11.10
CA SER A 349 -3.93 -43.97 -11.38
C SER A 349 -3.83 -42.44 -11.35
N THR A 350 -4.94 -41.70 -11.28
CA THR A 350 -4.83 -40.26 -11.09
C THR A 350 -5.99 -39.71 -10.30
N PHE A 351 -5.68 -38.84 -9.33
CA PHE A 351 -6.63 -37.91 -8.73
C PHE A 351 -6.02 -36.51 -8.82
N LYS A 352 -6.82 -35.53 -9.24
CA LYS A 352 -6.44 -34.13 -9.13
C LYS A 352 -7.69 -33.31 -8.81
N CYS A 353 -7.60 -32.44 -7.81
CA CYS A 353 -8.76 -31.66 -7.36
C CYS A 353 -8.46 -30.18 -7.29
N TYR A 354 -9.48 -29.38 -7.62
CA TYR A 354 -9.37 -27.94 -7.84
C TYR A 354 -10.29 -27.23 -6.86
N GLY A 355 -9.71 -26.39 -6.01
CA GLY A 355 -10.45 -25.73 -4.95
C GLY A 355 -10.77 -26.59 -3.75
N VAL A 356 -10.37 -27.86 -3.75
CA VAL A 356 -10.57 -28.76 -2.63
C VAL A 356 -9.34 -29.67 -2.52
N SER A 357 -9.18 -30.27 -1.34
CA SER A 357 -8.07 -31.18 -1.11
C SER A 357 -8.58 -32.54 -0.62
N PRO A 358 -7.85 -33.62 -0.90
CA PRO A 358 -8.35 -34.95 -0.49
C PRO A 358 -8.36 -35.15 1.02
N THR A 359 -7.43 -34.52 1.75
CA THR A 359 -7.65 -34.28 3.18
C THR A 359 -8.50 -33.03 3.30
N LYS A 360 -9.33 -33.01 4.35
CA LYS A 360 -10.52 -32.17 4.38
C LYS A 360 -11.49 -32.57 3.27
N LEU A 361 -11.89 -33.81 3.26
CA LEU A 361 -12.88 -34.09 2.25
C LEU A 361 -14.13 -34.71 2.85
N ASN A 362 -13.97 -35.56 3.86
CA ASN A 362 -15.06 -35.88 4.77
C ASN A 362 -15.41 -34.66 5.62
N ASP A 363 -16.65 -34.67 6.15
CA ASP A 363 -17.25 -33.51 6.80
C ASP A 363 -17.42 -32.34 5.83
N LEU A 364 -17.84 -32.66 4.61
CA LEU A 364 -18.30 -31.66 3.66
C LEU A 364 -19.68 -32.04 3.15
N CYS A 365 -20.56 -31.05 3.02
CA CYS A 365 -21.90 -31.25 2.50
C CYS A 365 -21.99 -30.55 1.15
N PHE A 366 -22.31 -31.32 0.10
CA PHE A 366 -22.33 -30.81 -1.26
C PHE A 366 -23.75 -30.59 -1.75
N THR A 367 -24.02 -29.40 -2.29
CA THR A 367 -25.38 -29.00 -2.60
C THR A 367 -25.93 -29.75 -3.82
N ASN A 368 -25.14 -29.87 -4.88
CA ASN A 368 -25.52 -30.71 -6.01
C ASN A 368 -24.31 -31.50 -6.49
N VAL A 369 -24.58 -32.72 -6.96
CA VAL A 369 -23.55 -33.62 -7.43
C VAL A 369 -23.92 -34.14 -8.81
N TYR A 370 -23.00 -34.00 -9.77
CA TYR A 370 -23.19 -34.51 -11.13
C TYR A 370 -21.98 -35.34 -11.52
N ALA A 371 -22.20 -36.42 -12.25
CA ALA A 371 -21.14 -37.34 -12.65
C ALA A 371 -21.19 -37.60 -14.15
N ASP A 372 -20.03 -37.52 -14.79
CA ASP A 372 -19.90 -37.59 -16.25
C ASP A 372 -18.85 -38.63 -16.59
N SER A 373 -19.12 -39.47 -17.58
CA SER A 373 -18.29 -40.62 -17.88
C SER A 373 -17.98 -40.66 -19.36
N PHE A 374 -16.76 -41.12 -19.68
CA PHE A 374 -16.13 -40.91 -20.98
C PHE A 374 -15.25 -42.11 -21.29
N VAL A 375 -14.98 -42.31 -22.58
CA VAL A 375 -13.94 -43.21 -23.03
C VAL A 375 -13.00 -42.42 -23.92
N ILE A 376 -11.70 -42.53 -23.64
CA ILE A 376 -10.72 -41.50 -24.00
C ILE A 376 -9.36 -42.15 -24.24
N ARG A 377 -8.50 -41.43 -24.97
CA ARG A 377 -7.12 -41.84 -25.22
C ARG A 377 -6.18 -40.91 -24.49
N GLY A 378 -5.13 -41.47 -23.88
CA GLY A 378 -4.46 -40.82 -22.76
C GLY A 378 -3.99 -39.41 -23.05
N ASP A 379 -3.61 -39.13 -24.29
CA ASP A 379 -3.32 -37.75 -24.67
C ASP A 379 -4.53 -36.85 -24.40
N GLU A 380 -5.74 -37.35 -24.67
CA GLU A 380 -6.90 -36.58 -24.27
C GLU A 380 -7.01 -36.49 -22.75
N VAL A 381 -6.53 -37.50 -22.03
CA VAL A 381 -6.56 -37.48 -20.57
C VAL A 381 -5.75 -36.30 -20.04
N ARG A 382 -4.62 -36.01 -20.67
CA ARG A 382 -3.97 -34.74 -20.31
C ARG A 382 -4.72 -33.54 -20.89
N GLN A 383 -5.37 -33.70 -22.04
CA GLN A 383 -6.12 -32.58 -22.64
C GLN A 383 -7.31 -32.15 -21.79
N ILE A 384 -7.93 -33.05 -21.03
CA ILE A 384 -9.16 -32.74 -20.30
C ILE A 384 -8.94 -31.68 -19.22
N ALA A 385 -7.70 -31.38 -18.89
CA ALA A 385 -7.42 -30.28 -17.96
C ALA A 385 -7.96 -28.96 -18.54
N PRO A 386 -8.30 -28.00 -17.69
CA PRO A 386 -8.78 -26.72 -18.19
C PRO A 386 -7.70 -25.94 -18.92
N GLY A 387 -8.15 -25.07 -19.83
CA GLY A 387 -7.29 -24.10 -20.47
C GLY A 387 -6.47 -24.62 -21.63
N GLN A 388 -6.49 -25.92 -21.89
CA GLN A 388 -5.61 -26.52 -22.88
C GLN A 388 -6.10 -26.19 -24.30
N THR A 389 -5.42 -26.76 -25.29
CA THR A 389 -5.88 -26.74 -26.67
C THR A 389 -5.75 -28.14 -27.27
N GLY A 390 -6.45 -28.35 -28.38
CA GLY A 390 -6.49 -29.68 -28.97
C GLY A 390 -7.87 -30.01 -29.51
N LYS A 391 -8.02 -31.17 -30.13
CA LYS A 391 -9.31 -31.58 -30.68
C LYS A 391 -10.39 -31.56 -29.60
N ILE A 392 -10.08 -32.11 -28.43
CA ILE A 392 -11.08 -32.16 -27.38
C ILE A 392 -11.50 -30.76 -26.93
N ALA A 393 -10.54 -29.92 -26.58
CA ALA A 393 -10.92 -28.62 -26.02
C ALA A 393 -11.67 -27.74 -27.02
N ASP A 394 -11.35 -27.83 -28.31
CA ASP A 394 -12.13 -27.08 -29.31
C ASP A 394 -13.48 -27.72 -29.63
N TYR A 395 -13.48 -29.02 -29.94
CA TYR A 395 -14.68 -29.70 -30.42
C TYR A 395 -15.55 -30.25 -29.29
N ASN A 396 -14.97 -30.98 -28.34
CA ASN A 396 -15.76 -31.87 -27.49
C ASN A 396 -15.42 -31.61 -26.02
N TYR A 397 -16.46 -31.44 -25.20
CA TYR A 397 -16.30 -31.33 -23.75
C TYR A 397 -15.40 -30.16 -23.34
N LYS A 398 -15.79 -28.95 -23.73
CA LYS A 398 -15.11 -27.77 -23.21
C LYS A 398 -15.37 -27.64 -21.71
N LEU A 399 -14.31 -27.37 -20.95
CA LEU A 399 -14.36 -27.36 -19.51
C LEU A 399 -13.82 -26.01 -19.02
N PRO A 400 -14.54 -25.33 -18.14
CA PRO A 400 -14.16 -23.95 -17.81
C PRO A 400 -13.06 -23.92 -16.76
N ASP A 401 -12.26 -22.85 -16.81
CA ASP A 401 -11.21 -22.68 -15.81
C ASP A 401 -11.77 -22.44 -14.43
N ASP A 402 -12.93 -21.78 -14.33
CA ASP A 402 -13.62 -21.62 -13.05
C ASP A 402 -14.42 -22.88 -12.77
N PHE A 403 -13.87 -23.75 -11.93
CA PHE A 403 -14.44 -25.06 -11.68
C PHE A 403 -14.00 -25.49 -10.29
N THR A 404 -14.83 -26.28 -9.60
CA THR A 404 -14.51 -26.63 -8.23
C THR A 404 -14.43 -28.13 -8.00
N GLY A 405 -14.51 -28.93 -9.06
CA GLY A 405 -14.65 -30.36 -8.93
C GLY A 405 -13.28 -31.03 -8.90
N CYS A 406 -13.29 -32.35 -9.04
CA CYS A 406 -12.06 -33.07 -9.31
C CYS A 406 -12.30 -34.28 -10.20
N VAL A 407 -11.26 -34.62 -10.95
CA VAL A 407 -11.35 -35.50 -12.11
C VAL A 407 -10.42 -36.68 -11.90
N ILE A 408 -10.93 -37.86 -12.23
CA ILE A 408 -10.37 -39.14 -11.86
C ILE A 408 -10.20 -39.95 -13.13
N ALA A 409 -9.06 -40.64 -13.26
CA ALA A 409 -8.85 -41.48 -14.43
C ALA A 409 -8.11 -42.74 -14.04
N TRP A 410 -8.48 -43.83 -14.71
CA TRP A 410 -7.85 -45.14 -14.56
C TRP A 410 -7.94 -45.84 -15.89
N ASN A 411 -7.06 -46.82 -16.11
CA ASN A 411 -6.77 -47.33 -17.44
C ASN A 411 -7.48 -48.66 -17.64
N SER A 412 -8.29 -48.74 -18.68
CA SER A 412 -9.27 -49.80 -18.87
C SER A 412 -8.86 -50.79 -19.95
N ASN A 413 -7.59 -50.75 -20.38
CA ASN A 413 -7.16 -51.48 -21.58
C ASN A 413 -7.53 -52.95 -21.53
N ASN A 414 -7.60 -53.54 -20.33
CA ASN A 414 -8.04 -54.93 -20.20
C ASN A 414 -9.50 -55.13 -20.61
N LEU A 415 -10.29 -54.07 -20.72
CA LEU A 415 -11.71 -54.21 -21.07
C LEU A 415 -12.10 -53.45 -22.32
N ASP A 416 -11.71 -52.17 -22.45
CA ASP A 416 -12.25 -51.35 -23.52
C ASP A 416 -11.65 -51.71 -24.89
N SER A 417 -10.34 -51.95 -24.94
CA SER A 417 -9.71 -52.33 -26.19
C SER A 417 -10.34 -53.61 -26.75
N LYS A 418 -10.11 -53.82 -28.05
CA LYS A 418 -10.68 -54.95 -28.77
C LYS A 418 -9.63 -55.50 -29.74
N VAL A 419 -9.55 -56.81 -29.83
CA VAL A 419 -8.79 -57.44 -30.92
C VAL A 419 -9.52 -57.17 -32.23
N GLY A 420 -8.85 -56.48 -33.14
CA GLY A 420 -9.48 -55.98 -34.34
C GLY A 420 -10.08 -54.59 -34.20
N GLY A 421 -9.91 -53.94 -33.06
CA GLY A 421 -10.38 -52.59 -32.84
C GLY A 421 -11.80 -52.48 -32.33
N ASN A 422 -12.02 -51.52 -31.42
CA ASN A 422 -13.32 -51.27 -30.80
C ASN A 422 -13.92 -50.03 -31.44
N TYR A 423 -14.44 -50.21 -32.65
CA TYR A 423 -14.85 -49.09 -33.50
C TYR A 423 -15.98 -48.25 -32.90
N ASN A 424 -16.70 -48.78 -31.92
CA ASN A 424 -17.92 -48.11 -31.43
C ASN A 424 -17.66 -46.78 -30.75
N TYR A 425 -16.41 -46.37 -30.59
CA TYR A 425 -16.07 -45.10 -29.96
C TYR A 425 -15.78 -44.06 -31.03
N LEU A 426 -16.59 -42.99 -31.08
CA LEU A 426 -16.69 -42.13 -32.25
C LEU A 426 -16.47 -40.68 -31.87
N TYR A 427 -15.78 -39.94 -32.74
CA TYR A 427 -15.33 -38.59 -32.43
C TYR A 427 -15.35 -37.74 -33.71
N ARG A 428 -15.40 -36.43 -33.52
CA ARG A 428 -15.77 -35.48 -34.57
C ARG A 428 -14.60 -34.55 -34.87
N LEU A 429 -14.29 -34.35 -36.15
CA LEU A 429 -13.01 -33.79 -36.56
C LEU A 429 -13.06 -32.37 -37.11
N PHE A 430 -14.22 -31.87 -37.54
CA PHE A 430 -14.29 -30.53 -38.11
C PHE A 430 -15.56 -29.81 -37.68
N ARG A 431 -15.42 -28.53 -37.33
CA ARG A 431 -16.56 -27.69 -36.99
C ARG A 431 -16.20 -26.25 -37.34
N LYS A 432 -17.21 -25.48 -37.73
CA LYS A 432 -16.99 -24.11 -38.20
C LYS A 432 -16.59 -23.17 -37.08
N SER A 433 -16.82 -23.55 -35.83
CA SER A 433 -16.47 -22.72 -34.67
C SER A 433 -16.44 -23.64 -33.46
N ASN A 434 -15.94 -23.10 -32.35
CA ASN A 434 -15.63 -23.92 -31.18
C ASN A 434 -16.56 -23.59 -30.02
N LEU A 435 -16.94 -24.63 -29.28
CA LEU A 435 -18.10 -24.57 -28.40
C LEU A 435 -17.74 -23.96 -27.04
N LYS A 436 -18.76 -23.41 -26.40
CA LYS A 436 -18.75 -22.97 -25.01
C LYS A 436 -18.91 -24.15 -24.06
N PRO A 437 -18.55 -24.01 -22.80
CA PRO A 437 -18.50 -25.17 -21.91
C PRO A 437 -19.86 -25.84 -21.68
N PHE A 438 -19.80 -27.15 -21.51
CA PHE A 438 -20.94 -28.04 -21.18
C PHE A 438 -22.17 -27.91 -22.08
N GLU A 439 -21.98 -28.19 -23.38
CA GLU A 439 -23.12 -28.46 -24.26
C GLU A 439 -22.68 -29.46 -25.31
N ARG A 440 -23.64 -30.24 -25.78
CA ARG A 440 -23.40 -31.28 -26.77
C ARG A 440 -23.82 -30.83 -28.15
N ASP A 441 -23.32 -31.54 -29.16
CA ASP A 441 -23.90 -31.53 -30.49
C ASP A 441 -24.12 -32.95 -30.96
N ILE A 442 -25.28 -33.19 -31.58
CA ILE A 442 -25.58 -34.45 -32.26
C ILE A 442 -26.13 -34.07 -33.62
N SER A 443 -25.27 -34.11 -34.65
CA SER A 443 -25.57 -33.47 -35.92
C SER A 443 -24.83 -34.19 -37.03
N THR A 444 -25.21 -33.87 -38.26
CA THR A 444 -24.40 -34.21 -39.43
C THR A 444 -24.79 -33.27 -40.56
N GLU A 445 -23.82 -32.51 -41.06
CA GLU A 445 -24.02 -31.63 -42.20
C GLU A 445 -22.72 -31.59 -42.97
N ILE A 446 -22.71 -32.18 -44.17
CA ILE A 446 -21.48 -32.70 -44.74
C ILE A 446 -20.50 -31.57 -45.00
N TYR A 447 -19.25 -31.77 -44.59
CA TYR A 447 -18.27 -30.70 -44.59
C TYR A 447 -17.79 -30.40 -46.01
N GLN A 448 -17.74 -29.11 -46.36
CA GLN A 448 -17.35 -28.66 -47.69
C GLN A 448 -15.96 -28.04 -47.59
N ALA A 449 -15.04 -28.54 -48.41
CA ALA A 449 -13.65 -28.08 -48.42
C ALA A 449 -13.31 -27.45 -49.76
N GLY A 450 -14.24 -26.67 -50.30
CA GLY A 450 -14.00 -25.93 -51.53
C GLY A 450 -15.07 -24.88 -51.71
N SER A 451 -14.91 -24.09 -52.77
CA SER A 451 -15.89 -23.04 -53.05
C SER A 451 -17.21 -23.63 -53.55
N THR A 452 -17.14 -24.72 -54.31
CA THR A 452 -18.36 -25.33 -54.81
C THR A 452 -18.97 -26.25 -53.75
N PRO A 453 -20.29 -26.44 -53.79
CA PRO A 453 -20.92 -27.41 -52.88
C PRO A 453 -20.67 -28.84 -53.33
N CYS A 454 -20.65 -29.74 -52.35
CA CYS A 454 -20.82 -31.17 -52.60
C CYS A 454 -22.25 -31.63 -52.33
N ASN A 455 -23.21 -30.70 -52.32
CA ASN A 455 -24.62 -30.99 -52.56
C ASN A 455 -25.17 -32.03 -51.58
N GLY A 456 -24.68 -32.01 -50.35
CA GLY A 456 -25.12 -32.93 -49.32
C GLY A 456 -24.71 -34.37 -49.51
N VAL A 457 -23.77 -34.67 -50.40
CA VAL A 457 -23.32 -36.03 -50.63
C VAL A 457 -21.79 -36.01 -50.74
N GLU A 458 -21.19 -37.17 -50.55
CA GLU A 458 -19.74 -37.27 -50.65
C GLU A 458 -19.27 -37.01 -52.09
N GLY A 459 -18.03 -36.51 -52.19
CA GLY A 459 -17.44 -36.22 -53.48
C GLY A 459 -16.11 -35.50 -53.30
N PHE A 460 -15.79 -34.64 -54.28
CA PHE A 460 -14.55 -33.89 -54.21
C PHE A 460 -14.61 -32.84 -53.11
N ASN A 461 -13.56 -32.78 -52.30
CA ASN A 461 -13.44 -31.85 -51.18
C ASN A 461 -14.68 -31.91 -50.29
N CYS A 462 -15.05 -33.12 -49.91
CA CYS A 462 -16.30 -33.37 -49.22
C CYS A 462 -16.12 -34.59 -48.33
N TYR A 463 -16.24 -34.40 -47.02
CA TYR A 463 -15.89 -35.43 -46.04
C TYR A 463 -17.02 -35.61 -45.04
N PHE A 464 -17.20 -36.84 -44.60
CA PHE A 464 -18.09 -37.14 -43.49
C PHE A 464 -17.36 -36.82 -42.18
N PRO A 465 -17.96 -36.02 -41.29
CA PRO A 465 -17.19 -35.49 -40.15
C PRO A 465 -16.78 -36.47 -39.08
N LEU A 466 -17.03 -37.77 -39.26
CA LEU A 466 -16.93 -38.72 -38.16
C LEU A 466 -16.03 -39.89 -38.50
N GLN A 467 -15.24 -40.32 -37.51
CA GLN A 467 -14.18 -41.30 -37.67
C GLN A 467 -14.04 -42.08 -36.38
N SER A 468 -13.44 -43.26 -36.48
CA SER A 468 -13.47 -44.26 -35.43
C SER A 468 -12.09 -44.48 -34.85
N TYR A 469 -12.00 -44.48 -33.52
CA TYR A 469 -10.77 -44.86 -32.83
C TYR A 469 -10.51 -46.35 -32.98
N GLY A 470 -9.23 -46.72 -32.93
CA GLY A 470 -8.87 -48.11 -32.81
C GLY A 470 -7.92 -48.37 -31.64
N PHE A 471 -8.26 -49.34 -30.81
CA PHE A 471 -7.42 -49.78 -29.72
C PHE A 471 -7.28 -51.30 -29.78
N GLN A 472 -6.08 -51.79 -29.50
CA GLN A 472 -5.72 -53.16 -29.85
C GLN A 472 -4.97 -53.83 -28.71
N PRO A 473 -4.64 -55.12 -28.81
CA PRO A 473 -3.50 -55.65 -28.05
C PRO A 473 -2.20 -55.01 -28.49
N THR A 474 -1.26 -54.97 -27.56
CA THR A 474 0.03 -54.30 -27.75
C THR A 474 -0.17 -52.87 -28.27
N ASN A 475 -1.11 -52.18 -27.64
CA ASN A 475 -1.40 -50.79 -27.99
C ASN A 475 -0.29 -49.86 -27.53
N GLY A 476 -0.14 -48.76 -28.25
CA GLY A 476 0.68 -47.64 -27.80
C GLY A 476 0.23 -47.14 -26.44
N VAL A 477 1.16 -47.13 -25.47
CA VAL A 477 0.78 -46.93 -24.07
C VAL A 477 0.16 -45.55 -23.87
N GLY A 478 0.61 -44.55 -24.63
CA GLY A 478 -0.06 -43.26 -24.61
C GLY A 478 -1.39 -43.26 -25.34
N TYR A 479 -1.52 -44.06 -26.40
CA TYR A 479 -2.74 -44.08 -27.18
C TYR A 479 -3.88 -44.83 -26.48
N GLN A 480 -3.58 -45.86 -25.70
CA GLN A 480 -4.57 -46.86 -25.33
C GLN A 480 -5.69 -46.23 -24.49
N PRO A 481 -6.84 -46.92 -24.35
CA PRO A 481 -8.04 -46.25 -23.85
C PRO A 481 -8.03 -46.00 -22.34
N TYR A 482 -8.66 -44.90 -21.95
CA TYR A 482 -8.81 -44.50 -20.56
C TYR A 482 -10.26 -44.15 -20.28
N ARG A 483 -10.66 -44.32 -19.02
CA ARG A 483 -11.99 -43.96 -18.55
C ARG A 483 -11.88 -42.83 -17.53
N VAL A 484 -12.67 -41.78 -17.71
CA VAL A 484 -12.53 -40.54 -16.97
C VAL A 484 -13.87 -40.16 -16.39
N VAL A 485 -13.88 -39.74 -15.13
CA VAL A 485 -15.09 -39.36 -14.43
C VAL A 485 -14.86 -38.00 -13.78
N VAL A 486 -15.87 -37.14 -13.87
CA VAL A 486 -15.76 -35.76 -13.42
C VAL A 486 -16.97 -35.45 -12.54
N LEU A 487 -16.73 -34.71 -11.46
CA LEU A 487 -17.78 -34.35 -10.52
C LEU A 487 -17.74 -32.84 -10.31
N SER A 488 -18.91 -32.23 -10.18
CA SER A 488 -19.01 -30.78 -10.12
C SER A 488 -20.00 -30.40 -9.04
N PHE A 489 -19.62 -29.39 -8.25
CA PHE A 489 -20.41 -29.00 -7.08
C PHE A 489 -20.07 -27.57 -6.67
N GLU A 490 -20.94 -27.00 -5.84
CA GLU A 490 -20.72 -25.71 -5.21
C GLU A 490 -20.85 -25.90 -3.70
N LEU A 491 -19.86 -25.41 -2.95
CA LEU A 491 -19.67 -25.82 -1.55
C LEU A 491 -20.26 -24.88 -0.50
N LEU A 492 -20.96 -23.81 -0.86
CA LEU A 492 -21.36 -22.89 0.20
C LEU A 492 -22.73 -22.28 -0.02
N HIS A 493 -23.29 -21.82 1.10
CA HIS A 493 -24.50 -21.01 1.16
C HIS A 493 -25.68 -21.66 0.43
N ALA A 494 -25.87 -22.93 0.68
CA ALA A 494 -26.96 -23.60 -0.02
C ALA A 494 -27.38 -24.84 0.75
N PRO A 495 -28.66 -25.00 1.06
CA PRO A 495 -29.13 -26.26 1.63
C PRO A 495 -28.60 -27.45 0.84
N ALA A 496 -28.14 -28.46 1.57
CA ALA A 496 -27.47 -29.59 0.97
C ALA A 496 -28.14 -30.86 1.43
N THR A 497 -27.78 -31.98 0.80
CA THR A 497 -28.42 -33.23 1.14
C THR A 497 -27.39 -34.33 1.39
N VAL A 498 -26.28 -34.30 0.65
CA VAL A 498 -25.26 -35.34 0.77
C VAL A 498 -24.21 -34.85 1.75
N CYS A 499 -24.13 -35.49 2.92
CA CYS A 499 -23.24 -35.12 3.99
C CYS A 499 -22.37 -36.32 4.38
N GLY A 500 -21.24 -36.02 5.02
CA GLY A 500 -20.28 -37.06 5.33
C GLY A 500 -20.70 -37.92 6.49
N PRO A 501 -19.91 -38.98 6.74
CA PRO A 501 -20.22 -39.97 7.77
C PRO A 501 -19.80 -39.54 9.17
N LYS A 502 -20.44 -38.48 9.68
CA LYS A 502 -20.11 -37.94 10.99
C LYS A 502 -21.36 -37.93 11.86
N LYS A 503 -21.25 -38.52 13.05
CA LYS A 503 -22.39 -38.62 13.96
C LYS A 503 -22.67 -37.27 14.62
N SER A 504 -23.96 -36.98 14.82
CA SER A 504 -24.34 -35.76 15.50
C SER A 504 -24.36 -35.93 17.03
N THR A 505 -24.35 -34.80 17.72
CA THR A 505 -24.48 -34.72 19.17
C THR A 505 -25.61 -33.77 19.53
N ASN A 506 -25.93 -33.70 20.82
CA ASN A 506 -26.90 -32.73 21.30
C ASN A 506 -26.25 -31.35 21.40
N LEU A 507 -27.08 -30.31 21.32
CA LEU A 507 -26.61 -28.93 21.39
C LEU A 507 -26.97 -28.29 22.73
N VAL A 508 -26.02 -27.57 23.30
CA VAL A 508 -26.16 -26.89 24.58
C VAL A 508 -26.18 -25.38 24.33
N LYS A 509 -27.19 -24.71 24.88
CA LYS A 509 -27.43 -23.29 24.65
C LYS A 509 -26.75 -22.45 25.73
N ASN A 510 -26.49 -21.19 25.38
CA ASN A 510 -25.95 -20.18 26.31
C ASN A 510 -24.56 -20.53 26.82
N LYS A 511 -23.76 -21.21 26.02
CA LYS A 511 -22.38 -21.51 26.39
C LYS A 511 -21.49 -21.33 25.16
N CYS A 512 -20.23 -20.94 25.40
CA CYS A 512 -19.29 -20.81 24.29
C CYS A 512 -18.90 -22.20 23.81
N VAL A 513 -19.22 -22.53 22.56
CA VAL A 513 -19.00 -23.85 22.01
C VAL A 513 -18.35 -23.75 20.63
N ASN A 514 -17.74 -24.86 20.22
CA ASN A 514 -17.19 -25.01 18.87
C ASN A 514 -18.21 -25.75 18.02
N PHE A 515 -18.92 -25.04 17.16
CA PHE A 515 -20.02 -25.62 16.42
C PHE A 515 -19.63 -25.94 14.99
N ASN A 516 -20.37 -26.89 14.40
CA ASN A 516 -20.18 -27.27 13.00
C ASN A 516 -21.55 -27.58 12.41
N PHE A 517 -22.10 -26.65 11.63
CA PHE A 517 -23.38 -26.83 10.95
C PHE A 517 -23.12 -26.90 9.46
N ASN A 518 -23.22 -28.10 8.89
CA ASN A 518 -23.02 -28.33 7.46
C ASN A 518 -21.67 -27.80 6.98
N GLY A 519 -20.63 -27.96 7.82
CA GLY A 519 -19.29 -27.53 7.46
C GLY A 519 -18.90 -26.14 7.91
N LEU A 520 -19.83 -25.33 8.41
CA LEU A 520 -19.53 -23.99 8.86
C LEU A 520 -19.16 -24.03 10.34
N THR A 521 -17.94 -23.59 10.65
CA THR A 521 -17.41 -23.68 12.01
C THR A 521 -17.23 -22.29 12.61
N GLY A 522 -17.16 -22.25 13.93
CA GLY A 522 -16.94 -21.01 14.63
C GLY A 522 -17.16 -21.17 16.12
N THR A 523 -16.97 -20.07 16.84
CA THR A 523 -17.14 -20.02 18.28
C THR A 523 -18.16 -18.95 18.62
N GLY A 524 -19.11 -19.27 19.49
CA GLY A 524 -20.11 -18.30 19.87
C GLY A 524 -21.21 -18.92 20.72
N VAL A 525 -22.10 -18.03 21.18
CA VAL A 525 -23.25 -18.40 21.98
C VAL A 525 -24.47 -18.52 21.08
N LEU A 526 -25.14 -19.66 21.15
CA LEU A 526 -26.32 -19.93 20.33
C LEU A 526 -27.57 -19.64 21.14
N THR A 527 -28.39 -18.70 20.67
CA THR A 527 -29.61 -18.29 21.36
C THR A 527 -30.78 -18.34 20.40
N GLU A 528 -31.99 -18.27 20.96
CA GLU A 528 -33.21 -18.21 20.16
C GLU A 528 -33.34 -16.87 19.44
N SER A 529 -34.02 -16.90 18.30
CA SER A 529 -34.22 -15.71 17.48
C SER A 529 -35.65 -15.70 16.95
N ASN A 530 -36.07 -14.54 16.45
CA ASN A 530 -37.38 -14.37 15.84
C ASN A 530 -37.29 -14.02 14.35
N LYS A 531 -36.23 -14.46 13.68
CA LYS A 531 -36.03 -14.16 12.26
C LYS A 531 -36.72 -15.22 11.42
N LYS A 532 -37.76 -14.83 10.70
CA LYS A 532 -38.58 -15.74 9.91
C LYS A 532 -37.96 -15.94 8.53
N PHE A 533 -37.10 -16.95 8.41
CA PHE A 533 -36.48 -17.27 7.14
C PHE A 533 -37.50 -17.84 6.16
N LEU A 534 -37.36 -17.45 4.89
CA LEU A 534 -38.16 -17.93 3.79
C LEU A 534 -37.60 -19.30 3.35
N PRO A 535 -38.43 -20.17 2.75
CA PRO A 535 -37.99 -21.56 2.49
C PRO A 535 -36.68 -21.78 1.74
N PHE A 536 -36.20 -20.84 0.93
CA PHE A 536 -34.97 -21.09 0.20
C PHE A 536 -33.72 -20.63 0.94
N GLN A 537 -33.87 -19.92 2.05
CA GLN A 537 -32.76 -19.30 2.74
C GLN A 537 -32.19 -20.22 3.81
N GLN A 538 -30.86 -20.37 3.82
CA GLN A 538 -30.15 -21.24 4.76
C GLN A 538 -29.28 -20.47 5.72
N PHE A 539 -28.68 -19.37 5.29
CA PHE A 539 -27.76 -18.58 6.09
C PHE A 539 -28.15 -17.11 6.01
N GLY A 540 -27.85 -16.37 7.07
CA GLY A 540 -28.00 -14.93 7.06
C GLY A 540 -26.64 -14.27 7.07
N ARG A 541 -26.54 -13.02 6.64
CA ARG A 541 -25.25 -12.35 6.59
C ARG A 541 -25.36 -10.95 7.15
N ASP A 542 -24.25 -10.47 7.71
CA ASP A 542 -24.11 -9.13 8.25
C ASP A 542 -23.47 -8.24 7.20
N ILE A 543 -23.26 -6.96 7.55
CA ILE A 543 -22.63 -6.03 6.61
C ILE A 543 -21.22 -6.49 6.29
N ALA A 544 -20.52 -7.05 7.27
CA ALA A 544 -19.16 -7.52 7.10
C ALA A 544 -19.07 -8.87 6.40
N ASP A 545 -20.19 -9.41 5.94
CA ASP A 545 -20.30 -10.70 5.26
C ASP A 545 -20.15 -11.89 6.20
N THR A 546 -20.14 -11.66 7.51
CA THR A 546 -20.09 -12.76 8.47
C THR A 546 -21.48 -13.35 8.70
N THR A 547 -21.51 -14.57 9.21
CA THR A 547 -22.78 -15.24 9.46
C THR A 547 -23.46 -14.64 10.68
N ASP A 548 -24.73 -14.27 10.52
CA ASP A 548 -25.53 -13.70 11.59
C ASP A 548 -26.42 -14.71 12.28
N ALA A 549 -27.01 -15.64 11.54
CA ALA A 549 -27.90 -16.64 12.11
C ALA A 549 -27.93 -17.85 11.18
N VAL A 550 -28.30 -19.00 11.76
CA VAL A 550 -28.40 -20.24 11.02
C VAL A 550 -29.72 -20.93 11.38
N ARG A 551 -30.20 -21.76 10.45
CA ARG A 551 -31.34 -22.62 10.69
C ARG A 551 -30.86 -24.00 11.09
N ASP A 552 -31.29 -24.47 12.26
CA ASP A 552 -30.88 -25.77 12.77
C ASP A 552 -31.36 -26.87 11.83
N PRO A 553 -30.47 -27.70 11.29
CA PRO A 553 -30.91 -28.68 10.28
C PRO A 553 -31.81 -29.78 10.84
N GLN A 554 -31.87 -29.95 12.15
CA GLN A 554 -32.70 -30.99 12.75
C GLN A 554 -34.06 -30.48 13.20
N THR A 555 -34.10 -29.30 13.83
CA THR A 555 -35.35 -28.65 14.25
C THR A 555 -35.37 -27.26 13.63
N LEU A 556 -36.40 -26.98 12.84
CA LEU A 556 -36.40 -25.82 11.94
C LEU A 556 -36.72 -24.52 12.69
N GLU A 557 -35.78 -24.07 13.51
CA GLU A 557 -35.82 -22.74 14.11
C GLU A 557 -34.52 -22.01 13.81
N ILE A 558 -34.57 -20.67 13.90
CA ILE A 558 -33.44 -19.80 13.58
C ILE A 558 -32.74 -19.39 14.86
N LEU A 559 -31.43 -19.59 14.91
CA LEU A 559 -30.61 -19.29 16.08
C LEU A 559 -29.62 -18.16 15.76
N ASP A 560 -29.59 -17.14 16.62
CA ASP A 560 -28.61 -16.06 16.51
C ASP A 560 -27.29 -16.47 17.13
N ILE A 561 -26.19 -16.01 16.55
CA ILE A 561 -24.85 -16.27 17.07
C ILE A 561 -24.24 -14.96 17.55
N THR A 562 -24.12 -14.81 18.86
CA THR A 562 -23.47 -13.66 19.48
C THR A 562 -22.21 -14.11 20.20
N PRO A 563 -21.02 -13.71 19.77
CA PRO A 563 -19.79 -14.13 20.47
C PRO A 563 -19.83 -13.75 21.95
N CYS A 564 -19.35 -14.66 22.78
CA CYS A 564 -19.36 -14.45 24.22
C CYS A 564 -18.40 -13.34 24.65
N SER A 565 -18.78 -12.66 25.74
CA SER A 565 -18.15 -11.43 26.23
C SER A 565 -16.63 -11.50 26.34
N PHE A 566 -15.99 -10.38 25.97
CA PHE A 566 -14.55 -10.19 25.94
C PHE A 566 -14.25 -8.72 26.22
N GLY A 567 -12.99 -8.40 26.50
CA GLY A 567 -12.60 -7.01 26.68
C GLY A 567 -11.16 -6.85 27.11
N GLY A 568 -10.69 -5.61 27.01
CA GLY A 568 -9.31 -5.29 27.35
C GLY A 568 -9.02 -5.32 28.83
N VAL A 569 -7.76 -5.57 29.16
CA VAL A 569 -7.25 -5.56 30.54
C VAL A 569 -6.09 -4.57 30.62
N SER A 570 -6.19 -3.60 31.53
CA SER A 570 -5.14 -2.61 31.76
C SER A 570 -4.54 -2.78 33.14
N VAL A 571 -3.23 -2.55 33.25
CA VAL A 571 -2.48 -2.73 34.50
C VAL A 571 -1.98 -1.37 35.00
N ILE A 572 -2.34 -1.03 36.23
CA ILE A 572 -1.91 0.20 36.89
C ILE A 572 -0.81 -0.15 37.89
N THR A 573 0.39 0.40 37.70
CA THR A 573 1.51 0.01 38.56
C THR A 573 2.44 1.15 38.94
N PRO A 574 2.87 1.18 40.21
CA PRO A 574 3.99 2.05 40.59
C PRO A 574 5.31 1.49 40.11
N GLY A 575 6.34 2.34 40.12
CA GLY A 575 7.64 1.92 39.66
C GLY A 575 8.18 0.75 40.46
N THR A 576 8.99 -0.08 39.79
CA THR A 576 9.52 -1.31 40.39
C THR A 576 10.53 -1.07 41.51
N ASN A 577 11.03 0.15 41.70
CA ASN A 577 11.91 0.37 42.84
C ASN A 577 11.18 0.63 44.15
N THR A 578 9.84 0.68 44.14
CA THR A 578 9.09 0.96 45.35
C THR A 578 8.26 -0.22 45.84
N SER A 579 7.43 -0.81 44.98
CA SER A 579 6.55 -1.88 45.43
C SER A 579 6.15 -2.74 44.24
N ASN A 580 5.87 -4.01 44.52
CA ASN A 580 5.39 -4.95 43.52
C ASN A 580 3.88 -5.13 43.57
N GLN A 581 3.17 -4.27 44.29
CA GLN A 581 1.71 -4.33 44.33
C GLN A 581 1.13 -3.57 43.14
N VAL A 582 0.14 -4.19 42.48
CA VAL A 582 -0.51 -3.60 41.32
C VAL A 582 -2.03 -3.71 41.44
N ALA A 583 -2.72 -2.87 40.68
CA ALA A 583 -4.16 -2.95 40.50
C ALA A 583 -4.49 -3.23 39.04
N VAL A 584 -5.57 -3.98 38.81
CA VAL A 584 -5.98 -4.40 37.48
C VAL A 584 -7.36 -3.84 37.18
N LEU A 585 -7.48 -3.13 36.06
CA LEU A 585 -8.75 -2.61 35.56
C LEU A 585 -9.19 -3.42 34.36
N TYR A 586 -10.38 -4.01 34.42
CA TYR A 586 -10.96 -4.75 33.31
C TYR A 586 -11.89 -3.82 32.53
N GLN A 587 -11.45 -3.44 31.34
CA GLN A 587 -12.12 -2.38 30.58
C GLN A 587 -13.45 -2.83 30.00
N ASP A 588 -14.47 -1.99 30.15
CA ASP A 588 -15.77 -2.16 29.51
C ASP A 588 -16.39 -3.53 29.77
N VAL A 589 -16.24 -4.02 31.01
CA VAL A 589 -16.92 -5.23 31.44
C VAL A 589 -17.55 -4.98 32.80
N ASN A 590 -18.48 -5.84 33.16
CA ASN A 590 -19.08 -5.81 34.49
C ASN A 590 -18.26 -6.68 35.44
N CYS A 591 -18.37 -6.38 36.73
CA CYS A 591 -17.66 -7.16 37.76
C CYS A 591 -18.41 -8.46 38.06
N THR A 592 -18.62 -9.26 37.02
CA THR A 592 -19.35 -10.51 37.16
C THR A 592 -18.54 -11.70 36.65
N GLU A 593 -18.27 -11.72 35.35
CA GLU A 593 -17.52 -12.82 34.75
C GLU A 593 -16.10 -12.94 35.31
N VAL A 594 -15.52 -11.84 35.77
CA VAL A 594 -14.17 -11.87 36.32
C VAL A 594 -14.13 -12.69 37.60
N ASN A 615 -12.95 -5.78 47.77
CA ASN A 615 -12.12 -4.68 47.32
C ASN A 615 -12.34 -4.42 45.82
N VAL A 616 -13.61 -4.26 45.44
CA VAL A 616 -14.00 -4.05 44.06
C VAL A 616 -14.73 -2.72 43.94
N PHE A 617 -14.27 -1.87 43.03
CA PHE A 617 -14.80 -0.54 42.82
C PHE A 617 -15.34 -0.45 41.40
N GLN A 618 -16.65 -0.25 41.27
CA GLN A 618 -17.30 -0.16 39.96
C GLN A 618 -17.23 1.26 39.42
N THR A 619 -16.66 1.42 38.23
CA THR A 619 -16.55 2.70 37.54
C THR A 619 -17.11 2.55 36.13
N ARG A 620 -17.26 3.68 35.44
CA ARG A 620 -17.71 3.64 34.06
C ARG A 620 -16.61 3.28 33.08
N ALA A 621 -15.37 3.16 33.54
CA ALA A 621 -14.27 2.75 32.68
C ALA A 621 -14.08 1.25 32.65
N GLY A 622 -14.76 0.50 33.50
CA GLY A 622 -14.54 -0.92 33.63
C GLY A 622 -14.54 -1.33 35.08
N CYS A 623 -14.14 -2.59 35.31
CA CYS A 623 -14.14 -3.21 36.63
C CYS A 623 -12.76 -3.04 37.26
N LEU A 624 -12.67 -2.26 38.34
CA LEU A 624 -11.41 -1.98 39.01
C LEU A 624 -11.30 -2.85 40.26
N ILE A 625 -10.30 -3.74 40.26
CA ILE A 625 -10.09 -4.70 41.34
C ILE A 625 -8.74 -4.44 41.99
N GLY A 626 -8.73 -4.31 43.31
CA GLY A 626 -7.52 -4.14 44.07
C GLY A 626 -7.30 -2.75 44.63
N ALA A 627 -8.04 -1.74 44.15
CA ALA A 627 -7.90 -0.38 44.62
C ALA A 627 -8.96 -0.04 45.67
N GLU A 628 -8.52 0.56 46.77
CA GLU A 628 -9.42 1.01 47.82
C GLU A 628 -10.01 2.37 47.44
N HIS A 629 -11.32 2.52 47.60
CA HIS A 629 -11.97 3.79 47.31
C HIS A 629 -11.85 4.74 48.49
N VAL A 630 -11.25 5.90 48.26
CA VAL A 630 -11.01 6.90 49.30
C VAL A 630 -11.83 8.13 48.99
N ASN A 631 -12.58 8.61 49.99
CA ASN A 631 -13.44 9.78 49.83
C ASN A 631 -12.65 11.08 49.71
N ASN A 632 -11.48 11.17 50.33
CA ASN A 632 -10.72 12.40 50.30
C ASN A 632 -10.14 12.65 48.91
N SER A 633 -10.31 13.87 48.41
CA SER A 633 -9.81 14.26 47.10
C SER A 633 -8.39 14.83 47.18
N TYR A 634 -7.65 14.69 46.08
CA TYR A 634 -6.30 15.21 45.93
C TYR A 634 -6.10 15.57 44.46
N GLU A 635 -4.92 16.10 44.15
CA GLU A 635 -4.57 16.33 42.75
C GLU A 635 -4.37 15.01 42.03
N CYS A 636 -4.79 14.96 40.77
CA CYS A 636 -4.69 13.74 39.98
C CYS A 636 -3.23 13.37 39.73
N ASP A 637 -2.92 12.08 39.92
CA ASP A 637 -1.56 11.59 39.74
C ASP A 637 -1.51 10.60 38.58
N ILE A 638 -2.10 9.41 38.73
CA ILE A 638 -2.21 8.43 37.66
C ILE A 638 -3.67 8.41 37.20
N PRO A 639 -3.99 8.95 36.03
CA PRO A 639 -5.40 9.04 35.63
C PRO A 639 -5.96 7.67 35.28
N ILE A 640 -7.21 7.43 35.69
CA ILE A 640 -7.93 6.21 35.36
C ILE A 640 -9.02 6.48 34.32
N GLY A 641 -9.84 7.49 34.53
CA GLY A 641 -10.89 7.84 33.61
C GLY A 641 -12.20 8.13 34.33
N ALA A 642 -13.07 8.87 33.64
CA ALA A 642 -14.40 9.23 34.15
C ALA A 642 -14.31 9.96 35.49
N GLY A 643 -13.30 10.81 35.63
CA GLY A 643 -13.15 11.61 36.84
C GLY A 643 -12.39 10.96 37.96
N ILE A 644 -11.98 9.70 37.82
CA ILE A 644 -11.31 8.95 38.87
C ILE A 644 -9.81 8.95 38.59
N CYS A 645 -9.01 9.24 39.62
CA CYS A 645 -7.57 9.18 39.55
C CYS A 645 -7.04 8.31 40.69
N ALA A 646 -5.84 7.79 40.51
CA ALA A 646 -5.21 6.93 41.50
C ALA A 646 -3.82 7.46 41.86
N SER A 647 -3.36 7.11 43.06
CA SER A 647 -2.05 7.53 43.54
C SER A 647 -1.57 6.53 44.58
N TYR A 648 -0.28 6.63 44.91
CA TYR A 648 0.36 5.78 45.91
C TYR A 648 0.58 6.61 47.16
N GLN A 649 -0.19 6.33 48.21
CA GLN A 649 -0.18 7.12 49.43
C GLN A 649 -0.50 6.21 50.61
N THR A 650 -0.48 6.79 51.81
CA THR A 650 -0.78 6.04 53.02
C THR A 650 -2.25 6.18 53.39
N SER A 663 2.46 0.53 55.41
CA SER A 663 1.51 1.60 55.66
C SER A 663 1.00 2.20 54.35
N GLN A 664 1.80 2.08 53.31
CA GLN A 664 1.44 2.61 52.00
C GLN A 664 0.59 1.60 51.23
N SER A 665 -0.33 2.11 50.44
CA SER A 665 -1.17 1.26 49.60
C SER A 665 -1.72 2.07 48.43
N ILE A 666 -2.28 1.36 47.46
CA ILE A 666 -2.89 1.99 46.30
C ILE A 666 -4.29 2.46 46.65
N ILE A 667 -4.57 3.73 46.35
CA ILE A 667 -5.88 4.32 46.62
C ILE A 667 -6.45 4.91 45.34
N ALA A 668 -7.78 5.05 45.32
CA ALA A 668 -8.50 5.68 44.23
C ALA A 668 -9.43 6.75 44.80
N TYR A 669 -9.55 7.88 44.09
CA TYR A 669 -10.33 8.99 44.60
C TYR A 669 -10.79 9.86 43.44
N THR A 670 -11.77 10.72 43.72
CA THR A 670 -12.20 11.73 42.77
C THR A 670 -11.20 12.88 42.75
N MET A 671 -10.76 13.27 41.55
CA MET A 671 -9.70 14.27 41.43
C MET A 671 -10.19 15.65 41.87
N SER A 672 -9.28 16.39 42.51
CA SER A 672 -9.54 17.77 42.89
C SER A 672 -9.33 18.73 41.73
N LEU A 673 -10.17 19.76 41.67
CA LEU A 673 -10.00 20.85 40.71
C LEU A 673 -9.33 22.06 41.34
N GLY A 674 -9.00 22.00 42.62
CA GLY A 674 -8.42 23.12 43.33
C GLY A 674 -9.21 23.43 44.58
N ALA A 675 -8.63 24.29 45.41
CA ALA A 675 -9.31 24.70 46.62
C ALA A 675 -10.50 25.58 46.25
N GLU A 676 -11.58 25.45 47.03
CA GLU A 676 -12.75 26.27 46.80
C GLU A 676 -12.58 27.61 47.51
N ASN A 677 -12.80 28.70 46.77
CA ASN A 677 -12.62 30.04 47.33
C ASN A 677 -13.61 30.97 46.65
N SER A 678 -14.72 31.23 47.34
CA SER A 678 -15.71 32.16 46.83
C SER A 678 -15.19 33.59 46.94
N VAL A 679 -15.68 34.45 46.06
CA VAL A 679 -15.33 35.86 46.07
C VAL A 679 -16.46 36.63 46.72
N ALA A 680 -16.11 37.48 47.69
CA ALA A 680 -17.10 38.28 48.41
C ALA A 680 -17.51 39.47 47.52
N TYR A 681 -18.19 39.13 46.43
CA TYR A 681 -18.54 40.14 45.44
C TYR A 681 -19.61 41.09 45.97
N SER A 682 -19.40 42.37 45.71
CA SER A 682 -20.38 43.41 45.98
C SER A 682 -20.07 44.56 45.04
N ASN A 683 -21.01 45.49 44.93
CA ASN A 683 -20.85 46.59 44.00
C ASN A 683 -19.91 47.68 44.51
N ASN A 684 -19.40 47.56 45.74
CA ASN A 684 -18.54 48.58 46.34
C ASN A 684 -17.29 47.98 46.99
N SER A 685 -16.71 46.93 46.40
CA SER A 685 -15.51 46.31 46.96
C SER A 685 -14.47 46.03 45.88
N ILE A 686 -13.24 46.50 46.11
CA ILE A 686 -12.11 46.27 45.20
C ILE A 686 -10.91 45.81 46.00
N ALA A 687 -10.17 44.84 45.46
CA ALA A 687 -8.89 44.40 46.01
C ALA A 687 -7.77 44.94 45.13
N ILE A 688 -6.85 45.70 45.72
CA ILE A 688 -5.74 46.33 44.98
C ILE A 688 -4.42 45.90 45.60
N PRO A 689 -3.48 45.37 44.82
CA PRO A 689 -2.18 44.98 45.36
C PRO A 689 -1.37 46.18 45.82
N THR A 690 -0.64 46.02 46.93
CA THR A 690 0.19 47.12 47.39
C THR A 690 1.68 46.93 47.10
N ASN A 691 2.17 45.69 46.95
CA ASN A 691 3.56 45.42 46.62
C ASN A 691 3.57 44.22 45.67
N PHE A 692 4.74 43.91 45.11
CA PHE A 692 4.85 42.90 44.07
C PHE A 692 6.12 42.09 44.23
N THR A 693 6.17 40.97 43.50
CA THR A 693 7.33 40.11 43.41
C THR A 693 7.65 39.86 41.94
N ILE A 694 8.95 39.81 41.63
CA ILE A 694 9.43 39.53 40.28
C ILE A 694 9.77 38.05 40.18
N SER A 695 9.13 37.34 39.25
CA SER A 695 9.34 35.93 39.06
C SER A 695 9.90 35.68 37.66
N VAL A 696 10.64 34.58 37.52
CA VAL A 696 11.23 34.17 36.25
C VAL A 696 10.79 32.75 35.94
N THR A 697 10.27 32.55 34.73
CA THR A 697 9.81 31.24 34.26
C THR A 697 10.64 30.82 33.05
N THR A 698 10.65 29.51 32.79
CA THR A 698 11.43 28.94 31.70
C THR A 698 10.50 28.30 30.67
N GLU A 699 10.63 28.73 29.42
CA GLU A 699 9.89 28.17 28.30
C GLU A 699 10.86 27.52 27.33
N ILE A 700 10.66 26.24 27.04
CA ILE A 700 11.56 25.45 26.21
C ILE A 700 10.84 25.03 24.95
N LEU A 701 11.43 25.34 23.78
CA LEU A 701 10.84 24.99 22.50
C LEU A 701 11.86 24.27 21.61
N PRO A 702 11.49 23.17 20.98
CA PRO A 702 12.33 22.58 19.92
C PRO A 702 12.47 23.52 18.73
N VAL A 703 13.65 23.50 18.10
CA VAL A 703 13.92 24.28 16.91
C VAL A 703 14.30 23.42 15.71
N SER A 704 15.14 22.40 15.90
CA SER A 704 15.65 21.62 14.78
C SER A 704 15.66 20.14 15.10
N MET A 705 15.89 19.33 14.06
CA MET A 705 16.02 17.89 14.17
C MET A 705 17.17 17.39 13.31
N THR A 706 17.66 16.20 13.64
CA THR A 706 18.80 15.59 12.97
C THR A 706 18.58 15.45 11.46
N LYS A 707 19.57 15.89 10.69
CA LYS A 707 19.56 15.89 9.23
C LYS A 707 19.99 14.53 8.68
N THR A 708 19.07 13.57 8.69
CA THR A 708 19.36 12.22 8.24
C THR A 708 19.39 12.12 6.71
N SER A 709 20.05 11.07 6.21
CA SER A 709 20.11 10.75 4.80
C SER A 709 20.17 9.24 4.65
N VAL A 710 19.35 8.68 3.75
CA VAL A 710 19.25 7.24 3.58
C VAL A 710 19.63 6.86 2.16
N ASP A 711 20.59 5.93 2.03
CA ASP A 711 21.02 5.35 0.76
C ASP A 711 20.12 4.16 0.42
N CYS A 712 19.15 4.37 -0.48
CA CYS A 712 18.19 3.30 -0.77
C CYS A 712 18.86 2.07 -1.38
N THR A 713 19.89 2.28 -2.20
CA THR A 713 20.51 1.16 -2.90
C THR A 713 21.31 0.29 -1.93
N MET A 714 22.09 0.92 -1.06
CA MET A 714 22.87 0.15 -0.10
C MET A 714 21.96 -0.52 0.93
N TYR A 715 20.88 0.16 1.33
CA TYR A 715 19.96 -0.44 2.28
C TYR A 715 19.24 -1.66 1.70
N ILE A 716 18.64 -1.52 0.52
CA ILE A 716 17.83 -2.60 -0.03
C ILE A 716 18.69 -3.71 -0.61
N CYS A 717 19.70 -3.35 -1.41
CA CYS A 717 20.49 -4.31 -2.18
C CYS A 717 21.98 -4.18 -1.89
N GLY A 718 22.36 -4.32 -0.62
CA GLY A 718 23.74 -4.12 -0.23
C GLY A 718 24.67 -5.10 -0.93
N ASP A 719 25.60 -4.54 -1.71
CA ASP A 719 26.68 -5.23 -2.44
C ASP A 719 26.17 -6.49 -3.16
N SER A 720 25.02 -6.37 -3.82
CA SER A 720 24.43 -7.46 -4.58
C SER A 720 24.08 -6.95 -5.98
N THR A 721 24.80 -7.46 -6.98
CA THR A 721 24.57 -7.02 -8.35
C THR A 721 23.20 -7.48 -8.85
N GLU A 722 22.81 -8.71 -8.52
CA GLU A 722 21.51 -9.20 -8.95
C GLU A 722 20.38 -8.40 -8.32
N CYS A 723 20.50 -8.08 -7.03
CA CYS A 723 19.47 -7.29 -6.38
C CYS A 723 19.40 -5.90 -7.01
N SER A 724 20.56 -5.30 -7.31
CA SER A 724 20.55 -3.99 -7.95
C SER A 724 19.87 -4.05 -9.32
N ASN A 725 20.16 -5.09 -10.10
CA ASN A 725 19.56 -5.21 -11.43
C ASN A 725 18.04 -5.39 -11.34
N LEU A 726 17.56 -6.13 -10.34
CA LEU A 726 16.10 -6.23 -10.16
C LEU A 726 15.50 -4.93 -9.65
N LEU A 727 16.21 -4.23 -8.76
CA LEU A 727 15.72 -2.96 -8.22
C LEU A 727 15.60 -1.90 -9.31
N LEU A 728 16.44 -1.97 -10.34
CA LEU A 728 16.44 -0.95 -11.38
C LEU A 728 15.10 -0.85 -12.11
N GLN A 729 14.25 -1.87 -12.03
CA GLN A 729 12.96 -1.84 -12.70
C GLN A 729 11.90 -0.98 -12.00
N TYR A 730 12.18 -0.44 -10.82
CA TYR A 730 11.20 0.35 -10.08
C TYR A 730 11.35 1.86 -10.27
N GLY A 731 12.25 2.29 -11.15
CA GLY A 731 12.32 3.69 -11.52
C GLY A 731 12.70 4.68 -10.42
N SER A 732 11.83 5.68 -10.23
CA SER A 732 12.09 6.87 -9.41
C SER A 732 11.78 6.70 -7.92
N PHE A 733 11.44 5.49 -7.48
CA PHE A 733 11.14 5.28 -6.06
C PHE A 733 12.27 5.78 -5.16
N CYS A 734 13.51 5.63 -5.60
CA CYS A 734 14.64 6.13 -4.81
C CYS A 734 14.73 7.65 -4.86
N THR A 735 14.78 8.21 -6.07
CA THR A 735 15.06 9.64 -6.19
C THR A 735 13.97 10.49 -5.56
N GLN A 736 12.73 10.00 -5.48
CA GLN A 736 11.74 10.83 -4.80
C GLN A 736 11.92 10.83 -3.28
N LEU A 737 12.51 9.78 -2.71
CA LEU A 737 12.74 9.79 -1.27
C LEU A 737 14.00 10.59 -0.95
N ASN A 738 15.00 10.48 -1.83
CA ASN A 738 16.19 11.32 -1.67
C ASN A 738 15.83 12.79 -1.78
N ARG A 739 14.89 13.13 -2.68
CA ARG A 739 14.43 14.50 -2.80
C ARG A 739 13.72 14.97 -1.54
N ALA A 740 12.83 14.13 -1.00
CA ALA A 740 12.13 14.53 0.22
C ALA A 740 13.09 14.74 1.39
N LEU A 741 14.07 13.84 1.55
CA LEU A 741 15.01 13.97 2.65
C LEU A 741 15.91 15.18 2.47
N THR A 742 16.30 15.48 1.23
CA THR A 742 17.09 16.68 0.97
C THR A 742 16.31 17.93 1.34
N GLY A 743 15.02 17.98 0.95
CA GLY A 743 14.20 19.12 1.31
C GLY A 743 14.11 19.32 2.81
N ILE A 744 13.96 18.22 3.55
CA ILE A 744 13.89 18.33 5.02
C ILE A 744 15.21 18.85 5.57
N ALA A 745 16.32 18.29 5.11
CA ALA A 745 17.64 18.71 5.60
C ALA A 745 17.87 20.19 5.34
N VAL A 746 17.47 20.69 4.17
CA VAL A 746 17.66 22.10 3.86
C VAL A 746 16.76 22.98 4.73
N GLU A 747 15.50 22.59 4.89
CA GLU A 747 14.59 23.43 5.68
C GLU A 747 14.97 23.48 7.14
N GLN A 748 15.71 22.49 7.66
CA GLN A 748 16.15 22.60 9.05
C GLN A 748 17.18 23.71 9.22
N ASP A 749 18.04 23.92 8.23
CA ASP A 749 19.01 25.01 8.32
C ASP A 749 18.33 26.34 8.04
N LYS A 750 17.31 26.33 7.19
CA LYS A 750 16.53 27.54 6.98
C LYS A 750 15.87 27.97 8.29
N ASN A 751 15.31 27.01 9.03
CA ASN A 751 14.69 27.32 10.31
C ASN A 751 15.69 27.88 11.30
N THR A 752 16.87 27.25 11.39
CA THR A 752 17.88 27.73 12.34
C THR A 752 18.31 29.16 12.00
N GLN A 753 18.54 29.42 10.70
CA GLN A 753 18.99 30.75 10.30
C GLN A 753 17.90 31.79 10.56
N GLU A 754 16.65 31.45 10.26
CA GLU A 754 15.56 32.39 10.49
C GLU A 754 15.36 32.68 11.96
N VAL A 755 15.64 31.71 12.83
CA VAL A 755 15.46 31.95 14.26
C VAL A 755 16.60 32.80 14.81
N PHE A 756 17.84 32.50 14.46
CA PHE A 756 18.97 33.15 15.14
C PHE A 756 19.55 34.36 14.41
N ALA A 757 19.61 34.37 13.08
CA ALA A 757 20.30 35.42 12.34
C ALA A 757 19.40 36.63 12.11
N GLN A 758 19.00 37.26 13.20
CA GLN A 758 18.13 38.42 13.16
C GLN A 758 18.86 39.73 13.45
N VAL A 759 20.16 39.68 13.73
CA VAL A 759 20.95 40.87 14.07
C VAL A 759 22.04 41.05 13.02
N LYS A 760 22.12 42.27 12.48
CA LYS A 760 23.07 42.57 11.41
C LYS A 760 24.52 42.74 11.88
N GLN A 761 24.75 43.04 13.16
CA GLN A 761 26.11 43.32 13.62
C GLN A 761 26.39 42.60 14.93
N ILE A 762 27.68 42.37 15.19
CA ILE A 762 28.17 41.73 16.40
C ILE A 762 28.56 42.81 17.40
N TYR A 763 27.75 42.98 18.44
CA TYR A 763 27.95 43.99 19.48
C TYR A 763 28.75 43.41 20.64
N LYS A 764 29.43 44.29 21.37
CA LYS A 764 30.21 43.87 22.54
C LYS A 764 30.01 44.82 23.71
N THR A 765 30.04 44.26 24.91
CA THR A 765 29.88 45.01 26.15
C THR A 765 31.14 45.80 26.48
N PRO A 766 31.01 46.89 27.24
CA PRO A 766 32.20 47.61 27.72
C PRO A 766 32.93 46.82 28.79
N PRO A 767 34.22 47.11 29.00
CA PRO A 767 34.97 46.43 30.06
C PRO A 767 34.51 46.75 31.48
N ILE A 768 33.79 47.84 31.71
CA ILE A 768 33.35 48.22 33.04
C ILE A 768 31.87 47.93 33.18
N LYS A 769 31.53 47.04 34.11
CA LYS A 769 30.16 46.57 34.30
C LYS A 769 29.39 47.49 35.28
N ASP A 770 29.26 48.75 34.89
CA ASP A 770 28.54 49.73 35.70
C ASP A 770 27.08 49.78 35.27
N PHE A 771 26.35 48.72 35.62
CA PHE A 771 24.97 48.54 35.18
C PHE A 771 23.96 48.90 36.26
N GLY A 772 24.26 49.89 37.09
CA GLY A 772 23.27 50.38 38.02
C GLY A 772 22.94 49.45 39.16
N GLY A 773 23.83 48.51 39.47
CA GLY A 773 23.59 47.53 40.51
C GLY A 773 23.08 46.20 40.01
N PHE A 774 22.73 46.09 38.73
CA PHE A 774 22.27 44.84 38.15
C PHE A 774 23.50 44.05 37.71
N ASN A 775 23.70 42.88 38.31
CA ASN A 775 24.85 42.04 37.98
C ASN A 775 24.43 40.94 37.01
N PHE A 776 25.03 40.94 35.83
CA PHE A 776 24.72 39.99 34.77
C PHE A 776 25.87 39.00 34.52
N SER A 777 26.79 38.87 35.48
CA SER A 777 27.96 38.03 35.27
C SER A 777 27.60 36.56 35.09
N GLN A 778 26.38 36.17 35.44
CA GLN A 778 25.95 34.78 35.31
C GLN A 778 25.28 34.50 33.97
N ILE A 779 25.09 35.51 33.14
CA ILE A 779 24.54 35.30 31.80
C ILE A 779 25.50 35.72 30.69
N LEU A 780 26.54 36.50 30.98
CA LEU A 780 27.54 36.87 30.00
C LEU A 780 28.58 35.76 29.83
N PRO A 781 29.22 35.68 28.67
CA PRO A 781 30.26 34.66 28.45
C PRO A 781 31.38 34.76 29.48
N ASP A 782 31.91 33.59 29.86
CA ASP A 782 33.02 33.51 30.81
C ASP A 782 34.31 33.36 30.02
N PRO A 783 35.18 34.38 29.99
CA PRO A 783 36.41 34.30 29.18
C PRO A 783 37.37 33.19 29.59
N SER A 784 37.22 32.62 30.78
CA SER A 784 38.20 31.65 31.27
C SER A 784 37.98 30.25 30.75
N LYS A 785 36.89 29.99 30.05
CA LYS A 785 36.60 28.65 29.53
C LYS A 785 37.19 28.49 28.14
N PRO A 786 37.46 27.26 27.71
CA PRO A 786 37.92 27.05 26.33
C PRO A 786 36.89 27.45 25.30
N SER A 787 35.62 27.58 25.69
CA SER A 787 34.55 28.06 24.82
C SER A 787 33.75 29.07 25.63
N LYS A 788 33.63 30.29 25.12
CA LYS A 788 33.09 31.39 25.92
C LYS A 788 31.58 31.25 26.07
N ARG A 789 31.20 30.31 26.91
CA ARG A 789 29.80 30.08 27.27
C ARG A 789 29.56 30.49 28.71
N SER A 790 28.31 30.80 29.01
CA SER A 790 27.92 31.19 30.36
C SER A 790 27.77 29.94 31.24
N PRO A 791 27.78 30.09 32.58
CA PRO A 791 27.60 28.90 33.42
C PRO A 791 26.26 28.20 33.24
N ILE A 792 25.15 28.94 33.15
CA ILE A 792 23.85 28.32 32.93
C ILE A 792 23.85 27.53 31.63
N GLU A 793 24.45 28.10 30.58
CA GLU A 793 24.57 27.38 29.32
C GLU A 793 25.40 26.11 29.47
N ASP A 794 26.51 26.18 30.21
CA ASP A 794 27.31 24.98 30.43
C ASP A 794 26.49 23.90 31.14
N LEU A 795 25.69 24.32 32.12
CA LEU A 795 24.85 23.35 32.83
C LEU A 795 23.81 22.75 31.89
N LEU A 796 23.26 23.56 30.99
CA LEU A 796 22.23 23.05 30.09
C LEU A 796 22.81 22.05 29.10
N PHE A 797 24.00 22.34 28.56
CA PHE A 797 24.63 21.39 27.65
C PHE A 797 25.15 20.16 28.38
N ASN A 798 25.41 20.25 29.68
CA ASN A 798 25.93 19.10 30.42
C ASN A 798 24.84 18.15 30.92
N LYS A 799 23.57 18.43 30.63
CA LYS A 799 22.49 17.55 31.05
C LYS A 799 21.82 16.80 29.90
N VAL A 800 21.74 17.40 28.72
CA VAL A 800 21.13 16.75 27.57
C VAL A 800 22.21 15.99 26.80
N THR A 801 21.97 14.71 26.55
CA THR A 801 22.94 13.86 25.87
C THR A 801 22.40 13.37 24.53
N LYS A 828 24.18 3.12 10.56
CA LYS A 828 25.54 2.82 10.98
C LYS A 828 26.39 2.46 9.75
N PHE A 829 26.31 1.21 9.32
CA PHE A 829 26.98 0.77 8.09
C PHE A 829 25.97 0.29 7.05
N ASN A 830 24.72 0.73 7.16
CA ASN A 830 23.66 0.32 6.25
C ASN A 830 23.19 1.47 5.36
N GLY A 831 24.05 2.45 5.13
CA GLY A 831 23.69 3.61 4.33
C GLY A 831 23.07 4.74 5.11
N LEU A 832 23.04 4.66 6.43
CA LEU A 832 22.44 5.68 7.28
C LEU A 832 23.54 6.59 7.81
N THR A 833 23.46 7.87 7.45
CA THR A 833 24.47 8.85 7.86
C THR A 833 23.80 10.08 8.45
N VAL A 834 24.59 10.88 9.15
CA VAL A 834 24.14 12.14 9.73
C VAL A 834 25.04 13.26 9.24
N LEU A 835 24.44 14.32 8.70
CA LEU A 835 25.17 15.48 8.21
C LEU A 835 25.39 16.48 9.35
N PRO A 836 26.51 17.21 9.34
CA PRO A 836 26.72 18.21 10.36
C PRO A 836 25.87 19.45 10.13
N PRO A 837 25.56 20.20 11.17
CA PRO A 837 24.89 21.49 10.99
C PRO A 837 25.83 22.54 10.40
N LEU A 838 25.25 23.52 9.71
CA LEU A 838 26.03 24.61 9.15
C LEU A 838 26.56 25.55 10.21
N LEU A 839 25.74 25.89 11.21
CA LEU A 839 26.12 26.84 12.25
C LEU A 839 26.57 26.11 13.51
N THR A 840 27.83 26.31 13.88
CA THR A 840 28.42 25.64 15.04
C THR A 840 27.95 26.28 16.35
N ASP A 841 28.17 25.53 17.44
CA ASP A 841 27.75 25.99 18.76
C ASP A 841 28.43 27.30 19.17
N GLU A 842 29.71 27.46 18.86
CA GLU A 842 30.38 28.73 19.17
C GLU A 842 29.76 29.88 18.40
N MET A 843 29.39 29.65 17.14
CA MET A 843 28.78 30.71 16.34
C MET A 843 27.42 31.07 16.90
N ILE A 844 26.67 30.08 17.38
CA ILE A 844 25.39 30.34 18.01
C ILE A 844 25.57 31.14 19.30
N ALA A 845 26.59 30.76 20.08
CA ALA A 845 26.89 31.50 21.31
C ALA A 845 27.26 32.95 21.00
N GLN A 846 28.00 33.18 19.93
CA GLN A 846 28.33 34.55 19.55
C GLN A 846 27.08 35.33 19.15
N TYR A 847 26.15 34.67 18.46
CA TYR A 847 24.91 35.35 18.10
C TYR A 847 24.09 35.70 19.35
N THR A 848 24.02 34.79 20.32
CA THR A 848 23.25 35.07 21.52
C THR A 848 23.92 36.13 22.39
N SER A 849 25.26 36.16 22.40
CA SER A 849 25.97 37.20 23.12
C SER A 849 25.73 38.55 22.49
N ALA A 850 25.79 38.62 21.15
CA ALA A 850 25.53 39.89 20.47
C ALA A 850 24.11 40.36 20.73
N LEU A 851 23.13 39.44 20.70
CA LEU A 851 21.75 39.84 20.93
C LEU A 851 21.55 40.33 22.35
N LEU A 852 22.16 39.67 23.33
CA LEU A 852 22.00 40.09 24.71
C LEU A 852 22.67 41.45 24.96
N ALA A 853 23.89 41.63 24.45
CA ALA A 853 24.57 42.91 24.64
C ALA A 853 23.82 44.04 23.94
N GLY A 854 23.29 43.76 22.75
CA GLY A 854 22.50 44.76 22.05
C GLY A 854 21.26 45.14 22.82
N THR A 855 20.51 44.13 23.29
CA THR A 855 19.31 44.42 24.07
C THR A 855 19.63 45.24 25.30
N ILE A 856 20.68 44.86 26.02
CA ILE A 856 21.00 45.52 27.29
C ILE A 856 21.43 46.96 27.05
N THR A 857 22.21 47.21 26.01
CA THR A 857 22.75 48.55 25.82
C THR A 857 21.86 49.46 24.98
N SER A 858 20.89 48.92 24.23
CA SER A 858 20.12 49.77 23.33
C SER A 858 18.60 49.59 23.38
N GLY A 859 18.06 48.80 24.33
CA GLY A 859 16.61 48.65 24.37
C GLY A 859 16.05 48.05 23.08
N TRP A 860 15.03 48.70 22.53
CA TRP A 860 14.37 48.26 21.30
C TRP A 860 14.91 48.95 20.05
N THR A 861 15.90 49.83 20.20
CA THR A 861 16.33 50.64 19.07
C THR A 861 17.05 49.82 18.02
N PHE A 862 17.77 48.77 18.41
CA PHE A 862 18.45 47.97 17.39
C PHE A 862 17.45 47.13 16.61
N GLY A 863 16.30 46.83 17.21
CA GLY A 863 15.26 46.11 16.53
C GLY A 863 14.50 47.00 15.57
N ALA A 864 14.18 48.22 16.02
CA ALA A 864 13.43 49.13 15.16
C ALA A 864 14.29 49.66 14.02
N GLY A 865 15.54 50.00 14.31
CA GLY A 865 16.44 50.58 13.35
C GLY A 865 17.89 50.30 13.69
N PRO A 866 18.67 51.34 13.87
CA PRO A 866 20.07 51.18 14.28
C PRO A 866 20.21 51.04 15.79
N ALA A 867 21.29 50.39 16.21
CA ALA A 867 21.54 50.19 17.63
C ALA A 867 22.02 51.49 18.25
N LEU A 868 21.14 52.11 19.04
CA LEU A 868 21.38 53.38 19.70
C LEU A 868 21.54 53.15 21.19
N GLN A 869 22.72 53.43 21.73
CA GLN A 869 23.00 53.15 23.13
C GLN A 869 22.06 53.92 24.05
N ILE A 870 21.65 53.28 25.15
CA ILE A 870 20.78 53.89 26.15
C ILE A 870 21.12 53.32 27.53
N PRO A 871 21.14 54.15 28.57
CA PRO A 871 21.35 53.63 29.93
C PRO A 871 20.34 52.57 30.36
N PHE A 872 20.85 51.56 31.06
CA PHE A 872 19.98 50.47 31.52
C PHE A 872 18.88 50.96 32.47
N PRO A 873 19.11 51.88 33.40
CA PRO A 873 17.97 52.38 34.19
C PRO A 873 16.88 52.99 33.33
N MET A 874 17.26 53.67 32.23
CA MET A 874 16.26 54.25 31.36
C MET A 874 15.47 53.16 30.65
N GLN A 875 16.18 52.12 30.20
CA GLN A 875 15.49 50.99 29.57
C GLN A 875 14.51 50.35 30.55
N MET A 876 14.94 50.17 31.80
CA MET A 876 14.08 49.53 32.80
C MET A 876 12.86 50.40 33.10
N ALA A 877 13.04 51.72 33.18
CA ALA A 877 11.92 52.61 33.43
C ALA A 877 10.91 52.57 32.30
N TYR A 878 11.40 52.51 31.06
CA TYR A 878 10.47 52.45 29.93
C TYR A 878 9.77 51.10 29.86
N ARG A 879 10.48 50.01 30.17
CA ARG A 879 9.84 48.70 30.24
C ARG A 879 8.75 48.68 31.31
N PHE A 880 8.97 49.39 32.42
CA PHE A 880 7.94 49.49 33.45
C PHE A 880 6.75 50.32 32.97
N ASN A 881 7.02 51.44 32.30
CA ASN A 881 5.95 52.26 31.75
C ASN A 881 5.11 51.48 30.74
N GLY A 882 5.73 50.56 30.00
CA GLY A 882 5.04 49.79 28.98
C GLY A 882 3.96 48.85 29.49
N ILE A 883 3.91 48.57 30.79
CA ILE A 883 2.91 47.67 31.36
C ILE A 883 1.91 48.41 32.24
N GLY A 884 1.88 49.73 32.17
CA GLY A 884 0.92 50.49 32.95
C GLY A 884 1.32 50.71 34.40
N VAL A 885 2.62 50.66 34.70
CA VAL A 885 3.13 50.92 36.03
C VAL A 885 4.11 52.08 35.93
N THR A 886 3.82 53.16 36.65
CA THR A 886 4.64 54.36 36.55
C THR A 886 6.06 54.07 37.04
N GLN A 887 7.04 54.61 36.30
CA GLN A 887 8.45 54.36 36.54
C GLN A 887 8.91 54.73 37.95
N ASN A 888 8.18 55.60 38.67
CA ASN A 888 8.66 56.01 39.97
C ASN A 888 8.68 54.85 40.96
N VAL A 889 7.85 53.84 40.75
CA VAL A 889 7.90 52.65 41.59
C VAL A 889 9.21 51.92 41.37
N LEU A 890 9.63 51.80 40.10
CA LEU A 890 10.91 51.20 39.79
C LEU A 890 12.05 51.97 40.43
N TYR A 891 12.03 53.29 40.32
CA TYR A 891 13.13 54.07 40.88
C TYR A 891 13.16 53.97 42.40
N GLU A 892 11.99 53.97 43.04
CA GLU A 892 11.96 53.86 44.49
C GLU A 892 12.41 52.48 44.98
N ASN A 893 12.10 51.41 44.23
CA ASN A 893 12.41 50.05 44.64
C ASN A 893 13.48 49.38 43.80
N GLN A 894 14.37 50.15 43.16
CA GLN A 894 15.36 49.57 42.25
C GLN A 894 16.27 48.55 42.95
N LYS A 895 16.72 48.84 44.17
CA LYS A 895 17.62 47.91 44.85
C LYS A 895 16.90 46.62 45.20
N LEU A 896 15.66 46.75 45.70
CA LEU A 896 14.87 45.58 46.05
C LEU A 896 14.58 44.73 44.82
N ILE A 897 14.25 45.38 43.69
CA ILE A 897 13.96 44.66 42.46
C ILE A 897 15.21 43.94 41.95
N ALA A 898 16.37 44.61 41.99
CA ALA A 898 17.60 43.97 41.57
C ALA A 898 17.93 42.76 42.44
N ASN A 899 17.71 42.87 43.75
CA ASN A 899 17.97 41.74 44.63
C ASN A 899 16.99 40.60 44.37
N GLN A 900 15.72 40.92 44.09
CA GLN A 900 14.77 39.87 43.75
C GLN A 900 15.15 39.19 42.45
N PHE A 901 15.63 39.97 41.48
CA PHE A 901 16.09 39.40 40.22
C PHE A 901 17.24 38.43 40.45
N ASN A 902 18.23 38.85 41.24
CA ASN A 902 19.38 38.00 41.50
C ASN A 902 18.98 36.73 42.25
N SER A 903 18.06 36.86 43.20
CA SER A 903 17.60 35.69 43.94
C SER A 903 16.81 34.77 43.02
N ALA A 904 16.01 35.34 42.12
CA ALA A 904 15.29 34.53 41.16
C ALA A 904 16.24 33.76 40.27
N ILE A 905 17.32 34.41 39.82
CA ILE A 905 18.31 33.73 38.98
C ILE A 905 18.94 32.59 39.75
N GLY A 906 19.25 32.80 41.02
CA GLY A 906 19.70 31.71 41.86
C GLY A 906 18.69 30.59 41.94
N LYS A 907 17.40 30.94 41.96
CA LYS A 907 16.35 29.93 42.00
C LYS A 907 16.30 29.12 40.70
N ILE A 908 16.50 29.77 39.55
CA ILE A 908 16.61 29.00 38.30
C ILE A 908 17.83 28.09 38.37
N GLN A 909 18.92 28.58 38.94
CA GLN A 909 20.11 27.76 39.04
C GLN A 909 19.84 26.49 39.85
N ASP A 910 19.16 26.65 41.00
CA ASP A 910 18.83 25.50 41.83
C ASP A 910 17.81 24.59 41.16
N SER A 911 16.83 25.17 40.47
CA SER A 911 15.81 24.37 39.80
C SER A 911 16.43 23.52 38.70
N LEU A 912 17.26 24.13 37.86
CA LEU A 912 17.91 23.37 36.79
C LEU A 912 18.87 22.34 37.37
N SER A 913 19.50 22.65 38.50
CA SER A 913 20.43 21.71 39.12
C SER A 913 19.74 20.58 39.88
N SER A 914 18.44 20.69 40.15
CA SER A 914 17.77 19.69 40.97
C SER A 914 16.61 18.97 40.30
N THR A 915 15.99 19.53 39.26
CA THR A 915 14.83 18.91 38.64
C THR A 915 15.19 18.33 37.29
N PRO A 916 15.39 17.01 37.18
CA PRO A 916 15.79 16.43 35.89
C PRO A 916 14.74 16.54 34.78
N SER A 917 13.44 16.46 35.12
CA SER A 917 12.38 16.47 34.12
C SER A 917 12.26 17.78 33.35
N ALA A 918 12.99 18.82 33.75
CA ALA A 918 12.87 20.13 33.11
C ALA A 918 13.15 20.07 31.61
N LEU A 919 14.00 19.14 31.16
CA LEU A 919 14.41 19.09 29.76
C LEU A 919 13.69 17.99 28.98
N GLY A 920 12.53 17.56 29.45
CA GLY A 920 11.78 16.52 28.75
C GLY A 920 11.43 16.89 27.32
N LYS A 921 11.19 18.18 27.05
CA LYS A 921 10.79 18.60 25.71
C LYS A 921 11.87 18.31 24.68
N LEU A 922 13.13 18.29 25.09
CA LEU A 922 14.23 17.96 24.19
C LEU A 922 14.60 16.48 24.27
N GLN A 923 14.50 15.90 25.46
CA GLN A 923 14.85 14.50 25.63
C GLN A 923 13.89 13.59 24.88
N ASP A 924 12.61 13.93 24.86
CA ASP A 924 11.63 13.09 24.17
C ASP A 924 11.84 13.11 22.66
N VAL A 925 12.20 14.26 22.08
CA VAL A 925 12.43 14.30 20.64
C VAL A 925 13.69 13.51 20.28
N VAL A 926 14.77 13.68 21.06
CA VAL A 926 15.98 12.92 20.77
C VAL A 926 15.70 11.42 20.90
N ASN A 927 14.96 11.02 21.93
CA ASN A 927 14.64 9.62 22.14
C ASN A 927 13.77 9.09 21.01
N GLN A 928 12.80 9.89 20.54
CA GLN A 928 11.93 9.44 19.47
C GLN A 928 12.71 9.21 18.19
N ASN A 929 13.69 10.07 17.91
CA ASN A 929 14.46 9.87 16.69
C ASN A 929 15.37 8.65 16.80
N ALA A 930 15.96 8.44 17.98
CA ALA A 930 16.78 7.25 18.19
C ALA A 930 15.94 5.99 18.07
N GLN A 931 14.73 6.00 18.61
CA GLN A 931 13.86 4.84 18.53
C GLN A 931 13.43 4.56 17.09
N ALA A 932 13.15 5.62 16.32
CA ALA A 932 12.78 5.41 14.92
C ALA A 932 13.91 4.77 14.14
N LEU A 933 15.14 5.23 14.36
CA LEU A 933 16.26 4.64 13.63
C LEU A 933 16.53 3.20 14.09
N ASN A 934 16.38 2.94 15.39
CA ASN A 934 16.60 1.57 15.88
C ASN A 934 15.54 0.62 15.33
N THR A 935 14.29 1.09 15.22
CA THR A 935 13.24 0.26 14.63
C THR A 935 13.54 -0.01 13.16
N LEU A 936 13.98 1.02 12.43
CA LEU A 936 14.31 0.81 11.02
C LEU A 936 15.42 -0.22 10.87
N VAL A 937 16.44 -0.17 11.72
CA VAL A 937 17.51 -1.15 11.65
C VAL A 937 16.99 -2.55 12.00
N LYS A 938 16.17 -2.64 13.05
CA LYS A 938 15.61 -3.92 13.47
C LYS A 938 14.75 -4.56 12.39
N GLN A 939 14.12 -3.75 11.53
CA GLN A 939 13.24 -4.28 10.50
C GLN A 939 13.93 -5.24 9.54
N LEU A 940 15.26 -5.23 9.47
CA LEU A 940 15.96 -6.14 8.56
C LEU A 940 15.80 -7.59 8.97
N SER A 941 15.43 -7.87 10.23
CA SER A 941 15.31 -9.24 10.71
C SER A 941 13.99 -9.90 10.32
N SER A 942 13.05 -9.17 9.74
CA SER A 942 11.77 -9.75 9.38
C SER A 942 11.88 -10.53 8.07
N ASN A 943 11.10 -11.60 7.97
CA ASN A 943 11.18 -12.51 6.84
C ASN A 943 10.29 -12.11 5.66
N PHE A 944 9.12 -11.54 5.92
CA PHE A 944 8.13 -11.20 4.87
C PHE A 944 7.71 -12.42 4.04
N GLY A 945 7.83 -13.63 4.58
CA GLY A 945 7.35 -14.80 3.87
C GLY A 945 8.40 -15.61 3.14
N ALA A 946 9.63 -15.12 3.02
CA ALA A 946 10.66 -15.85 2.29
C ALA A 946 11.14 -17.05 3.10
N ILE A 947 11.83 -17.96 2.40
CA ILE A 947 12.39 -19.12 3.08
C ILE A 947 13.47 -18.73 4.08
N SER A 948 14.09 -17.56 3.91
CA SER A 948 15.11 -17.10 4.84
C SER A 948 15.23 -15.59 4.70
N SER A 949 15.48 -14.91 5.82
CA SER A 949 15.70 -13.47 5.79
C SER A 949 17.10 -13.07 5.32
N VAL A 950 18.06 -13.99 5.32
CA VAL A 950 19.45 -13.66 5.00
C VAL A 950 19.72 -13.82 3.50
N LEU A 951 20.13 -12.71 2.88
CA LEU A 951 20.28 -12.63 1.43
C LEU A 951 21.34 -13.59 0.90
N ASN A 952 22.45 -13.75 1.62
CA ASN A 952 23.50 -14.62 1.10
C ASN A 952 23.08 -16.08 1.10
N ASP A 953 22.27 -16.51 2.08
CA ASP A 953 21.78 -17.88 2.04
C ASP A 953 20.65 -18.04 1.04
N ILE A 954 19.91 -16.96 0.74
CA ILE A 954 18.92 -17.06 -0.32
C ILE A 954 19.62 -17.25 -1.67
N LEU A 955 20.63 -16.42 -1.93
CA LEU A 955 21.36 -16.50 -3.20
C LEU A 955 22.16 -17.79 -3.31
N SER A 956 22.67 -18.31 -2.20
CA SER A 956 23.49 -19.51 -2.23
C SER A 956 22.68 -20.80 -2.35
N ARG A 957 21.35 -20.74 -2.26
CA ARG A 957 20.54 -21.94 -2.28
C ARG A 957 19.58 -22.05 -3.46
N LEU A 958 19.09 -20.93 -3.99
CA LEU A 958 18.05 -20.96 -5.01
C LEU A 958 18.58 -20.52 -6.37
N ASP A 959 18.07 -21.17 -7.42
CA ASP A 959 18.33 -20.76 -8.78
C ASP A 959 17.61 -19.44 -9.09
N PRO A 960 18.14 -18.66 -10.04
CA PRO A 960 17.51 -17.39 -10.43
C PRO A 960 16.01 -17.50 -10.65
N PRO A 961 15.50 -18.53 -11.36
CA PRO A 961 14.05 -18.54 -11.68
C PRO A 961 13.12 -18.44 -10.47
N GLU A 962 13.60 -18.77 -9.27
CA GLU A 962 12.85 -18.57 -8.03
C GLU A 962 13.41 -17.40 -7.23
N ALA A 963 14.70 -17.14 -7.44
CA ALA A 963 15.35 -16.02 -6.76
C ALA A 963 14.69 -14.70 -7.12
N GLU A 964 14.24 -14.53 -8.37
CA GLU A 964 13.63 -13.22 -8.66
C GLU A 964 12.38 -13.02 -7.82
N VAL A 965 11.64 -14.09 -7.55
CA VAL A 965 10.43 -13.97 -6.74
C VAL A 965 10.77 -13.66 -5.29
N GLN A 966 11.76 -14.38 -4.74
CA GLN A 966 12.11 -14.14 -3.35
C GLN A 966 12.68 -12.73 -3.16
N ILE A 967 13.49 -12.28 -4.12
CA ILE A 967 14.07 -10.95 -4.06
C ILE A 967 12.99 -9.89 -4.22
N ASP A 968 12.04 -10.10 -5.14
CA ASP A 968 10.94 -9.16 -5.30
C ASP A 968 10.14 -9.04 -4.01
N ARG A 969 9.93 -10.15 -3.30
CA ARG A 969 9.19 -10.07 -2.04
C ARG A 969 9.95 -9.25 -1.01
N LEU A 970 11.27 -9.46 -0.93
CA LEU A 970 12.05 -8.68 0.04
C LEU A 970 12.13 -7.21 -0.35
N ILE A 971 12.21 -6.93 -1.65
CA ILE A 971 12.27 -5.55 -2.12
C ILE A 971 10.96 -4.84 -1.80
N THR A 972 9.83 -5.50 -2.03
CA THR A 972 8.54 -4.88 -1.71
C THR A 972 8.45 -4.57 -0.22
N GLY A 973 8.84 -5.53 0.62
CA GLY A 973 8.73 -5.28 2.06
C GLY A 973 9.62 -4.15 2.52
N ARG A 974 10.86 -4.10 2.02
CA ARG A 974 11.79 -3.08 2.47
C ARG A 974 11.43 -1.70 1.91
N LEU A 975 10.89 -1.67 0.69
CA LEU A 975 10.44 -0.40 0.13
C LEU A 975 9.25 0.14 0.91
N GLN A 976 8.33 -0.73 1.32
CA GLN A 976 7.21 -0.28 2.14
C GLN A 976 7.70 0.26 3.48
N SER A 977 8.70 -0.39 4.07
CA SER A 977 9.26 0.10 5.33
C SER A 977 9.88 1.48 5.17
N LEU A 978 10.66 1.67 4.10
CA LEU A 978 11.25 2.98 3.85
C LEU A 978 10.19 4.05 3.62
N GLN A 979 9.14 3.72 2.86
CA GLN A 979 8.10 4.71 2.60
C GLN A 979 7.40 5.12 3.89
N THR A 980 7.14 4.15 4.78
CA THR A 980 6.53 4.49 6.06
C THR A 980 7.43 5.42 6.87
N TYR A 981 8.73 5.10 6.90
CA TYR A 981 9.68 5.95 7.62
C TYR A 981 9.64 7.37 7.08
N VAL A 982 9.67 7.53 5.75
CA VAL A 982 9.71 8.84 5.15
C VAL A 982 8.44 9.63 5.46
N THR A 983 7.27 8.97 5.39
CA THR A 983 6.02 9.65 5.71
C THR A 983 6.00 10.16 7.15
N GLN A 984 6.44 9.32 8.09
CA GLN A 984 6.44 9.74 9.48
C GLN A 984 7.42 10.90 9.68
N GLN A 985 8.55 10.87 8.97
CA GLN A 985 9.51 11.97 9.07
C GLN A 985 8.94 13.26 8.52
N LEU A 986 8.14 13.17 7.46
CA LEU A 986 7.54 14.39 6.90
C LEU A 986 6.55 15.02 7.88
N ILE A 987 5.76 14.18 8.57
CA ILE A 987 4.82 14.74 9.53
C ILE A 987 5.55 15.37 10.71
N ARG A 988 6.58 14.67 11.23
CA ARG A 988 7.35 15.22 12.33
C ARG A 988 8.04 16.52 11.93
N ALA A 989 8.56 16.59 10.69
CA ALA A 989 9.20 17.80 10.21
C ALA A 989 8.21 18.96 10.15
N ALA A 990 6.96 18.69 9.75
CA ALA A 990 5.97 19.76 9.73
C ALA A 990 5.70 20.27 11.14
N GLU A 991 5.65 19.37 12.13
CA GLU A 991 5.45 19.80 13.50
C GLU A 991 6.63 20.66 13.99
N ILE A 992 7.85 20.23 13.68
CA ILE A 992 9.03 20.99 14.09
C ILE A 992 9.03 22.37 13.43
N ARG A 993 8.63 22.43 12.16
CA ARG A 993 8.56 23.73 11.48
C ARG A 993 7.57 24.66 12.16
N ALA A 994 6.41 24.13 12.56
CA ALA A 994 5.44 24.98 13.27
C ALA A 994 6.02 25.48 14.59
N SER A 995 6.73 24.61 15.31
CA SER A 995 7.35 25.05 16.56
C SER A 995 8.41 26.11 16.33
N ALA A 996 9.22 25.95 15.27
CA ALA A 996 10.24 26.94 14.96
C ALA A 996 9.63 28.28 14.59
N ASN A 997 8.51 28.26 13.87
CA ASN A 997 7.85 29.52 13.52
C ASN A 997 7.32 30.22 14.77
N LEU A 998 6.76 29.45 15.70
CA LEU A 998 6.31 30.05 16.95
C LEU A 998 7.48 30.64 17.73
N ALA A 999 8.60 29.91 17.79
CA ALA A 999 9.76 30.41 18.51
C ALA A 999 10.30 31.70 17.89
N ALA A 1000 10.34 31.77 16.56
CA ALA A 1000 10.82 32.98 15.90
C ALA A 1000 9.87 34.15 16.15
N THR A 1001 8.56 33.89 16.14
CA THR A 1001 7.60 34.95 16.43
C THR A 1001 7.79 35.48 17.85
N LYS A 1002 7.96 34.57 18.82
CA LYS A 1002 8.19 35.01 20.19
C LYS A 1002 9.48 35.80 20.32
N MET A 1003 10.55 35.32 19.67
CA MET A 1003 11.83 36.03 19.71
C MET A 1003 11.67 37.47 19.22
N SER A 1004 11.06 37.62 18.04
CA SER A 1004 10.92 38.94 17.43
C SER A 1004 9.98 39.84 18.22
N GLU A 1005 8.87 39.30 18.72
CA GLU A 1005 7.85 40.13 19.33
C GLU A 1005 7.94 40.17 20.84
N CYS A 1006 9.04 39.68 21.40
CA CYS A 1006 9.18 39.65 22.84
C CYS A 1006 10.54 40.15 23.30
N VAL A 1007 11.62 39.77 22.61
CA VAL A 1007 12.96 40.18 23.03
C VAL A 1007 13.27 41.58 22.53
N LEU A 1008 13.01 41.85 21.24
CA LEU A 1008 13.37 43.11 20.63
C LEU A 1008 12.44 44.24 21.04
N GLY A 1009 11.21 43.94 21.44
CA GLY A 1009 10.23 44.93 21.82
C GLY A 1009 9.66 44.63 23.19
N GLN A 1010 8.37 44.95 23.34
CA GLN A 1010 7.62 44.68 24.55
C GLN A 1010 6.24 44.20 24.15
N SER A 1011 5.82 43.07 24.71
CA SER A 1011 4.59 42.42 24.27
C SER A 1011 3.44 42.89 25.15
N LYS A 1012 2.38 43.37 24.50
CA LYS A 1012 1.13 43.71 25.17
C LYS A 1012 0.12 42.57 25.13
N ARG A 1013 0.47 41.45 24.49
CA ARG A 1013 -0.43 40.31 24.34
C ARG A 1013 -0.44 39.51 25.64
N VAL A 1014 -1.62 39.32 26.21
CA VAL A 1014 -1.75 38.67 27.51
C VAL A 1014 -1.33 37.20 27.42
N ASP A 1015 -0.47 36.78 28.35
CA ASP A 1015 0.05 35.42 28.44
C ASP A 1015 0.82 34.98 27.20
N PHE A 1016 1.24 35.93 26.35
CA PHE A 1016 2.10 35.57 25.22
C PHE A 1016 3.50 35.20 25.68
N CYS A 1017 4.05 35.94 26.64
CA CYS A 1017 5.40 35.66 27.17
C CYS A 1017 5.34 35.36 28.66
N GLY A 1018 4.47 34.43 29.05
CA GLY A 1018 4.32 34.02 30.43
C GLY A 1018 3.24 34.80 31.17
N LYS A 1019 2.86 34.25 32.31
CA LYS A 1019 1.82 34.87 33.14
C LYS A 1019 2.37 36.09 33.86
N GLY A 1020 1.59 37.17 33.85
CA GLY A 1020 2.00 38.42 34.45
C GLY A 1020 2.17 39.48 33.39
N TYR A 1021 2.66 40.65 33.82
CA TYR A 1021 2.90 41.76 32.92
C TYR A 1021 4.31 41.59 32.38
N HIS A 1022 4.44 41.33 31.08
CA HIS A 1022 5.73 41.02 30.50
C HIS A 1022 6.63 42.25 30.48
N LEU A 1023 7.89 42.07 30.92
CA LEU A 1023 8.90 43.11 30.82
C LEU A 1023 9.96 42.78 29.78
N MET A 1024 10.71 41.70 29.95
CA MET A 1024 11.81 41.39 29.05
C MET A 1024 12.09 39.90 29.05
N SER A 1025 12.83 39.47 28.03
CA SER A 1025 13.30 38.09 27.94
C SER A 1025 14.75 38.07 27.50
N PHE A 1026 15.45 37.00 27.90
CA PHE A 1026 16.85 36.80 27.56
C PHE A 1026 17.00 35.42 26.93
N PRO A 1027 17.56 35.32 25.73
CA PRO A 1027 17.76 34.00 25.11
C PRO A 1027 18.97 33.30 25.68
N GLN A 1028 18.88 31.97 25.71
CA GLN A 1028 20.02 31.12 26.01
C GLN A 1028 20.01 29.94 25.05
N SER A 1029 21.19 29.53 24.61
CA SER A 1029 21.22 28.41 23.69
C SER A 1029 21.09 27.09 24.43
N ALA A 1030 20.62 26.08 23.72
CA ALA A 1030 20.51 24.73 24.22
C ALA A 1030 20.60 23.79 23.03
N PRO A 1031 20.95 22.52 23.26
CA PRO A 1031 20.94 21.55 22.15
C PRO A 1031 19.58 21.48 21.49
N HIS A 1032 19.54 21.79 20.19
CA HIS A 1032 18.33 21.72 19.38
C HIS A 1032 17.16 22.51 19.97
N GLY A 1033 17.45 23.64 20.60
CA GLY A 1033 16.34 24.42 21.15
C GLY A 1033 16.81 25.73 21.75
N VAL A 1034 15.84 26.47 22.29
CA VAL A 1034 16.06 27.78 22.91
C VAL A 1034 15.32 27.82 24.24
N VAL A 1035 15.91 28.49 25.22
CA VAL A 1035 15.31 28.67 26.55
C VAL A 1035 15.13 30.16 26.81
N PHE A 1036 13.91 30.55 27.18
CA PHE A 1036 13.56 31.94 27.46
C PHE A 1036 13.36 32.16 28.94
N LEU A 1037 13.96 33.21 29.48
CA LEU A 1037 13.73 33.66 30.85
C LEU A 1037 12.79 34.86 30.81
N HIS A 1038 11.56 34.68 31.28
CA HIS A 1038 10.52 35.70 31.21
C HIS A 1038 10.42 36.42 32.55
N VAL A 1039 10.58 37.74 32.53
CA VAL A 1039 10.49 38.58 33.71
C VAL A 1039 9.10 39.19 33.77
N THR A 1040 8.34 38.88 34.83
CA THR A 1040 6.95 39.27 34.93
C THR A 1040 6.66 39.95 36.27
N TYR A 1041 5.62 40.78 36.26
CA TYR A 1041 5.10 41.48 37.44
C TYR A 1041 3.91 40.72 37.99
N VAL A 1042 3.98 40.30 39.25
CA VAL A 1042 2.90 39.56 39.90
C VAL A 1042 2.49 40.27 41.19
N PRO A 1043 1.23 40.70 41.31
CA PRO A 1043 0.73 41.24 42.59
C PRO A 1043 0.87 40.24 43.74
N ALA A 1044 1.26 40.75 44.90
CA ALA A 1044 1.56 39.90 46.06
C ALA A 1044 0.59 40.04 47.24
N GLN A 1045 0.22 41.26 47.64
CA GLN A 1045 -0.63 41.47 48.81
C GLN A 1045 -1.71 42.48 48.47
N GLU A 1046 -2.91 42.29 49.03
CA GLU A 1046 -4.05 43.12 48.67
C GLU A 1046 -4.84 43.56 49.90
N LYS A 1047 -5.54 44.68 49.74
CA LYS A 1047 -6.50 45.17 50.73
C LYS A 1047 -7.83 45.43 50.05
N ASN A 1048 -8.92 45.29 50.81
CA ASN A 1048 -10.27 45.51 50.32
C ASN A 1048 -10.67 46.98 50.46
N PHE A 1049 -10.87 47.64 49.32
CA PHE A 1049 -11.28 49.04 49.28
C PHE A 1049 -12.65 49.22 48.65
N THR A 1050 -13.35 50.27 49.07
CA THR A 1050 -14.64 50.66 48.52
C THR A 1050 -14.45 51.53 47.26
N THR A 1051 -15.37 51.37 46.29
CA THR A 1051 -15.31 52.08 45.02
C THR A 1051 -16.62 52.82 44.76
N ALA A 1052 -16.63 53.58 43.66
CA ALA A 1052 -17.79 54.34 43.20
C ALA A 1052 -17.62 54.60 41.71
N PRO A 1053 -18.71 54.56 40.92
CA PRO A 1053 -18.58 54.81 39.48
C PRO A 1053 -18.24 56.25 39.10
N ALA A 1054 -18.56 57.23 39.94
CA ALA A 1054 -18.37 58.63 39.57
C ALA A 1054 -18.43 59.48 40.82
N ILE A 1055 -17.93 60.72 40.71
CA ILE A 1055 -17.97 61.69 41.79
C ILE A 1055 -18.73 62.93 41.33
N CYS A 1056 -19.69 63.37 42.15
CA CYS A 1056 -20.40 64.62 41.95
C CYS A 1056 -19.65 65.77 42.61
N HIS A 1057 -19.59 66.91 41.92
CA HIS A 1057 -19.07 68.12 42.55
C HIS A 1057 -20.15 69.20 42.64
N ASP A 1058 -20.52 69.82 41.53
CA ASP A 1058 -21.63 70.78 41.49
C ASP A 1058 -22.82 70.22 40.70
N GLY A 1059 -22.91 68.89 40.59
CA GLY A 1059 -23.88 68.25 39.72
C GLY A 1059 -23.25 67.66 38.48
N LYS A 1060 -21.98 67.97 38.21
CA LYS A 1060 -21.25 67.43 37.08
C LYS A 1060 -20.72 66.04 37.39
N ALA A 1061 -20.67 65.19 36.37
CA ALA A 1061 -20.18 63.82 36.50
C ALA A 1061 -18.72 63.75 36.08
N HIS A 1062 -17.85 63.38 37.02
CA HIS A 1062 -16.42 63.27 36.80
C HIS A 1062 -16.02 61.81 36.62
N PHE A 1063 -15.31 61.50 35.54
CA PHE A 1063 -14.91 60.12 35.32
C PHE A 1063 -13.39 60.00 35.27
N PRO A 1064 -12.84 58.87 35.74
CA PRO A 1064 -11.38 58.71 35.72
C PRO A 1064 -10.80 58.60 34.32
N ARG A 1065 -9.64 59.23 34.13
CA ARG A 1065 -8.88 59.01 32.90
C ARG A 1065 -8.19 57.65 32.94
N GLU A 1066 -7.56 57.33 34.07
CA GLU A 1066 -6.91 56.04 34.30
C GLU A 1066 -7.09 55.66 35.76
N GLY A 1067 -7.19 54.37 36.01
CA GLY A 1067 -7.30 53.90 37.38
C GLY A 1067 -8.72 53.82 37.87
N VAL A 1068 -8.85 53.63 39.18
CA VAL A 1068 -10.13 53.44 39.85
C VAL A 1068 -10.21 54.40 41.03
N PHE A 1069 -11.44 54.65 41.47
CA PHE A 1069 -11.65 55.39 42.71
C PHE A 1069 -11.66 54.43 43.89
N VAL A 1070 -10.97 54.81 44.97
CA VAL A 1070 -10.90 54.00 46.17
C VAL A 1070 -11.20 54.86 47.39
N SER A 1071 -11.63 54.20 48.46
CA SER A 1071 -11.88 54.85 49.74
C SER A 1071 -11.30 53.98 50.86
N ASN A 1072 -10.60 54.62 51.80
CA ASN A 1072 -10.08 53.94 52.97
C ASN A 1072 -11.06 53.95 54.13
N GLY A 1073 -12.30 54.36 53.90
CA GLY A 1073 -13.34 54.41 54.90
C GLY A 1073 -13.78 55.80 55.29
N THR A 1074 -12.96 56.83 55.06
CA THR A 1074 -13.38 58.19 55.36
C THR A 1074 -13.17 59.13 54.17
N HIS A 1075 -12.16 58.86 53.36
CA HIS A 1075 -11.81 59.71 52.24
C HIS A 1075 -11.63 58.89 50.97
N TRP A 1076 -11.99 59.48 49.84
CA TRP A 1076 -11.86 58.85 48.53
C TRP A 1076 -10.55 59.25 47.88
N PHE A 1077 -9.89 58.28 47.27
CA PHE A 1077 -8.63 58.50 46.58
C PHE A 1077 -8.68 57.84 45.20
N VAL A 1078 -7.78 58.28 44.33
CA VAL A 1078 -7.61 57.69 43.00
C VAL A 1078 -6.21 57.09 42.93
N THR A 1079 -6.12 55.87 42.40
CA THR A 1079 -4.86 55.17 42.30
C THR A 1079 -4.85 54.28 41.07
N GLN A 1080 -3.66 54.03 40.54
CA GLN A 1080 -3.52 53.15 39.40
C GLN A 1080 -3.97 51.74 39.76
N ARG A 1081 -4.57 51.06 38.78
CA ARG A 1081 -5.20 49.76 39.03
C ARG A 1081 -4.20 48.72 39.55
N ASN A 1082 -2.96 48.76 39.09
CA ASN A 1082 -2.02 47.68 39.36
C ASN A 1082 -1.04 47.96 40.49
N PHE A 1083 -1.22 49.05 41.25
CA PHE A 1083 -0.31 49.36 42.34
C PHE A 1083 -0.96 50.40 43.24
N TYR A 1084 -1.08 50.08 44.53
CA TYR A 1084 -1.70 51.00 45.46
C TYR A 1084 -0.76 52.19 45.69
N GLU A 1085 -1.21 53.37 45.30
CA GLU A 1085 -0.41 54.59 45.42
C GLU A 1085 -1.35 55.77 45.50
N PRO A 1086 -1.92 56.03 46.67
CA PRO A 1086 -3.03 56.98 46.77
C PRO A 1086 -2.57 58.40 46.47
N GLN A 1087 -3.33 59.10 45.64
CA GLN A 1087 -3.08 60.49 45.32
C GLN A 1087 -4.37 61.29 45.53
N ILE A 1088 -4.20 62.58 45.80
CA ILE A 1088 -5.34 63.47 45.90
C ILE A 1088 -6.01 63.60 44.55
N ILE A 1089 -7.35 63.58 44.53
CA ILE A 1089 -8.10 63.72 43.29
C ILE A 1089 -8.08 65.19 42.88
N THR A 1090 -7.60 65.46 41.67
CA THR A 1090 -7.41 66.82 41.19
C THR A 1090 -8.00 66.98 39.79
N THR A 1091 -8.03 68.23 39.34
CA THR A 1091 -8.55 68.56 38.02
C THR A 1091 -7.65 68.08 36.89
N ASP A 1092 -6.42 67.67 37.19
CA ASP A 1092 -5.50 67.18 36.18
C ASP A 1092 -5.54 65.66 36.03
N ASN A 1093 -6.33 64.97 36.84
CA ASN A 1093 -6.48 63.52 36.74
C ASN A 1093 -7.84 63.09 36.21
N THR A 1094 -8.86 63.92 36.36
CA THR A 1094 -10.22 63.58 35.99
C THR A 1094 -10.73 64.57 34.94
N PHE A 1095 -11.82 64.20 34.27
CA PHE A 1095 -12.48 65.06 33.30
C PHE A 1095 -13.99 65.05 33.53
N VAL A 1096 -14.65 66.07 33.02
CA VAL A 1096 -16.09 66.28 33.23
C VAL A 1096 -16.84 65.88 31.97
N SER A 1097 -17.89 65.07 32.15
CA SER A 1097 -18.78 64.69 31.05
C SER A 1097 -20.15 64.35 31.62
N GLY A 1098 -21.19 65.06 31.17
CA GLY A 1098 -22.53 64.80 31.64
C GLY A 1098 -22.79 65.30 33.05
N ASN A 1099 -23.78 64.69 33.71
CA ASN A 1099 -24.21 65.13 35.02
C ASN A 1099 -24.60 63.94 35.88
N CYS A 1100 -24.87 64.24 37.15
CA CYS A 1100 -25.15 63.25 38.19
C CYS A 1100 -26.48 62.50 38.02
N ASP A 1101 -27.39 62.98 37.18
CA ASP A 1101 -28.71 62.40 37.09
C ASP A 1101 -28.81 61.21 36.14
N VAL A 1102 -27.71 60.84 35.50
CA VAL A 1102 -27.72 59.75 34.52
C VAL A 1102 -27.05 58.50 35.06
N VAL A 1103 -25.91 58.65 35.74
CA VAL A 1103 -25.09 57.51 36.12
C VAL A 1103 -25.70 56.84 37.34
N ILE A 1104 -25.93 55.53 37.25
CA ILE A 1104 -26.52 54.77 38.34
C ILE A 1104 -25.44 54.46 39.36
N GLY A 1105 -25.68 54.84 40.61
CA GLY A 1105 -24.73 54.60 41.68
C GLY A 1105 -23.74 55.71 41.94
N ILE A 1106 -23.92 56.87 41.31
CA ILE A 1106 -23.02 57.99 41.51
C ILE A 1106 -23.14 58.48 42.96
N VAL A 1107 -22.01 58.86 43.55
CA VAL A 1107 -21.96 59.26 44.94
C VAL A 1107 -21.49 60.71 45.04
N ASN A 1108 -21.79 61.32 46.18
CA ASN A 1108 -21.37 62.69 46.46
C ASN A 1108 -19.97 62.74 47.08
N ASN A 1109 -19.17 63.69 46.62
CA ASN A 1109 -17.86 63.94 47.19
C ASN A 1109 -17.44 65.36 46.81
N THR A 1110 -16.14 65.64 46.95
CA THR A 1110 -15.55 66.90 46.52
C THR A 1110 -14.37 66.63 45.61
N VAL A 1111 -14.15 67.51 44.64
CA VAL A 1111 -13.04 67.42 43.70
C VAL A 1111 -12.11 68.60 43.92
N TYR A 1112 -10.85 68.31 44.22
CA TYR A 1112 -9.87 69.35 44.49
C TYR A 1112 -9.43 70.00 43.19
N ASP A 1113 -9.39 71.33 43.17
CA ASP A 1113 -8.95 72.09 42.00
C ASP A 1113 -7.60 72.72 42.30
N PRO A 1114 -6.50 72.21 41.73
CA PRO A 1114 -5.18 72.79 42.05
C PRO A 1114 -5.05 74.28 41.71
N LEU A 1115 -5.89 74.79 40.82
CA LEU A 1115 -5.81 76.21 40.45
C LEU A 1115 -6.43 77.10 41.52
N GLN A 1116 -7.46 76.61 42.21
CA GLN A 1116 -8.19 77.39 43.20
C GLN A 1116 -7.28 78.03 44.24
N PRO A 1117 -6.42 77.30 44.97
CA PRO A 1117 -5.56 77.97 45.94
C PRO A 1117 -4.56 78.91 45.29
N GLU A 1118 -4.23 78.70 44.01
CA GLU A 1118 -3.27 79.55 43.33
C GLU A 1118 -3.89 80.90 42.99
N LEU A 1119 -5.19 80.92 42.72
CA LEU A 1119 -5.88 82.20 42.50
C LEU A 1119 -6.36 82.82 43.79
N ASP A 1120 -6.62 82.01 44.81
CA ASP A 1120 -7.03 82.56 46.11
C ASP A 1120 -5.87 83.23 46.81
N SER A 1121 -4.68 82.61 46.77
CA SER A 1121 -3.50 83.18 47.40
C SER A 1121 -2.82 84.19 46.49
N ALA B 1 47.15 7.83 -26.50
CA ALA B 1 46.68 8.91 -25.62
C ALA B 1 45.17 9.03 -25.69
N TYR B 2 44.56 9.42 -24.57
CA TYR B 2 43.11 9.61 -24.53
C TYR B 2 42.73 10.85 -25.33
N THR B 3 42.57 10.69 -26.64
CA THR B 3 42.07 11.77 -27.47
C THR B 3 40.61 12.10 -27.11
N ASN B 4 40.11 13.16 -27.73
CA ASN B 4 38.76 13.63 -27.49
C ASN B 4 37.82 12.94 -28.47
N SER B 5 36.90 12.13 -27.95
CA SER B 5 35.94 11.47 -28.82
C SER B 5 34.88 12.42 -29.36
N PHE B 6 34.78 13.62 -28.79
CA PHE B 6 33.75 14.59 -29.16
C PHE B 6 32.37 13.94 -29.09
N THR B 7 31.67 13.91 -30.24
CA THR B 7 30.35 13.32 -30.31
C THR B 7 30.32 12.12 -31.26
N ARG B 8 31.49 11.56 -31.57
CA ARG B 8 31.55 10.42 -32.46
C ARG B 8 31.26 9.13 -31.71
N GLY B 9 30.81 8.13 -32.44
CA GLY B 9 30.56 6.82 -31.87
C GLY B 9 29.16 6.61 -31.36
N VAL B 10 28.20 7.42 -31.80
CA VAL B 10 26.80 7.31 -31.40
C VAL B 10 25.99 6.83 -32.60
N TYR B 11 25.21 5.78 -32.40
CA TYR B 11 24.34 5.23 -33.42
C TYR B 11 22.96 4.98 -32.80
N TYR B 12 21.94 4.90 -33.63
CA TYR B 12 20.62 4.58 -33.11
C TYR B 12 20.56 3.11 -32.73
N PRO B 13 20.34 2.78 -31.45
CA PRO B 13 20.38 1.38 -31.03
C PRO B 13 19.27 0.51 -31.61
N ASP B 14 18.16 1.09 -32.04
CA ASP B 14 17.05 0.30 -32.57
C ASP B 14 16.33 1.11 -33.65
N LYS B 15 15.14 0.62 -34.04
CA LYS B 15 14.37 1.20 -35.13
C LYS B 15 13.09 1.89 -34.65
N VAL B 16 13.09 2.39 -33.41
CA VAL B 16 11.92 3.06 -32.86
C VAL B 16 12.13 4.57 -32.97
N PHE B 17 11.13 5.26 -33.51
CA PHE B 17 11.19 6.70 -33.65
C PHE B 17 10.90 7.38 -32.31
N ARG B 18 11.79 8.28 -31.91
CA ARG B 18 11.63 9.09 -30.71
C ARG B 18 12.06 10.51 -31.04
N SER B 19 11.44 11.49 -30.37
CA SER B 19 11.81 12.88 -30.58
C SER B 19 11.55 13.70 -29.32
N SER B 20 12.30 14.80 -29.20
CA SER B 20 12.14 15.78 -28.13
C SER B 20 12.09 15.10 -26.77
N VAL B 21 13.05 14.23 -26.51
CA VAL B 21 13.10 13.47 -25.27
C VAL B 21 14.55 13.13 -24.96
N LEU B 22 14.86 13.10 -23.68
CA LEU B 22 16.16 12.65 -23.19
C LEU B 22 15.97 11.24 -22.65
N HIS B 23 16.58 10.26 -23.30
CA HIS B 23 16.37 8.86 -22.98
C HIS B 23 17.63 8.24 -22.38
N SER B 24 17.48 7.61 -21.22
CA SER B 24 18.57 6.92 -20.56
C SER B 24 18.50 5.45 -20.97
N THR B 25 19.55 4.96 -21.60
CA THR B 25 19.57 3.59 -22.11
C THR B 25 20.94 2.99 -21.89
N GLN B 26 20.96 1.67 -21.72
CA GLN B 26 22.20 0.92 -21.61
C GLN B 26 22.35 0.05 -22.85
N ASP B 27 23.44 0.26 -23.57
CA ASP B 27 23.71 -0.48 -24.80
C ASP B 27 25.20 -0.41 -25.08
N LEU B 28 25.62 -1.07 -26.16
CA LEU B 28 27.03 -1.15 -26.54
C LEU B 28 27.40 0.04 -27.41
N PHE B 29 27.95 1.08 -26.80
CA PHE B 29 28.38 2.29 -27.49
C PHE B 29 29.86 2.57 -27.21
N LEU B 30 30.43 3.44 -28.04
CA LEU B 30 31.82 3.86 -27.89
C LEU B 30 31.99 4.80 -26.71
N PRO B 31 32.79 4.43 -25.70
CA PRO B 31 32.98 5.31 -24.54
C PRO B 31 33.60 6.65 -24.93
N PHE B 32 33.12 7.71 -24.29
CA PHE B 32 33.68 9.03 -24.53
C PHE B 32 35.08 9.13 -23.93
N PHE B 33 35.97 9.79 -24.67
CA PHE B 33 37.36 10.01 -24.25
C PHE B 33 38.11 8.69 -24.00
N SER B 34 37.62 7.58 -24.53
CA SER B 34 38.32 6.31 -24.41
C SER B 34 39.50 6.28 -25.37
N ASN B 35 40.39 5.31 -25.13
CA ASN B 35 41.56 5.13 -26.00
C ASN B 35 41.17 4.25 -27.18
N VAL B 36 41.41 4.75 -28.38
CA VAL B 36 41.17 4.01 -29.61
C VAL B 36 42.48 3.93 -30.40
N THR B 37 42.76 2.73 -30.92
CA THR B 37 43.98 2.52 -31.67
C THR B 37 43.84 3.14 -33.05
N TRP B 38 44.86 3.87 -33.48
CA TRP B 38 44.84 4.57 -34.76
C TRP B 38 45.63 3.75 -35.76
N PHE B 39 44.96 3.30 -36.81
CA PHE B 39 45.53 2.41 -37.81
C PHE B 39 45.79 3.16 -39.11
N HIS B 40 46.78 2.70 -39.86
CA HIS B 40 47.19 3.33 -41.11
C HIS B 40 47.12 2.32 -42.24
N ALA B 41 46.95 2.84 -43.46
CA ALA B 41 46.90 2.04 -44.68
C ALA B 41 47.80 2.64 -45.75
N ILE B 42 49.06 2.86 -45.39
CA ILE B 42 50.04 3.47 -46.30
C ILE B 42 51.28 2.59 -46.33
N HIS B 43 52.07 2.77 -47.40
CA HIS B 43 53.34 2.06 -47.59
C HIS B 43 53.20 0.55 -47.40
N ASP B 54 50.19 -1.48 -40.04
CA ASP B 54 49.58 -1.72 -38.73
C ASP B 54 48.15 -2.26 -38.88
N ASN B 55 48.05 -3.55 -39.21
CA ASN B 55 46.76 -4.22 -39.41
C ASN B 55 46.69 -5.51 -38.59
N PRO B 56 46.80 -5.42 -37.26
CA PRO B 56 46.77 -6.63 -36.44
C PRO B 56 45.39 -7.25 -36.37
N VAL B 57 45.37 -8.47 -35.82
CA VAL B 57 44.13 -9.19 -35.54
C VAL B 57 43.65 -8.80 -34.15
N LEU B 58 42.41 -8.34 -34.04
CA LEU B 58 41.94 -7.89 -32.73
C LEU B 58 40.86 -8.82 -32.19
N PRO B 59 40.73 -8.89 -30.86
CA PRO B 59 39.58 -9.56 -30.26
C PRO B 59 38.29 -8.86 -30.64
N PHE B 60 37.18 -9.59 -30.66
CA PHE B 60 35.85 -9.01 -30.92
C PHE B 60 35.06 -8.66 -29.67
N ASN B 61 35.32 -9.32 -28.54
CA ASN B 61 34.61 -9.15 -27.27
C ASN B 61 33.11 -9.38 -27.49
N ASP B 62 32.23 -8.44 -27.09
CA ASP B 62 30.79 -8.61 -27.20
C ASP B 62 30.14 -7.81 -28.32
N GLY B 63 30.91 -7.24 -29.23
CA GLY B 63 30.36 -6.42 -30.30
C GLY B 63 31.31 -5.27 -30.51
N VAL B 64 31.41 -4.81 -31.75
CA VAL B 64 32.39 -3.79 -32.10
C VAL B 64 31.73 -2.64 -32.83
N TYR B 65 32.12 -1.42 -32.46
CA TYR B 65 31.80 -0.24 -33.24
C TYR B 65 32.94 0.02 -34.20
N PHE B 66 32.61 0.35 -35.44
CA PHE B 66 33.63 0.57 -36.46
C PHE B 66 33.45 1.96 -37.05
N ALA B 67 34.57 2.64 -37.26
CA ALA B 67 34.56 3.93 -37.92
C ALA B 67 35.81 4.05 -38.77
N SER B 68 35.68 4.76 -39.88
CA SER B 68 36.82 4.95 -40.76
C SER B 68 36.70 6.30 -41.46
N THR B 69 37.84 6.83 -41.87
CA THR B 69 37.92 8.04 -42.67
C THR B 69 38.43 7.62 -44.04
N GLU B 70 37.75 8.06 -45.09
CA GLU B 70 38.02 7.51 -46.40
C GLU B 70 38.18 8.60 -47.45
N LYS B 71 38.93 8.25 -48.50
CA LYS B 71 39.04 9.06 -49.70
C LYS B 71 38.96 8.26 -51.00
N SER B 72 39.16 6.94 -50.97
CA SER B 72 39.19 6.16 -52.21
C SER B 72 38.54 4.78 -52.08
N ASN B 73 37.69 4.58 -51.07
CA ASN B 73 36.99 3.30 -50.87
C ASN B 73 37.95 2.13 -50.75
N ILE B 74 38.93 2.26 -49.85
CA ILE B 74 39.90 1.20 -49.63
C ILE B 74 39.27 0.02 -48.90
N ILE B 75 38.45 0.30 -47.89
CA ILE B 75 37.88 -0.74 -47.03
C ILE B 75 36.67 -1.36 -47.73
N ARG B 76 36.75 -2.66 -48.02
CA ARG B 76 35.67 -3.34 -48.71
C ARG B 76 35.13 -4.57 -47.99
N GLY B 77 35.71 -4.97 -46.86
CA GLY B 77 35.14 -6.13 -46.17
C GLY B 77 35.78 -6.37 -44.82
N TRP B 78 35.21 -7.36 -44.13
CA TRP B 78 35.64 -7.73 -42.78
C TRP B 78 35.53 -9.25 -42.62
N ILE B 79 36.34 -9.80 -41.72
CA ILE B 79 36.29 -11.19 -41.33
C ILE B 79 36.10 -11.27 -39.82
N PHE B 80 35.12 -12.07 -39.38
CA PHE B 80 34.78 -12.22 -37.98
C PHE B 80 34.87 -13.69 -37.57
N GLY B 81 35.41 -13.96 -36.39
CA GLY B 81 35.50 -15.32 -35.92
C GLY B 81 36.21 -15.41 -34.58
N THR B 82 36.76 -16.58 -34.27
CA THR B 82 37.46 -16.77 -33.00
C THR B 82 38.95 -17.03 -33.14
N THR B 83 39.35 -17.89 -34.09
CA THR B 83 40.75 -18.23 -34.26
C THR B 83 41.33 -17.83 -35.61
N LEU B 84 40.48 -17.60 -36.62
CA LEU B 84 40.93 -17.17 -37.95
C LEU B 84 41.95 -18.15 -38.53
N ASP B 85 41.73 -19.45 -38.33
CA ASP B 85 42.69 -20.45 -38.79
C ASP B 85 42.00 -21.67 -39.38
N SER B 86 40.78 -21.51 -39.91
CA SER B 86 39.99 -22.55 -40.54
C SER B 86 39.44 -23.58 -39.56
N LYS B 87 39.62 -23.38 -38.25
CA LYS B 87 39.13 -24.34 -37.27
C LYS B 87 37.70 -24.09 -36.82
N THR B 88 37.17 -22.90 -37.06
CA THR B 88 35.82 -22.57 -36.62
C THR B 88 35.07 -21.83 -37.73
N GLN B 89 33.79 -21.59 -37.49
CA GLN B 89 32.96 -20.84 -38.41
C GLN B 89 33.29 -19.37 -38.31
N SER B 90 33.36 -18.69 -39.46
CA SER B 90 33.80 -17.31 -39.50
C SER B 90 32.90 -16.47 -40.37
N LEU B 91 32.35 -15.40 -39.79
CA LEU B 91 31.50 -14.47 -40.52
C LEU B 91 32.32 -13.66 -41.52
N LEU B 92 31.84 -13.57 -42.75
CA LEU B 92 32.50 -12.78 -43.78
C LEU B 92 31.52 -11.75 -44.33
N ILE B 93 31.89 -10.48 -44.22
CA ILE B 93 31.10 -9.37 -44.75
C ILE B 93 31.99 -8.62 -45.74
N VAL B 94 31.51 -8.47 -46.97
CA VAL B 94 32.24 -7.76 -48.01
C VAL B 94 31.32 -6.73 -48.64
N ASN B 95 31.79 -5.48 -48.74
CA ASN B 95 31.06 -4.40 -49.39
C ASN B 95 31.91 -3.86 -50.54
N ASN B 96 31.66 -4.36 -51.75
CA ASN B 96 32.42 -3.97 -52.94
C ASN B 96 31.49 -3.16 -53.85
N ALA B 97 31.86 -1.90 -54.10
CA ALA B 97 31.06 -0.97 -54.91
C ALA B 97 29.68 -0.90 -54.27
N THR B 98 28.60 -1.05 -55.02
CA THR B 98 27.25 -1.08 -54.46
C THR B 98 26.63 -2.47 -54.54
N ASN B 99 27.34 -3.44 -55.09
CA ASN B 99 26.83 -4.80 -55.30
C ASN B 99 27.18 -5.68 -54.10
N VAL B 100 26.72 -5.24 -52.93
CA VAL B 100 26.93 -5.92 -51.65
C VAL B 100 26.73 -7.42 -51.77
N VAL B 101 27.73 -8.18 -51.36
CA VAL B 101 27.72 -9.64 -51.38
C VAL B 101 28.00 -10.13 -49.97
N ILE B 102 27.16 -11.03 -49.46
CA ILE B 102 27.32 -11.61 -48.14
C ILE B 102 27.49 -13.11 -48.28
N LYS B 103 28.62 -13.62 -47.80
CA LYS B 103 28.94 -15.04 -47.83
C LYS B 103 29.60 -15.43 -46.52
N VAL B 104 29.45 -16.70 -46.15
CA VAL B 104 30.14 -17.21 -44.97
C VAL B 104 30.96 -18.42 -45.38
N CYS B 105 31.47 -18.41 -46.60
CA CYS B 105 32.19 -19.54 -47.15
C CYS B 105 33.59 -19.66 -46.55
N GLU B 106 34.19 -20.83 -46.72
CA GLU B 106 35.53 -21.13 -46.24
C GLU B 106 36.57 -20.70 -47.27
N PHE B 107 36.71 -19.38 -47.41
CA PHE B 107 37.63 -18.83 -48.40
C PHE B 107 39.08 -19.06 -47.98
N GLN B 108 39.94 -19.33 -48.97
CA GLN B 108 41.37 -19.48 -48.73
C GLN B 108 42.05 -18.12 -48.86
N PHE B 109 42.43 -17.54 -47.71
CA PHE B 109 43.10 -16.25 -47.67
C PHE B 109 44.61 -16.43 -47.67
N CYS B 110 45.31 -15.38 -48.10
CA CYS B 110 46.77 -15.40 -48.13
C CYS B 110 47.33 -15.45 -46.72
N ASN B 111 48.64 -15.76 -46.63
CA ASN B 111 49.31 -15.78 -45.33
C ASN B 111 49.22 -14.44 -44.64
N ASP B 112 49.25 -13.35 -45.40
CA ASP B 112 49.06 -12.00 -44.88
C ASP B 112 48.19 -11.28 -45.89
N PRO B 113 46.87 -11.39 -45.77
CA PRO B 113 45.98 -10.84 -46.81
C PRO B 113 46.11 -9.33 -46.94
N PHE B 114 46.30 -8.88 -48.17
CA PHE B 114 46.29 -7.47 -48.54
C PHE B 114 46.19 -7.40 -50.05
N LEU B 115 45.90 -6.21 -50.55
CA LEU B 115 45.95 -5.93 -51.99
C LEU B 115 47.04 -4.90 -52.22
N GLY B 116 47.85 -5.13 -53.25
CA GLY B 116 49.02 -4.29 -53.47
C GLY B 116 48.71 -3.01 -54.20
N VAL B 117 49.61 -2.04 -54.02
CA VAL B 117 49.58 -0.73 -54.66
C VAL B 117 48.28 0.01 -54.37
N ASN B 139 31.05 -24.67 -46.53
CA ASN B 139 30.16 -24.38 -45.41
C ASN B 139 29.49 -23.02 -45.59
N CYS B 140 28.91 -22.83 -46.77
CA CYS B 140 28.21 -21.59 -47.09
C CYS B 140 26.75 -21.72 -46.67
N THR B 141 26.22 -20.68 -46.02
CA THR B 141 24.81 -20.67 -45.63
C THR B 141 24.01 -19.56 -46.27
N PHE B 142 24.65 -18.66 -47.03
CA PHE B 142 23.95 -17.55 -47.64
C PHE B 142 24.83 -16.94 -48.72
N GLU B 143 24.21 -16.57 -49.84
CA GLU B 143 24.91 -15.85 -50.89
C GLU B 143 23.92 -14.92 -51.58
N TYR B 144 24.37 -13.69 -51.85
CA TYR B 144 23.59 -12.72 -52.60
C TYR B 144 24.52 -11.91 -53.49
N VAL B 145 24.11 -11.70 -54.73
CA VAL B 145 24.83 -10.85 -55.68
C VAL B 145 23.84 -9.90 -56.33
N SER B 146 24.19 -8.61 -56.34
CA SER B 146 23.37 -7.61 -57.01
C SER B 146 23.61 -7.62 -58.52
N PHE B 160 41.09 13.49 -45.26
CA PHE B 160 40.18 12.52 -45.83
C PHE B 160 38.87 13.20 -46.25
N LYS B 161 38.14 12.58 -47.16
CA LYS B 161 36.95 13.20 -47.74
C LYS B 161 35.64 12.55 -47.33
N ASN B 162 35.65 11.28 -46.93
CA ASN B 162 34.41 10.54 -46.66
C ASN B 162 34.54 9.77 -45.34
N LEU B 163 33.57 9.98 -44.45
CA LEU B 163 33.49 9.23 -43.21
C LEU B 163 32.42 8.16 -43.39
N ARG B 164 32.82 6.89 -43.27
CA ARG B 164 31.93 5.76 -43.47
C ARG B 164 31.99 4.89 -42.22
N GLU B 165 30.97 5.00 -41.37
CA GLU B 165 30.92 4.33 -40.08
C GLU B 165 29.95 3.15 -40.11
N PHE B 166 30.29 2.09 -39.38
CA PHE B 166 29.48 0.89 -39.30
C PHE B 166 29.36 0.45 -37.84
N VAL B 167 28.30 -0.30 -37.55
CA VAL B 167 28.14 -0.95 -36.26
C VAL B 167 27.94 -2.43 -36.49
N PHE B 168 28.73 -3.26 -35.81
CA PHE B 168 28.66 -4.70 -35.92
C PHE B 168 28.43 -5.26 -34.52
N LYS B 169 27.26 -5.85 -34.29
CA LYS B 169 26.98 -6.46 -32.99
C LYS B 169 26.22 -7.75 -33.19
N ASN B 170 26.42 -8.69 -32.27
CA ASN B 170 25.75 -9.98 -32.26
C ASN B 170 25.00 -10.12 -30.95
N ILE B 171 23.68 -10.10 -31.00
CA ILE B 171 22.83 -10.22 -29.82
C ILE B 171 21.95 -11.44 -29.99
N ASP B 172 22.15 -12.43 -29.11
CA ASP B 172 21.36 -13.67 -29.10
C ASP B 172 21.31 -14.32 -30.47
N GLY B 173 22.44 -14.30 -31.19
CA GLY B 173 22.55 -14.93 -32.48
C GLY B 173 22.18 -14.06 -33.66
N TYR B 174 21.68 -12.85 -33.44
CA TYR B 174 21.32 -11.95 -34.51
C TYR B 174 22.41 -10.90 -34.69
N PHE B 175 23.00 -10.87 -35.87
CA PHE B 175 24.08 -9.93 -36.17
C PHE B 175 23.49 -8.69 -36.83
N LYS B 176 23.43 -7.59 -36.08
CA LYS B 176 22.76 -6.37 -36.52
C LYS B 176 23.81 -5.40 -37.05
N ILE B 177 23.59 -4.88 -38.25
CA ILE B 177 24.54 -4.00 -38.93
C ILE B 177 23.90 -2.63 -39.07
N TYR B 178 24.57 -1.61 -38.55
CA TYR B 178 24.15 -0.22 -38.67
C TYR B 178 25.26 0.54 -39.41
N SER B 179 24.87 1.57 -40.16
CA SER B 179 25.87 2.35 -40.87
C SER B 179 25.32 3.71 -41.27
N LYS B 180 26.24 4.64 -41.54
CA LYS B 180 25.93 5.97 -42.06
C LYS B 180 27.11 6.47 -42.87
N HIS B 181 26.82 7.05 -44.04
CA HIS B 181 27.84 7.63 -44.90
C HIS B 181 27.74 9.15 -44.82
N THR B 182 28.87 9.82 -44.61
CA THR B 182 28.87 11.28 -44.55
C THR B 182 30.16 11.87 -45.10
N PRO B 183 30.08 12.99 -45.81
CA PRO B 183 31.29 13.69 -46.25
C PRO B 183 32.00 14.41 -45.12
N ILE B 184 33.33 14.43 -45.19
CA ILE B 184 34.18 15.18 -44.27
C ILE B 184 35.21 15.94 -45.08
N ASN B 185 35.81 16.98 -44.46
CA ASN B 185 36.88 17.75 -45.12
C ASN B 185 38.02 18.06 -44.14
N LEU B 186 38.87 17.07 -43.89
CA LEU B 186 40.00 17.27 -42.99
C LEU B 186 41.00 16.13 -43.15
N VAL B 187 42.27 16.45 -43.36
CA VAL B 187 43.31 15.45 -43.57
C VAL B 187 44.17 15.26 -42.33
N ARG B 188 44.41 16.31 -41.57
CA ARG B 188 45.38 16.24 -40.46
C ARG B 188 44.90 15.30 -39.37
N ASP B 189 43.61 15.33 -39.04
CA ASP B 189 43.10 14.62 -37.88
C ASP B 189 41.63 14.32 -38.11
N LEU B 190 40.98 13.75 -37.10
CA LEU B 190 39.56 13.49 -37.19
C LEU B 190 38.79 14.81 -37.31
N PRO B 191 37.89 14.94 -38.29
CA PRO B 191 37.02 16.12 -38.35
C PRO B 191 36.10 16.19 -37.14
N GLN B 192 35.81 17.41 -36.71
CA GLN B 192 34.86 17.64 -35.63
C GLN B 192 33.46 17.75 -36.22
N GLY B 193 32.52 17.08 -35.57
CA GLY B 193 31.14 17.08 -36.01
C GLY B 193 30.45 15.82 -35.56
N PHE B 194 29.19 15.69 -35.97
CA PHE B 194 28.37 14.55 -35.60
C PHE B 194 27.69 13.95 -36.82
N SER B 195 27.60 12.62 -36.83
CA SER B 195 26.82 11.90 -37.83
C SER B 195 26.30 10.62 -37.19
N ALA B 196 24.98 10.45 -37.18
CA ALA B 196 24.34 9.30 -36.56
C ALA B 196 24.17 8.17 -37.56
N LEU B 197 24.29 6.93 -37.07
CA LEU B 197 24.18 5.74 -37.90
C LEU B 197 22.79 5.12 -37.74
N GLU B 198 22.08 4.99 -38.87
CA GLU B 198 20.80 4.30 -38.94
C GLU B 198 21.01 2.80 -39.13
N PRO B 199 20.08 1.98 -38.65
CA PRO B 199 20.14 0.55 -38.98
C PRO B 199 19.77 0.29 -40.43
N LEU B 200 20.49 -0.64 -41.05
CA LEU B 200 20.16 -1.06 -42.42
C LEU B 200 20.01 -2.56 -42.57
N VAL B 201 20.88 -3.35 -41.94
CA VAL B 201 20.96 -4.79 -42.20
C VAL B 201 21.01 -5.54 -40.88
N ASP B 202 20.40 -6.73 -40.86
CA ASP B 202 20.42 -7.61 -39.70
C ASP B 202 20.60 -9.03 -40.21
N LEU B 203 21.79 -9.61 -40.02
CA LEU B 203 22.09 -10.93 -40.54
C LEU B 203 21.98 -11.97 -39.43
N PRO B 204 21.08 -12.95 -39.56
CA PRO B 204 20.87 -13.97 -38.52
C PRO B 204 21.91 -15.09 -38.56
N ILE B 205 23.17 -14.74 -38.29
CA ILE B 205 24.25 -15.72 -38.47
C ILE B 205 24.35 -16.66 -37.28
N GLY B 206 24.12 -16.17 -36.06
CA GLY B 206 24.20 -17.05 -34.90
C GLY B 206 25.61 -17.51 -34.60
N ILE B 207 26.62 -16.73 -34.98
CA ILE B 207 28.02 -17.13 -34.85
C ILE B 207 28.64 -16.50 -33.61
N ASN B 208 29.37 -17.32 -32.85
CA ASN B 208 30.14 -16.91 -31.68
C ASN B 208 31.44 -16.29 -32.17
N ILE B 209 31.50 -14.96 -32.15
CA ILE B 209 32.61 -14.18 -32.69
C ILE B 209 33.38 -13.58 -31.53
N THR B 210 34.70 -13.86 -31.48
CA THR B 210 35.56 -13.35 -30.42
C THR B 210 36.73 -12.53 -30.94
N ARG B 211 37.11 -12.67 -32.21
CA ARG B 211 38.17 -11.87 -32.82
C ARG B 211 37.75 -11.52 -34.25
N PHE B 212 38.26 -10.40 -34.76
CA PHE B 212 38.00 -10.10 -36.17
C PHE B 212 39.13 -9.26 -36.74
N GLN B 213 39.18 -9.23 -38.07
CA GLN B 213 40.16 -8.44 -38.81
C GLN B 213 39.50 -7.89 -40.06
N THR B 214 40.01 -6.77 -40.54
CA THR B 214 39.52 -6.15 -41.78
C THR B 214 40.43 -6.51 -42.95
N LEU B 215 39.92 -6.24 -44.15
CA LEU B 215 40.63 -6.49 -45.40
C LEU B 215 40.62 -5.21 -46.22
N LEU B 216 41.79 -4.73 -46.62
CA LEU B 216 41.89 -3.47 -47.33
C LEU B 216 42.17 -3.72 -48.81
N ALA B 217 41.44 -3.04 -49.67
CA ALA B 217 41.63 -3.07 -51.12
C ALA B 217 42.35 -1.80 -51.57
N LEU B 218 43.55 -1.94 -52.13
CA LEU B 218 44.32 -0.80 -52.61
C LEU B 218 44.33 -0.82 -54.14
N HIS B 219 44.07 0.33 -54.73
CA HIS B 219 44.01 0.52 -56.19
C HIS B 219 45.08 -0.25 -56.97
N ALA B 237 44.26 5.74 -45.86
CA ALA B 237 42.92 5.37 -45.42
C ALA B 237 42.94 4.79 -44.01
N ALA B 238 42.94 5.67 -43.01
CA ALA B 238 42.91 5.24 -41.63
C ALA B 238 41.52 4.72 -41.27
N TYR B 239 41.49 3.81 -40.29
CA TYR B 239 40.21 3.30 -39.80
C TYR B 239 40.32 3.03 -38.30
N TYR B 240 39.16 2.95 -37.66
CA TYR B 240 39.05 2.78 -36.22
C TYR B 240 38.17 1.58 -35.93
N VAL B 241 38.59 0.77 -34.97
CA VAL B 241 37.81 -0.42 -34.59
C VAL B 241 37.40 -0.32 -33.13
N GLY B 242 37.14 0.89 -32.65
CA GLY B 242 36.99 1.18 -31.23
C GLY B 242 35.89 0.35 -30.59
N TYR B 243 36.17 -0.29 -29.45
CA TYR B 243 35.22 -1.25 -28.89
C TYR B 243 34.22 -0.60 -27.95
N LEU B 244 33.23 -1.40 -27.58
CA LEU B 244 32.10 -0.89 -26.84
C LEU B 244 32.24 -1.25 -25.36
N GLN B 245 31.32 -0.73 -24.54
CA GLN B 245 31.29 -0.98 -23.11
C GLN B 245 29.85 -0.92 -22.67
N PRO B 246 29.49 -1.59 -21.56
CA PRO B 246 28.10 -1.50 -21.09
C PRO B 246 27.88 -0.14 -20.43
N ARG B 247 28.06 0.93 -21.20
CA ARG B 247 27.89 2.29 -20.72
C ARG B 247 26.46 2.78 -20.92
N THR B 248 26.07 3.73 -20.07
CA THR B 248 24.75 4.36 -20.11
C THR B 248 24.80 5.65 -20.92
N PHE B 249 23.83 5.83 -21.81
CA PHE B 249 23.68 7.05 -22.60
C PHE B 249 22.38 7.78 -22.30
N LEU B 250 22.48 9.10 -22.21
CA LEU B 250 21.33 9.99 -22.24
C LEU B 250 21.33 10.60 -23.64
N LEU B 251 20.32 10.28 -24.43
CA LEU B 251 20.28 10.67 -25.84
C LEU B 251 19.34 11.84 -26.04
N LYS B 252 19.84 12.90 -26.70
CA LYS B 252 19.05 14.08 -26.98
C LYS B 252 18.57 14.00 -28.43
N TYR B 253 17.26 13.83 -28.61
CA TYR B 253 16.65 13.76 -29.93
C TYR B 253 16.06 15.12 -30.29
N ASN B 254 16.44 15.63 -31.45
CA ASN B 254 15.94 16.91 -31.92
C ASN B 254 14.58 16.71 -32.61
N GLU B 255 14.08 17.77 -33.26
CA GLU B 255 12.79 17.68 -33.93
C GLU B 255 12.82 16.67 -35.07
N ASN B 256 14.00 16.32 -35.57
CA ASN B 256 14.15 15.36 -36.66
C ASN B 256 14.46 13.96 -36.16
N GLY B 257 14.47 13.74 -34.84
CA GLY B 257 14.81 12.45 -34.30
C GLY B 257 16.29 12.12 -34.31
N THR B 258 17.14 13.14 -34.37
CA THR B 258 18.59 12.95 -34.42
C THR B 258 19.20 13.13 -33.04
N ILE B 259 20.09 12.22 -32.67
CA ILE B 259 20.83 12.31 -31.41
C ILE B 259 21.91 13.38 -31.57
N THR B 260 21.92 14.37 -30.67
CA THR B 260 22.85 15.49 -30.81
C THR B 260 23.97 15.52 -29.79
N ASP B 261 23.83 14.87 -28.64
CA ASP B 261 24.90 14.86 -27.64
C ASP B 261 24.77 13.59 -26.79
N ALA B 262 25.70 13.44 -25.84
CA ALA B 262 25.71 12.31 -24.94
C ALA B 262 26.56 12.63 -23.72
N VAL B 263 26.21 11.99 -22.59
CA VAL B 263 26.95 12.14 -21.34
C VAL B 263 27.45 10.76 -20.91
N ASP B 264 28.76 10.66 -20.66
CA ASP B 264 29.37 9.43 -20.14
C ASP B 264 29.28 9.45 -18.62
N CYS B 265 28.39 8.61 -18.06
CA CYS B 265 28.08 8.68 -16.65
C CYS B 265 29.25 8.30 -15.74
N ALA B 266 30.32 7.73 -16.28
CA ALA B 266 31.47 7.34 -15.47
C ALA B 266 32.75 8.07 -15.85
N LEU B 267 32.67 9.15 -16.63
CA LEU B 267 33.86 9.87 -17.03
C LEU B 267 34.51 10.60 -15.86
N ASP B 268 33.69 11.24 -15.01
CA ASP B 268 34.18 12.09 -13.93
C ASP B 268 33.00 12.51 -13.06
N PRO B 269 33.24 13.06 -11.86
CA PRO B 269 32.12 13.49 -11.02
C PRO B 269 31.17 14.46 -11.69
N LEU B 270 31.65 15.35 -12.55
CA LEU B 270 30.74 16.28 -13.22
C LEU B 270 29.82 15.56 -14.20
N SER B 271 30.37 14.61 -14.97
CA SER B 271 29.53 13.87 -15.91
C SER B 271 28.54 12.95 -15.20
N GLU B 272 28.97 12.31 -14.11
CA GLU B 272 28.01 11.50 -13.35
C GLU B 272 26.93 12.38 -12.74
N THR B 273 27.29 13.59 -12.29
CA THR B 273 26.26 14.51 -11.79
C THR B 273 25.28 14.88 -12.89
N LYS B 274 25.80 15.15 -14.09
CA LYS B 274 24.94 15.44 -15.23
C LYS B 274 23.96 14.32 -15.48
N CYS B 275 24.43 13.07 -15.38
CA CYS B 275 23.52 11.93 -15.52
C CYS B 275 22.51 11.90 -14.38
N THR B 276 22.96 12.20 -13.16
CA THR B 276 22.07 12.18 -12.00
C THR B 276 20.91 13.15 -12.14
N LEU B 277 21.17 14.34 -12.66
CA LEU B 277 20.13 15.36 -12.74
C LEU B 277 19.28 15.24 -14.00
N LYS B 278 19.60 14.30 -14.89
CA LYS B 278 18.87 14.08 -16.14
C LYS B 278 18.69 15.39 -16.91
N SER B 279 19.78 16.15 -17.01
CA SER B 279 19.77 17.41 -17.73
C SER B 279 21.18 17.71 -18.20
N PHE B 280 21.27 18.51 -19.26
CA PHE B 280 22.55 18.94 -19.79
C PHE B 280 23.02 20.26 -19.20
N THR B 281 22.23 20.85 -18.32
CA THR B 281 22.59 22.07 -17.61
C THR B 281 22.51 21.80 -16.11
N VAL B 282 23.55 22.19 -15.38
CA VAL B 282 23.62 21.99 -13.94
C VAL B 282 23.67 23.35 -13.26
N GLU B 283 22.71 23.62 -12.38
CA GLU B 283 22.67 24.87 -11.64
C GLU B 283 23.76 24.92 -10.58
N LYS B 284 24.12 26.15 -10.20
CA LYS B 284 25.12 26.38 -9.17
C LYS B 284 24.66 25.77 -7.84
N GLY B 285 25.56 25.03 -7.19
CA GLY B 285 25.26 24.42 -5.92
C GLY B 285 26.08 23.17 -5.70
N ILE B 286 25.74 22.45 -4.62
CA ILE B 286 26.39 21.21 -4.24
C ILE B 286 25.37 20.09 -4.31
N TYR B 287 25.74 18.99 -4.97
CA TYR B 287 24.86 17.85 -5.17
C TYR B 287 25.49 16.59 -4.60
N GLN B 288 24.66 15.73 -4.01
CA GLN B 288 25.10 14.42 -3.56
C GLN B 288 24.79 13.43 -4.67
N THR B 289 25.83 12.84 -5.25
CA THR B 289 25.65 12.11 -6.49
C THR B 289 25.97 10.62 -6.45
N SER B 290 26.85 10.16 -5.57
CA SER B 290 27.25 8.76 -5.65
C SER B 290 27.78 8.31 -4.29
N ASN B 291 28.39 7.12 -4.27
CA ASN B 291 28.94 6.52 -3.06
C ASN B 291 30.27 5.84 -3.36
N PHE B 292 31.28 6.14 -2.54
CA PHE B 292 32.59 5.53 -2.70
C PHE B 292 32.60 4.13 -2.07
N ARG B 293 33.12 3.15 -2.81
CA ARG B 293 33.24 1.78 -2.33
C ARG B 293 34.56 1.17 -2.81
N VAL B 294 35.36 0.70 -1.86
CA VAL B 294 36.60 -0.01 -2.20
C VAL B 294 36.26 -1.41 -2.70
N GLN B 295 36.91 -1.83 -3.81
CA GLN B 295 36.62 -3.14 -4.39
C GLN B 295 37.56 -4.21 -3.83
N PRO B 296 37.10 -5.46 -3.79
CA PRO B 296 37.97 -6.56 -3.36
C PRO B 296 39.04 -6.87 -4.41
N THR B 297 40.16 -7.40 -3.93
CA THR B 297 41.30 -7.74 -4.79
C THR B 297 41.39 -9.22 -5.14
N GLU B 298 41.07 -10.13 -4.21
CA GLU B 298 41.21 -11.55 -4.45
C GLU B 298 40.18 -12.31 -3.64
N SER B 299 39.91 -13.55 -4.03
CA SER B 299 38.99 -14.42 -3.32
C SER B 299 39.73 -15.39 -2.39
N ILE B 300 39.08 -15.73 -1.27
CA ILE B 300 39.56 -16.70 -0.30
C ILE B 300 38.49 -17.77 -0.10
N VAL B 301 38.84 -19.02 -0.37
CA VAL B 301 37.95 -20.16 -0.22
C VAL B 301 38.50 -21.05 0.88
N ARG B 302 37.71 -21.28 1.94
CA ARG B 302 38.14 -22.05 3.10
C ARG B 302 37.15 -23.17 3.41
N PHE B 303 37.67 -24.39 3.53
CA PHE B 303 36.92 -25.56 3.97
C PHE B 303 37.80 -26.45 4.83
N PRO B 304 37.21 -27.24 5.73
CA PRO B 304 38.00 -28.21 6.51
C PRO B 304 38.79 -29.15 5.62
N ASN B 305 40.05 -29.42 6.01
CA ASN B 305 40.91 -30.24 5.17
C ASN B 305 40.69 -31.73 5.45
N ILE B 306 39.48 -32.18 5.12
CA ILE B 306 39.08 -33.57 5.34
C ILE B 306 39.02 -34.29 3.99
N THR B 307 39.57 -35.51 3.96
CA THR B 307 39.63 -36.30 2.74
C THR B 307 38.74 -37.54 2.77
N ASN B 308 37.98 -37.73 3.84
CA ASN B 308 37.10 -38.89 3.93
C ASN B 308 35.97 -38.80 2.91
N LEU B 309 35.57 -39.93 2.35
CA LEU B 309 34.50 -39.99 1.37
C LEU B 309 33.20 -40.45 2.04
N CYS B 310 32.09 -39.87 1.60
CA CYS B 310 30.78 -40.18 2.18
C CYS B 310 30.29 -41.52 1.65
N PRO B 311 29.77 -42.41 2.51
CA PRO B 311 29.36 -43.76 2.08
C PRO B 311 28.00 -43.79 1.40
N PHE B 312 27.90 -43.10 0.26
CA PHE B 312 26.65 -43.12 -0.50
C PHE B 312 26.46 -44.45 -1.22
N GLY B 313 27.55 -45.11 -1.60
CA GLY B 313 27.45 -46.39 -2.30
C GLY B 313 26.75 -47.44 -1.46
N GLU B 314 26.93 -47.39 -0.14
CA GLU B 314 26.31 -48.37 0.75
C GLU B 314 24.82 -48.14 0.89
N VAL B 315 24.30 -47.03 0.37
CA VAL B 315 22.87 -46.74 0.39
C VAL B 315 22.25 -46.96 -0.97
N PHE B 316 22.85 -46.39 -2.03
CA PHE B 316 22.26 -46.53 -3.36
C PHE B 316 22.53 -47.89 -3.98
N ASN B 317 23.64 -48.54 -3.65
CA ASN B 317 23.99 -49.83 -4.21
C ASN B 317 23.76 -50.97 -3.22
N ALA B 318 22.86 -50.78 -2.27
CA ALA B 318 22.56 -51.82 -1.29
C ALA B 318 21.93 -53.03 -1.97
N THR B 319 22.26 -54.22 -1.47
CA THR B 319 21.67 -55.44 -2.01
C THR B 319 20.16 -55.44 -1.83
N ARG B 320 19.70 -55.04 -0.64
CA ARG B 320 18.28 -54.96 -0.33
C ARG B 320 18.00 -53.67 0.44
N PHE B 321 16.92 -52.99 0.07
CA PHE B 321 16.50 -51.78 0.77
C PHE B 321 15.62 -52.13 1.96
N ALA B 322 15.72 -51.32 3.00
CA ALA B 322 14.90 -51.48 4.19
C ALA B 322 13.50 -50.93 3.98
N SER B 323 12.56 -51.42 4.76
CA SER B 323 11.20 -50.89 4.76
C SER B 323 11.10 -49.62 5.62
N VAL B 324 10.14 -48.76 5.26
CA VAL B 324 9.91 -47.55 6.04
C VAL B 324 9.28 -47.86 7.40
N TYR B 325 8.62 -49.01 7.57
CA TYR B 325 8.09 -49.30 8.89
C TYR B 325 9.22 -49.50 9.88
N ALA B 326 10.41 -49.86 9.39
CA ALA B 326 11.61 -50.04 10.21
C ALA B 326 12.79 -49.40 9.48
N TRP B 327 12.63 -48.14 9.08
CA TRP B 327 13.65 -47.48 8.27
C TRP B 327 14.86 -47.15 9.13
N ASN B 328 16.02 -47.13 8.49
CA ASN B 328 17.24 -46.78 9.18
C ASN B 328 17.41 -45.27 9.18
N ARG B 329 18.06 -44.76 10.22
CA ARG B 329 18.34 -43.34 10.35
C ARG B 329 19.84 -43.26 10.57
N LYS B 330 20.58 -43.05 9.48
CA LYS B 330 22.03 -43.02 9.52
C LYS B 330 22.51 -41.59 9.61
N ARG B 331 23.44 -41.32 10.51
CA ARG B 331 24.05 -40.01 10.61
C ARG B 331 25.25 -40.01 9.67
N ILE B 332 25.30 -39.03 8.77
CA ILE B 332 26.41 -38.88 7.83
C ILE B 332 27.21 -37.66 8.24
N SER B 333 28.49 -37.87 8.52
CA SER B 333 29.34 -36.79 9.00
C SER B 333 30.78 -37.11 8.66
N ASN B 334 31.62 -36.07 8.74
CA ASN B 334 33.06 -36.18 8.57
C ASN B 334 33.44 -36.90 7.28
N CYS B 335 32.96 -36.37 6.16
CA CYS B 335 33.25 -36.97 4.87
C CYS B 335 33.05 -35.95 3.76
N VAL B 336 33.59 -36.27 2.59
CA VAL B 336 33.45 -35.47 1.38
C VAL B 336 32.46 -36.16 0.46
N ALA B 337 31.40 -35.45 0.07
CA ALA B 337 30.34 -36.02 -0.75
C ALA B 337 30.55 -35.57 -2.19
N ASP B 338 31.05 -36.50 -3.02
CA ASP B 338 31.31 -36.22 -4.43
C ASP B 338 30.08 -36.65 -5.23
N TYR B 339 29.30 -35.69 -5.70
CA TYR B 339 28.05 -35.96 -6.38
C TYR B 339 28.20 -36.04 -7.89
N SER B 340 29.42 -35.94 -8.41
CA SER B 340 29.61 -35.96 -9.85
C SER B 340 29.34 -37.34 -10.45
N VAL B 341 29.63 -38.42 -9.70
CA VAL B 341 29.34 -39.75 -10.21
C VAL B 341 27.83 -39.93 -10.36
N LEU B 342 27.07 -39.53 -9.34
CA LEU B 342 25.61 -39.64 -9.41
C LEU B 342 25.06 -38.70 -10.47
N TYR B 343 25.67 -37.54 -10.64
CA TYR B 343 25.20 -36.57 -11.63
C TYR B 343 25.39 -37.09 -13.05
N ASN B 344 26.55 -37.71 -13.31
CA ASN B 344 26.80 -38.26 -14.64
C ASN B 344 26.03 -39.55 -14.85
N SER B 345 25.73 -40.28 -13.78
CA SER B 345 24.96 -41.52 -13.90
C SER B 345 23.60 -41.25 -14.55
N ALA B 346 23.27 -42.06 -15.55
CA ALA B 346 22.01 -41.96 -16.27
C ALA B 346 20.91 -42.82 -15.68
N SER B 347 21.18 -43.52 -14.57
CA SER B 347 20.26 -44.51 -14.02
C SER B 347 19.02 -43.91 -13.38
N PHE B 348 18.98 -42.61 -13.10
CA PHE B 348 17.86 -42.02 -12.39
C PHE B 348 16.74 -41.67 -13.37
N SER B 349 15.50 -42.02 -13.00
CA SER B 349 14.35 -41.68 -13.83
C SER B 349 13.84 -40.27 -13.57
N THR B 350 13.93 -39.82 -12.32
CA THR B 350 13.47 -38.47 -11.98
C THR B 350 14.29 -37.93 -10.81
N PHE B 351 14.47 -36.61 -10.79
CA PHE B 351 15.19 -35.94 -9.71
C PHE B 351 14.53 -34.57 -9.47
N LYS B 352 13.50 -34.53 -8.64
CA LYS B 352 12.80 -33.28 -8.35
C LYS B 352 13.10 -32.88 -6.91
N CYS B 353 13.74 -31.73 -6.74
CA CYS B 353 14.05 -31.24 -5.41
C CYS B 353 13.20 -30.03 -5.01
N TYR B 354 12.72 -30.06 -3.77
CA TYR B 354 11.90 -29.00 -3.20
C TYR B 354 12.66 -28.12 -2.21
N GLY B 355 13.76 -28.61 -1.63
CA GLY B 355 14.51 -27.84 -0.66
C GLY B 355 15.45 -26.83 -1.27
N VAL B 356 16.49 -27.29 -1.96
CA VAL B 356 17.49 -26.40 -2.52
C VAL B 356 17.62 -26.66 -4.02
N SER B 357 18.14 -25.67 -4.71
CA SER B 357 18.33 -25.77 -6.15
C SER B 357 19.44 -26.77 -6.48
N PRO B 358 19.28 -27.55 -7.54
CA PRO B 358 20.27 -28.60 -7.85
C PRO B 358 21.67 -28.11 -8.18
N THR B 359 21.85 -26.83 -8.56
CA THR B 359 23.19 -26.33 -8.83
C THR B 359 23.88 -25.74 -7.61
N LYS B 360 23.16 -25.59 -6.50
CA LYS B 360 23.74 -25.00 -5.31
C LYS B 360 24.35 -26.05 -4.38
N LEU B 361 24.07 -27.33 -4.61
CA LEU B 361 24.59 -28.37 -3.74
C LEU B 361 26.11 -28.50 -3.81
N ASN B 362 26.73 -28.01 -4.88
CA ASN B 362 28.18 -28.08 -4.98
C ASN B 362 28.86 -27.07 -4.07
N ASP B 363 28.20 -25.94 -3.81
CA ASP B 363 28.73 -24.92 -2.91
C ASP B 363 28.15 -25.05 -1.51
N LEU B 364 26.84 -25.23 -1.40
CA LEU B 364 26.20 -25.39 -0.09
C LEU B 364 26.55 -26.75 0.49
N CYS B 365 26.60 -26.81 1.82
CA CYS B 365 26.79 -28.08 2.51
C CYS B 365 25.97 -28.09 3.80
N PHE B 366 25.80 -29.30 4.35
CA PHE B 366 24.74 -29.57 5.31
C PHE B 366 25.31 -30.08 6.63
N THR B 367 24.51 -29.91 7.69
CA THR B 367 24.89 -30.42 9.01
C THR B 367 24.74 -31.92 9.10
N ASN B 368 23.70 -32.48 8.50
CA ASN B 368 23.49 -33.92 8.52
C ASN B 368 22.65 -34.33 7.32
N VAL B 369 22.81 -35.58 6.90
CA VAL B 369 21.98 -36.18 5.86
C VAL B 369 21.42 -37.51 6.37
N TYR B 370 20.12 -37.71 6.19
CA TYR B 370 19.44 -38.92 6.59
C TYR B 370 18.79 -39.55 5.36
N ALA B 371 18.88 -40.87 5.23
CA ALA B 371 18.35 -41.58 4.08
C ALA B 371 17.15 -42.44 4.49
N ASP B 372 15.97 -42.03 4.05
CA ASP B 372 14.74 -42.77 4.32
C ASP B 372 14.49 -43.69 3.13
N SER B 373 14.58 -45.00 3.35
CA SER B 373 14.60 -45.99 2.29
C SER B 373 13.38 -46.89 2.38
N PHE B 374 12.60 -46.95 1.30
CA PHE B 374 11.44 -47.83 1.26
C PHE B 374 10.98 -48.00 -0.19
N VAL B 375 10.11 -48.99 -0.40
CA VAL B 375 9.54 -49.32 -1.70
C VAL B 375 8.09 -48.85 -1.71
N ILE B 376 7.68 -48.21 -2.81
CA ILE B 376 6.33 -47.71 -2.98
C ILE B 376 5.78 -48.18 -4.32
N ARG B 377 4.47 -47.98 -4.48
CA ARG B 377 3.81 -48.19 -5.76
C ARG B 377 3.98 -46.95 -6.62
N GLY B 378 4.13 -47.15 -7.92
CA GLY B 378 4.33 -46.04 -8.84
C GLY B 378 3.28 -44.94 -8.70
N ASP B 379 2.01 -45.34 -8.58
CA ASP B 379 0.93 -44.36 -8.46
C ASP B 379 1.02 -43.53 -7.20
N GLU B 380 1.84 -43.93 -6.24
CA GLU B 380 2.05 -43.17 -5.01
C GLU B 380 3.24 -42.22 -5.09
N VAL B 381 3.98 -42.22 -6.21
CA VAL B 381 5.11 -41.30 -6.35
C VAL B 381 4.60 -39.87 -6.27
N ARG B 382 3.49 -39.58 -6.95
CA ARG B 382 2.87 -38.27 -6.81
C ARG B 382 2.33 -38.06 -5.40
N GLN B 383 2.02 -39.15 -4.69
CA GLN B 383 1.43 -39.08 -3.37
C GLN B 383 2.46 -38.80 -2.28
N ILE B 384 3.74 -38.99 -2.57
CA ILE B 384 4.81 -38.70 -1.59
C ILE B 384 5.22 -37.26 -1.83
N ALA B 385 4.46 -36.33 -1.24
CA ALA B 385 4.64 -34.90 -1.34
C ALA B 385 3.76 -34.25 -0.27
N PRO B 386 4.12 -33.07 0.22
CA PRO B 386 3.21 -32.40 1.16
C PRO B 386 1.87 -32.07 0.50
N GLY B 387 0.80 -32.28 1.26
CA GLY B 387 -0.54 -32.04 0.77
C GLY B 387 -1.18 -33.19 0.03
N GLN B 388 -0.45 -34.28 -0.19
CA GLN B 388 -0.94 -35.44 -0.92
C GLN B 388 -1.52 -36.47 0.04
N THR B 389 -2.46 -37.26 -0.46
CA THR B 389 -3.16 -38.25 0.35
C THR B 389 -3.19 -39.60 -0.35
N GLY B 390 -3.62 -40.59 0.40
CA GLY B 390 -3.74 -41.95 -0.08
C GLY B 390 -3.60 -42.93 1.06
N LYS B 391 -3.67 -44.21 0.70
CA LYS B 391 -3.60 -45.24 1.73
C LYS B 391 -2.23 -45.26 2.40
N ILE B 392 -1.23 -44.70 1.74
CA ILE B 392 0.10 -44.55 2.31
C ILE B 392 0.31 -43.16 2.91
N ALA B 393 0.01 -42.12 2.13
CA ALA B 393 0.22 -40.75 2.60
C ALA B 393 -0.62 -40.40 3.81
N ASP B 394 -1.86 -40.90 3.88
CA ASP B 394 -2.79 -40.46 4.92
C ASP B 394 -2.85 -41.36 6.15
N TYR B 395 -2.69 -42.67 6.01
CA TYR B 395 -2.97 -43.56 7.14
C TYR B 395 -1.74 -44.02 7.90
N ASN B 396 -0.64 -44.33 7.22
CA ASN B 396 0.51 -44.91 7.89
C ASN B 396 1.83 -44.17 7.68
N TYR B 397 1.98 -43.41 6.60
CA TYR B 397 3.31 -42.90 6.20
C TYR B 397 3.10 -41.43 5.87
N LYS B 398 3.36 -40.55 6.83
CA LYS B 398 3.09 -39.12 6.69
C LYS B 398 4.40 -38.33 6.64
N LEU B 399 4.49 -37.37 5.66
CA LEU B 399 5.61 -36.44 5.67
C LEU B 399 5.19 -35.08 6.22
N PRO B 400 6.11 -34.36 6.84
CA PRO B 400 5.82 -32.97 7.25
C PRO B 400 5.52 -32.08 6.06
N ASP B 401 4.67 -31.09 6.29
CA ASP B 401 4.33 -30.12 5.24
C ASP B 401 5.38 -29.03 5.11
N ASP B 402 6.32 -28.96 6.04
CA ASP B 402 7.46 -28.04 5.98
C ASP B 402 8.77 -28.77 5.70
N PHE B 403 8.68 -30.00 5.19
CA PHE B 403 9.86 -30.81 4.92
C PHE B 403 10.85 -30.08 4.02
N THR B 404 12.12 -30.13 4.40
CA THR B 404 13.20 -29.53 3.61
C THR B 404 14.08 -30.65 3.07
N GLY B 405 14.10 -30.79 1.76
CA GLY B 405 14.91 -31.78 1.08
C GLY B 405 14.16 -32.24 -0.15
N CYS B 406 14.63 -33.35 -0.73
CA CYS B 406 13.99 -33.84 -1.93
C CYS B 406 13.87 -35.35 -1.94
N VAL B 407 12.78 -35.80 -2.55
CA VAL B 407 12.43 -37.22 -2.67
C VAL B 407 12.77 -37.70 -4.07
N ILE B 408 13.66 -38.69 -4.14
CA ILE B 408 14.20 -39.20 -5.39
C ILE B 408 13.70 -40.62 -5.57
N ALA B 409 13.19 -40.93 -6.76
CA ALA B 409 12.66 -42.27 -7.01
C ALA B 409 12.97 -42.72 -8.42
N TRP B 410 13.11 -44.03 -8.57
CA TRP B 410 13.37 -44.68 -9.84
C TRP B 410 12.78 -46.08 -9.78
N ASN B 411 12.50 -46.66 -10.94
CA ASN B 411 11.93 -47.99 -10.95
C ASN B 411 13.01 -49.03 -10.65
N SER B 412 12.58 -50.15 -10.08
CA SER B 412 13.48 -51.26 -9.79
C SER B 412 12.92 -52.57 -10.36
N ASN B 413 12.34 -52.50 -11.56
CA ASN B 413 11.68 -53.67 -12.13
C ASN B 413 12.64 -54.81 -12.42
N ASN B 414 13.93 -54.53 -12.61
CA ASN B 414 14.89 -55.57 -12.94
C ASN B 414 15.76 -55.97 -11.75
N LEU B 415 15.34 -55.64 -10.53
CA LEU B 415 16.14 -56.02 -9.37
C LEU B 415 15.26 -56.65 -8.30
N ASP B 416 14.18 -55.95 -7.92
CA ASP B 416 13.32 -56.40 -6.83
C ASP B 416 12.20 -57.32 -7.30
N SER B 417 11.69 -57.13 -8.51
CA SER B 417 10.59 -57.94 -9.00
C SER B 417 11.01 -59.39 -9.23
N LYS B 418 10.06 -60.31 -9.04
CA LYS B 418 10.31 -61.72 -9.24
C LYS B 418 9.18 -62.35 -10.07
N GLY B 421 5.05 -63.06 -7.45
CA GLY B 421 5.02 -61.68 -7.01
C GLY B 421 5.79 -61.45 -5.72
N ASN B 422 6.23 -60.21 -5.50
CA ASN B 422 6.94 -59.84 -4.28
C ASN B 422 5.90 -59.40 -3.25
N TYR B 423 5.67 -60.24 -2.24
CA TYR B 423 4.65 -59.98 -1.22
C TYR B 423 5.28 -59.65 0.13
N ASN B 424 6.53 -59.22 0.14
CA ASN B 424 7.22 -58.90 1.39
C ASN B 424 7.06 -57.44 1.78
N TYR B 425 6.32 -56.65 1.00
CA TYR B 425 6.10 -55.23 1.25
C TYR B 425 4.65 -55.04 1.65
N LEU B 426 4.42 -54.62 2.89
CA LEU B 426 3.09 -54.52 3.46
C LEU B 426 2.73 -53.06 3.67
N TYR B 427 1.44 -52.75 3.47
CA TYR B 427 0.93 -51.40 3.61
C TYR B 427 -0.31 -51.39 4.48
N ARG B 428 -0.64 -50.20 4.98
CA ARG B 428 -1.80 -50.01 5.86
C ARG B 428 -2.56 -48.75 5.45
N LYS B 436 0.82 -38.57 12.81
CA LYS B 436 1.81 -37.50 12.86
C LYS B 436 2.99 -37.81 11.93
N PRO B 437 3.72 -36.79 11.52
CA PRO B 437 4.90 -37.02 10.67
C PRO B 437 5.93 -37.94 11.30
N PHE B 438 6.44 -38.87 10.48
CA PHE B 438 7.49 -39.82 10.87
C PHE B 438 7.09 -40.71 12.05
N GLU B 439 5.80 -40.98 12.21
CA GLU B 439 5.38 -41.95 13.21
C GLU B 439 5.60 -43.37 12.69
N ARG B 440 6.11 -44.23 13.57
CA ARG B 440 6.32 -45.65 13.27
C ARG B 440 5.32 -46.45 14.09
N ASP B 441 4.19 -46.80 13.47
CA ASP B 441 3.11 -47.50 14.15
C ASP B 441 3.40 -48.99 14.10
N ILE B 442 4.24 -49.44 15.02
CA ILE B 442 4.68 -50.83 15.05
C ILE B 442 3.62 -51.71 15.70
N TYR B 463 -9.14 -59.43 11.75
CA TYR B 463 -9.00 -58.41 10.71
C TYR B 463 -7.73 -57.58 10.93
N PHE B 464 -6.72 -57.82 10.09
CA PHE B 464 -5.52 -57.04 10.33
C PHE B 464 -5.56 -55.74 9.53
N PRO B 465 -5.00 -54.66 10.06
CA PRO B 465 -4.81 -53.45 9.25
C PRO B 465 -3.74 -53.60 8.17
N LEU B 466 -2.99 -54.71 8.16
CA LEU B 466 -1.85 -54.88 7.27
C LEU B 466 -2.28 -55.49 5.95
N GLN B 467 -1.92 -54.84 4.86
CA GLN B 467 -2.20 -55.28 3.50
C GLN B 467 -0.92 -55.19 2.68
N SER B 468 -0.87 -55.92 1.57
CA SER B 468 0.35 -55.95 0.77
C SER B 468 0.01 -55.82 -0.71
N TYR B 469 1.04 -55.54 -1.50
CA TYR B 469 0.94 -55.34 -2.94
C TYR B 469 1.53 -56.54 -3.66
N GLY B 470 1.00 -56.83 -4.84
CA GLY B 470 1.63 -57.83 -5.68
C GLY B 470 2.39 -57.22 -6.84
N PHE B 471 3.70 -57.06 -6.66
CA PHE B 471 4.57 -56.45 -7.65
C PHE B 471 5.06 -57.53 -8.63
N GLN B 472 4.91 -57.26 -9.92
CA GLN B 472 5.31 -58.25 -10.91
C GLN B 472 6.29 -57.66 -11.91
N PRO B 473 7.23 -58.47 -12.40
CA PRO B 473 8.27 -57.94 -13.31
C PRO B 473 7.72 -57.45 -14.65
N THR B 474 6.50 -57.82 -15.03
CA THR B 474 5.93 -57.40 -16.30
C THR B 474 5.12 -56.13 -16.20
N ASN B 475 5.05 -55.51 -15.02
CA ASN B 475 4.31 -54.28 -14.85
C ASN B 475 5.08 -53.09 -15.40
N VAL B 477 5.03 -49.86 -16.26
CA VAL B 477 6.05 -48.99 -15.67
C VAL B 477 5.59 -48.48 -14.32
N GLY B 478 4.39 -47.88 -14.29
CA GLY B 478 3.85 -47.31 -13.06
C GLY B 478 3.43 -48.33 -12.03
N TYR B 479 3.33 -49.61 -12.40
CA TYR B 479 2.86 -50.65 -11.49
C TYR B 479 4.00 -51.50 -10.96
N GLN B 480 5.25 -51.07 -11.14
CA GLN B 480 6.53 -51.63 -10.75
C GLN B 480 6.90 -51.21 -9.32
N PRO B 481 7.69 -52.00 -8.62
CA PRO B 481 8.13 -51.60 -7.28
C PRO B 481 9.17 -50.50 -7.31
N TYR B 482 8.73 -49.26 -7.45
CA TYR B 482 9.62 -48.11 -7.38
C TYR B 482 10.39 -48.09 -6.08
N ARG B 483 11.69 -47.82 -6.18
CA ARG B 483 12.56 -47.59 -5.04
C ARG B 483 12.71 -46.08 -4.83
N VAL B 484 12.26 -45.60 -3.69
CA VAL B 484 12.28 -44.17 -3.38
C VAL B 484 13.12 -43.96 -2.12
N VAL B 485 14.02 -42.99 -2.18
CA VAL B 485 14.86 -42.61 -1.05
C VAL B 485 14.61 -41.14 -0.76
N VAL B 486 14.25 -40.85 0.48
CA VAL B 486 13.97 -39.48 0.90
C VAL B 486 15.21 -38.95 1.60
N LEU B 487 15.76 -37.85 1.08
CA LEU B 487 16.96 -37.24 1.62
C LEU B 487 16.54 -36.04 2.46
N SER B 488 16.70 -36.15 3.77
CA SER B 488 16.34 -35.07 4.70
C SER B 488 17.57 -34.25 5.03
N PHE B 489 17.50 -32.95 4.76
CA PHE B 489 18.62 -32.03 4.98
C PHE B 489 18.25 -31.05 6.09
N GLU B 490 19.14 -30.92 7.07
CA GLU B 490 18.99 -29.93 8.13
C GLU B 490 19.85 -28.72 7.79
N LEU B 491 19.20 -27.62 7.44
CA LEU B 491 19.92 -26.40 7.07
C LEU B 491 20.03 -25.43 8.22
N LEU B 492 19.70 -25.88 9.43
CA LEU B 492 19.83 -25.03 10.61
C LEU B 492 21.28 -24.64 10.81
N HIS B 493 21.49 -23.40 11.24
CA HIS B 493 22.84 -22.86 11.41
C HIS B 493 23.51 -23.60 12.57
N ALA B 494 24.42 -24.52 12.22
CA ALA B 494 25.07 -25.40 13.17
C ALA B 494 26.34 -25.92 12.52
N PRO B 495 27.24 -26.54 13.29
CA PRO B 495 28.47 -27.07 12.69
C PRO B 495 28.17 -28.04 11.55
N ALA B 496 28.86 -27.84 10.43
CA ALA B 496 28.72 -28.68 9.25
C ALA B 496 29.76 -29.78 9.26
N THR B 497 29.37 -30.95 8.76
CA THR B 497 30.30 -32.08 8.66
C THR B 497 30.41 -32.70 7.27
N VAL B 498 29.44 -32.50 6.39
CA VAL B 498 29.46 -33.08 5.05
C VAL B 498 29.44 -31.93 4.04
N CYS B 499 30.61 -31.59 3.50
CA CYS B 499 30.71 -30.48 2.56
C CYS B 499 31.27 -30.95 1.22
N GLY B 500 30.95 -30.18 0.17
CA GLY B 500 31.21 -30.59 -1.18
C GLY B 500 32.69 -30.56 -1.55
N PRO B 501 32.99 -31.03 -2.76
CA PRO B 501 34.37 -31.21 -3.27
C PRO B 501 35.02 -29.93 -3.77
N LYS B 502 35.25 -28.99 -2.87
CA LYS B 502 35.85 -27.71 -3.21
C LYS B 502 37.11 -27.51 -2.38
N LYS B 503 38.23 -27.23 -3.05
CA LYS B 503 39.52 -27.08 -2.39
C LYS B 503 39.60 -25.76 -1.64
N SER B 504 40.24 -25.78 -0.47
CA SER B 504 40.45 -24.56 0.30
C SER B 504 41.68 -23.80 -0.18
N THR B 505 41.74 -22.53 0.23
CA THR B 505 42.87 -21.64 -0.02
C THR B 505 43.37 -21.07 1.30
N ASN B 506 44.48 -20.34 1.23
CA ASN B 506 44.99 -19.64 2.40
C ASN B 506 44.15 -18.40 2.70
N LEU B 507 44.17 -17.97 3.95
CA LEU B 507 43.39 -16.81 4.39
C LEU B 507 44.30 -15.60 4.56
N VAL B 508 43.83 -14.45 4.08
CA VAL B 508 44.60 -13.20 4.09
C VAL B 508 43.97 -12.24 5.09
N LYS B 509 44.79 -11.72 5.99
CA LYS B 509 44.34 -10.83 7.05
C LYS B 509 44.42 -9.37 6.62
N ASN B 510 43.57 -8.55 7.23
CA ASN B 510 43.60 -7.09 7.09
C ASN B 510 43.39 -6.60 5.65
N LYS B 511 42.64 -7.34 4.84
CA LYS B 511 42.35 -6.89 3.48
C LYS B 511 40.89 -7.18 3.15
N CYS B 512 40.31 -6.34 2.30
CA CYS B 512 38.95 -6.54 1.85
C CYS B 512 38.90 -7.71 0.87
N VAL B 513 38.17 -8.77 1.25
CA VAL B 513 38.08 -9.99 0.46
C VAL B 513 36.63 -10.43 0.38
N ASN B 514 36.33 -11.22 -0.66
CA ASN B 514 35.05 -11.89 -0.83
C ASN B 514 35.24 -13.33 -0.35
N PHE B 515 34.70 -13.64 0.82
CA PHE B 515 34.95 -14.90 1.49
C PHE B 515 33.80 -15.89 1.31
N ASN B 516 34.12 -17.17 1.45
CA ASN B 516 33.13 -18.25 1.40
C ASN B 516 33.54 -19.29 2.43
N PHE B 517 32.86 -19.30 3.58
CA PHE B 517 33.11 -20.27 4.65
C PHE B 517 31.91 -21.20 4.76
N ASN B 518 32.06 -22.43 4.29
CA ASN B 518 31.00 -23.45 4.35
C ASN B 518 29.70 -22.94 3.73
N GLY B 519 29.81 -22.18 2.64
CA GLY B 519 28.65 -21.66 1.95
C GLY B 519 28.21 -20.27 2.36
N LEU B 520 28.76 -19.71 3.42
CA LEU B 520 28.40 -18.36 3.87
C LEU B 520 29.35 -17.37 3.20
N THR B 521 28.79 -16.45 2.41
CA THR B 521 29.57 -15.52 1.62
C THR B 521 29.37 -14.09 2.10
N GLY B 522 30.31 -13.23 1.72
CA GLY B 522 30.22 -11.82 2.02
C GLY B 522 31.53 -11.12 1.70
N THR B 523 31.52 -9.80 1.92
CA THR B 523 32.68 -8.96 1.70
C THR B 523 33.00 -8.22 2.99
N GLY B 524 34.28 -8.21 3.37
CA GLY B 524 34.68 -7.52 4.58
C GLY B 524 36.12 -7.82 4.94
N VAL B 525 36.57 -7.14 5.99
CA VAL B 525 37.91 -7.30 6.53
C VAL B 525 37.86 -8.30 7.68
N LEU B 526 38.69 -9.35 7.60
CA LEU B 526 38.76 -10.38 8.61
C LEU B 526 39.93 -10.10 9.54
N THR B 527 39.65 -9.94 10.83
CA THR B 527 40.66 -9.64 11.84
C THR B 527 40.53 -10.62 12.99
N GLU B 528 41.56 -10.63 13.84
CA GLU B 528 41.53 -11.44 15.05
C GLU B 528 40.53 -10.87 16.05
N SER B 529 40.01 -11.74 16.90
CA SER B 529 38.99 -11.35 17.88
C SER B 529 39.28 -12.02 19.21
N ASN B 530 38.64 -11.51 20.26
CA ASN B 530 38.73 -12.06 21.61
C ASN B 530 37.39 -12.61 22.09
N LYS B 531 36.55 -13.06 21.16
CA LYS B 531 35.23 -13.60 21.49
C LYS B 531 35.38 -15.09 21.79
N LYS B 532 35.16 -15.47 23.04
CA LYS B 532 35.37 -16.84 23.49
C LYS B 532 34.10 -17.64 23.18
N PHE B 533 34.06 -18.21 21.98
CA PHE B 533 32.94 -19.07 21.61
C PHE B 533 33.04 -20.39 22.37
N LEU B 534 31.89 -20.91 22.77
CA LEU B 534 31.93 -22.22 23.38
C LEU B 534 32.04 -23.26 22.27
N PRO B 535 32.66 -24.43 22.54
CA PRO B 535 32.91 -25.40 21.46
C PRO B 535 31.75 -25.80 20.55
N PHE B 536 30.49 -25.63 20.94
CA PHE B 536 29.43 -26.08 20.04
C PHE B 536 28.97 -24.99 19.08
N GLN B 537 29.41 -23.75 19.28
CA GLN B 537 28.93 -22.63 18.48
C GLN B 537 29.82 -22.38 17.27
N GLN B 538 29.19 -22.21 16.11
CA GLN B 538 29.91 -21.99 14.86
C GLN B 538 29.71 -20.61 14.27
N PHE B 539 28.52 -20.02 14.41
CA PHE B 539 28.19 -18.72 13.85
C PHE B 539 27.62 -17.80 14.93
N GLY B 540 27.92 -16.50 14.78
CA GLY B 540 27.31 -15.48 15.61
C GLY B 540 26.42 -14.56 14.77
N ARG B 541 25.49 -13.86 15.40
CA ARG B 541 24.61 -12.96 14.67
C ARG B 541 24.49 -11.62 15.40
N ASP B 542 24.24 -10.57 14.62
CA ASP B 542 24.05 -9.21 15.11
C ASP B 542 22.56 -8.90 15.27
N ILE B 543 22.28 -7.66 15.66
CA ILE B 543 20.90 -7.24 15.86
C ILE B 543 20.12 -7.33 14.56
N ALA B 544 20.78 -7.00 13.44
CA ALA B 544 20.16 -7.03 12.12
C ALA B 544 20.08 -8.44 11.53
N ASP B 545 20.50 -9.46 12.31
CA ASP B 545 20.55 -10.87 11.93
C ASP B 545 21.68 -11.19 10.96
N THR B 546 22.61 -10.24 10.74
CA THR B 546 23.76 -10.55 9.91
C THR B 546 24.86 -11.23 10.73
N THR B 547 25.77 -11.88 10.02
CA THR B 547 26.88 -12.58 10.66
C THR B 547 27.93 -11.62 11.21
N ASP B 548 28.28 -11.79 12.48
CA ASP B 548 29.31 -10.98 13.13
C ASP B 548 30.66 -11.67 13.17
N ALA B 549 30.68 -12.97 13.40
CA ALA B 549 31.93 -13.70 13.48
C ALA B 549 31.68 -15.16 13.17
N VAL B 550 32.75 -15.83 12.73
CA VAL B 550 32.74 -17.25 12.41
C VAL B 550 33.96 -17.88 13.04
N ARG B 551 33.88 -19.19 13.25
CA ARG B 551 35.02 -19.97 13.69
C ARG B 551 35.66 -20.58 12.46
N ASP B 552 36.95 -20.30 12.26
CA ASP B 552 37.67 -20.78 11.10
C ASP B 552 37.71 -22.31 11.11
N PRO B 553 37.21 -22.98 10.07
CA PRO B 553 37.14 -24.44 10.09
C PRO B 553 38.50 -25.11 10.11
N GLN B 554 39.58 -24.38 9.80
CA GLN B 554 40.91 -24.96 9.78
C GLN B 554 41.66 -24.74 11.09
N THR B 555 41.56 -23.53 11.64
CA THR B 555 42.16 -23.16 12.92
C THR B 555 41.07 -22.61 13.82
N LEU B 556 40.86 -23.25 14.97
CA LEU B 556 39.67 -22.97 15.78
C LEU B 556 39.86 -21.63 16.51
N GLU B 557 39.78 -20.57 15.72
CA GLU B 557 39.82 -19.19 16.20
C GLU B 557 38.57 -18.44 15.71
N ILE B 558 38.22 -17.39 16.42
CA ILE B 558 37.06 -16.57 16.09
C ILE B 558 37.53 -15.31 15.39
N LEU B 559 36.97 -15.05 14.20
CA LEU B 559 37.34 -13.90 13.38
C LEU B 559 36.18 -12.92 13.25
N ASP B 560 36.45 -11.65 13.54
CA ASP B 560 35.47 -10.59 13.36
C ASP B 560 35.45 -10.11 11.92
N ILE B 561 34.26 -9.73 11.45
CA ILE B 561 34.06 -9.18 10.11
C ILE B 561 33.67 -7.72 10.25
N THR B 562 34.55 -6.82 9.82
CA THR B 562 34.32 -5.39 9.85
C THR B 562 34.16 -4.84 8.44
N PRO B 563 33.00 -4.30 8.09
CA PRO B 563 32.79 -3.78 6.72
C PRO B 563 33.85 -2.76 6.33
N CYS B 564 34.25 -2.80 5.06
CA CYS B 564 35.29 -1.94 4.53
C CYS B 564 34.85 -0.47 4.52
N SER B 565 35.82 0.42 4.75
CA SER B 565 35.56 1.85 4.84
C SER B 565 34.83 2.38 3.62
N PHE B 566 33.82 3.21 3.87
CA PHE B 566 33.02 3.80 2.81
C PHE B 566 32.45 5.13 3.30
N GLY B 567 31.89 5.90 2.37
CA GLY B 567 31.24 7.15 2.73
C GLY B 567 30.75 7.88 1.50
N GLY B 568 29.92 8.89 1.76
CA GLY B 568 29.33 9.66 0.68
C GLY B 568 30.35 10.56 -0.02
N VAL B 569 30.06 10.88 -1.27
CA VAL B 569 30.87 11.80 -2.07
C VAL B 569 29.96 12.92 -2.55
N SER B 570 30.33 14.17 -2.24
CA SER B 570 29.59 15.35 -2.64
C SER B 570 30.42 16.15 -3.63
N VAL B 571 29.76 16.73 -4.64
CA VAL B 571 30.43 17.48 -5.69
C VAL B 571 30.01 18.95 -5.62
N ILE B 572 30.99 19.83 -5.45
CA ILE B 572 30.77 21.28 -5.48
C ILE B 572 31.23 21.81 -6.83
N THR B 573 30.29 22.39 -7.59
CA THR B 573 30.61 22.81 -8.94
C THR B 573 29.90 24.10 -9.32
N PRO B 574 30.58 24.99 -10.04
CA PRO B 574 29.89 26.09 -10.71
C PRO B 574 29.12 25.57 -11.91
N GLY B 575 28.16 26.37 -12.37
CA GLY B 575 27.34 25.95 -13.48
C GLY B 575 28.16 25.74 -14.74
N THR B 576 27.68 24.81 -15.58
CA THR B 576 28.35 24.50 -16.84
C THR B 576 28.32 25.66 -17.83
N ASN B 577 27.55 26.71 -17.54
CA ASN B 577 27.53 27.91 -18.35
C ASN B 577 28.74 28.80 -18.09
N THR B 578 29.56 28.48 -17.10
CA THR B 578 30.76 29.27 -16.79
C THR B 578 32.04 28.49 -16.95
N SER B 579 32.15 27.32 -16.33
CA SER B 579 33.40 26.56 -16.35
C SER B 579 33.09 25.09 -16.07
N ASN B 580 33.94 24.21 -16.60
CA ASN B 580 33.84 22.79 -16.37
C ASN B 580 34.79 22.27 -15.29
N GLN B 581 35.39 23.16 -14.50
CA GLN B 581 36.22 22.74 -13.39
C GLN B 581 35.37 22.46 -12.17
N VAL B 582 35.65 21.34 -11.49
CA VAL B 582 34.89 20.95 -10.32
C VAL B 582 35.83 20.56 -9.18
N ALA B 583 35.29 20.58 -7.97
CA ALA B 583 35.94 20.07 -6.78
C ALA B 583 35.11 18.93 -6.19
N VAL B 584 35.80 17.98 -5.56
CA VAL B 584 35.17 16.78 -5.01
C VAL B 584 35.38 16.76 -3.50
N LEU B 585 34.29 16.61 -2.76
CA LEU B 585 34.33 16.52 -1.30
C LEU B 585 34.07 15.08 -0.88
N TYR B 586 35.02 14.51 -0.12
CA TYR B 586 34.91 13.15 0.41
C TYR B 586 34.36 13.24 1.84
N GLN B 587 33.12 12.79 2.03
CA GLN B 587 32.40 13.09 3.26
C GLN B 587 32.92 12.33 4.47
N ASP B 588 32.94 10.99 4.40
CA ASP B 588 33.31 10.18 5.56
C ASP B 588 34.57 9.33 5.32
N VAL B 589 35.59 9.89 4.68
CA VAL B 589 36.88 9.22 4.60
C VAL B 589 37.98 10.23 4.96
N ASN B 590 39.13 9.70 5.33
CA ASN B 590 40.29 10.53 5.57
C ASN B 590 41.06 10.74 4.27
N CYS B 591 41.88 11.79 4.23
CA CYS B 591 42.69 12.08 3.04
C CYS B 591 43.91 11.16 2.98
N THR B 592 43.65 9.85 3.01
CA THR B 592 44.73 8.88 2.99
C THR B 592 44.57 7.87 1.86
N GLU B 593 43.53 7.03 1.94
CA GLU B 593 43.30 6.01 0.92
C GLU B 593 43.04 6.62 -0.45
N VAL B 594 42.50 7.83 -0.49
CA VAL B 594 42.20 8.49 -1.76
C VAL B 594 43.48 8.81 -2.53
N ASN B 615 47.49 20.46 -2.81
CA ASN B 615 46.16 21.07 -2.87
C ASN B 615 45.10 20.27 -2.11
N VAL B 616 45.41 19.97 -0.85
CA VAL B 616 44.53 19.18 0.01
C VAL B 616 44.21 20.01 1.25
N PHE B 617 42.91 20.18 1.51
CA PHE B 617 42.44 20.97 2.65
C PHE B 617 41.64 20.05 3.57
N GLN B 618 42.13 19.85 4.78
CA GLN B 618 41.49 19.00 5.78
C GLN B 618 40.48 19.81 6.57
N THR B 619 39.23 19.37 6.56
CA THR B 619 38.15 20.00 7.31
C THR B 619 37.47 18.95 8.18
N ARG B 620 36.60 19.42 9.07
CA ARG B 620 35.82 18.50 9.91
C ARG B 620 34.64 17.91 9.17
N ALA B 621 34.33 18.39 7.96
CA ALA B 621 33.24 17.86 7.17
C ALA B 621 33.66 16.70 6.27
N GLY B 622 34.95 16.45 6.14
CA GLY B 622 35.45 15.47 5.20
C GLY B 622 36.68 15.96 4.48
N CYS B 623 37.08 15.20 3.46
CA CYS B 623 38.30 15.45 2.68
C CYS B 623 37.95 16.27 1.45
N LEU B 624 38.42 17.51 1.39
CA LEU B 624 38.12 18.43 0.31
C LEU B 624 39.33 18.52 -0.63
N ILE B 625 39.13 18.10 -1.88
CA ILE B 625 40.19 18.07 -2.89
C ILE B 625 39.82 19.00 -4.03
N GLY B 626 40.74 19.89 -4.39
CA GLY B 626 40.56 20.79 -5.52
C GLY B 626 40.30 22.24 -5.16
N ALA B 627 39.97 22.54 -3.90
CA ALA B 627 39.70 23.91 -3.48
C ALA B 627 40.92 24.53 -2.82
N GLU B 628 41.24 25.75 -3.22
CA GLU B 628 42.35 26.50 -2.63
C GLU B 628 41.91 27.15 -1.32
N HIS B 629 42.74 27.03 -0.29
CA HIS B 629 42.46 27.62 1.01
C HIS B 629 42.85 29.10 1.03
N VAL B 630 41.88 29.96 1.33
CA VAL B 630 42.10 31.40 1.43
C VAL B 630 41.87 31.81 2.88
N ASN B 631 42.85 32.50 3.46
CA ASN B 631 42.74 32.91 4.86
C ASN B 631 41.73 34.05 5.05
N ASN B 632 41.57 34.90 4.04
CA ASN B 632 40.65 36.03 4.17
C ASN B 632 39.21 35.54 4.14
N SER B 633 38.40 36.04 5.09
CA SER B 633 36.99 35.66 5.16
C SER B 633 36.13 36.58 4.30
N TYR B 634 35.00 36.03 3.85
CA TYR B 634 34.01 36.74 3.05
C TYR B 634 32.63 36.23 3.45
N GLU B 635 31.60 36.82 2.83
CA GLU B 635 30.24 36.34 3.04
C GLU B 635 30.06 34.97 2.40
N CYS B 636 29.28 34.11 3.07
CA CYS B 636 29.06 32.76 2.57
C CYS B 636 28.29 32.79 1.24
N ASP B 637 28.73 31.95 0.30
CA ASP B 637 28.09 31.87 -1.01
C ASP B 637 27.48 30.49 -1.23
N ILE B 638 28.30 29.45 -1.39
CA ILE B 638 27.84 28.07 -1.51
C ILE B 638 28.19 27.36 -0.20
N PRO B 639 27.22 27.06 0.66
CA PRO B 639 27.56 26.47 1.96
C PRO B 639 28.02 25.03 1.82
N ILE B 640 29.04 24.68 2.60
CA ILE B 640 29.54 23.31 2.71
C ILE B 640 29.16 22.67 4.04
N GLY B 641 29.43 23.37 5.14
CA GLY B 641 29.13 22.86 6.45
C GLY B 641 30.26 23.06 7.43
N ALA B 642 29.95 23.02 8.72
CA ALA B 642 30.94 23.18 9.79
C ALA B 642 31.70 24.50 9.67
N GLY B 643 31.00 25.55 9.25
CA GLY B 643 31.57 26.88 9.18
C GLY B 643 32.31 27.23 7.92
N ILE B 644 32.47 26.28 6.99
CA ILE B 644 33.24 26.50 5.77
C ILE B 644 32.27 26.76 4.62
N CYS B 645 32.56 27.81 3.84
CA CYS B 645 31.82 28.13 2.63
C CYS B 645 32.80 28.27 1.48
N ALA B 646 32.29 28.11 0.25
CA ALA B 646 33.11 28.23 -0.93
C ALA B 646 32.48 29.19 -1.93
N SER B 647 33.31 29.75 -2.80
CA SER B 647 32.87 30.69 -3.82
C SER B 647 33.83 30.63 -4.99
N TYR B 648 33.42 31.20 -6.11
CA TYR B 648 34.22 31.25 -7.34
C TYR B 648 34.73 32.67 -7.50
N GLN B 649 36.03 32.88 -7.31
CA GLN B 649 36.61 34.21 -7.31
C GLN B 649 38.05 34.09 -7.82
N THR B 650 38.72 35.23 -7.97
CA THR B 650 40.09 35.25 -8.44
C THR B 650 41.07 35.27 -7.26
N SER B 663 42.77 33.05 -14.24
CA SER B 663 42.92 33.83 -13.02
C SER B 663 41.91 33.41 -11.97
N GLN B 664 40.79 32.86 -12.43
CA GLN B 664 39.74 32.42 -11.54
C GLN B 664 40.00 31.00 -11.05
N SER B 665 39.60 30.73 -9.80
CA SER B 665 39.75 29.41 -9.22
C SER B 665 38.74 29.25 -8.09
N ILE B 666 38.58 28.01 -7.64
CA ILE B 666 37.69 27.71 -6.52
C ILE B 666 38.41 28.01 -5.21
N ILE B 667 37.74 28.77 -4.34
CA ILE B 667 38.32 29.12 -3.05
C ILE B 667 37.37 28.66 -1.94
N ALA B 668 37.94 28.45 -0.75
CA ALA B 668 37.20 28.08 0.44
C ALA B 668 37.60 29.00 1.59
N TYR B 669 36.64 29.38 2.41
CA TYR B 669 36.93 30.32 3.50
C TYR B 669 35.90 30.15 4.61
N THR B 670 36.24 30.69 5.78
CA THR B 670 35.31 30.77 6.91
C THR B 670 34.35 31.92 6.69
N MET B 671 33.05 31.65 6.85
CA MET B 671 32.05 32.66 6.53
C MET B 671 32.07 33.80 7.53
N SER B 672 31.84 35.01 7.03
CA SER B 672 31.68 36.18 7.87
C SER B 672 30.24 36.29 8.36
N LEU B 673 30.09 36.74 9.60
CA LEU B 673 28.77 37.01 10.17
C LEU B 673 28.40 38.48 10.12
N GLY B 674 29.26 39.33 9.58
CA GLY B 674 29.03 40.76 9.53
C GLY B 674 30.19 41.52 10.12
N ALA B 675 30.15 42.83 9.89
CA ALA B 675 31.19 43.70 10.43
C ALA B 675 31.06 43.79 11.94
N GLU B 676 32.21 43.89 12.61
CA GLU B 676 32.23 44.05 14.05
C GLU B 676 32.06 45.51 14.40
N ASN B 677 31.15 45.80 15.33
CA ASN B 677 30.86 47.19 15.69
C ASN B 677 30.52 47.22 17.18
N SER B 678 31.49 47.61 18.00
CA SER B 678 31.26 47.75 19.42
C SER B 678 30.44 49.00 19.69
N VAL B 679 29.69 48.96 20.79
CA VAL B 679 28.88 50.10 21.22
C VAL B 679 29.63 50.85 22.31
N ALA B 680 29.70 52.17 22.16
CA ALA B 680 30.39 53.03 23.14
C ALA B 680 29.46 53.23 24.33
N TYR B 681 29.24 52.15 25.06
CA TYR B 681 28.27 52.16 26.15
C TYR B 681 28.80 52.97 27.32
N SER B 682 27.91 53.79 27.88
CA SER B 682 28.18 54.53 29.12
C SER B 682 26.85 54.84 29.76
N ASN B 683 26.90 55.25 31.02
CA ASN B 683 25.67 55.52 31.77
C ASN B 683 25.04 56.86 31.44
N ASN B 684 25.68 57.70 30.61
CA ASN B 684 25.13 59.01 30.30
C ASN B 684 25.26 59.38 28.82
N SER B 685 25.16 58.40 27.91
CA SER B 685 25.29 58.68 26.48
C SER B 685 24.17 57.99 25.70
N ILE B 686 23.46 58.76 24.88
CA ILE B 686 22.36 58.25 24.05
C ILE B 686 22.56 58.72 22.61
N ALA B 687 22.26 57.84 21.66
CA ALA B 687 22.21 58.18 20.24
C ALA B 687 20.75 58.30 19.81
N ILE B 688 20.37 59.45 19.27
CA ILE B 688 19.00 59.73 18.88
C ILE B 688 18.97 60.13 17.40
N PRO B 689 18.16 59.48 16.57
CA PRO B 689 18.10 59.84 15.15
C PRO B 689 17.55 61.24 14.95
N THR B 690 18.12 61.98 13.99
CA THR B 690 17.64 63.32 13.72
C THR B 690 16.78 63.44 12.47
N ASN B 691 16.98 62.57 11.47
CA ASN B 691 16.13 62.55 10.27
C ASN B 691 15.94 61.09 9.89
N PHE B 692 15.07 60.85 8.91
CA PHE B 692 14.64 59.50 8.57
C PHE B 692 14.47 59.34 7.06
N THR B 693 14.39 58.07 6.64
CA THR B 693 14.13 57.70 5.26
C THR B 693 12.99 56.69 5.20
N ILE B 694 12.16 56.81 4.18
CA ILE B 694 11.03 55.90 3.96
C ILE B 694 11.45 54.83 2.96
N SER B 695 11.35 53.56 3.37
CA SER B 695 11.68 52.43 2.51
C SER B 695 10.46 51.56 2.29
N VAL B 696 10.41 50.89 1.14
CA VAL B 696 9.32 49.99 0.78
C VAL B 696 9.91 48.64 0.38
N THR B 697 9.40 47.57 0.97
CA THR B 697 9.81 46.21 0.67
C THR B 697 8.64 45.40 0.11
N THR B 698 8.96 44.34 -0.62
CA THR B 698 7.96 43.48 -1.26
C THR B 698 8.05 42.06 -0.70
N GLU B 699 6.94 41.55 -0.17
CA GLU B 699 6.82 40.19 0.31
C GLU B 699 5.76 39.42 -0.49
N ILE B 700 6.15 38.25 -1.01
CA ILE B 700 5.30 37.45 -1.89
C ILE B 700 4.91 36.16 -1.17
N LEU B 701 3.60 35.87 -1.12
CA LEU B 701 3.10 34.67 -0.44
C LEU B 701 2.20 33.85 -1.36
N PRO B 702 2.39 32.53 -1.44
CA PRO B 702 1.42 31.66 -2.12
C PRO B 702 0.06 31.65 -1.43
N VAL B 703 -1.01 31.54 -2.23
CA VAL B 703 -2.37 31.43 -1.71
C VAL B 703 -3.07 30.15 -2.16
N SER B 704 -2.92 29.75 -3.42
CA SER B 704 -3.68 28.62 -3.94
C SER B 704 -2.82 27.74 -4.84
N MET B 705 -3.33 26.54 -5.15
CA MET B 705 -2.67 25.60 -6.04
C MET B 705 -3.68 24.95 -7.00
N THR B 706 -3.13 24.41 -8.10
CA THR B 706 -3.92 23.80 -9.17
C THR B 706 -4.85 22.68 -8.71
N LYS B 707 -6.11 22.76 -9.14
CA LYS B 707 -7.21 21.83 -8.82
C LYS B 707 -7.23 20.60 -9.73
N THR B 708 -6.37 19.62 -9.44
CA THR B 708 -6.29 18.41 -10.24
C THR B 708 -7.41 17.42 -9.90
N SER B 709 -7.67 16.50 -10.83
CA SER B 709 -8.64 15.41 -10.67
C SER B 709 -8.16 14.18 -11.46
N VAL B 710 -8.21 12.99 -10.85
CA VAL B 710 -7.70 11.78 -11.49
C VAL B 710 -8.81 10.72 -11.62
N ASP B 711 -8.97 10.20 -12.84
CA ASP B 711 -9.87 9.11 -13.22
C ASP B 711 -9.24 7.73 -13.05
N CYS B 712 -9.62 7.00 -11.98
CA CYS B 712 -8.97 5.72 -11.73
C CYS B 712 -9.17 4.73 -12.88
N THR B 713 -10.34 4.75 -13.51
CA THR B 713 -10.62 3.72 -14.50
C THR B 713 -9.78 3.93 -15.76
N MET B 714 -9.73 5.15 -16.29
CA MET B 714 -8.90 5.34 -17.47
C MET B 714 -7.42 5.22 -17.14
N TYR B 715 -7.00 5.68 -15.96
CA TYR B 715 -5.58 5.55 -15.63
C TYR B 715 -5.15 4.09 -15.47
N ILE B 716 -5.85 3.32 -14.64
CA ILE B 716 -5.41 1.97 -14.34
C ILE B 716 -5.78 1.00 -15.44
N CYS B 717 -7.04 1.04 -15.89
CA CYS B 717 -7.58 0.04 -16.80
C CYS B 717 -8.15 0.69 -18.05
N GLY B 718 -7.32 1.44 -18.77
CA GLY B 718 -7.79 2.16 -19.94
C GLY B 718 -8.32 1.22 -21.00
N ASP B 719 -9.61 1.40 -21.33
CA ASP B 719 -10.35 0.70 -22.40
C ASP B 719 -10.10 -0.80 -22.39
N SER B 720 -10.09 -1.39 -21.20
CA SER B 720 -9.94 -2.83 -21.02
C SER B 720 -11.04 -3.34 -20.10
N THR B 721 -11.95 -4.13 -20.66
CA THR B 721 -13.08 -4.64 -19.88
C THR B 721 -12.61 -5.62 -18.82
N GLU B 722 -11.65 -6.47 -19.16
CA GLU B 722 -11.16 -7.45 -18.19
C GLU B 722 -10.47 -6.74 -17.02
N CYS B 723 -9.68 -5.72 -17.32
CA CYS B 723 -9.01 -4.99 -16.25
C CYS B 723 -10.02 -4.27 -15.37
N SER B 724 -11.04 -3.67 -15.97
CA SER B 724 -12.07 -3.00 -15.17
C SER B 724 -12.80 -3.99 -14.27
N ASN B 725 -13.15 -5.17 -14.81
CA ASN B 725 -13.85 -6.18 -14.02
C ASN B 725 -12.98 -6.68 -12.87
N LEU B 726 -11.67 -6.81 -13.10
CA LEU B 726 -10.79 -7.20 -12.00
C LEU B 726 -10.65 -6.08 -10.97
N LEU B 727 -10.59 -4.83 -11.42
CA LEU B 727 -10.48 -3.70 -10.51
C LEU B 727 -11.71 -3.57 -9.62
N LEU B 728 -12.88 -3.98 -10.13
CA LEU B 728 -14.11 -3.82 -9.37
C LEU B 728 -14.10 -4.56 -8.03
N GLN B 729 -13.19 -5.52 -7.85
CA GLN B 729 -13.10 -6.27 -6.61
C GLN B 729 -12.42 -5.54 -5.45
N TYR B 730 -11.88 -4.34 -5.68
CA TYR B 730 -11.17 -3.62 -4.63
C TYR B 730 -12.03 -2.58 -3.92
N GLY B 731 -13.31 -2.51 -4.24
CA GLY B 731 -14.23 -1.67 -3.48
C GLY B 731 -13.97 -0.17 -3.56
N SER B 732 -13.86 0.46 -2.39
CA SER B 732 -13.83 1.90 -2.21
C SER B 732 -12.45 2.55 -2.36
N PHE B 733 -11.42 1.79 -2.75
CA PHE B 733 -10.09 2.37 -2.88
C PHE B 733 -10.09 3.62 -3.76
N CYS B 734 -10.89 3.62 -4.82
CA CYS B 734 -10.99 4.80 -5.67
C CYS B 734 -11.81 5.91 -5.04
N THR B 735 -13.03 5.60 -4.60
CA THR B 735 -13.93 6.67 -4.18
C THR B 735 -13.37 7.41 -2.99
N GLN B 736 -12.51 6.77 -2.18
CA GLN B 736 -11.94 7.54 -1.07
C GLN B 736 -10.89 8.53 -1.56
N LEU B 737 -10.26 8.26 -2.70
CA LEU B 737 -9.30 9.21 -3.24
C LEU B 737 -10.01 10.31 -4.01
N ASN B 738 -11.09 9.96 -4.70
CA ASN B 738 -11.88 10.97 -5.38
C ASN B 738 -12.47 11.94 -4.38
N ARG B 739 -12.93 11.43 -3.24
CA ARG B 739 -13.45 12.31 -2.20
C ARG B 739 -12.36 13.19 -1.60
N ALA B 740 -11.18 12.62 -1.33
CA ALA B 740 -10.11 13.45 -0.78
C ALA B 740 -9.72 14.57 -1.74
N LEU B 741 -9.62 14.26 -3.04
CA LEU B 741 -9.27 15.28 -4.01
C LEU B 741 -10.37 16.31 -4.17
N THR B 742 -11.64 15.90 -4.07
CA THR B 742 -12.73 16.86 -4.10
C THR B 742 -12.65 17.81 -2.93
N GLY B 743 -12.36 17.28 -1.73
CA GLY B 743 -12.19 18.15 -0.57
C GLY B 743 -11.07 19.15 -0.76
N ILE B 744 -9.96 18.71 -1.35
CA ILE B 744 -8.86 19.63 -1.62
C ILE B 744 -9.29 20.72 -2.59
N ALA B 745 -9.94 20.34 -3.68
CA ALA B 745 -10.39 21.30 -4.68
C ALA B 745 -11.32 22.33 -4.06
N VAL B 746 -12.21 21.89 -3.16
CA VAL B 746 -13.14 22.82 -2.53
C VAL B 746 -12.39 23.77 -1.60
N GLU B 747 -11.45 23.24 -0.79
CA GLU B 747 -10.77 24.10 0.15
C GLU B 747 -9.87 25.14 -0.52
N GLN B 748 -9.42 24.90 -1.76
CA GLN B 748 -8.63 25.97 -2.40
C GLN B 748 -9.51 27.18 -2.71
N ASP B 749 -10.77 26.94 -3.07
CA ASP B 749 -11.67 28.06 -3.34
C ASP B 749 -12.13 28.69 -2.04
N LYS B 750 -12.24 27.89 -0.98
CA LYS B 750 -12.53 28.46 0.33
C LYS B 750 -11.42 29.40 0.77
N ASN B 751 -10.15 29.01 0.57
CA ASN B 751 -9.04 29.89 0.93
C ASN B 751 -9.07 31.17 0.12
N THR B 752 -9.29 31.07 -1.20
CA THR B 752 -9.32 32.28 -2.02
C THR B 752 -10.46 33.20 -1.58
N GLN B 753 -11.62 32.63 -1.28
CA GLN B 753 -12.79 33.41 -0.88
C GLN B 753 -12.52 34.12 0.44
N GLU B 754 -11.91 33.41 1.41
CA GLU B 754 -11.60 34.00 2.70
C GLU B 754 -10.54 35.08 2.61
N VAL B 755 -9.59 34.94 1.69
CA VAL B 755 -8.53 35.95 1.58
C VAL B 755 -9.04 37.21 0.92
N PHE B 756 -9.79 37.10 -0.18
CA PHE B 756 -10.13 38.30 -0.94
C PHE B 756 -11.50 38.90 -0.64
N ALA B 757 -12.52 38.09 -0.34
CA ALA B 757 -13.87 38.62 -0.20
C ALA B 757 -14.14 39.13 1.21
N GLN B 758 -13.39 40.16 1.59
CA GLN B 758 -13.52 40.77 2.91
C GLN B 758 -14.23 42.12 2.88
N VAL B 759 -14.64 42.59 1.70
CA VAL B 759 -15.28 43.90 1.55
C VAL B 759 -16.70 43.70 1.01
N LYS B 760 -17.67 44.31 1.68
CA LYS B 760 -19.08 44.17 1.33
C LYS B 760 -19.50 44.96 0.09
N GLN B 761 -18.77 46.02 -0.28
CA GLN B 761 -19.17 46.88 -1.37
C GLN B 761 -18.01 47.17 -2.30
N ILE B 762 -18.33 47.50 -3.54
CA ILE B 762 -17.35 47.87 -4.56
C ILE B 762 -17.26 49.39 -4.61
N TYR B 763 -16.16 49.93 -4.08
CA TYR B 763 -15.93 51.36 -4.04
C TYR B 763 -15.15 51.81 -5.27
N LYS B 764 -15.29 53.08 -5.64
CA LYS B 764 -14.57 53.62 -6.77
C LYS B 764 -14.04 55.02 -6.48
N THR B 765 -12.87 55.32 -7.07
CA THR B 765 -12.21 56.60 -6.89
C THR B 765 -12.91 57.70 -7.68
N PRO B 766 -12.72 58.96 -7.28
CA PRO B 766 -13.27 60.09 -8.04
C PRO B 766 -12.52 60.28 -9.35
N PRO B 767 -13.13 60.93 -10.33
CA PRO B 767 -12.43 61.22 -11.59
C PRO B 767 -11.26 62.20 -11.46
N ILE B 768 -11.22 63.00 -10.40
CA ILE B 768 -10.15 63.98 -10.21
C ILE B 768 -9.20 63.48 -9.14
N LYS B 769 -7.94 63.27 -9.51
CA LYS B 769 -6.95 62.68 -8.61
C LYS B 769 -6.22 63.78 -7.81
N ASP B 770 -7.01 64.49 -7.00
CA ASP B 770 -6.47 65.56 -6.16
C ASP B 770 -6.11 65.00 -4.79
N PHE B 771 -5.01 64.23 -4.77
CA PHE B 771 -4.59 63.50 -3.59
C PHE B 771 -3.45 64.19 -2.85
N GLY B 772 -3.41 65.51 -2.86
CA GLY B 772 -2.48 66.25 -2.03
C GLY B 772 -1.04 66.14 -2.45
N GLY B 773 -0.78 65.80 -3.70
CA GLY B 773 0.58 65.66 -4.20
C GLY B 773 1.11 64.24 -4.20
N PHE B 774 0.39 63.30 -3.59
CA PHE B 774 0.81 61.91 -3.56
C PHE B 774 0.39 61.24 -4.86
N ASN B 775 1.36 60.70 -5.60
CA ASN B 775 1.10 60.12 -6.90
C ASN B 775 0.85 58.63 -6.76
N PHE B 776 -0.37 58.19 -7.10
CA PHE B 776 -0.77 56.80 -7.03
C PHE B 776 -1.06 56.22 -8.40
N SER B 777 -0.62 56.89 -9.47
CA SER B 777 -0.96 56.47 -10.82
C SER B 777 -0.39 55.11 -11.17
N GLN B 778 0.57 54.62 -10.39
CA GLN B 778 1.21 53.34 -10.67
C GLN B 778 0.52 52.17 -9.96
N ILE B 779 -0.48 52.44 -9.14
CA ILE B 779 -1.22 51.38 -8.46
C ILE B 779 -2.70 51.34 -8.83
N LEU B 780 -3.25 52.40 -9.43
CA LEU B 780 -4.63 52.40 -9.89
C LEU B 780 -4.76 51.74 -11.26
N PRO B 781 -5.93 51.18 -11.57
CA PRO B 781 -6.14 50.58 -12.89
C PRO B 781 -5.92 51.59 -14.02
N ASP B 782 -5.41 51.09 -15.14
CA ASP B 782 -5.18 51.90 -16.33
C ASP B 782 -6.35 51.73 -17.28
N PRO B 783 -7.21 52.75 -17.44
CA PRO B 783 -8.42 52.58 -18.28
C PRO B 783 -8.13 52.26 -19.75
N SER B 784 -6.90 52.48 -20.23
CA SER B 784 -6.63 52.30 -21.65
C SER B 784 -6.36 50.86 -22.04
N LYS B 785 -6.26 49.95 -21.09
CA LYS B 785 -5.98 48.56 -21.37
C LYS B 785 -7.27 47.77 -21.60
N PRO B 786 -7.21 46.66 -22.32
CA PRO B 786 -8.42 45.82 -22.46
C PRO B 786 -8.90 45.25 -21.15
N SER B 787 -8.05 45.21 -20.13
CA SER B 787 -8.41 44.77 -18.79
C SER B 787 -7.84 45.79 -17.82
N LYS B 788 -8.69 46.35 -16.97
CA LYS B 788 -8.33 47.51 -16.15
C LYS B 788 -7.39 47.09 -15.03
N ARG B 789 -6.14 46.82 -15.40
CA ARG B 789 -5.08 46.49 -14.48
C ARG B 789 -4.08 47.63 -14.41
N SER B 790 -3.35 47.67 -13.31
CA SER B 790 -2.35 48.71 -13.08
C SER B 790 -1.08 48.39 -13.86
N PRO B 791 -0.19 49.38 -14.08
CA PRO B 791 1.08 49.05 -14.75
C PRO B 791 1.95 48.08 -13.97
N ILE B 792 2.13 48.30 -12.68
CA ILE B 792 2.95 47.40 -11.87
C ILE B 792 2.36 45.99 -11.87
N GLU B 793 1.03 45.88 -11.78
CA GLU B 793 0.39 44.58 -11.87
C GLU B 793 0.64 43.93 -13.23
N ASP B 794 0.55 44.71 -14.31
CA ASP B 794 0.84 44.16 -15.63
C ASP B 794 2.28 43.65 -15.70
N LEU B 795 3.21 44.39 -15.10
CA LEU B 795 4.60 43.97 -15.09
C LEU B 795 4.76 42.66 -14.31
N LEU B 796 4.04 42.52 -13.20
CA LEU B 796 4.13 41.29 -12.42
C LEU B 796 3.53 40.11 -13.16
N PHE B 797 2.39 40.33 -13.84
CA PHE B 797 1.77 39.26 -14.62
C PHE B 797 2.57 38.89 -15.84
N ASN B 798 3.39 39.80 -16.35
CA ASN B 798 4.22 39.53 -17.52
C ASN B 798 5.55 38.89 -17.15
N LYS B 799 5.78 38.61 -15.87
CA LYS B 799 7.02 38.02 -15.40
C LYS B 799 6.88 36.57 -14.96
N VAL B 800 5.72 36.17 -14.46
CA VAL B 800 5.49 34.80 -14.02
C VAL B 800 4.95 33.98 -15.19
N THR B 801 5.59 32.84 -15.44
CA THR B 801 5.19 31.98 -16.56
C THR B 801 4.71 30.63 -16.06
N LYS B 828 -3.32 14.64 -19.63
CA LYS B 828 -3.67 15.02 -20.99
C LYS B 828 -4.78 14.11 -21.49
N PHE B 829 -4.43 12.91 -21.96
CA PHE B 829 -5.41 11.91 -22.36
C PHE B 829 -5.34 10.66 -21.50
N ASN B 830 -4.81 10.78 -20.28
CA ASN B 830 -4.69 9.66 -19.36
C ASN B 830 -5.60 9.82 -18.15
N GLY B 831 -6.66 10.61 -18.27
CA GLY B 831 -7.58 10.84 -17.18
C GLY B 831 -7.19 11.97 -16.24
N LEU B 832 -6.14 12.70 -16.56
CA LEU B 832 -5.66 13.79 -15.72
C LEU B 832 -6.15 15.11 -16.30
N THR B 833 -6.97 15.84 -15.54
CA THR B 833 -7.54 17.08 -16.00
C THR B 833 -7.35 18.18 -14.95
N VAL B 834 -7.55 19.42 -15.38
CA VAL B 834 -7.46 20.59 -14.51
C VAL B 834 -8.77 21.37 -14.60
N LEU B 835 -9.37 21.67 -13.43
CA LEU B 835 -10.60 22.43 -13.33
C LEU B 835 -10.32 23.93 -13.27
N PRO B 836 -11.20 24.76 -13.83
CA PRO B 836 -11.00 26.21 -13.74
C PRO B 836 -11.33 26.73 -12.36
N PRO B 837 -10.74 27.86 -11.96
CA PRO B 837 -11.14 28.51 -10.71
C PRO B 837 -12.50 29.17 -10.84
N LEU B 838 -13.17 29.30 -9.68
CA LEU B 838 -14.47 29.97 -9.66
C LEU B 838 -14.34 31.47 -9.88
N LEU B 839 -13.35 32.12 -9.29
CA LEU B 839 -13.17 33.56 -9.38
C LEU B 839 -12.11 33.87 -10.43
N THR B 840 -12.51 34.55 -11.51
CA THR B 840 -11.60 34.87 -12.60
C THR B 840 -10.67 36.03 -12.24
N ASP B 841 -9.62 36.18 -13.05
CA ASP B 841 -8.63 37.23 -12.83
C ASP B 841 -9.27 38.62 -12.87
N GLU B 842 -10.24 38.84 -13.75
CA GLU B 842 -10.91 40.14 -13.80
C GLU B 842 -11.63 40.44 -12.49
N MET B 843 -12.30 39.44 -11.91
CA MET B 843 -13.00 39.65 -10.66
C MET B 843 -12.03 39.87 -9.51
N ILE B 844 -10.88 39.18 -9.54
CA ILE B 844 -9.89 39.41 -8.50
C ILE B 844 -9.32 40.82 -8.60
N ALA B 845 -9.06 41.28 -9.84
CA ALA B 845 -8.58 42.65 -10.03
C ALA B 845 -9.61 43.66 -9.54
N GLN B 846 -10.90 43.38 -9.79
CA GLN B 846 -11.94 44.28 -9.31
C GLN B 846 -11.99 44.32 -7.79
N TYR B 847 -11.78 43.17 -7.14
CA TYR B 847 -11.77 43.13 -5.68
C TYR B 847 -10.58 43.92 -5.13
N THR B 848 -9.41 43.79 -5.75
CA THR B 848 -8.25 44.52 -5.28
C THR B 848 -8.38 46.01 -5.54
N SER B 849 -9.02 46.39 -6.64
CA SER B 849 -9.28 47.80 -6.92
C SER B 849 -10.23 48.38 -5.88
N ALA B 850 -11.29 47.64 -5.55
CA ALA B 850 -12.22 48.12 -4.53
C ALA B 850 -11.53 48.26 -3.19
N LEU B 851 -10.67 47.30 -2.82
CA LEU B 851 -9.99 47.37 -1.53
C LEU B 851 -9.03 48.54 -1.49
N LEU B 852 -8.31 48.79 -2.58
CA LEU B 852 -7.37 49.91 -2.60
C LEU B 852 -8.09 51.24 -2.56
N ALA B 853 -9.17 51.38 -3.34
CA ALA B 853 -9.94 52.62 -3.31
C ALA B 853 -10.55 52.86 -1.93
N GLY B 854 -11.03 51.80 -1.29
CA GLY B 854 -11.54 51.95 0.06
C GLY B 854 -10.47 52.41 1.02
N THR B 855 -9.30 51.76 0.98
CA THR B 855 -8.22 52.14 1.88
C THR B 855 -7.82 53.61 1.67
N ILE B 856 -7.66 54.01 0.40
CA ILE B 856 -7.15 55.35 0.11
C ILE B 856 -8.17 56.41 0.52
N THR B 857 -9.46 56.14 0.31
CA THR B 857 -10.45 57.17 0.57
C THR B 857 -10.99 57.17 1.99
N SER B 858 -10.83 56.07 2.76
CA SER B 858 -11.45 56.01 4.08
C SER B 858 -10.58 55.48 5.21
N GLY B 859 -9.27 55.27 5.00
CA GLY B 859 -8.45 54.78 6.11
C GLY B 859 -8.90 53.43 6.63
N TRP B 860 -9.09 53.33 7.95
CA TRP B 860 -9.48 52.09 8.62
C TRP B 860 -10.99 51.98 8.85
N THR B 861 -11.74 53.00 8.44
CA THR B 861 -13.14 53.05 8.81
C THR B 861 -13.98 52.01 8.06
N PHE B 862 -13.61 51.65 6.83
CA PHE B 862 -14.39 50.61 6.15
C PHE B 862 -14.12 49.26 6.78
N GLY B 863 -12.96 49.09 7.40
CA GLY B 863 -12.67 47.85 8.10
C GLY B 863 -13.44 47.76 9.39
N ALA B 864 -13.48 48.87 10.13
CA ALA B 864 -14.20 48.85 11.40
C ALA B 864 -15.71 48.76 11.18
N GLY B 865 -16.23 49.48 10.18
CA GLY B 865 -17.64 49.53 9.90
C GLY B 865 -17.89 49.87 8.44
N PRO B 866 -18.61 50.96 8.20
CA PRO B 866 -18.84 51.44 6.84
C PRO B 866 -17.71 52.33 6.34
N ALA B 867 -17.57 52.41 5.02
CA ALA B 867 -16.53 53.23 4.42
C ALA B 867 -16.90 54.70 4.50
N LEU B 868 -16.24 55.41 5.41
CA LEU B 868 -16.47 56.83 5.66
C LEU B 868 -15.26 57.63 5.19
N GLN B 869 -15.49 58.54 4.26
CA GLN B 869 -14.42 59.28 3.62
C GLN B 869 -13.57 60.06 4.62
N ILE B 870 -12.26 60.13 4.34
CA ILE B 870 -11.33 60.94 5.12
C ILE B 870 -10.21 61.44 4.23
N PRO B 871 -9.83 62.71 4.33
CA PRO B 871 -8.68 63.22 3.57
C PRO B 871 -7.36 62.52 3.87
N PHE B 872 -6.57 62.35 2.81
CA PHE B 872 -5.30 61.66 2.91
C PHE B 872 -4.30 62.34 3.86
N PRO B 873 -4.15 63.67 3.88
CA PRO B 873 -3.17 64.25 4.83
C PRO B 873 -3.48 63.95 6.29
N MET B 874 -4.75 64.00 6.68
CA MET B 874 -5.09 63.64 8.05
C MET B 874 -4.93 62.15 8.28
N GLN B 875 -5.24 61.32 7.27
CA GLN B 875 -4.97 59.90 7.41
C GLN B 875 -3.49 59.66 7.70
N MET B 876 -2.62 60.37 6.97
CA MET B 876 -1.18 60.22 7.16
C MET B 876 -0.76 60.73 8.55
N ALA B 877 -1.38 61.81 9.01
CA ALA B 877 -1.06 62.32 10.35
C ALA B 877 -1.42 61.30 11.43
N TYR B 878 -2.55 60.63 11.26
CA TYR B 878 -2.97 59.63 12.24
C TYR B 878 -2.06 58.41 12.16
N ARG B 879 -1.66 58.02 10.95
CA ARG B 879 -0.69 56.94 10.80
C ARG B 879 0.62 57.28 11.51
N PHE B 880 1.00 58.56 11.48
CA PHE B 880 2.20 59.00 12.20
C PHE B 880 2.00 58.92 13.71
N ASN B 881 0.83 59.35 14.19
CA ASN B 881 0.54 59.24 15.62
C ASN B 881 0.56 57.79 16.09
N GLY B 882 0.14 56.85 15.24
CA GLY B 882 0.10 55.46 15.65
C GLY B 882 1.44 54.82 15.93
N ILE B 883 2.54 55.44 15.49
CA ILE B 883 3.88 54.90 15.72
C ILE B 883 4.69 55.78 16.66
N GLY B 884 4.06 56.74 17.33
CA GLY B 884 4.79 57.57 18.27
C GLY B 884 5.55 58.71 17.62
N VAL B 885 5.11 59.17 16.45
CA VAL B 885 5.72 60.29 15.76
C VAL B 885 4.68 61.38 15.61
N THR B 886 4.96 62.55 16.17
CA THR B 886 3.99 63.63 16.19
C THR B 886 3.67 64.11 14.77
N GLN B 887 2.37 64.34 14.53
CA GLN B 887 1.90 64.76 13.21
C GLN B 887 2.53 66.06 12.72
N ASN B 888 3.03 66.89 13.63
CA ASN B 888 3.61 68.16 13.19
C ASN B 888 4.85 67.96 12.35
N VAL B 889 5.56 66.84 12.53
CA VAL B 889 6.70 66.55 11.68
C VAL B 889 6.22 66.32 10.26
N LEU B 890 5.14 65.55 10.10
CA LEU B 890 4.56 65.33 8.78
C LEU B 890 4.12 66.63 8.14
N TYR B 891 3.39 67.46 8.88
CA TYR B 891 2.87 68.67 8.26
C TYR B 891 3.98 69.64 7.90
N GLU B 892 5.00 69.77 8.76
CA GLU B 892 6.12 70.64 8.45
C GLU B 892 6.98 70.11 7.31
N ASN B 893 7.08 68.78 7.16
CA ASN B 893 7.98 68.17 6.20
C ASN B 893 7.22 67.52 5.03
N GLN B 894 5.99 67.99 4.79
CA GLN B 894 5.10 67.37 3.81
C GLN B 894 5.69 67.31 2.40
N LYS B 895 6.34 68.39 1.95
CA LYS B 895 6.82 68.40 0.57
C LYS B 895 7.92 67.37 0.35
N LEU B 896 8.88 67.31 1.28
CA LEU B 896 9.93 66.32 1.17
C LEU B 896 9.36 64.92 1.32
N ILE B 897 8.40 64.73 2.23
CA ILE B 897 7.83 63.39 2.41
C ILE B 897 7.16 62.92 1.12
N ALA B 898 6.42 63.81 0.46
CA ALA B 898 5.79 63.44 -0.81
C ALA B 898 6.83 63.11 -1.87
N ASN B 899 7.92 63.89 -1.94
CA ASN B 899 8.93 63.60 -2.95
C ASN B 899 9.63 62.27 -2.67
N GLN B 900 9.91 61.99 -1.40
CA GLN B 900 10.53 60.71 -1.05
C GLN B 900 9.59 59.55 -1.34
N PHE B 901 8.29 59.74 -1.10
CA PHE B 901 7.34 58.67 -1.40
C PHE B 901 7.32 58.37 -2.90
N ASN B 902 7.26 59.42 -3.73
CA ASN B 902 7.26 59.19 -5.17
C ASN B 902 8.57 58.55 -5.65
N SER B 903 9.70 58.97 -5.07
CA SER B 903 10.96 58.37 -5.45
C SER B 903 11.03 56.92 -5.02
N ALA B 904 10.50 56.62 -3.83
CA ALA B 904 10.45 55.23 -3.38
C ALA B 904 9.62 54.37 -4.31
N ILE B 905 8.48 54.90 -4.79
CA ILE B 905 7.66 54.15 -5.72
C ILE B 905 8.43 53.88 -7.01
N GLY B 906 9.15 54.88 -7.50
CA GLY B 906 10.02 54.65 -8.63
C GLY B 906 11.05 53.56 -8.34
N LYS B 907 11.53 53.50 -7.11
CA LYS B 907 12.47 52.46 -6.72
C LYS B 907 11.83 51.07 -6.74
N ILE B 908 10.56 50.97 -6.32
CA ILE B 908 9.89 49.67 -6.44
C ILE B 908 9.76 49.28 -7.91
N GLN B 909 9.45 50.25 -8.76
CA GLN B 909 9.31 49.93 -10.18
C GLN B 909 10.62 49.43 -10.75
N ASP B 910 11.74 50.09 -10.41
CA ASP B 910 13.04 49.66 -10.91
C ASP B 910 13.44 48.30 -10.32
N SER B 911 13.13 48.07 -9.04
CA SER B 911 13.48 46.80 -8.42
C SER B 911 12.73 45.65 -9.07
N LEU B 912 11.42 45.81 -9.26
CA LEU B 912 10.66 44.75 -9.92
C LEU B 912 11.08 44.57 -11.37
N SER B 913 11.49 45.66 -12.03
CA SER B 913 11.93 45.55 -13.41
C SER B 913 13.33 44.97 -13.56
N SER B 914 14.10 44.88 -12.47
CA SER B 914 15.48 44.45 -12.56
C SER B 914 15.82 43.18 -11.79
N THR B 915 15.03 42.79 -10.79
CA THR B 915 15.35 41.63 -9.96
C THR B 915 14.47 40.45 -10.31
N PRO B 916 14.96 39.48 -11.10
CA PRO B 916 14.11 38.34 -11.47
C PRO B 916 13.75 37.41 -10.33
N SER B 917 14.62 37.22 -9.35
CA SER B 917 14.41 36.26 -8.26
C SER B 917 13.22 36.59 -7.37
N ALA B 918 12.59 37.76 -7.56
CA ALA B 918 11.51 38.18 -6.67
C ALA B 918 10.36 37.17 -6.61
N LEU B 919 10.12 36.42 -7.68
CA LEU B 919 8.97 35.53 -7.76
C LEU B 919 9.34 34.06 -7.58
N GLY B 920 10.50 33.79 -6.98
CA GLY B 920 10.91 32.41 -6.75
C GLY B 920 9.94 31.62 -5.89
N LYS B 921 9.30 32.27 -4.92
CA LYS B 921 8.38 31.58 -4.03
C LYS B 921 7.19 30.99 -4.77
N LEU B 922 6.78 31.61 -5.88
CA LEU B 922 5.69 31.10 -6.68
C LEU B 922 6.18 30.18 -7.79
N GLN B 923 7.37 30.47 -8.32
CA GLN B 923 7.91 29.62 -9.36
C GLN B 923 8.22 28.23 -8.84
N ASP B 924 8.66 28.12 -7.57
CA ASP B 924 8.97 26.79 -7.04
C ASP B 924 7.70 25.96 -6.87
N VAL B 925 6.59 26.57 -6.46
CA VAL B 925 5.37 25.78 -6.30
C VAL B 925 4.85 25.33 -7.67
N VAL B 926 4.90 26.22 -8.67
CA VAL B 926 4.47 25.81 -10.01
C VAL B 926 5.34 24.66 -10.50
N ASN B 927 6.65 24.77 -10.28
CA ASN B 927 7.56 23.72 -10.73
C ASN B 927 7.31 22.41 -9.99
N GLN B 928 7.00 22.47 -8.70
CA GLN B 928 6.74 21.25 -7.94
C GLN B 928 5.48 20.55 -8.44
N ASN B 929 4.45 21.32 -8.80
CA ASN B 929 3.24 20.68 -9.29
C ASN B 929 3.46 20.07 -10.67
N ALA B 930 4.22 20.77 -11.52
CA ALA B 930 4.53 20.21 -12.84
C ALA B 930 5.37 18.95 -12.71
N GLN B 931 6.33 18.94 -11.79
CA GLN B 931 7.17 17.76 -11.60
C GLN B 931 6.36 16.59 -11.07
N ALA B 932 5.41 16.84 -10.17
CA ALA B 932 4.58 15.75 -9.67
C ALA B 932 3.74 15.15 -10.79
N LEU B 933 3.18 15.99 -11.66
CA LEU B 933 2.36 15.44 -12.74
C LEU B 933 3.21 14.67 -13.74
N ASN B 934 4.40 15.20 -14.07
CA ASN B 934 5.26 14.50 -15.03
C ASN B 934 5.78 13.17 -14.47
N THR B 935 6.12 13.12 -13.18
CA THR B 935 6.56 11.85 -12.62
C THR B 935 5.41 10.84 -12.60
N LEU B 936 4.20 11.30 -12.26
CA LEU B 936 3.06 10.38 -12.27
C LEU B 936 2.86 9.79 -13.67
N VAL B 937 2.96 10.63 -14.70
CA VAL B 937 2.80 10.12 -16.07
C VAL B 937 3.95 9.18 -16.43
N LYS B 938 5.18 9.54 -16.06
CA LYS B 938 6.35 8.70 -16.34
C LYS B 938 6.26 7.33 -15.71
N GLN B 939 5.58 7.22 -14.56
CA GLN B 939 5.51 5.94 -13.85
C GLN B 939 4.88 4.81 -14.67
N LEU B 940 4.17 5.12 -15.76
CA LEU B 940 3.53 4.08 -16.55
C LEU B 940 4.53 3.15 -17.24
N SER B 941 5.79 3.56 -17.38
CA SER B 941 6.76 2.75 -18.11
C SER B 941 7.35 1.62 -17.28
N SER B 942 7.07 1.56 -15.98
CA SER B 942 7.65 0.52 -15.14
C SER B 942 6.87 -0.78 -15.26
N ASN B 943 7.59 -1.90 -15.14
CA ASN B 943 7.00 -3.23 -15.28
C ASN B 943 6.43 -3.80 -13.99
N PHE B 944 7.04 -3.49 -12.84
CA PHE B 944 6.65 -4.07 -11.56
C PHE B 944 6.70 -5.60 -11.57
N GLY B 945 7.56 -6.17 -12.42
CA GLY B 945 7.70 -7.61 -12.49
C GLY B 945 6.97 -8.28 -13.62
N ALA B 946 6.12 -7.57 -14.34
CA ALA B 946 5.38 -8.17 -15.44
C ALA B 946 6.28 -8.38 -16.65
N ILE B 947 5.84 -9.28 -17.54
CA ILE B 947 6.57 -9.55 -18.76
C ILE B 947 6.57 -8.36 -19.72
N SER B 948 5.60 -7.45 -19.61
CA SER B 948 5.55 -6.29 -20.49
C SER B 948 4.72 -5.21 -19.82
N SER B 949 5.12 -3.95 -20.04
CA SER B 949 4.35 -2.83 -19.50
C SER B 949 3.08 -2.52 -20.29
N VAL B 950 2.95 -3.00 -21.52
CA VAL B 950 1.79 -2.66 -22.35
C VAL B 950 0.68 -3.69 -22.17
N LEU B 951 -0.46 -3.20 -21.67
CA LEU B 951 -1.58 -4.07 -21.31
C LEU B 951 -2.17 -4.75 -22.54
N ASN B 952 -2.22 -4.06 -23.68
CA ASN B 952 -2.79 -4.67 -24.87
C ASN B 952 -1.95 -5.82 -25.40
N ASP B 953 -0.62 -5.72 -25.27
CA ASP B 953 0.23 -6.82 -25.69
C ASP B 953 0.18 -7.95 -24.67
N ILE B 954 -0.11 -7.62 -23.40
CA ILE B 954 -0.29 -8.68 -22.43
C ILE B 954 -1.54 -9.47 -22.76
N LEU B 955 -2.66 -8.77 -23.02
CA LEU B 955 -3.91 -9.45 -23.33
C LEU B 955 -3.84 -10.20 -24.66
N SER B 956 -3.11 -9.66 -25.63
CA SER B 956 -3.06 -10.31 -26.94
C SER B 956 -2.12 -11.51 -26.98
N ARG B 957 -1.37 -11.76 -25.91
CA ARG B 957 -0.40 -12.84 -25.89
C ARG B 957 -0.68 -13.92 -24.85
N LEU B 958 -1.30 -13.59 -23.72
CA LEU B 958 -1.56 -14.54 -22.65
C LEU B 958 -3.04 -14.85 -22.52
N ASP B 959 -3.34 -16.11 -22.20
CA ASP B 959 -4.70 -16.52 -21.87
C ASP B 959 -5.16 -15.95 -20.53
N PRO B 960 -6.46 -15.79 -20.34
CA PRO B 960 -7.01 -15.28 -19.07
C PRO B 960 -6.39 -15.91 -17.83
N PRO B 961 -6.22 -17.25 -17.77
CA PRO B 961 -5.72 -17.86 -16.53
C PRO B 961 -4.38 -17.30 -16.03
N GLU B 962 -3.61 -16.65 -16.90
CA GLU B 962 -2.38 -15.97 -16.51
C GLU B 962 -2.57 -14.47 -16.52
N ALA B 963 -3.51 -14.01 -17.36
CA ALA B 963 -3.80 -12.59 -17.44
C ALA B 963 -4.29 -12.05 -16.12
N GLU B 964 -5.07 -12.84 -15.35
CA GLU B 964 -5.56 -12.24 -14.11
C GLU B 964 -4.39 -11.93 -13.19
N VAL B 965 -3.36 -12.77 -13.20
CA VAL B 965 -2.19 -12.56 -12.35
C VAL B 965 -1.41 -11.34 -12.80
N GLN B 966 -1.16 -11.24 -14.11
CA GLN B 966 -0.38 -10.09 -14.56
C GLN B 966 -1.14 -8.79 -14.33
N ILE B 967 -2.46 -8.81 -14.55
CA ILE B 967 -3.25 -7.60 -14.41
C ILE B 967 -3.40 -7.17 -12.95
N ASP B 968 -3.69 -8.11 -12.03
CA ASP B 968 -3.79 -7.66 -10.64
C ASP B 968 -2.44 -7.17 -10.13
N ARG B 969 -1.33 -7.78 -10.58
CA ARG B 969 -0.03 -7.27 -10.14
C ARG B 969 0.19 -5.84 -10.62
N LEU B 970 -0.17 -5.55 -11.87
CA LEU B 970 -0.01 -4.19 -12.36
C LEU B 970 -0.97 -3.24 -11.66
N ILE B 971 -2.18 -3.71 -11.34
CA ILE B 971 -3.16 -2.88 -10.64
C ILE B 971 -2.65 -2.52 -9.26
N THR B 972 -2.08 -3.48 -8.54
CA THR B 972 -1.52 -3.20 -7.23
C THR B 972 -0.42 -2.16 -7.32
N GLY B 973 0.49 -2.31 -8.28
CA GLY B 973 1.56 -1.34 -8.40
C GLY B 973 1.06 0.07 -8.71
N ARG B 974 0.10 0.16 -9.63
CA ARG B 974 -0.38 1.48 -10.04
C ARG B 974 -1.24 2.12 -8.95
N LEU B 975 -1.96 1.30 -8.18
CA LEU B 975 -2.73 1.82 -7.06
C LEU B 975 -1.80 2.34 -5.97
N GLN B 976 -0.68 1.64 -5.73
CA GLN B 976 0.30 2.14 -4.77
C GLN B 976 0.88 3.48 -5.22
N SER B 977 1.13 3.61 -6.54
CA SER B 977 1.63 4.88 -7.05
C SER B 977 0.62 6.01 -6.83
N LEU B 978 -0.66 5.74 -7.09
CA LEU B 978 -1.69 6.74 -6.84
C LEU B 978 -1.78 7.10 -5.36
N GLN B 979 -1.66 6.11 -4.48
CA GLN B 979 -1.73 6.39 -3.05
C GLN B 979 -0.59 7.30 -2.60
N THR B 980 0.61 7.06 -3.13
CA THR B 980 1.74 7.93 -2.79
C THR B 980 1.50 9.35 -3.26
N TYR B 981 1.00 9.49 -4.49
CA TYR B 981 0.69 10.82 -5.02
C TYR B 981 -0.31 11.53 -4.12
N VAL B 982 -1.38 10.84 -3.73
CA VAL B 982 -2.43 11.47 -2.92
C VAL B 982 -1.89 11.91 -1.56
N THR B 983 -1.07 11.05 -0.92
CA THR B 983 -0.51 11.43 0.38
C THR B 983 0.35 12.68 0.27
N GLN B 984 1.22 12.74 -0.75
CA GLN B 984 2.07 13.92 -0.90
C GLN B 984 1.23 15.16 -1.17
N GLN B 985 0.13 14.98 -1.92
CA GLN B 985 -0.73 16.12 -2.23
C GLN B 985 -1.42 16.62 -0.97
N LEU B 986 -1.81 15.72 -0.07
CA LEU B 986 -2.47 16.15 1.16
C LEU B 986 -1.51 16.93 2.05
N ILE B 987 -0.25 16.49 2.14
CA ILE B 987 0.68 17.22 2.99
C ILE B 987 0.98 18.60 2.41
N ARG B 988 1.21 18.67 1.10
CA ARG B 988 1.44 19.98 0.49
C ARG B 988 0.23 20.89 0.64
N ALA B 989 -0.98 20.33 0.53
CA ALA B 989 -2.19 21.12 0.71
C ALA B 989 -2.28 21.69 2.12
N ALA B 990 -1.87 20.91 3.12
CA ALA B 990 -1.89 21.43 4.48
C ALA B 990 -0.91 22.59 4.64
N GLU B 991 0.26 22.49 4.00
CA GLU B 991 1.22 23.61 4.07
C GLU B 991 0.66 24.86 3.39
N ILE B 992 0.02 24.68 2.24
CA ILE B 992 -0.58 25.82 1.53
C ILE B 992 -1.69 26.45 2.37
N ARG B 993 -2.49 25.61 3.05
CA ARG B 993 -3.54 26.15 3.91
C ARG B 993 -2.96 27.01 5.02
N ALA B 994 -1.88 26.54 5.66
CA ALA B 994 -1.27 27.35 6.70
C ALA B 994 -0.77 28.68 6.15
N SER B 995 -0.17 28.66 4.96
CA SER B 995 0.31 29.90 4.36
C SER B 995 -0.84 30.85 4.04
N ALA B 996 -1.94 30.31 3.52
CA ALA B 996 -3.10 31.14 3.21
C ALA B 996 -3.70 31.75 4.47
N ASN B 997 -3.74 31.00 5.56
CA ASN B 997 -4.27 31.56 6.81
C ASN B 997 -3.38 32.69 7.31
N LEU B 998 -2.06 32.53 7.21
CA LEU B 998 -1.17 33.62 7.61
C LEU B 998 -1.37 34.84 6.73
N ALA B 999 -1.52 34.63 5.42
CA ALA B 999 -1.72 35.75 4.50
C ALA B 999 -3.01 36.50 4.80
N ALA B 1000 -4.09 35.75 5.09
CA ALA B 1000 -5.36 36.40 5.41
C ALA B 1000 -5.27 37.17 6.72
N THR B 1001 -4.59 36.62 7.73
CA THR B 1001 -4.43 37.33 8.98
C THR B 1001 -3.64 38.62 8.78
N LYS B 1002 -2.55 38.56 8.02
CA LYS B 1002 -1.78 39.78 7.75
C LYS B 1002 -2.60 40.80 6.99
N MET B 1003 -3.36 40.35 5.99
CA MET B 1003 -4.21 41.25 5.23
C MET B 1003 -5.16 42.00 6.17
N SER B 1004 -5.84 41.24 7.04
CA SER B 1004 -6.83 41.82 7.92
C SER B 1004 -6.21 42.76 8.95
N GLU B 1005 -5.06 42.38 9.53
CA GLU B 1005 -4.51 43.17 10.63
C GLU B 1005 -3.41 44.12 10.17
N CYS B 1006 -3.28 44.34 8.88
CA CYS B 1006 -2.22 45.24 8.41
C CYS B 1006 -2.74 46.22 7.38
N VAL B 1007 -3.58 45.77 6.44
CA VAL B 1007 -4.05 46.67 5.40
C VAL B 1007 -5.22 47.51 5.89
N LEU B 1008 -6.21 46.88 6.52
CA LEU B 1008 -7.39 47.61 6.97
C LEU B 1008 -7.13 48.46 8.20
N GLY B 1009 -6.12 48.14 9.00
CA GLY B 1009 -5.78 48.89 10.18
C GLY B 1009 -4.33 49.32 10.17
N GLN B 1010 -3.76 49.37 11.37
CA GLN B 1010 -2.34 49.69 11.56
C GLN B 1010 -1.79 48.78 12.65
N SER B 1011 -0.67 48.13 12.37
CA SER B 1011 -0.13 47.11 13.25
C SER B 1011 0.91 47.70 14.20
N LYS B 1012 0.73 47.44 15.49
CA LYS B 1012 1.72 47.80 16.50
C LYS B 1012 2.64 46.62 16.82
N ARG B 1013 2.44 45.49 16.17
CA ARG B 1013 3.23 44.29 16.41
C ARG B 1013 4.56 44.43 15.69
N VAL B 1014 5.66 44.32 16.44
CA VAL B 1014 6.98 44.57 15.89
C VAL B 1014 7.36 43.50 14.87
N ASP B 1015 7.82 43.95 13.70
CA ASP B 1015 8.30 43.10 12.59
C ASP B 1015 7.20 42.15 12.11
N PHE B 1016 5.93 42.37 12.47
CA PHE B 1016 4.86 41.56 11.91
C PHE B 1016 4.59 41.89 10.45
N CYS B 1017 4.57 43.19 10.12
CA CYS B 1017 4.26 43.59 8.76
C CYS B 1017 5.45 44.36 8.19
N GLY B 1018 6.63 43.76 8.29
CA GLY B 1018 7.89 44.29 7.82
C GLY B 1018 8.67 45.04 8.90
N LYS B 1019 9.97 45.23 8.61
CA LYS B 1019 10.87 45.90 9.54
C LYS B 1019 10.66 47.41 9.53
N GLY B 1020 10.65 47.99 10.73
CA GLY B 1020 10.41 49.42 10.88
C GLY B 1020 9.09 49.68 11.57
N TYR B 1021 8.75 50.96 11.66
CA TYR B 1021 7.48 51.37 12.25
C TYR B 1021 6.46 51.40 11.11
N HIS B 1022 5.48 50.49 11.18
CA HIS B 1022 4.53 50.31 10.10
C HIS B 1022 3.57 51.48 9.97
N LEU B 1023 3.35 51.93 8.73
CA LEU B 1023 2.33 52.92 8.44
C LEU B 1023 1.16 52.32 7.66
N MET B 1024 1.38 51.83 6.44
CA MET B 1024 0.27 51.34 5.63
C MET B 1024 0.78 50.31 4.63
N SER B 1025 -0.15 49.54 4.07
CA SER B 1025 0.16 48.59 3.03
C SER B 1025 -0.87 48.69 1.91
N PHE B 1026 -0.46 48.30 0.71
CA PHE B 1026 -1.33 48.30 -0.46
C PHE B 1026 -1.31 46.92 -1.10
N PRO B 1027 -2.44 46.26 -1.27
CA PRO B 1027 -2.44 44.95 -1.91
C PRO B 1027 -2.36 45.06 -3.43
N GLN B 1028 -1.72 44.05 -4.03
CA GLN B 1028 -1.72 43.87 -5.47
C GLN B 1028 -1.89 42.39 -5.76
N SER B 1029 -2.64 42.08 -6.81
CA SER B 1029 -2.84 40.69 -7.15
C SER B 1029 -1.65 40.14 -7.93
N ALA B 1030 -1.50 38.83 -7.88
CA ALA B 1030 -0.48 38.11 -8.63
C ALA B 1030 -1.00 36.71 -8.89
N PRO B 1031 -0.44 36.02 -9.89
CA PRO B 1031 -0.83 34.62 -10.11
C PRO B 1031 -0.62 33.78 -8.87
N HIS B 1032 -1.72 33.19 -8.37
CA HIS B 1032 -1.71 32.30 -7.21
C HIS B 1032 -1.03 32.93 -5.99
N GLY B 1033 -1.18 34.25 -5.80
CA GLY B 1033 -0.55 34.85 -4.63
C GLY B 1033 -0.87 36.31 -4.52
N VAL B 1034 -0.32 36.93 -3.47
CA VAL B 1034 -0.51 38.34 -3.16
C VAL B 1034 0.83 38.98 -2.84
N VAL B 1035 1.01 40.24 -3.25
CA VAL B 1035 2.21 41.02 -2.99
C VAL B 1035 1.84 42.27 -2.20
N PHE B 1036 2.55 42.50 -1.10
CA PHE B 1036 2.32 43.65 -0.22
C PHE B 1036 3.43 44.68 -0.36
N LEU B 1037 3.04 45.95 -0.50
CA LEU B 1037 3.96 47.09 -0.48
C LEU B 1037 3.91 47.73 0.90
N HIS B 1038 4.98 47.58 1.68
CA HIS B 1038 5.05 48.03 3.06
C HIS B 1038 5.80 49.36 3.16
N VAL B 1039 5.15 50.36 3.75
CA VAL B 1039 5.74 51.68 3.94
C VAL B 1039 6.23 51.76 5.39
N THR B 1040 7.54 51.97 5.57
CA THR B 1040 8.15 51.91 6.90
C THR B 1040 9.01 53.14 7.18
N TYR B 1041 9.14 53.46 8.47
CA TYR B 1041 9.97 54.55 8.97
C TYR B 1041 11.32 54.01 9.45
N VAL B 1042 12.42 54.52 8.89
CA VAL B 1042 13.76 54.08 9.24
C VAL B 1042 14.61 55.27 9.66
N PRO B 1043 15.16 55.29 10.87
CA PRO B 1043 16.12 56.32 11.28
C PRO B 1043 17.35 56.39 10.38
N ALA B 1044 17.82 57.60 10.08
CA ALA B 1044 18.91 57.80 9.14
C ALA B 1044 20.21 58.34 9.74
N GLN B 1045 20.16 59.36 10.61
CA GLN B 1045 21.36 59.99 11.13
C GLN B 1045 21.25 60.18 12.64
N GLU B 1046 22.38 60.09 13.34
CA GLU B 1046 22.38 60.14 14.80
C GLU B 1046 23.48 61.06 15.33
N LYS B 1047 23.25 61.59 16.53
CA LYS B 1047 24.21 62.40 17.27
C LYS B 1047 24.38 61.86 18.68
N ASN B 1048 25.53 62.14 19.29
CA ASN B 1048 25.85 61.74 20.65
C ASN B 1048 25.25 62.72 21.66
N PHE B 1049 24.27 62.26 22.43
CA PHE B 1049 23.66 63.09 23.46
C PHE B 1049 23.84 62.50 24.86
N THR B 1050 23.92 63.39 25.84
CA THR B 1050 23.98 63.05 27.26
C THR B 1050 22.57 62.89 27.85
N THR B 1051 22.43 61.97 28.81
CA THR B 1051 21.16 61.68 29.46
C THR B 1051 21.24 61.83 30.97
N ALA B 1052 20.07 61.70 31.61
CA ALA B 1052 19.91 61.80 33.06
C ALA B 1052 18.64 61.07 33.45
N PRO B 1053 18.63 60.35 34.58
CA PRO B 1053 17.39 59.65 34.99
C PRO B 1053 16.32 60.55 35.55
N ALA B 1054 16.67 61.72 36.09
CA ALA B 1054 15.71 62.60 36.73
C ALA B 1054 16.34 63.97 36.88
N ILE B 1055 15.51 64.98 37.11
CA ILE B 1055 15.98 66.34 37.38
C ILE B 1055 15.48 66.79 38.74
N CYS B 1056 16.39 67.28 39.57
CA CYS B 1056 16.06 67.86 40.86
C CYS B 1056 15.75 69.35 40.71
N HIS B 1057 14.72 69.82 41.40
CA HIS B 1057 14.45 71.25 41.45
C HIS B 1057 14.56 71.77 42.89
N ASP B 1058 13.60 71.44 43.76
CA ASP B 1058 13.68 71.78 45.18
C ASP B 1058 13.89 70.55 46.05
N GLY B 1059 14.45 69.48 45.47
CA GLY B 1059 14.56 68.20 46.14
C GLY B 1059 13.59 67.18 45.60
N LYS B 1060 12.64 67.59 44.78
CA LYS B 1060 11.67 66.70 44.17
C LYS B 1060 12.28 66.00 42.94
N ALA B 1061 11.87 64.75 42.73
CA ALA B 1061 12.34 63.96 41.61
C ALA B 1061 11.33 64.02 40.48
N HIS B 1062 11.74 64.55 39.33
CA HIS B 1062 10.89 64.70 38.16
C HIS B 1062 11.22 63.59 37.15
N PHE B 1063 10.20 62.87 36.70
CA PHE B 1063 10.45 61.80 35.74
C PHE B 1063 9.69 62.05 34.44
N PRO B 1064 10.27 61.64 33.30
CA PRO B 1064 9.59 61.87 32.02
C PRO B 1064 8.31 61.06 31.87
N ARG B 1065 7.30 61.70 31.29
CA ARG B 1065 6.10 60.95 30.89
C ARG B 1065 6.38 60.14 29.64
N GLU B 1066 7.03 60.74 28.64
CA GLU B 1066 7.42 60.09 27.41
C GLU B 1066 8.75 60.66 26.96
N GLY B 1067 9.56 59.83 26.32
CA GLY B 1067 10.82 60.32 25.79
C GLY B 1067 11.96 60.24 26.79
N VAL B 1068 13.05 60.91 26.43
CA VAL B 1068 14.28 60.90 27.21
C VAL B 1068 14.72 62.34 27.43
N PHE B 1069 15.56 62.53 28.45
CA PHE B 1069 16.23 63.81 28.66
C PHE B 1069 17.53 63.84 27.87
N VAL B 1070 17.80 64.97 27.21
CA VAL B 1070 19.02 65.13 26.42
C VAL B 1070 19.67 66.44 26.80
N SER B 1071 20.99 66.50 26.55
CA SER B 1071 21.78 67.71 26.77
C SER B 1071 22.67 67.94 25.55
N ASN B 1072 22.74 69.19 25.10
CA ASN B 1072 23.62 69.57 24.01
C ASN B 1072 25.03 69.94 24.50
N GLY B 1073 25.31 69.69 25.78
CA GLY B 1073 26.59 69.99 26.38
C GLY B 1073 26.55 71.11 27.41
N THR B 1074 25.56 71.99 27.32
CA THR B 1074 25.42 73.06 28.32
C THR B 1074 24.01 73.13 28.89
N HIS B 1075 23.00 72.73 28.10
CA HIS B 1075 21.61 72.80 28.52
C HIS B 1075 20.91 71.48 28.26
N TRP B 1076 19.96 71.14 29.13
CA TRP B 1076 19.20 69.91 29.04
C TRP B 1076 17.89 70.12 28.29
N PHE B 1077 17.55 69.17 27.42
CA PHE B 1077 16.33 69.20 26.64
C PHE B 1077 15.63 67.85 26.70
N VAL B 1078 14.34 67.84 26.35
CA VAL B 1078 13.55 66.63 26.23
C VAL B 1078 13.10 66.46 24.79
N THR B 1079 13.21 65.24 24.27
CA THR B 1079 12.82 64.95 22.90
C THR B 1079 12.25 63.54 22.80
N GLN B 1080 11.37 63.33 21.82
CA GLN B 1080 10.79 62.02 21.58
C GLN B 1080 11.87 61.01 21.18
N ARG B 1081 11.68 59.77 21.62
CA ARG B 1081 12.70 58.74 21.46
C ARG B 1081 13.05 58.48 19.99
N ASN B 1082 12.06 58.52 19.09
CA ASN B 1082 12.27 58.05 17.73
C ASN B 1082 12.55 59.16 16.72
N PHE B 1083 12.74 60.40 17.17
CA PHE B 1083 13.03 61.49 16.25
C PHE B 1083 13.56 62.69 17.02
N TYR B 1084 14.76 63.17 16.68
CA TYR B 1084 15.34 64.27 17.42
C TYR B 1084 14.59 65.56 17.08
N GLU B 1085 13.95 66.14 18.10
CA GLU B 1085 13.17 67.37 17.94
C GLU B 1085 13.16 68.06 19.30
N PRO B 1086 14.23 68.77 19.63
CA PRO B 1086 14.41 69.24 21.00
C PRO B 1086 13.37 70.30 21.37
N GLN B 1087 12.79 70.15 22.56
CA GLN B 1087 11.83 71.09 23.11
C GLN B 1087 12.28 71.49 24.50
N ILE B 1088 11.85 72.67 24.93
CA ILE B 1088 12.13 73.12 26.29
C ILE B 1088 11.43 72.22 27.30
N ILE B 1089 12.13 71.89 28.37
CA ILE B 1089 11.59 71.04 29.42
C ILE B 1089 10.63 71.86 30.27
N THR B 1090 9.38 71.40 30.38
CA THR B 1090 8.35 72.12 31.09
C THR B 1090 7.60 71.20 32.04
N THR B 1091 6.77 71.82 32.89
CA THR B 1091 5.94 71.08 33.83
C THR B 1091 4.81 70.32 33.16
N ASP B 1092 4.54 70.58 31.89
CA ASP B 1092 3.48 69.88 31.17
C ASP B 1092 3.98 68.65 30.45
N ASN B 1093 5.30 68.38 30.49
CA ASN B 1093 5.89 67.19 29.91
C ASN B 1093 6.34 66.18 30.95
N THR B 1094 6.62 66.63 32.18
CA THR B 1094 7.18 65.81 33.23
C THR B 1094 6.21 65.83 34.42
N PHE B 1095 6.38 64.87 35.34
CA PHE B 1095 5.57 64.78 36.55
C PHE B 1095 6.47 64.57 37.75
N VAL B 1096 5.93 64.88 38.93
CA VAL B 1096 6.67 64.81 40.19
C VAL B 1096 6.23 63.57 40.95
N SER B 1097 7.20 62.78 41.40
CA SER B 1097 6.92 61.62 42.25
C SER B 1097 8.16 61.33 43.09
N GLY B 1098 8.01 61.34 44.41
CA GLY B 1098 9.15 61.05 45.28
C GLY B 1098 10.13 62.21 45.35
N ASN B 1099 11.37 61.88 45.71
CA ASN B 1099 12.40 62.90 45.93
C ASN B 1099 13.75 62.40 45.43
N CYS B 1100 14.72 63.32 45.48
CA CYS B 1100 16.05 63.10 44.93
C CYS B 1100 16.91 62.10 45.73
N ASP B 1101 16.51 61.75 46.93
CA ASP B 1101 17.36 60.94 47.81
C ASP B 1101 17.24 59.44 47.58
N VAL B 1102 16.40 59.01 46.63
CA VAL B 1102 16.18 57.60 46.38
C VAL B 1102 16.83 57.14 45.08
N VAL B 1103 16.72 57.96 44.02
CA VAL B 1103 17.13 57.53 42.69
C VAL B 1103 18.65 57.63 42.58
N ILE B 1104 19.28 56.53 42.17
CA ILE B 1104 20.73 56.50 42.00
C ILE B 1104 21.09 57.16 40.67
N GLY B 1105 21.95 58.17 40.73
CA GLY B 1105 22.38 58.89 39.54
C GLY B 1105 21.55 60.10 39.18
N ILE B 1106 20.65 60.54 40.06
CA ILE B 1106 19.86 61.73 39.79
C ILE B 1106 20.77 62.95 39.74
N VAL B 1107 20.50 63.85 38.80
CA VAL B 1107 21.36 65.02 38.64
C VAL B 1107 20.54 66.29 38.85
N ASN B 1108 21.25 67.36 39.14
CA ASN B 1108 20.70 68.69 39.33
C ASN B 1108 20.61 69.47 38.01
N ASN B 1109 19.45 70.10 37.81
CA ASN B 1109 19.17 71.00 36.70
C ASN B 1109 17.98 71.88 37.10
N THR B 1110 17.34 72.50 36.12
CA THR B 1110 16.14 73.30 36.37
C THR B 1110 15.01 72.86 35.44
N VAL B 1111 13.78 72.98 35.95
CA VAL B 1111 12.56 72.67 35.20
C VAL B 1111 11.75 73.96 35.03
N TYR B 1112 11.50 74.32 33.78
CA TYR B 1112 10.75 75.54 33.49
C TYR B 1112 9.25 75.31 33.69
N ASP B 1113 8.60 76.29 34.32
CA ASP B 1113 7.17 76.25 34.56
C ASP B 1113 6.48 77.25 33.63
N PRO B 1114 5.78 76.79 32.59
CA PRO B 1114 5.15 77.74 31.65
C PRO B 1114 4.15 78.67 32.30
N LEU B 1115 3.61 78.32 33.48
CA LEU B 1115 2.61 79.17 34.12
C LEU B 1115 3.24 80.41 34.75
N GLN B 1116 4.47 80.29 35.26
CA GLN B 1116 5.18 81.36 35.94
C GLN B 1116 5.20 82.64 35.10
N PRO B 1117 5.69 82.61 33.84
CA PRO B 1117 5.66 83.86 33.05
C PRO B 1117 4.25 84.34 32.74
N GLU B 1118 3.27 83.44 32.75
CA GLU B 1118 1.89 83.83 32.44
C GLU B 1118 1.29 84.60 33.60
N LEU B 1119 1.68 84.27 34.83
CA LEU B 1119 1.22 85.04 35.98
C LEU B 1119 2.09 86.24 36.26
N ASP B 1120 3.37 86.18 35.87
CA ASP B 1120 4.25 87.33 36.05
C ASP B 1120 3.90 88.46 35.08
N SER B 1121 3.60 88.12 33.82
CA SER B 1121 3.23 89.12 32.84
C SER B 1121 1.75 89.46 32.93
N ALA C 1 -46.34 1.15 -26.53
CA ALA C 1 -46.07 2.48 -26.01
C ALA C 1 -45.55 2.42 -24.58
N TYR C 2 -44.67 3.36 -24.23
CA TYR C 2 -44.14 3.39 -22.87
C TYR C 2 -45.23 3.78 -21.87
N THR C 3 -45.07 3.29 -20.65
CA THR C 3 -45.89 3.70 -19.52
C THR C 3 -44.97 3.93 -18.33
N ASN C 4 -45.54 4.37 -17.21
CA ASN C 4 -44.77 4.59 -15.99
C ASN C 4 -44.70 3.27 -15.22
N SER C 5 -43.94 2.34 -15.79
CA SER C 5 -43.79 1.01 -15.20
C SER C 5 -42.95 1.04 -13.92
N PHE C 6 -42.23 2.12 -13.66
CA PHE C 6 -41.38 2.27 -12.50
C PHE C 6 -40.36 1.14 -12.35
N THR C 7 -40.54 0.34 -11.30
CA THR C 7 -39.53 -0.59 -10.82
C THR C 7 -39.89 -2.07 -11.02
N ARG C 8 -40.73 -2.38 -12.01
CA ARG C 8 -41.06 -3.77 -12.23
C ARG C 8 -39.87 -4.51 -12.86
N GLY C 9 -39.85 -5.83 -12.66
CA GLY C 9 -38.84 -6.68 -13.24
C GLY C 9 -37.63 -6.95 -12.37
N VAL C 10 -37.74 -6.78 -11.06
CA VAL C 10 -36.66 -7.02 -10.11
C VAL C 10 -36.94 -8.30 -9.34
N TYR C 11 -35.94 -9.18 -9.30
CA TYR C 11 -36.03 -10.46 -8.60
C TYR C 11 -34.80 -10.60 -7.71
N TYR C 12 -34.86 -11.53 -6.78
CA TYR C 12 -33.75 -11.73 -5.85
C TYR C 12 -32.55 -12.29 -6.58
N PRO C 13 -31.43 -11.55 -6.64
CA PRO C 13 -30.29 -12.01 -7.44
C PRO C 13 -29.62 -13.26 -6.90
N ASP C 14 -29.77 -13.55 -5.62
CA ASP C 14 -29.15 -14.71 -5.00
C ASP C 14 -30.04 -15.21 -3.86
N LYS C 15 -29.48 -16.11 -3.05
CA LYS C 15 -30.20 -16.79 -1.98
C LYS C 15 -29.69 -16.38 -0.60
N VAL C 16 -29.18 -15.17 -0.46
CA VAL C 16 -28.65 -14.68 0.82
C VAL C 16 -29.70 -13.84 1.51
N PHE C 17 -29.96 -14.14 2.79
CA PHE C 17 -30.89 -13.35 3.57
C PHE C 17 -30.20 -12.07 4.02
N ARG C 18 -30.85 -10.93 3.75
CA ARG C 18 -30.35 -9.64 4.18
C ARG C 18 -31.51 -8.80 4.68
N SER C 19 -31.21 -7.88 5.58
CA SER C 19 -32.22 -6.95 6.07
C SER C 19 -31.56 -5.62 6.42
N SER C 20 -32.34 -4.55 6.29
CA SER C 20 -31.92 -3.19 6.63
C SER C 20 -30.56 -2.84 6.01
N VAL C 21 -30.43 -3.10 4.71
CA VAL C 21 -29.17 -2.89 3.99
C VAL C 21 -29.48 -2.54 2.54
N LEU C 22 -28.61 -1.72 1.95
CA LEU C 22 -28.64 -1.39 0.53
C LEU C 22 -27.51 -2.17 -0.15
N HIS C 23 -27.88 -3.10 -1.04
CA HIS C 23 -26.90 -3.99 -1.66
C HIS C 23 -26.77 -3.69 -3.14
N SER C 24 -25.53 -3.47 -3.58
CA SER C 24 -25.21 -3.22 -4.98
C SER C 24 -24.74 -4.53 -5.62
N THR C 25 -25.44 -4.96 -6.67
CA THR C 25 -25.13 -6.22 -7.34
C THR C 25 -25.28 -6.05 -8.84
N GLN C 26 -24.52 -6.84 -9.59
CA GLN C 26 -24.60 -6.88 -11.04
C GLN C 26 -25.21 -8.21 -11.47
N ASP C 27 -26.34 -8.13 -12.17
CA ASP C 27 -27.07 -9.32 -12.60
C ASP C 27 -27.99 -8.90 -13.74
N LEU C 28 -28.76 -9.88 -14.23
CA LEU C 28 -29.68 -9.69 -15.35
C LEU C 28 -31.01 -9.14 -14.85
N PHE C 29 -31.22 -7.84 -15.01
CA PHE C 29 -32.42 -7.16 -14.53
C PHE C 29 -33.21 -6.53 -15.67
N LEU C 30 -34.49 -6.27 -15.41
CA LEU C 30 -35.36 -5.57 -16.35
C LEU C 30 -35.06 -4.08 -16.36
N PRO C 31 -34.71 -3.49 -17.49
CA PRO C 31 -34.44 -2.04 -17.54
C PRO C 31 -35.66 -1.24 -17.09
N PHE C 32 -35.41 -0.20 -16.30
CA PHE C 32 -36.50 0.63 -15.80
C PHE C 32 -37.12 1.44 -16.93
N PHE C 33 -38.45 1.53 -16.92
CA PHE C 33 -39.22 2.26 -17.91
C PHE C 33 -38.98 1.75 -19.32
N SER C 34 -38.50 0.51 -19.45
CA SER C 34 -38.28 -0.15 -20.73
C SER C 34 -39.61 -0.63 -21.31
N ASN C 35 -39.55 -1.09 -22.55
CA ASN C 35 -40.71 -1.66 -23.21
C ASN C 35 -40.95 -3.09 -22.76
N VAL C 36 -42.17 -3.38 -22.35
CA VAL C 36 -42.62 -4.73 -22.07
C VAL C 36 -43.81 -5.01 -22.99
N THR C 37 -43.82 -6.18 -23.61
CA THR C 37 -44.84 -6.47 -24.60
C THR C 37 -46.17 -6.76 -23.91
N TRP C 38 -47.23 -6.14 -24.41
CA TRP C 38 -48.56 -6.26 -23.83
C TRP C 38 -49.35 -7.23 -24.69
N PHE C 39 -49.75 -8.35 -24.09
CA PHE C 39 -50.46 -9.41 -24.79
C PHE C 39 -51.91 -9.47 -24.35
N HIS C 40 -52.76 -9.99 -25.24
CA HIS C 40 -54.18 -10.11 -24.98
C HIS C 40 -54.59 -11.57 -25.08
N ALA C 41 -55.64 -11.94 -24.36
CA ALA C 41 -56.18 -13.29 -24.37
C ALA C 41 -57.69 -13.27 -24.53
N ILE C 42 -58.16 -12.58 -25.57
CA ILE C 42 -59.58 -12.46 -25.84
C ILE C 42 -59.83 -12.83 -27.29
N HIS C 43 -61.10 -13.17 -27.57
CA HIS C 43 -61.55 -13.51 -28.92
C HIS C 43 -60.65 -14.54 -29.61
N ASP C 54 -52.76 -13.75 -29.58
CA ASP C 54 -51.45 -13.12 -29.44
C ASP C 54 -50.52 -13.99 -28.59
N ASN C 55 -49.99 -15.05 -29.18
CA ASN C 55 -49.12 -16.00 -28.49
C ASN C 55 -47.84 -16.25 -29.30
N PRO C 56 -47.06 -15.22 -29.59
CA PRO C 56 -45.84 -15.42 -30.37
C PRO C 56 -44.74 -16.10 -29.54
N VAL C 57 -43.72 -16.57 -30.26
CA VAL C 57 -42.52 -17.11 -29.65
C VAL C 57 -41.52 -15.98 -29.45
N LEU C 58 -41.05 -15.81 -28.21
CA LEU C 58 -40.13 -14.71 -27.97
C LEU C 58 -38.74 -15.20 -27.62
N PRO C 59 -37.71 -14.40 -27.91
CA PRO C 59 -36.35 -14.75 -27.45
C PRO C 59 -36.26 -14.80 -25.93
N PHE C 60 -35.37 -15.66 -25.45
CA PHE C 60 -35.08 -15.80 -24.03
C PHE C 60 -33.84 -15.02 -23.58
N ASN C 61 -32.89 -14.81 -24.48
CA ASN C 61 -31.60 -14.17 -24.20
C ASN C 61 -30.92 -14.95 -23.08
N ASP C 62 -30.52 -14.31 -21.98
CA ASP C 62 -29.82 -14.97 -20.88
C ASP C 62 -30.72 -15.20 -19.68
N GLY C 63 -32.03 -15.05 -19.85
CA GLY C 63 -32.99 -15.21 -18.77
C GLY C 63 -34.12 -14.21 -18.95
N VAL C 64 -35.33 -14.63 -18.57
CA VAL C 64 -36.53 -13.84 -18.78
C VAL C 64 -37.32 -13.75 -17.47
N TYR C 65 -37.82 -12.56 -17.19
CA TYR C 65 -38.75 -12.31 -16.09
C TYR C 65 -40.18 -12.50 -16.58
N PHE C 66 -41.00 -13.19 -15.79
CA PHE C 66 -42.37 -13.49 -16.16
C PHE C 66 -43.34 -12.93 -15.12
N ALA C 67 -44.45 -12.41 -15.61
CA ALA C 67 -45.54 -11.97 -14.75
C ALA C 67 -46.85 -12.23 -15.49
N SER C 68 -47.89 -12.56 -14.73
CA SER C 68 -49.20 -12.73 -15.34
C SER C 68 -50.28 -12.39 -14.34
N THR C 69 -51.43 -11.95 -14.86
CA THR C 69 -52.63 -11.73 -14.05
C THR C 69 -53.73 -12.66 -14.57
N GLU C 70 -54.37 -13.38 -13.66
CA GLU C 70 -55.34 -14.40 -14.04
C GLU C 70 -56.61 -14.27 -13.21
N LYS C 71 -57.68 -14.85 -13.73
CA LYS C 71 -58.95 -14.97 -13.03
C LYS C 71 -59.54 -16.37 -13.13
N SER C 72 -59.02 -17.23 -14.02
CA SER C 72 -59.56 -18.57 -14.22
C SER C 72 -58.45 -19.59 -14.44
N ASN C 73 -57.21 -19.27 -14.02
CA ASN C 73 -56.06 -20.16 -14.11
C ASN C 73 -55.80 -20.61 -15.56
N ILE C 74 -55.64 -19.62 -16.43
CA ILE C 74 -55.41 -19.92 -17.85
C ILE C 74 -54.03 -20.51 -18.05
N ILE C 75 -53.01 -19.91 -17.43
CA ILE C 75 -51.63 -20.39 -17.56
C ILE C 75 -51.40 -21.48 -16.52
N ARG C 76 -51.14 -22.70 -17.00
CA ARG C 76 -50.94 -23.84 -16.11
C ARG C 76 -49.64 -24.60 -16.36
N GLY C 77 -48.87 -24.24 -17.38
CA GLY C 77 -47.64 -24.95 -17.67
C GLY C 77 -46.80 -24.36 -18.77
N TRP C 78 -45.50 -24.24 -18.53
CA TRP C 78 -44.57 -23.65 -19.48
C TRP C 78 -43.86 -24.75 -20.27
N ILE C 79 -43.53 -24.44 -21.53
CA ILE C 79 -42.78 -25.33 -22.40
C ILE C 79 -41.55 -24.57 -22.91
N PHE C 80 -40.39 -25.21 -22.79
CA PHE C 80 -39.12 -24.62 -23.23
C PHE C 80 -38.41 -25.56 -24.19
N GLY C 81 -37.86 -24.99 -25.25
CA GLY C 81 -37.08 -25.78 -26.19
C GLY C 81 -36.61 -24.96 -27.35
N THR C 82 -36.25 -25.65 -28.44
CA THR C 82 -35.72 -24.98 -29.63
C THR C 82 -36.57 -25.14 -30.87
N THR C 83 -37.08 -26.33 -31.16
CA THR C 83 -37.81 -26.58 -32.40
C THR C 83 -39.26 -26.97 -32.22
N LEU C 84 -39.66 -27.44 -31.04
CA LEU C 84 -41.05 -27.81 -30.76
C LEU C 84 -41.58 -28.82 -31.77
N ASP C 85 -40.76 -29.82 -32.13
CA ASP C 85 -41.17 -30.74 -33.18
C ASP C 85 -40.82 -32.19 -32.85
N SER C 86 -40.73 -32.54 -31.57
CA SER C 86 -40.48 -33.90 -31.08
C SER C 86 -39.07 -34.41 -31.34
N LYS C 87 -38.18 -33.58 -31.88
CA LYS C 87 -36.82 -34.05 -32.17
C LYS C 87 -35.88 -33.95 -30.98
N THR C 88 -36.23 -33.15 -29.97
CA THR C 88 -35.41 -33.00 -28.77
C THR C 88 -36.31 -33.08 -27.54
N GLN C 89 -35.68 -33.10 -26.37
CA GLN C 89 -36.44 -33.19 -25.14
C GLN C 89 -37.12 -31.86 -24.84
N SER C 90 -38.37 -31.93 -24.39
CA SER C 90 -39.18 -30.74 -24.17
C SER C 90 -39.93 -30.87 -22.87
N LEU C 91 -39.79 -29.85 -22.01
CA LEU C 91 -40.47 -29.84 -20.73
C LEU C 91 -41.97 -29.69 -20.92
N LEU C 92 -42.74 -30.54 -20.26
CA LEU C 92 -44.20 -30.50 -20.30
C LEU C 92 -44.71 -30.36 -18.87
N ILE C 93 -45.46 -29.28 -18.61
CA ILE C 93 -46.03 -29.01 -17.30
C ILE C 93 -47.54 -28.93 -17.44
N VAL C 94 -48.25 -29.70 -16.62
CA VAL C 94 -49.70 -29.72 -16.63
C VAL C 94 -50.17 -29.51 -15.20
N ASN C 95 -51.15 -28.63 -15.01
CA ASN C 95 -51.72 -28.35 -13.69
C ASN C 95 -53.17 -28.80 -13.67
N ASN C 96 -53.39 -30.04 -13.24
CA ASN C 96 -54.72 -30.61 -13.11
C ASN C 96 -54.96 -30.95 -11.65
N ALA C 97 -56.15 -30.62 -11.16
CA ALA C 97 -56.54 -30.77 -9.75
C ALA C 97 -55.55 -29.96 -8.91
N THR C 98 -54.97 -30.51 -7.86
CA THR C 98 -53.95 -29.82 -7.07
C THR C 98 -52.63 -30.58 -7.09
N ASN C 99 -52.37 -31.33 -8.16
CA ASN C 99 -51.20 -32.19 -8.27
C ASN C 99 -50.33 -31.69 -9.41
N VAL C 100 -49.14 -31.21 -9.08
CA VAL C 100 -48.17 -30.78 -10.09
C VAL C 100 -47.41 -32.00 -10.61
N VAL C 101 -47.42 -32.19 -11.93
CA VAL C 101 -46.70 -33.27 -12.59
C VAL C 101 -45.74 -32.66 -13.60
N ILE C 102 -44.47 -33.06 -13.53
CA ILE C 102 -43.42 -32.52 -14.38
C ILE C 102 -42.76 -33.67 -15.15
N LYS C 103 -42.70 -33.52 -16.47
CA LYS C 103 -42.04 -34.46 -17.35
C LYS C 103 -41.29 -33.70 -18.42
N VAL C 104 -40.20 -34.28 -18.93
CA VAL C 104 -39.44 -33.65 -20.00
C VAL C 104 -39.27 -34.57 -21.19
N CYS C 105 -40.22 -35.47 -21.43
CA CYS C 105 -40.11 -36.38 -22.56
C CYS C 105 -40.45 -35.65 -23.86
N GLU C 106 -40.16 -36.32 -24.98
CA GLU C 106 -40.46 -35.78 -26.32
C GLU C 106 -41.93 -36.02 -26.66
N PHE C 107 -42.79 -35.24 -25.99
CA PHE C 107 -44.22 -35.41 -26.16
C PHE C 107 -44.65 -34.94 -27.55
N GLN C 108 -45.64 -35.62 -28.11
CA GLN C 108 -46.22 -35.23 -29.40
C GLN C 108 -47.37 -34.26 -29.14
N PHE C 109 -47.14 -32.99 -29.46
CA PHE C 109 -48.14 -31.95 -29.25
C PHE C 109 -49.00 -31.78 -30.50
N CYS C 110 -50.21 -31.25 -30.28
CA CYS C 110 -51.11 -31.00 -31.39
C CYS C 110 -50.58 -29.85 -32.25
N ASN C 111 -51.16 -29.72 -33.45
CA ASN C 111 -50.77 -28.64 -34.35
C ASN C 111 -50.98 -27.26 -33.73
N ASP C 112 -52.00 -27.11 -32.89
CA ASP C 112 -52.30 -25.84 -32.24
C ASP C 112 -52.65 -26.05 -30.78
N PRO C 113 -51.66 -26.04 -29.90
CA PRO C 113 -51.93 -26.27 -28.46
C PRO C 113 -52.85 -25.22 -27.88
N PHE C 114 -53.78 -25.67 -27.04
CA PHE C 114 -54.69 -24.77 -26.34
C PHE C 114 -55.22 -25.47 -25.09
N LEU C 115 -55.79 -24.68 -24.20
CA LEU C 115 -56.38 -25.18 -22.96
C LEU C 115 -57.88 -24.91 -22.95
N GLY C 116 -58.66 -25.92 -22.58
CA GLY C 116 -60.09 -25.75 -22.43
C GLY C 116 -60.46 -25.26 -21.04
N VAL C 117 -61.63 -24.63 -20.95
CA VAL C 117 -62.17 -24.19 -19.67
C VAL C 117 -63.06 -25.27 -19.06
N ASN C 139 -38.11 -39.83 -22.84
CA ASN C 139 -36.78 -39.51 -22.33
C ASN C 139 -36.82 -38.45 -21.23
N CYS C 140 -37.64 -38.67 -20.21
CA CYS C 140 -37.69 -37.78 -19.06
C CYS C 140 -36.62 -38.16 -18.05
N THR C 141 -35.97 -37.16 -17.47
CA THR C 141 -34.91 -37.36 -16.49
C THR C 141 -35.30 -36.89 -15.10
N PHE C 142 -36.50 -36.34 -14.92
CA PHE C 142 -36.94 -35.84 -13.62
C PHE C 142 -38.46 -35.81 -13.65
N GLU C 143 -39.09 -36.79 -13.02
CA GLU C 143 -40.53 -36.83 -12.86
C GLU C 143 -40.90 -36.57 -11.41
N TYR C 144 -41.94 -35.76 -11.21
CA TYR C 144 -42.48 -35.49 -9.89
C TYR C 144 -44.00 -35.40 -9.99
N VAL C 145 -44.70 -36.02 -9.05
CA VAL C 145 -46.15 -35.95 -8.95
C VAL C 145 -46.53 -35.64 -7.52
N SER C 146 -47.40 -34.65 -7.33
CA SER C 146 -47.90 -34.31 -6.01
C SER C 146 -49.02 -35.26 -5.59
N PHE C 160 -58.25 -8.25 -12.84
CA PHE C 160 -57.79 -9.49 -12.25
C PHE C 160 -57.50 -9.27 -10.78
N LYS C 161 -57.50 -10.35 -9.98
CA LYS C 161 -57.34 -10.21 -8.54
C LYS C 161 -56.03 -10.76 -8.00
N ASN C 162 -55.42 -11.75 -8.64
CA ASN C 162 -54.20 -12.37 -8.14
C ASN C 162 -53.21 -12.55 -9.28
N LEU C 163 -52.03 -11.97 -9.15
CA LEU C 163 -50.95 -12.17 -10.11
C LEU C 163 -49.87 -13.03 -9.47
N ARG C 164 -49.45 -14.07 -10.20
CA ARG C 164 -48.38 -14.96 -9.74
C ARG C 164 -47.22 -14.79 -10.71
N GLU C 165 -46.18 -14.12 -10.23
CA GLU C 165 -45.04 -13.75 -11.05
C GLU C 165 -43.94 -14.78 -10.83
N PHE C 166 -43.22 -15.13 -11.90
CA PHE C 166 -42.20 -16.17 -11.83
C PHE C 166 -40.96 -15.70 -12.57
N VAL C 167 -39.82 -16.28 -12.19
CA VAL C 167 -38.57 -16.14 -12.93
C VAL C 167 -38.06 -17.53 -13.27
N PHE C 168 -37.80 -17.76 -14.55
CA PHE C 168 -37.30 -19.02 -15.05
C PHE C 168 -36.00 -18.74 -15.80
N LYS C 169 -34.90 -19.28 -15.31
CA LYS C 169 -33.62 -19.09 -15.99
C LYS C 169 -32.83 -20.39 -15.97
N ASN C 170 -31.98 -20.55 -16.98
CA ASN C 170 -31.16 -21.75 -17.13
C ASN C 170 -29.70 -21.33 -17.09
N ILE C 171 -28.99 -21.77 -16.05
CA ILE C 171 -27.56 -21.48 -15.89
C ILE C 171 -26.84 -22.81 -15.93
N ASP C 172 -26.03 -23.01 -16.98
CA ASP C 172 -25.31 -24.26 -17.18
C ASP C 172 -26.27 -25.46 -17.15
N GLY C 173 -27.46 -25.26 -17.71
CA GLY C 173 -28.43 -26.33 -17.78
C GLY C 173 -29.37 -26.44 -16.60
N TYR C 174 -29.23 -25.60 -15.59
CA TYR C 174 -29.99 -25.73 -14.35
C TYR C 174 -31.16 -24.76 -14.39
N PHE C 175 -32.38 -25.29 -14.26
CA PHE C 175 -33.60 -24.51 -14.41
C PHE C 175 -34.02 -23.98 -13.05
N LYS C 176 -33.84 -22.68 -12.83
CA LYS C 176 -34.08 -22.06 -11.53
C LYS C 176 -35.41 -21.31 -11.58
N ILE C 177 -36.26 -21.56 -10.57
CA ILE C 177 -37.61 -21.00 -10.52
C ILE C 177 -37.73 -20.07 -9.32
N TYR C 178 -38.18 -18.84 -9.57
CA TYR C 178 -38.49 -17.83 -8.58
C TYR C 178 -39.96 -17.48 -8.69
N SER C 179 -40.58 -17.07 -7.59
CA SER C 179 -41.99 -16.67 -7.66
C SER C 179 -42.37 -15.80 -6.46
N LYS C 180 -43.49 -15.08 -6.63
CA LYS C 180 -44.07 -14.26 -5.57
C LYS C 180 -45.58 -14.17 -5.75
N HIS C 181 -46.33 -14.34 -4.67
CA HIS C 181 -47.78 -14.21 -4.67
C HIS C 181 -48.20 -12.92 -3.99
N THR C 182 -48.99 -12.09 -4.67
CA THR C 182 -49.54 -10.87 -4.06
C THR C 182 -50.88 -10.51 -4.71
N PRO C 183 -51.86 -10.05 -3.92
CA PRO C 183 -53.11 -9.55 -4.49
C PRO C 183 -53.00 -8.16 -5.12
N ILE C 184 -53.67 -7.98 -6.25
CA ILE C 184 -53.84 -6.68 -6.90
C ILE C 184 -55.27 -6.58 -7.39
N ASN C 185 -55.68 -5.36 -7.76
CA ASN C 185 -57.01 -5.11 -8.34
C ASN C 185 -56.89 -4.20 -9.57
N LEU C 186 -56.53 -4.79 -10.72
CA LEU C 186 -56.40 -4.01 -11.94
C LEU C 186 -56.41 -4.95 -13.14
N VAL C 187 -57.36 -4.74 -14.05
CA VAL C 187 -57.49 -5.56 -15.24
C VAL C 187 -57.07 -4.84 -16.53
N ARG C 188 -57.29 -3.52 -16.62
CA ARG C 188 -57.22 -2.83 -17.90
C ARG C 188 -55.83 -2.86 -18.51
N ASP C 189 -54.79 -2.71 -17.70
CA ASP C 189 -53.47 -2.41 -18.24
C ASP C 189 -52.40 -2.95 -17.29
N LEU C 190 -51.14 -2.59 -17.56
CA LEU C 190 -50.03 -3.03 -16.75
C LEU C 190 -50.25 -2.61 -15.30
N PRO C 191 -50.13 -3.54 -14.34
CA PRO C 191 -50.26 -3.15 -12.94
C PRO C 191 -49.16 -2.18 -12.50
N GLN C 192 -49.54 -1.20 -11.68
CA GLN C 192 -48.59 -0.29 -11.07
C GLN C 192 -48.21 -0.81 -9.69
N GLY C 193 -46.92 -0.84 -9.41
CA GLY C 193 -46.44 -1.30 -8.12
C GLY C 193 -45.08 -1.95 -8.26
N PHE C 194 -44.62 -2.52 -7.15
CA PHE C 194 -43.37 -3.26 -7.08
C PHE C 194 -43.62 -4.58 -6.37
N SER C 195 -43.05 -5.66 -6.90
CA SER C 195 -43.10 -6.95 -6.21
C SER C 195 -41.89 -7.79 -6.59
N ALA C 196 -41.16 -8.23 -5.56
CA ALA C 196 -39.97 -9.06 -5.74
C ALA C 196 -40.34 -10.53 -5.70
N LEU C 197 -39.65 -11.33 -6.50
CA LEU C 197 -39.92 -12.76 -6.65
C LEU C 197 -38.88 -13.58 -5.90
N GLU C 198 -39.37 -14.46 -4.88
CA GLU C 198 -38.46 -15.39 -4.22
C GLU C 198 -38.36 -16.71 -4.98
N PRO C 199 -37.20 -17.38 -4.91
CA PRO C 199 -37.09 -18.73 -5.45
C PRO C 199 -37.80 -19.77 -4.58
N LEU C 200 -38.42 -20.74 -5.25
CA LEU C 200 -39.03 -21.89 -4.57
C LEU C 200 -38.58 -23.24 -5.10
N VAL C 201 -38.40 -23.37 -6.42
CA VAL C 201 -38.21 -24.69 -7.05
C VAL C 201 -37.00 -24.62 -7.99
N ASP C 202 -36.31 -25.76 -8.11
CA ASP C 202 -35.16 -25.88 -9.02
C ASP C 202 -35.24 -27.22 -9.73
N LEU C 203 -35.59 -27.20 -11.02
CA LEU C 203 -35.81 -28.41 -11.81
C LEU C 203 -34.62 -28.69 -12.71
N PRO C 204 -33.94 -29.82 -12.58
CA PRO C 204 -32.76 -30.11 -13.43
C PRO C 204 -33.12 -30.61 -14.83
N ILE C 205 -33.71 -29.73 -15.65
CA ILE C 205 -34.20 -30.17 -16.96
C ILE C 205 -33.07 -30.28 -17.98
N GLY C 206 -32.05 -29.44 -17.88
CA GLY C 206 -30.89 -29.51 -18.77
C GLY C 206 -31.10 -29.07 -20.20
N ILE C 207 -32.08 -28.21 -20.47
CA ILE C 207 -32.36 -27.70 -21.81
C ILE C 207 -31.80 -26.29 -21.91
N ASN C 208 -31.08 -25.99 -23.02
CA ASN C 208 -30.58 -24.63 -23.21
C ASN C 208 -31.76 -23.81 -23.74
N ILE C 209 -32.22 -22.84 -22.96
CA ILE C 209 -33.44 -22.11 -23.29
C ILE C 209 -33.07 -20.81 -23.98
N THR C 210 -33.54 -20.66 -25.22
CA THR C 210 -33.32 -19.47 -26.03
C THR C 210 -34.62 -18.86 -26.53
N ARG C 211 -35.71 -19.62 -26.53
CA ARG C 211 -37.03 -19.15 -26.91
C ARG C 211 -38.03 -19.75 -25.95
N PHE C 212 -39.18 -19.10 -25.82
CA PHE C 212 -40.25 -19.63 -24.99
C PHE C 212 -41.59 -19.24 -25.61
N GLN C 213 -42.64 -19.90 -25.15
CA GLN C 213 -43.98 -19.67 -25.68
C GLN C 213 -44.99 -19.72 -24.54
N THR C 214 -46.09 -19.00 -24.74
CA THR C 214 -47.22 -18.98 -23.82
C THR C 214 -48.34 -19.87 -24.34
N LEU C 215 -49.34 -20.08 -23.49
CA LEU C 215 -50.51 -20.87 -23.84
C LEU C 215 -51.76 -20.05 -23.55
N LEU C 216 -52.60 -19.85 -24.56
CA LEU C 216 -53.85 -19.14 -24.43
C LEU C 216 -55.02 -20.11 -24.48
N ALA C 217 -56.01 -19.87 -23.64
CA ALA C 217 -57.21 -20.69 -23.58
C ALA C 217 -58.29 -20.08 -24.47
N LEU C 218 -58.70 -20.81 -25.50
CA LEU C 218 -59.69 -20.35 -26.47
C LEU C 218 -60.98 -21.10 -26.27
N HIS C 219 -62.10 -20.37 -26.25
CA HIS C 219 -63.41 -20.99 -26.08
C HIS C 219 -63.93 -21.56 -27.39
N ALA C 237 -56.76 -13.29 -20.02
CA ALA C 237 -55.54 -13.61 -19.30
C ALA C 237 -54.38 -12.72 -19.77
N ALA C 238 -54.32 -11.51 -19.22
CA ALA C 238 -53.24 -10.58 -19.51
C ALA C 238 -51.96 -11.04 -18.82
N TYR C 239 -51.09 -11.71 -19.55
CA TYR C 239 -49.79 -12.11 -19.04
C TYR C 239 -48.73 -11.10 -19.49
N TYR C 240 -47.61 -11.08 -18.78
CA TYR C 240 -46.58 -10.08 -19.01
C TYR C 240 -45.22 -10.75 -19.17
N VAL C 241 -44.44 -10.25 -20.12
CA VAL C 241 -43.09 -10.74 -20.38
C VAL C 241 -42.13 -9.56 -20.36
N GLY C 242 -41.09 -9.65 -19.52
CA GLY C 242 -40.04 -8.67 -19.49
C GLY C 242 -38.73 -9.34 -19.86
N TYR C 243 -37.68 -8.55 -20.03
CA TYR C 243 -36.39 -9.09 -20.42
C TYR C 243 -35.29 -8.54 -19.53
N LEU C 244 -34.33 -9.39 -19.21
CA LEU C 244 -33.25 -9.05 -18.32
C LEU C 244 -32.04 -8.51 -19.09
N GLN C 245 -31.32 -7.59 -18.45
CA GLN C 245 -30.08 -7.05 -18.99
C GLN C 245 -29.04 -6.98 -17.89
N PRO C 246 -27.74 -7.03 -18.24
CA PRO C 246 -26.70 -6.98 -17.21
C PRO C 246 -26.49 -5.59 -16.61
N ARG C 247 -27.54 -5.05 -16.01
CA ARG C 247 -27.49 -3.74 -15.36
C ARG C 247 -27.10 -3.88 -13.89
N THR C 248 -26.55 -2.81 -13.34
CA THR C 248 -26.24 -2.72 -11.92
C THR C 248 -27.39 -2.02 -11.19
N PHE C 249 -27.92 -2.68 -10.16
CA PHE C 249 -29.03 -2.15 -9.37
C PHE C 249 -28.68 -2.08 -7.88
N LEU C 250 -29.20 -1.05 -7.21
CA LEU C 250 -29.18 -0.97 -5.75
C LEU C 250 -30.54 -1.40 -5.21
N LEU C 251 -30.54 -2.49 -4.45
CA LEU C 251 -31.77 -3.09 -3.93
C LEU C 251 -31.91 -2.75 -2.45
N LYS C 252 -33.07 -2.24 -2.06
CA LYS C 252 -33.33 -1.84 -0.68
C LYS C 252 -34.14 -2.91 0.04
N TYR C 253 -33.53 -3.51 1.07
CA TYR C 253 -34.18 -4.53 1.89
C TYR C 253 -34.77 -3.89 3.14
N ASN C 254 -36.03 -4.17 3.40
CA ASN C 254 -36.72 -3.60 4.56
C ASN C 254 -36.40 -4.42 5.81
N GLU C 255 -37.10 -4.11 6.91
CA GLU C 255 -36.84 -4.77 8.19
C GLU C 255 -37.16 -6.26 8.14
N ASN C 256 -38.01 -6.68 7.22
CA ASN C 256 -38.39 -8.08 7.07
C ASN C 256 -37.61 -8.77 5.96
N GLY C 257 -36.64 -8.07 5.38
CA GLY C 257 -35.82 -8.61 4.31
C GLY C 257 -36.44 -8.64 2.95
N THR C 258 -37.50 -7.87 2.70
CA THR C 258 -38.12 -7.81 1.38
C THR C 258 -37.67 -6.54 0.68
N ILE C 259 -37.22 -6.67 -0.56
CA ILE C 259 -36.85 -5.51 -1.37
C ILE C 259 -38.12 -4.84 -1.90
N THR C 260 -38.24 -3.53 -1.64
CA THR C 260 -39.40 -2.75 -2.03
C THR C 260 -39.14 -1.74 -3.15
N ASP C 261 -37.88 -1.40 -3.41
CA ASP C 261 -37.56 -0.46 -4.48
C ASP C 261 -36.18 -0.78 -5.05
N ALA C 262 -35.80 -0.05 -6.09
CA ALA C 262 -34.51 -0.24 -6.75
C ALA C 262 -34.18 0.98 -7.60
N VAL C 263 -32.89 1.20 -7.82
CA VAL C 263 -32.40 2.27 -8.69
C VAL C 263 -31.63 1.63 -9.84
N ASP C 264 -32.01 1.96 -11.07
CA ASP C 264 -31.31 1.51 -12.27
C ASP C 264 -30.19 2.51 -12.56
N CYS C 265 -28.94 2.10 -12.35
CA CYS C 265 -27.83 3.03 -12.41
C CYS C 265 -27.58 3.63 -13.79
N ALA C 266 -28.20 3.10 -14.85
CA ALA C 266 -27.99 3.60 -16.19
C ALA C 266 -29.24 4.19 -16.83
N LEU C 267 -30.29 4.47 -16.05
CA LEU C 267 -31.50 5.03 -16.63
C LEU C 267 -31.29 6.46 -17.12
N ASP C 268 -30.55 7.27 -16.35
CA ASP C 268 -30.37 8.69 -16.63
C ASP C 268 -29.35 9.29 -15.67
N PRO C 269 -28.83 10.50 -15.94
CA PRO C 269 -27.84 11.09 -15.03
C PRO C 269 -28.28 11.19 -13.57
N LEU C 270 -29.57 11.42 -13.30
CA LEU C 270 -30.00 11.47 -11.90
C LEU C 270 -29.87 10.10 -11.24
N SER C 271 -30.23 9.05 -11.98
CA SER C 271 -30.05 7.70 -11.46
C SER C 271 -28.57 7.39 -11.26
N GLU C 272 -27.72 7.91 -12.16
CA GLU C 272 -26.28 7.76 -11.99
C GLU C 272 -25.80 8.44 -10.71
N THR C 273 -26.34 9.62 -10.41
CA THR C 273 -25.96 10.31 -9.19
C THR C 273 -26.37 9.50 -7.97
N LYS C 274 -27.61 9.02 -7.96
CA LYS C 274 -28.09 8.22 -6.83
C LYS C 274 -27.27 6.95 -6.65
N CYS C 275 -26.93 6.28 -7.77
CA CYS C 275 -26.13 5.07 -7.71
C CYS C 275 -24.73 5.35 -7.18
N THR C 276 -24.11 6.44 -7.65
CA THR C 276 -22.76 6.80 -7.19
C THR C 276 -22.75 7.12 -5.70
N LEU C 277 -23.75 7.84 -5.21
CA LEU C 277 -23.77 8.30 -3.83
C LEU C 277 -24.38 7.27 -2.88
N LYS C 278 -24.85 6.13 -3.41
CA LYS C 278 -25.41 5.02 -2.61
C LYS C 278 -26.51 5.47 -1.65
N SER C 279 -27.45 6.26 -2.16
CA SER C 279 -28.59 6.68 -1.36
C SER C 279 -29.74 7.03 -2.28
N PHE C 280 -30.95 6.97 -1.73
CA PHE C 280 -32.15 7.32 -2.48
C PHE C 280 -32.50 8.80 -2.35
N THR C 281 -31.73 9.57 -1.58
CA THR C 281 -31.90 11.01 -1.45
C THR C 281 -30.59 11.69 -1.82
N VAL C 282 -30.67 12.73 -2.65
CA VAL C 282 -29.50 13.48 -3.09
C VAL C 282 -29.62 14.92 -2.59
N GLU C 283 -28.60 15.37 -1.86
CA GLU C 283 -28.57 16.73 -1.35
C GLU C 283 -28.33 17.73 -2.48
N LYS C 284 -28.74 18.96 -2.23
CA LYS C 284 -28.56 20.06 -3.17
C LYS C 284 -27.08 20.28 -3.45
N GLY C 285 -26.72 20.38 -4.73
CA GLY C 285 -25.34 20.61 -5.11
C GLY C 285 -25.05 20.06 -6.49
N ILE C 286 -23.76 20.05 -6.83
CA ILE C 286 -23.24 19.59 -8.11
C ILE C 286 -22.34 18.39 -7.86
N TYR C 287 -22.56 17.29 -8.59
CA TYR C 287 -21.80 16.07 -8.41
C TYR C 287 -21.15 15.65 -9.73
N GLN C 288 -19.93 15.12 -9.64
CA GLN C 288 -19.24 14.52 -10.78
C GLN C 288 -19.43 13.01 -10.70
N THR C 289 -20.11 12.43 -11.69
CA THR C 289 -20.54 11.04 -11.57
C THR C 289 -19.96 10.08 -12.59
N SER C 290 -19.61 10.53 -13.79
CA SER C 290 -19.16 9.56 -14.80
C SER C 290 -18.33 10.27 -15.87
N ASN C 291 -18.07 9.55 -16.96
CA ASN C 291 -17.28 10.04 -18.08
C ASN C 291 -17.87 9.56 -19.39
N PHE C 292 -18.03 10.48 -20.33
CA PHE C 292 -18.55 10.15 -21.66
C PHE C 292 -17.46 9.56 -22.53
N ARG C 293 -17.77 8.44 -23.19
CA ARG C 293 -16.83 7.78 -24.11
C ARG C 293 -17.57 7.26 -25.34
N VAL C 294 -17.11 7.68 -26.51
CA VAL C 294 -17.61 7.21 -27.79
C VAL C 294 -17.11 5.79 -28.07
N GLN C 295 -18.07 4.86 -28.58
CA GLN C 295 -17.84 3.46 -28.87
C GLN C 295 -17.38 3.27 -30.31
N PRO C 296 -16.52 2.28 -30.56
CA PRO C 296 -16.13 1.97 -31.94
C PRO C 296 -17.29 1.32 -32.69
N THR C 297 -17.29 1.53 -34.00
CA THR C 297 -18.35 1.00 -34.86
C THR C 297 -17.97 -0.28 -35.61
N GLU C 298 -16.72 -0.42 -36.03
CA GLU C 298 -16.31 -1.57 -36.82
C GLU C 298 -14.84 -1.89 -36.58
N SER C 299 -14.48 -3.13 -36.89
CA SER C 299 -13.10 -3.60 -36.77
C SER C 299 -12.37 -3.53 -38.11
N ILE C 300 -11.05 -3.30 -38.03
CA ILE C 300 -10.17 -3.29 -39.20
C ILE C 300 -9.04 -4.28 -38.96
N VAL C 301 -8.93 -5.28 -39.84
CA VAL C 301 -7.89 -6.29 -39.76
C VAL C 301 -6.99 -6.16 -40.99
N ARG C 302 -5.71 -5.86 -40.77
CA ARG C 302 -4.76 -5.66 -41.85
C ARG C 302 -3.53 -6.53 -41.63
N PHE C 303 -3.16 -7.30 -42.65
CA PHE C 303 -1.96 -8.13 -42.70
C PHE C 303 -1.32 -8.02 -44.08
N PRO C 304 0.00 -8.24 -44.18
CA PRO C 304 0.64 -8.28 -45.50
C PRO C 304 0.00 -9.32 -46.41
N ASN C 305 -0.21 -8.94 -47.67
CA ASN C 305 -0.88 -9.83 -48.63
C ASN C 305 0.14 -10.77 -49.27
N ILE C 306 0.70 -11.65 -48.42
CA ILE C 306 1.69 -12.62 -48.84
C ILE C 306 1.04 -13.99 -48.89
N THR C 307 1.32 -14.74 -49.95
CA THR C 307 0.73 -16.05 -50.17
C THR C 307 1.72 -17.21 -50.06
N ASN C 308 2.99 -16.94 -49.75
CA ASN C 308 3.96 -18.01 -49.64
C ASN C 308 3.67 -18.87 -48.41
N LEU C 309 3.89 -20.18 -48.55
CA LEU C 309 3.66 -21.12 -47.45
C LEU C 309 4.96 -21.47 -46.75
N CYS C 310 4.88 -21.63 -45.43
CA CYS C 310 6.06 -21.93 -44.62
C CYS C 310 6.45 -23.39 -44.75
N PRO C 311 7.72 -23.71 -44.92
CA PRO C 311 8.16 -25.10 -45.10
C PRO C 311 8.21 -25.88 -43.79
N PHE C 312 7.04 -26.04 -43.16
CA PHE C 312 6.97 -26.80 -41.93
C PHE C 312 7.18 -28.30 -42.17
N GLY C 313 6.84 -28.78 -43.37
CA GLY C 313 7.03 -30.19 -43.65
C GLY C 313 8.48 -30.61 -43.56
N GLU C 314 9.40 -29.72 -43.95
CA GLU C 314 10.82 -30.02 -43.93
C GLU C 314 11.40 -30.03 -42.52
N VAL C 315 10.64 -29.57 -41.53
CA VAL C 315 11.08 -29.55 -40.14
C VAL C 315 10.39 -30.65 -39.34
N PHE C 316 9.06 -30.71 -39.38
CA PHE C 316 8.36 -31.70 -38.58
C PHE C 316 8.40 -33.09 -39.20
N ASN C 317 8.45 -33.19 -40.53
CA ASN C 317 8.51 -34.48 -41.22
C ASN C 317 9.92 -34.76 -41.76
N ALA C 318 10.94 -34.16 -41.14
CA ALA C 318 12.30 -34.38 -41.58
C ALA C 318 12.71 -35.83 -41.42
N THR C 319 13.54 -36.32 -42.37
CA THR C 319 13.99 -37.70 -42.33
C THR C 319 14.83 -38.01 -41.10
N ARG C 320 15.77 -37.12 -40.76
CA ARG C 320 16.66 -37.37 -39.64
C ARG C 320 16.86 -36.10 -38.81
N PHE C 321 16.83 -36.27 -37.48
CA PHE C 321 17.16 -35.21 -36.54
C PHE C 321 18.66 -35.16 -36.25
N ALA C 322 19.13 -33.96 -35.93
CA ALA C 322 20.53 -33.75 -35.57
C ALA C 322 20.80 -34.25 -34.15
N SER C 323 22.10 -34.46 -33.87
CA SER C 323 22.52 -34.82 -32.53
C SER C 323 22.45 -33.63 -31.59
N VAL C 324 22.31 -33.92 -30.30
CA VAL C 324 22.19 -32.84 -29.32
C VAL C 324 23.50 -32.09 -29.17
N TYR C 325 24.64 -32.76 -29.36
CA TYR C 325 25.92 -32.06 -29.32
C TYR C 325 26.15 -31.20 -30.56
N ALA C 326 25.45 -31.49 -31.66
CA ALA C 326 25.63 -30.76 -32.92
C ALA C 326 24.27 -30.45 -33.55
N TRP C 327 23.40 -29.82 -32.77
CA TRP C 327 22.04 -29.54 -33.21
C TRP C 327 22.00 -28.45 -34.29
N ASN C 328 21.00 -28.56 -35.16
CA ASN C 328 20.80 -27.63 -36.26
C ASN C 328 19.95 -26.44 -35.83
N ARG C 329 20.17 -25.29 -36.48
CA ARG C 329 19.41 -24.07 -36.23
C ARG C 329 18.94 -23.52 -37.58
N LYS C 330 17.70 -23.83 -37.96
CA LYS C 330 17.13 -23.43 -39.25
C LYS C 330 16.25 -22.19 -39.09
N ARG C 331 16.44 -21.22 -39.99
CA ARG C 331 15.59 -20.02 -40.03
C ARG C 331 14.42 -20.24 -40.98
N ILE C 332 13.21 -19.95 -40.50
CA ILE C 332 12.00 -19.97 -41.31
C ILE C 332 11.51 -18.53 -41.44
N SER C 333 11.39 -18.04 -42.67
CA SER C 333 11.02 -16.64 -42.89
C SER C 333 10.35 -16.48 -44.25
N ASN C 334 9.75 -15.31 -44.43
CA ASN C 334 9.11 -14.89 -45.69
C ASN C 334 8.07 -15.90 -46.17
N CYS C 335 7.10 -16.18 -45.29
CA CYS C 335 6.08 -17.17 -45.59
C CYS C 335 4.88 -16.96 -44.67
N VAL C 336 3.79 -17.64 -45.00
CA VAL C 336 2.58 -17.65 -44.20
C VAL C 336 2.54 -18.96 -43.42
N ALA C 337 2.44 -18.85 -42.10
CA ALA C 337 2.50 -20.03 -41.22
C ALA C 337 1.08 -20.38 -40.83
N ASP C 338 0.55 -21.44 -41.43
CA ASP C 338 -0.79 -21.93 -41.14
C ASP C 338 -0.65 -23.02 -40.09
N TYR C 339 -1.05 -22.72 -38.86
CA TYR C 339 -0.85 -23.64 -37.75
C TYR C 339 -2.03 -24.59 -37.58
N SER C 340 -3.03 -24.50 -38.45
CA SER C 340 -4.17 -25.39 -38.33
C SER C 340 -3.80 -26.81 -38.71
N VAL C 341 -2.85 -27.00 -39.64
CA VAL C 341 -2.41 -28.33 -40.00
C VAL C 341 -1.70 -28.99 -38.82
N LEU C 342 -0.78 -28.26 -38.17
CA LEU C 342 -0.08 -28.81 -37.02
C LEU C 342 -1.03 -29.05 -35.87
N TYR C 343 -2.02 -28.17 -35.71
CA TYR C 343 -2.99 -28.33 -34.64
C TYR C 343 -3.87 -29.54 -34.90
N ASN C 344 -4.25 -29.76 -36.15
CA ASN C 344 -5.13 -30.88 -36.50
C ASN C 344 -4.40 -32.20 -36.44
N SER C 345 -3.08 -32.21 -36.67
CA SER C 345 -2.33 -33.46 -36.55
C SER C 345 -2.48 -34.03 -35.15
N ALA C 346 -2.85 -35.31 -35.08
CA ALA C 346 -3.05 -36.01 -33.81
C ALA C 346 -1.79 -36.72 -33.33
N SER C 347 -0.69 -36.64 -34.08
CA SER C 347 0.51 -37.41 -33.78
C SER C 347 1.26 -36.90 -32.57
N PHE C 348 0.99 -35.68 -32.09
CA PHE C 348 1.77 -35.10 -31.01
C PHE C 348 1.21 -35.53 -29.65
N SER C 349 2.12 -35.92 -28.76
CA SER C 349 1.73 -36.34 -27.42
C SER C 349 1.54 -35.19 -26.44
N THR C 350 2.31 -34.11 -26.56
CA THR C 350 2.23 -33.02 -25.61
C THR C 350 2.54 -31.69 -26.27
N PHE C 351 1.96 -30.61 -25.71
CA PHE C 351 2.17 -29.24 -26.18
C PHE C 351 2.21 -28.29 -24.97
N LYS C 352 3.38 -28.13 -24.35
CA LYS C 352 3.50 -27.24 -23.21
C LYS C 352 4.29 -26.00 -23.62
N CYS C 353 3.65 -24.84 -23.57
CA CYS C 353 4.31 -23.60 -23.95
C CYS C 353 4.56 -22.67 -22.76
N TYR C 354 5.77 -22.08 -22.75
CA TYR C 354 6.17 -21.10 -21.75
C TYR C 354 6.19 -19.69 -22.30
N GLY C 355 6.30 -19.52 -23.61
CA GLY C 355 6.34 -18.22 -24.23
C GLY C 355 4.98 -17.61 -24.41
N VAL C 356 4.15 -18.23 -25.25
CA VAL C 356 2.84 -17.69 -25.59
C VAL C 356 1.78 -18.71 -25.21
N SER C 357 0.57 -18.21 -25.00
CA SER C 357 -0.56 -19.07 -24.66
C SER C 357 -0.97 -19.90 -25.87
N PRO C 358 -1.39 -21.15 -25.67
CA PRO C 358 -1.69 -22.03 -26.81
C PRO C 358 -2.84 -21.56 -27.67
N THR C 359 -3.71 -20.69 -27.17
CA THR C 359 -4.83 -20.21 -27.98
C THR C 359 -4.51 -18.94 -28.77
N LYS C 360 -3.36 -18.31 -28.53
CA LYS C 360 -3.00 -17.08 -29.21
C LYS C 360 -2.21 -17.30 -30.50
N LEU C 361 -1.74 -18.51 -30.74
CA LEU C 361 -0.90 -18.77 -31.91
C LEU C 361 -1.65 -18.58 -33.23
N ASN C 362 -2.98 -18.63 -33.22
CA ASN C 362 -3.73 -18.41 -34.46
C ASN C 362 -3.76 -16.95 -34.87
N ASP C 363 -3.70 -16.02 -33.92
CA ASP C 363 -3.73 -14.59 -34.21
C ASP C 363 -2.35 -13.96 -34.23
N LEU C 364 -1.52 -14.27 -33.24
CA LEU C 364 -0.19 -13.68 -33.13
C LEU C 364 0.74 -14.19 -34.23
N CYS C 365 1.68 -13.34 -34.63
CA CYS C 365 2.72 -13.73 -35.58
C CYS C 365 4.04 -13.10 -35.16
N PHE C 366 5.12 -13.64 -35.72
CA PHE C 366 6.46 -13.47 -35.15
C PHE C 366 7.43 -12.86 -36.14
N THR C 367 8.48 -12.24 -35.59
CA THR C 367 9.55 -11.66 -36.39
C THR C 367 10.48 -12.73 -36.95
N ASN C 368 10.76 -13.77 -36.18
CA ASN C 368 11.61 -14.86 -36.63
C ASN C 368 11.25 -16.13 -35.89
N VAL C 369 11.47 -17.27 -36.55
CA VAL C 369 11.30 -18.58 -35.96
C VAL C 369 12.53 -19.42 -36.24
N TYR C 370 13.06 -20.08 -35.21
CA TYR C 370 14.16 -21.02 -35.34
C TYR C 370 13.69 -22.38 -34.84
N ALA C 371 14.07 -23.44 -35.55
CA ALA C 371 13.68 -24.79 -35.15
C ALA C 371 14.94 -25.53 -34.70
N ASP C 372 15.03 -25.78 -33.40
CA ASP C 372 16.16 -26.51 -32.83
C ASP C 372 15.76 -27.97 -32.76
N SER C 373 16.42 -28.80 -33.55
CA SER C 373 16.00 -30.19 -33.77
C SER C 373 17.06 -31.13 -33.25
N PHE C 374 16.70 -31.98 -32.30
CA PHE C 374 17.61 -32.98 -31.75
C PHE C 374 16.79 -34.04 -31.03
N VAL C 375 17.45 -35.16 -30.75
CA VAL C 375 16.85 -36.30 -30.06
C VAL C 375 17.41 -36.38 -28.64
N ILE C 376 16.52 -36.58 -27.67
CA ILE C 376 16.89 -36.75 -26.26
C ILE C 376 16.24 -38.03 -25.75
N ARG C 377 16.65 -38.44 -24.55
CA ARG C 377 16.00 -39.55 -23.87
C ARG C 377 14.71 -39.08 -23.20
N GLY C 378 13.70 -39.95 -23.23
CA GLY C 378 12.40 -39.60 -22.67
C GLY C 378 12.47 -39.07 -21.25
N ASP C 379 13.25 -39.74 -20.39
CA ASP C 379 13.34 -39.32 -19.00
C ASP C 379 13.99 -37.95 -18.85
N GLU C 380 14.64 -37.45 -19.91
CA GLU C 380 15.27 -36.14 -19.91
C GLU C 380 14.37 -35.05 -20.46
N VAL C 381 13.16 -35.39 -20.91
CA VAL C 381 12.25 -34.37 -21.45
C VAL C 381 11.97 -33.31 -20.39
N ARG C 382 11.83 -33.73 -19.13
CA ARG C 382 11.63 -32.80 -18.03
C ARG C 382 12.83 -31.86 -17.86
N GLN C 383 14.00 -32.25 -18.38
CA GLN C 383 15.21 -31.46 -18.19
C GLN C 383 15.31 -30.25 -19.11
N ILE C 384 14.49 -30.19 -20.15
CA ILE C 384 14.54 -29.04 -21.10
C ILE C 384 13.58 -28.00 -20.55
N ALA C 385 14.08 -27.19 -19.62
CA ALA C 385 13.32 -26.13 -18.97
C ALA C 385 14.29 -25.21 -18.25
N PRO C 386 13.98 -23.94 -18.09
CA PRO C 386 14.84 -23.07 -17.28
C PRO C 386 14.88 -23.51 -15.82
N GLY C 387 16.07 -23.46 -15.24
CA GLY C 387 16.27 -23.83 -13.85
C GLY C 387 16.52 -25.30 -13.59
N GLN C 388 16.41 -26.15 -14.61
CA GLN C 388 16.59 -27.58 -14.44
C GLN C 388 18.04 -27.95 -14.73
N THR C 389 18.49 -29.05 -14.12
CA THR C 389 19.87 -29.50 -14.26
C THR C 389 19.94 -30.97 -14.61
N GLY C 390 21.14 -31.39 -14.98
CA GLY C 390 21.41 -32.75 -15.38
C GLY C 390 22.58 -32.76 -16.35
N LYS C 391 22.87 -33.96 -16.85
CA LYS C 391 24.00 -34.12 -17.76
C LYS C 391 23.77 -33.37 -19.07
N ILE C 392 22.52 -33.01 -19.37
CA ILE C 392 22.20 -32.27 -20.57
C ILE C 392 22.13 -30.78 -20.32
N ALA C 393 21.43 -30.37 -19.26
CA ALA C 393 21.21 -28.96 -18.99
C ALA C 393 22.52 -28.19 -18.76
N ASP C 394 23.51 -28.81 -18.14
CA ASP C 394 24.71 -28.09 -17.76
C ASP C 394 25.87 -28.20 -18.76
N TYR C 395 26.04 -29.31 -19.46
CA TYR C 395 27.27 -29.52 -20.21
C TYR C 395 27.14 -29.26 -21.71
N ASN C 396 26.04 -29.62 -22.34
CA ASN C 396 25.96 -29.53 -23.80
C ASN C 396 24.82 -28.69 -24.34
N TYR C 397 23.70 -28.54 -23.62
CA TYR C 397 22.58 -27.76 -24.16
C TYR C 397 21.89 -27.06 -22.99
N LYS C 398 22.19 -25.78 -22.81
CA LYS C 398 21.67 -24.96 -21.73
C LYS C 398 20.65 -23.98 -22.29
N LEU C 399 19.48 -23.88 -21.62
CA LEU C 399 18.61 -22.82 -22.11
C LEU C 399 18.68 -21.59 -21.22
N PRO C 400 18.46 -20.40 -21.79
CA PRO C 400 18.32 -19.20 -20.98
C PRO C 400 17.13 -19.29 -20.04
N ASP C 401 17.24 -18.63 -18.89
CA ASP C 401 16.15 -18.63 -17.92
C ASP C 401 15.05 -17.66 -18.28
N ASP C 402 15.26 -16.80 -19.28
CA ASP C 402 14.24 -15.91 -19.82
C ASP C 402 13.78 -16.34 -21.20
N PHE C 403 14.03 -17.59 -21.58
CA PHE C 403 13.67 -18.10 -22.89
C PHE C 403 12.19 -17.90 -23.18
N THR C 404 11.89 -17.40 -24.39
CA THR C 404 10.53 -17.19 -24.83
C THR C 404 10.22 -18.14 -25.98
N GLY C 405 9.28 -19.04 -25.76
CA GLY C 405 8.85 -19.99 -26.75
C GLY C 405 8.46 -21.27 -26.04
N CYS C 406 8.29 -22.34 -26.82
CA CYS C 406 7.89 -23.60 -26.22
C CYS C 406 8.61 -24.80 -26.82
N VAL C 407 8.84 -25.77 -25.93
CA VAL C 407 9.53 -27.02 -26.25
C VAL C 407 8.49 -28.12 -26.40
N ILE C 408 8.41 -28.69 -27.61
CA ILE C 408 7.40 -29.65 -28.00
C ILE C 408 8.09 -30.98 -28.28
N ALA C 409 7.57 -32.08 -27.72
CA ALA C 409 8.20 -33.37 -27.92
C ALA C 409 7.19 -34.49 -28.04
N TRP C 410 7.56 -35.52 -28.78
CA TRP C 410 6.74 -36.71 -29.00
C TRP C 410 7.68 -37.89 -29.28
N ASN C 411 7.17 -39.10 -29.04
CA ASN C 411 7.97 -40.29 -29.29
C ASN C 411 8.08 -40.59 -30.78
N SER C 412 9.15 -41.30 -31.15
CA SER C 412 9.34 -41.75 -32.54
C SER C 412 9.93 -43.16 -32.56
N ASN C 413 9.29 -44.10 -31.85
CA ASN C 413 9.88 -45.43 -31.68
C ASN C 413 10.04 -46.18 -32.99
N ASN C 414 9.05 -46.11 -33.88
CA ASN C 414 9.04 -46.98 -35.06
C ASN C 414 10.21 -46.71 -36.02
N LEU C 415 10.53 -45.45 -36.29
CA LEU C 415 11.64 -45.15 -37.19
C LEU C 415 12.94 -44.73 -36.51
N ASP C 416 12.87 -43.89 -35.47
CA ASP C 416 14.10 -43.32 -34.90
C ASP C 416 15.00 -44.41 -34.31
N SER C 417 14.42 -45.44 -33.69
CA SER C 417 15.18 -46.56 -33.16
C SER C 417 14.96 -47.79 -34.02
N LYS C 418 16.06 -48.45 -34.38
CA LYS C 418 16.04 -49.59 -35.27
C LYS C 418 16.74 -50.80 -34.65
N GLY C 421 20.62 -51.33 -32.01
CA GLY C 421 20.33 -50.05 -31.37
C GLY C 421 20.88 -48.87 -32.16
N ASN C 422 20.27 -47.70 -31.95
CA ASN C 422 20.71 -46.47 -32.59
C ASN C 422 21.75 -45.80 -31.69
N TYR C 423 23.02 -45.86 -32.11
CA TYR C 423 24.13 -45.29 -31.34
C TYR C 423 24.70 -44.05 -32.00
N ASN C 424 23.90 -43.39 -32.84
CA ASN C 424 24.35 -42.22 -33.59
C ASN C 424 24.08 -40.91 -32.85
N TYR C 425 23.55 -40.96 -31.64
CA TYR C 425 23.19 -39.78 -30.88
C TYR C 425 24.18 -39.62 -29.72
N LEU C 426 24.98 -38.56 -29.77
CA LEU C 426 26.05 -38.32 -28.82
C LEU C 426 25.72 -37.11 -27.96
N TYR C 427 26.11 -37.16 -26.69
CA TYR C 427 25.88 -36.07 -25.75
C TYR C 427 27.15 -35.79 -24.95
N ARG C 428 27.21 -34.59 -24.39
CA ARG C 428 28.35 -34.16 -23.58
C ARG C 428 27.89 -33.44 -22.33
N LYS C 436 27.23 -22.23 -21.24
CA LYS C 436 26.38 -21.06 -21.47
C LYS C 436 25.28 -21.40 -22.49
N PRO C 437 24.21 -20.62 -22.49
CA PRO C 437 23.10 -20.89 -23.43
C PRO C 437 23.50 -20.90 -24.90
N PHE C 438 23.03 -21.93 -25.60
CA PHE C 438 23.15 -22.15 -27.03
C PHE C 438 24.58 -22.19 -27.56
N GLU C 439 25.59 -22.48 -26.76
CA GLU C 439 26.91 -22.73 -27.33
C GLU C 439 27.01 -24.17 -27.81
N ARG C 440 27.61 -24.35 -28.99
CA ARG C 440 27.87 -25.66 -29.56
C ARG C 440 29.38 -25.91 -29.53
N ASP C 441 29.83 -26.60 -28.48
CA ASP C 441 31.26 -26.83 -28.27
C ASP C 441 31.65 -28.08 -29.07
N ILE C 442 31.91 -27.87 -30.36
CA ILE C 442 32.20 -28.98 -31.26
C ILE C 442 33.65 -29.41 -31.09
N TYR C 463 40.29 -40.22 -22.61
CA TYR C 463 38.97 -40.00 -22.01
C TYR C 463 38.25 -38.84 -22.67
N PHE C 464 37.23 -39.15 -23.47
CA PHE C 464 36.55 -38.07 -24.15
C PHE C 464 35.40 -37.54 -23.29
N PRO C 465 35.11 -36.24 -23.36
CA PRO C 465 33.87 -35.73 -22.76
C PRO C 465 32.63 -36.19 -23.50
N LEU C 466 32.78 -36.87 -24.63
CA LEU C 466 31.67 -37.22 -25.50
C LEU C 466 31.09 -38.57 -25.08
N GLN C 467 29.77 -38.60 -24.86
CA GLN C 467 29.05 -39.80 -24.46
C GLN C 467 27.82 -39.94 -25.35
N SER C 468 27.28 -41.16 -25.42
CA SER C 468 26.14 -41.43 -26.29
C SER C 468 25.12 -42.29 -25.58
N TYR C 469 23.92 -42.33 -26.16
CA TYR C 469 22.80 -43.10 -25.64
C TYR C 469 22.55 -44.30 -26.56
N GLY C 470 22.08 -45.40 -25.98
CA GLY C 470 21.63 -46.50 -26.81
C GLY C 470 20.13 -46.61 -26.91
N PHE C 471 19.57 -46.03 -27.97
CA PHE C 471 18.13 -46.04 -28.19
C PHE C 471 17.72 -47.29 -28.95
N GLN C 472 16.74 -48.01 -28.42
CA GLN C 472 16.32 -49.27 -29.04
C GLN C 472 14.82 -49.26 -29.30
N PRO C 473 14.37 -49.91 -30.38
CA PRO C 473 12.95 -49.91 -30.71
C PRO C 473 12.07 -50.59 -29.67
N THR C 474 12.66 -51.40 -28.80
CA THR C 474 11.91 -52.11 -27.77
C THR C 474 11.86 -51.35 -26.45
N ASN C 475 12.43 -50.15 -26.41
CA ASN C 475 12.44 -49.33 -25.20
C ASN C 475 11.08 -48.71 -24.96
N VAL C 477 8.50 -46.76 -23.38
CA VAL C 477 7.95 -45.48 -23.77
C VAL C 477 8.96 -44.36 -23.51
N GLY C 478 9.46 -44.28 -22.27
CA GLY C 478 10.39 -43.24 -21.93
C GLY C 478 11.73 -43.40 -22.61
N TYR C 479 12.37 -44.55 -22.43
CA TYR C 479 13.71 -44.79 -22.99
C TYR C 479 13.69 -44.72 -24.52
N GLN C 480 12.50 -44.54 -25.10
CA GLN C 480 12.38 -44.40 -26.53
C GLN C 480 12.98 -43.06 -26.97
N PRO C 481 13.50 -42.98 -28.18
CA PRO C 481 13.99 -41.69 -28.69
C PRO C 481 12.85 -40.71 -28.91
N TYR C 482 12.76 -39.70 -28.04
CA TYR C 482 11.84 -38.60 -28.27
C TYR C 482 12.44 -37.60 -29.26
N ARG C 483 11.60 -37.11 -30.17
CA ARG C 483 11.97 -36.03 -31.06
C ARG C 483 11.47 -34.74 -30.41
N VAL C 484 12.40 -33.84 -30.09
CA VAL C 484 12.07 -32.59 -29.45
C VAL C 484 12.51 -31.44 -30.35
N VAL C 485 11.60 -30.51 -30.58
CA VAL C 485 11.86 -29.32 -31.38
C VAL C 485 11.58 -28.10 -30.51
N VAL C 486 12.58 -27.23 -30.39
CA VAL C 486 12.45 -26.00 -29.64
C VAL C 486 12.27 -24.85 -30.62
N LEU C 487 11.15 -24.14 -30.51
CA LEU C 487 10.85 -23.01 -31.38
C LEU C 487 11.14 -21.72 -30.61
N SER C 488 12.17 -21.01 -31.03
CA SER C 488 12.57 -19.76 -30.38
C SER C 488 11.90 -18.59 -31.10
N PHE C 489 11.13 -17.81 -30.36
CA PHE C 489 10.32 -16.73 -30.91
C PHE C 489 10.86 -15.40 -30.43
N GLU C 490 11.08 -14.48 -31.37
CA GLU C 490 11.54 -13.14 -31.06
C GLU C 490 10.33 -12.21 -31.08
N LEU C 491 9.92 -11.73 -29.91
CA LEU C 491 8.73 -10.89 -29.78
C LEU C 491 9.07 -9.41 -29.72
N LEU C 492 10.32 -9.05 -30.03
CA LEU C 492 10.70 -7.64 -30.05
C LEU C 492 9.89 -6.90 -31.12
N HIS C 493 9.50 -5.68 -30.80
CA HIS C 493 8.68 -4.87 -31.72
C HIS C 493 9.54 -4.50 -32.93
N ALA C 494 9.30 -5.19 -34.04
CA ALA C 494 10.08 -5.03 -35.26
C ALA C 494 9.25 -5.56 -36.41
N PRO C 495 9.63 -5.27 -37.66
CA PRO C 495 8.86 -5.79 -38.79
C PRO C 495 8.72 -7.30 -38.76
N ALA C 496 7.48 -7.77 -38.95
CA ALA C 496 7.16 -9.18 -38.98
C ALA C 496 7.20 -9.70 -40.42
N THR C 497 7.60 -10.95 -40.58
CA THR C 497 7.63 -11.57 -41.89
C THR C 497 6.86 -12.89 -41.99
N VAL C 498 6.57 -13.56 -40.88
CA VAL C 498 5.84 -14.83 -40.90
C VAL C 498 4.55 -14.64 -40.12
N CYS C 499 3.45 -14.39 -40.81
CA CYS C 499 2.16 -14.19 -40.18
C CYS C 499 1.14 -15.18 -40.75
N GLY C 500 0.11 -15.44 -39.95
CA GLY C 500 -0.84 -16.50 -40.23
C GLY C 500 -1.78 -16.25 -41.39
N PRO C 501 -2.57 -17.29 -41.72
CA PRO C 501 -3.50 -17.31 -42.88
C PRO C 501 -4.81 -16.59 -42.63
N LYS C 502 -4.75 -15.27 -42.46
CA LYS C 502 -5.93 -14.47 -42.17
C LYS C 502 -6.07 -13.39 -43.22
N LYS C 503 -7.26 -13.30 -43.82
CA LYS C 503 -7.50 -12.34 -44.89
C LYS C 503 -7.62 -10.93 -44.33
N SER C 504 -7.10 -9.95 -45.08
CA SER C 504 -7.19 -8.56 -44.68
C SER C 504 -8.55 -7.98 -45.08
N THR C 505 -8.85 -6.81 -44.50
CA THR C 505 -10.06 -6.06 -44.79
C THR C 505 -9.62 -4.66 -45.23
N ASN C 506 -10.57 -3.84 -45.70
CA ASN C 506 -10.26 -2.47 -46.06
C ASN C 506 -10.08 -1.62 -44.82
N LEU C 507 -9.36 -0.51 -44.98
CA LEU C 507 -9.06 0.41 -43.89
C LEU C 507 -9.99 1.61 -43.97
N VAL C 508 -10.56 2.00 -42.83
CA VAL C 508 -11.49 3.11 -42.75
C VAL C 508 -10.84 4.22 -41.95
N LYS C 509 -10.76 5.42 -42.56
CA LYS C 509 -10.12 6.56 -41.96
C LYS C 509 -11.13 7.47 -41.27
N ASN C 510 -10.63 8.24 -40.29
CA ASN C 510 -11.40 9.25 -39.57
C ASN C 510 -12.59 8.66 -38.82
N LYS C 511 -12.47 7.41 -38.37
CA LYS C 511 -13.51 6.78 -37.56
C LYS C 511 -12.86 5.97 -36.45
N CYS C 512 -13.57 5.90 -35.32
CA CYS C 512 -13.09 5.10 -34.19
C CYS C 512 -13.29 3.62 -34.54
N VAL C 513 -12.19 2.87 -34.64
CA VAL C 513 -12.23 1.48 -35.06
C VAL C 513 -11.39 0.61 -34.14
N ASN C 514 -11.69 -0.69 -34.17
CA ASN C 514 -10.94 -1.71 -33.43
C ASN C 514 -9.96 -2.37 -34.39
N PHE C 515 -8.68 -2.04 -34.26
CA PHE C 515 -7.65 -2.45 -35.21
C PHE C 515 -6.84 -3.64 -34.68
N ASN C 516 -6.24 -4.38 -35.62
CA ASN C 516 -5.35 -5.50 -35.30
C ASN C 516 -4.24 -5.51 -36.34
N PHE C 517 -3.04 -5.08 -35.94
CA PHE C 517 -1.87 -5.07 -36.81
C PHE C 517 -0.85 -6.09 -36.31
N ASN C 518 -0.74 -7.21 -37.03
CA ASN C 518 0.22 -8.28 -36.71
C ASN C 518 0.11 -8.73 -35.25
N GLY C 519 -1.13 -8.82 -34.74
CA GLY C 519 -1.36 -9.27 -33.39
C GLY C 519 -1.47 -8.18 -32.34
N LEU C 520 -1.16 -6.93 -32.69
CA LEU C 520 -1.29 -5.82 -31.76
C LEU C 520 -2.67 -5.22 -31.91
N THR C 521 -3.47 -5.24 -30.84
CA THR C 521 -4.85 -4.82 -30.90
C THR C 521 -5.07 -3.54 -30.10
N GLY C 522 -6.16 -2.86 -30.42
CA GLY C 522 -6.55 -1.68 -29.69
C GLY C 522 -7.67 -0.96 -30.41
N THR C 523 -8.12 0.14 -29.81
CA THR C 523 -9.17 0.97 -30.36
C THR C 523 -8.66 2.40 -30.50
N GLY C 524 -8.96 3.02 -31.63
CA GLY C 524 -8.54 4.39 -31.86
C GLY C 524 -8.86 4.81 -33.28
N VAL C 525 -8.61 6.09 -33.55
CA VAL C 525 -8.85 6.69 -34.85
C VAL C 525 -7.55 6.71 -35.64
N LEU C 526 -7.58 6.14 -36.84
CA LEU C 526 -6.42 6.11 -37.73
C LEU C 526 -6.55 7.24 -38.73
N THR C 527 -5.59 8.16 -38.72
CA THR C 527 -5.60 9.33 -39.60
C THR C 527 -4.26 9.46 -40.30
N GLU C 528 -4.26 10.28 -41.34
CA GLU C 528 -3.02 10.62 -42.04
C GLU C 528 -2.16 11.53 -41.17
N SER C 529 -0.84 11.45 -41.38
CA SER C 529 0.10 12.23 -40.60
C SER C 529 1.17 12.81 -41.50
N ASN C 530 1.91 13.78 -40.97
CA ASN C 530 3.03 14.40 -41.66
C ASN C 530 4.35 14.12 -40.95
N LYS C 531 4.42 13.02 -40.21
CA LYS C 531 5.63 12.64 -39.50
C LYS C 531 6.49 11.79 -40.41
N LYS C 532 7.66 12.29 -40.77
CA LYS C 532 8.51 11.64 -41.76
C LYS C 532 9.31 10.54 -41.08
N PHE C 533 8.71 9.37 -40.96
CA PHE C 533 9.41 8.20 -40.44
C PHE C 533 10.41 7.69 -41.46
N LEU C 534 11.52 7.18 -40.97
CA LEU C 534 12.49 6.61 -41.88
C LEU C 534 12.05 5.24 -42.35
N PRO C 535 12.49 4.82 -43.55
CA PRO C 535 12.02 3.55 -44.13
C PRO C 535 12.16 2.31 -43.25
N PHE C 536 13.08 2.34 -42.30
CA PHE C 536 13.33 1.19 -41.44
C PHE C 536 12.50 1.18 -40.16
N GLN C 537 11.76 2.24 -39.87
CA GLN C 537 11.05 2.37 -38.61
C GLN C 537 9.64 1.78 -38.71
N GLN C 538 9.27 0.96 -37.73
CA GLN C 538 7.98 0.28 -37.71
C GLN C 538 7.05 0.74 -36.59
N PHE C 539 7.58 1.07 -35.42
CA PHE C 539 6.77 1.51 -34.30
C PHE C 539 7.30 2.81 -33.73
N GLY C 540 6.39 3.63 -33.22
CA GLY C 540 6.72 4.82 -32.46
C GLY C 540 6.30 4.66 -31.01
N ARG C 541 6.88 5.43 -30.11
CA ARG C 541 6.51 5.35 -28.71
C ARG C 541 6.34 6.74 -28.13
N ASP C 542 5.46 6.84 -27.13
CA ASP C 542 5.23 8.06 -26.39
C ASP C 542 6.07 8.08 -25.11
N ILE C 543 5.89 9.15 -24.34
CA ILE C 543 6.61 9.27 -23.06
C ILE C 543 6.22 8.13 -22.14
N ALA C 544 4.95 7.73 -22.17
CA ALA C 544 4.41 6.67 -21.33
C ALA C 544 4.72 5.27 -21.87
N ASP C 545 5.47 5.16 -22.96
CA ASP C 545 5.84 3.92 -23.64
C ASP C 545 4.69 3.30 -24.42
N THR C 546 3.60 4.01 -24.62
CA THR C 546 2.50 3.51 -25.44
C THR C 546 2.80 3.72 -26.92
N THR C 547 2.07 2.98 -27.76
CA THR C 547 2.28 3.06 -29.20
C THR C 547 1.75 4.37 -29.75
N ASP C 548 2.58 5.09 -30.50
CA ASP C 548 2.21 6.37 -31.09
C ASP C 548 1.78 6.27 -32.55
N ALA C 549 2.47 5.45 -33.35
CA ALA C 549 2.14 5.34 -34.76
C ALA C 549 2.64 4.00 -35.27
N VAL C 550 2.03 3.54 -36.37
CA VAL C 550 2.38 2.29 -37.01
C VAL C 550 2.50 2.54 -38.50
N ARG C 551 3.32 1.72 -39.17
CA ARG C 551 3.40 1.70 -40.62
C ARG C 551 2.53 0.59 -41.15
N ASP C 552 1.60 0.93 -42.03
CA ASP C 552 0.68 -0.06 -42.59
C ASP C 552 1.46 -1.11 -43.38
N PRO C 553 1.30 -2.40 -43.07
CA PRO C 553 2.13 -3.43 -43.72
C PRO C 553 1.89 -3.55 -45.21
N GLN C 554 0.79 -3.04 -45.74
CA GLN C 554 0.49 -3.13 -47.17
C GLN C 554 0.87 -1.86 -47.92
N THR C 555 0.61 -0.68 -47.35
CA THR C 555 0.96 0.60 -47.96
C THR C 555 1.84 1.35 -46.97
N LEU C 556 3.07 1.68 -47.39
CA LEU C 556 4.10 2.17 -46.47
C LEU C 556 3.83 3.63 -46.14
N GLU C 557 2.78 3.85 -45.34
CA GLU C 557 2.44 5.15 -44.82
C GLU C 557 2.37 5.09 -43.30
N ILE C 558 2.58 6.24 -42.66
CA ILE C 558 2.57 6.34 -41.21
C ILE C 558 1.24 6.97 -40.77
N LEU C 559 0.53 6.28 -39.88
CA LEU C 559 -0.73 6.75 -39.34
C LEU C 559 -0.62 7.02 -37.84
N ASP C 560 -1.04 8.19 -37.42
CA ASP C 560 -1.09 8.53 -36.00
C ASP C 560 -2.36 7.94 -35.38
N ILE C 561 -2.25 7.51 -34.13
CA ILE C 561 -3.37 6.96 -33.38
C ILE C 561 -3.74 7.92 -32.25
N THR C 562 -4.93 8.51 -32.36
CA THR C 562 -5.46 9.43 -31.36
C THR C 562 -6.63 8.78 -30.65
N PRO C 563 -6.57 8.55 -29.34
CA PRO C 563 -7.67 7.90 -28.62
C PRO C 563 -9.01 8.57 -28.89
N CYS C 564 -10.06 7.73 -28.95
CA CYS C 564 -11.40 8.20 -29.30
C CYS C 564 -11.93 9.18 -28.25
N SER C 565 -12.71 10.15 -28.73
CA SER C 565 -13.17 11.29 -27.92
C SER C 565 -13.80 10.86 -26.60
N PHE C 566 -13.46 11.59 -25.54
CA PHE C 566 -13.96 11.31 -24.19
C PHE C 566 -14.01 12.62 -23.39
N GLY C 567 -14.71 12.56 -22.26
CA GLY C 567 -14.77 13.69 -21.34
C GLY C 567 -15.71 13.54 -20.15
N GLY C 568 -15.54 14.40 -19.15
CA GLY C 568 -16.37 14.33 -17.96
C GLY C 568 -17.78 14.85 -18.17
N VAL C 569 -18.71 14.31 -17.37
CA VAL C 569 -20.10 14.75 -17.33
C VAL C 569 -20.46 15.13 -15.89
N SER C 570 -20.98 16.34 -15.70
CA SER C 570 -21.40 16.83 -14.39
C SER C 570 -22.90 17.04 -14.36
N VAL C 571 -23.52 16.73 -13.21
CA VAL C 571 -24.96 16.86 -13.03
C VAL C 571 -25.25 17.92 -11.97
N ILE C 572 -26.03 18.92 -12.35
CA ILE C 572 -26.47 19.99 -11.45
C ILE C 572 -27.91 19.71 -11.05
N THR C 573 -28.16 19.48 -9.76
CA THR C 573 -29.50 19.10 -9.35
C THR C 573 -29.94 19.67 -8.01
N PRO C 574 -31.19 20.12 -7.91
CA PRO C 574 -31.80 20.40 -6.60
C PRO C 574 -32.16 19.11 -5.88
N GLY C 575 -32.36 19.22 -4.58
CA GLY C 575 -32.72 18.05 -3.79
C GLY C 575 -34.02 17.43 -4.23
N THR C 576 -34.11 16.12 -4.03
CA THR C 576 -35.26 15.31 -4.44
C THR C 576 -36.53 15.63 -3.65
N ASN C 577 -36.43 16.33 -2.53
CA ASN C 577 -37.62 16.76 -1.82
C ASN C 577 -38.26 18.00 -2.43
N THR C 578 -37.68 18.54 -3.50
CA THR C 578 -38.20 19.72 -4.19
C THR C 578 -38.70 19.42 -5.59
N SER C 579 -37.85 18.86 -6.46
CA SER C 579 -38.20 18.64 -7.86
C SER C 579 -37.28 17.60 -8.45
N ASN C 580 -37.78 16.92 -9.49
CA ASN C 580 -37.03 15.90 -10.22
C ASN C 580 -36.40 16.45 -11.51
N GLN C 581 -36.35 17.77 -11.68
CA GLN C 581 -35.66 18.35 -12.84
C GLN C 581 -34.17 18.51 -12.56
N VAL C 582 -33.35 18.15 -13.56
CA VAL C 582 -31.91 18.26 -13.48
C VAL C 582 -31.35 18.91 -14.75
N ALA C 583 -30.13 19.46 -14.61
CA ALA C 583 -29.35 19.97 -15.73
C ALA C 583 -28.04 19.20 -15.84
N VAL C 584 -27.55 19.04 -17.07
CA VAL C 584 -26.34 18.27 -17.35
C VAL C 584 -25.30 19.19 -17.98
N LEU C 585 -24.09 19.21 -17.40
CA LEU C 585 -22.95 19.95 -17.90
C LEU C 585 -21.94 18.99 -18.51
N TYR C 586 -21.60 19.20 -19.78
CA TYR C 586 -20.59 18.38 -20.46
C TYR C 586 -19.24 19.06 -20.33
N GLN C 587 -18.35 18.44 -19.55
CA GLN C 587 -17.10 19.08 -19.14
C GLN C 587 -16.10 19.18 -20.29
N ASP C 588 -15.52 20.38 -20.45
CA ASP C 588 -14.39 20.63 -21.35
C ASP C 588 -14.66 20.12 -22.77
N VAL C 589 -15.90 20.27 -23.24
CA VAL C 589 -16.23 20.00 -24.63
C VAL C 589 -17.08 21.14 -25.15
N ASN C 590 -17.09 21.29 -26.46
CA ASN C 590 -17.98 22.24 -27.11
C ASN C 590 -19.26 21.53 -27.52
N CYS C 591 -20.31 22.32 -27.74
CA CYS C 591 -21.63 21.77 -28.07
C CYS C 591 -21.67 21.27 -29.52
N THR C 592 -20.80 20.31 -29.82
CA THR C 592 -20.72 19.76 -31.17
C THR C 592 -20.89 18.25 -31.19
N GLU C 593 -19.92 17.53 -30.62
CA GLU C 593 -19.94 16.07 -30.62
C GLU C 593 -21.14 15.51 -29.85
N VAL C 594 -21.63 16.24 -28.85
CA VAL C 594 -22.76 15.75 -28.06
C VAL C 594 -24.02 15.67 -28.90
N ASN C 615 -32.24 25.25 -26.42
CA ASN C 615 -31.97 25.42 -25.00
C ASN C 615 -30.52 25.02 -24.70
N VAL C 616 -29.60 25.61 -25.45
CA VAL C 616 -28.17 25.32 -25.34
C VAL C 616 -27.44 26.62 -25.01
N PHE C 617 -26.69 26.61 -23.92
CA PHE C 617 -25.96 27.78 -23.44
C PHE C 617 -24.48 27.44 -23.39
N GLN C 618 -23.68 28.15 -24.18
CA GLN C 618 -22.24 27.92 -24.26
C GLN C 618 -21.52 28.70 -23.16
N THR C 619 -20.75 27.98 -22.35
CA THR C 619 -19.96 28.57 -21.27
C THR C 619 -18.51 28.13 -21.44
N ARG C 620 -17.62 28.74 -20.65
CA ARG C 620 -16.21 28.37 -20.70
C ARG C 620 -15.91 27.10 -19.93
N ALA C 621 -16.87 26.56 -19.19
CA ALA C 621 -16.67 25.32 -18.45
C ALA C 621 -17.04 24.08 -19.25
N GLY C 622 -17.68 24.25 -20.41
CA GLY C 622 -18.24 23.14 -21.14
C GLY C 622 -19.59 23.50 -21.71
N CYS C 623 -20.28 22.47 -22.21
CA CYS C 623 -21.57 22.62 -22.87
C CYS C 623 -22.69 22.42 -21.85
N LEU C 624 -23.45 23.49 -21.58
CA LEU C 624 -24.50 23.47 -20.58
C LEU C 624 -25.86 23.33 -21.27
N ILE C 625 -26.54 22.23 -20.99
CA ILE C 625 -27.82 21.89 -21.62
C ILE C 625 -28.91 21.79 -20.55
N GLY C 626 -30.02 22.49 -20.79
CA GLY C 626 -31.20 22.40 -19.95
C GLY C 626 -31.48 23.61 -19.07
N ALA C 627 -30.51 24.49 -18.86
CA ALA C 627 -30.73 25.69 -18.06
C ALA C 627 -31.00 26.90 -18.95
N GLU C 628 -32.01 27.68 -18.59
CA GLU C 628 -32.34 28.90 -19.32
C GLU C 628 -31.39 30.01 -18.90
N HIS C 629 -30.86 30.75 -19.87
CA HIS C 629 -29.96 31.84 -19.58
C HIS C 629 -30.74 33.10 -19.24
N VAL C 630 -30.51 33.63 -18.03
CA VAL C 630 -31.16 34.84 -17.56
C VAL C 630 -30.10 35.91 -17.39
N ASN C 631 -30.31 37.06 -18.03
CA ASN C 631 -29.34 38.15 -17.97
C ASN C 631 -29.39 38.89 -16.63
N ASN C 632 -30.53 38.90 -15.95
CA ASN C 632 -30.64 39.61 -14.68
C ASN C 632 -29.82 38.89 -13.62
N SER C 633 -29.00 39.65 -12.89
CA SER C 633 -28.13 39.07 -11.88
C SER C 633 -28.78 39.01 -10.49
N TYR C 634 -28.30 38.05 -9.70
CA TYR C 634 -28.64 37.86 -8.29
C TYR C 634 -27.41 37.27 -7.63
N GLU C 635 -27.45 37.07 -6.32
CA GLU C 635 -26.33 36.37 -5.71
C GLU C 635 -26.42 34.90 -6.11
N CYS C 636 -25.29 34.34 -6.52
CA CYS C 636 -25.29 32.94 -6.95
C CYS C 636 -25.42 31.99 -5.76
N ASP C 637 -26.11 30.87 -5.99
CA ASP C 637 -26.39 29.89 -4.94
C ASP C 637 -25.59 28.62 -5.16
N ILE C 638 -25.81 27.88 -6.25
CA ILE C 638 -25.05 26.67 -6.56
C ILE C 638 -24.01 27.02 -7.61
N PRO C 639 -22.73 27.06 -7.25
CA PRO C 639 -21.71 27.49 -8.23
C PRO C 639 -21.48 26.44 -9.31
N ILE C 640 -21.25 26.91 -10.53
CA ILE C 640 -20.93 26.05 -11.66
C ILE C 640 -19.45 26.12 -12.02
N GLY C 641 -18.91 27.32 -12.13
CA GLY C 641 -17.51 27.51 -12.46
C GLY C 641 -17.35 28.62 -13.49
N ALA C 642 -16.13 29.16 -13.55
CA ALA C 642 -15.77 30.22 -14.50
C ALA C 642 -16.67 31.43 -14.33
N GLY C 643 -17.03 31.74 -13.09
CA GLY C 643 -17.83 32.90 -12.77
C GLY C 643 -19.33 32.69 -12.84
N ILE C 644 -19.78 31.52 -13.28
CA ILE C 644 -21.20 31.22 -13.44
C ILE C 644 -21.68 30.37 -12.28
N CYS C 645 -22.82 30.75 -11.69
CA CYS C 645 -23.47 29.98 -10.65
C CYS C 645 -24.93 29.77 -11.06
N ALA C 646 -25.57 28.77 -10.48
CA ALA C 646 -26.95 28.44 -10.81
C ALA C 646 -27.82 28.40 -9.56
N SER C 647 -29.12 28.57 -9.76
CA SER C 647 -30.09 28.55 -8.66
C SER C 647 -31.45 28.11 -9.19
N TYR C 648 -32.33 27.77 -8.26
CA TYR C 648 -33.69 27.32 -8.54
C TYR C 648 -34.66 28.45 -8.21
N GLN C 649 -35.27 29.06 -9.24
CA GLN C 649 -36.11 30.22 -9.05
C GLN C 649 -37.21 30.18 -10.12
N THR C 650 -38.14 31.12 -10.02
CA THR C 650 -39.25 31.20 -10.97
C THR C 650 -38.94 32.15 -12.12
N SER C 663 -43.96 26.64 -13.51
CA SER C 663 -43.46 28.01 -13.56
C SER C 663 -42.00 28.08 -13.15
N GLN C 664 -41.57 27.11 -12.34
CA GLN C 664 -40.21 27.05 -11.87
C GLN C 664 -39.31 26.34 -12.88
N SER C 665 -38.06 26.79 -12.96
CA SER C 665 -37.09 26.17 -13.84
C SER C 665 -35.69 26.52 -13.34
N ILE C 666 -34.70 25.81 -13.88
CA ILE C 666 -33.30 26.04 -13.54
C ILE C 666 -32.79 27.23 -14.35
N ILE C 667 -32.15 28.18 -13.68
CA ILE C 667 -31.60 29.36 -14.33
C ILE C 667 -30.10 29.43 -14.07
N ALA C 668 -29.40 30.11 -14.97
CA ALA C 668 -27.97 30.36 -14.85
C ALA C 668 -27.68 31.83 -15.07
N TYR C 669 -26.75 32.38 -14.30
CA TYR C 669 -26.44 33.80 -14.40
C TYR C 669 -25.02 34.05 -13.90
N THR C 670 -24.50 35.22 -14.25
CA THR C 670 -23.22 35.70 -13.74
C THR C 670 -23.41 36.21 -12.31
N MET C 671 -22.53 35.77 -11.41
CA MET C 671 -22.70 36.07 -10.01
C MET C 671 -22.51 37.56 -9.73
N SER C 672 -23.30 38.08 -8.80
CA SER C 672 -23.12 39.44 -8.32
C SER C 672 -22.03 39.46 -7.25
N LEU C 673 -21.24 40.53 -7.24
CA LEU C 673 -20.23 40.72 -6.21
C LEU C 673 -20.69 41.67 -5.11
N GLY C 674 -21.92 42.15 -5.17
CA GLY C 674 -22.42 43.11 -4.21
C GLY C 674 -22.98 44.34 -4.88
N ALA C 675 -23.67 45.15 -4.08
CA ALA C 675 -24.23 46.38 -4.60
C ALA C 675 -23.11 47.35 -4.95
N GLU C 676 -23.34 48.13 -6.00
CA GLU C 676 -22.37 49.14 -6.40
C GLU C 676 -22.61 50.41 -5.59
N ASN C 677 -21.53 50.96 -5.04
CA ASN C 677 -21.63 52.14 -4.18
C ASN C 677 -20.39 52.99 -4.40
N SER C 678 -20.54 54.05 -5.18
CA SER C 678 -19.45 54.98 -5.43
C SER C 678 -19.15 55.81 -4.20
N VAL C 679 -17.91 56.26 -4.09
CA VAL C 679 -17.46 57.08 -2.97
C VAL C 679 -17.44 58.53 -3.41
N ALA C 680 -18.10 59.40 -2.64
CA ALA C 680 -18.12 60.83 -2.90
C ALA C 680 -16.88 61.47 -2.29
N TYR C 681 -15.74 61.13 -2.85
CA TYR C 681 -14.47 61.59 -2.29
C TYR C 681 -14.27 63.07 -2.55
N SER C 682 -13.77 63.76 -1.54
CA SER C 682 -13.32 65.14 -1.68
C SER C 682 -12.27 65.38 -0.60
N ASN C 683 -11.50 66.46 -0.77
CA ASN C 683 -10.39 66.72 0.13
C ASN C 683 -10.83 67.36 1.45
N ASN C 684 -12.10 67.72 1.61
CA ASN C 684 -12.52 68.37 2.85
C ASN C 684 -13.85 67.83 3.38
N SER C 685 -14.12 66.53 3.23
CA SER C 685 -15.34 65.94 3.73
C SER C 685 -15.05 64.64 4.47
N ILE C 686 -15.55 64.54 5.72
CA ILE C 686 -15.36 63.37 6.57
C ILE C 686 -16.71 62.93 7.11
N ALA C 687 -16.94 61.60 7.13
CA ALA C 687 -18.13 61.00 7.72
C ALA C 687 -17.77 60.36 9.06
N ILE C 688 -18.47 60.75 10.12
CA ILE C 688 -18.24 60.25 11.48
C ILE C 688 -19.53 59.66 12.02
N PRO C 689 -19.51 58.44 12.55
CA PRO C 689 -20.75 57.81 13.03
C PRO C 689 -21.39 58.60 14.16
N THR C 690 -22.73 58.69 14.12
CA THR C 690 -23.48 59.40 15.15
C THR C 690 -24.20 58.49 16.14
N ASN C 691 -24.44 57.22 15.80
CA ASN C 691 -25.13 56.31 16.70
C ASN C 691 -24.51 54.93 16.50
N PHE C 692 -24.85 53.98 17.39
CA PHE C 692 -24.24 52.67 17.34
C PHE C 692 -25.24 51.58 17.74
N THR C 693 -24.90 50.34 17.37
CA THR C 693 -25.65 49.16 17.75
C THR C 693 -24.69 48.09 18.28
N ILE C 694 -25.14 47.35 19.30
CA ILE C 694 -24.37 46.24 19.87
C ILE C 694 -24.87 44.94 19.25
N SER C 695 -23.98 44.20 18.61
CA SER C 695 -24.29 42.94 17.97
C SER C 695 -23.51 41.80 18.61
N VAL C 696 -24.07 40.59 18.55
CA VAL C 696 -23.42 39.39 19.07
C VAL C 696 -23.32 38.34 17.96
N THR C 697 -22.13 37.79 17.78
CA THR C 697 -21.86 36.75 16.80
C THR C 697 -21.41 35.47 17.51
N THR C 698 -21.57 34.35 16.80
CA THR C 698 -21.21 33.04 17.34
C THR C 698 -20.09 32.43 16.51
N GLU C 699 -18.99 32.06 17.18
CA GLU C 699 -17.86 31.38 16.56
C GLU C 699 -17.73 29.99 17.16
N ILE C 700 -17.76 28.97 16.31
CA ILE C 700 -17.75 27.57 16.73
C ILE C 700 -16.45 26.93 16.24
N LEU C 701 -15.70 26.32 17.17
CA LEU C 701 -14.42 25.67 16.83
C LEU C 701 -14.37 24.25 17.38
N PRO C 702 -13.94 23.27 16.57
CA PRO C 702 -13.63 21.95 17.10
C PRO C 702 -12.46 21.97 18.08
N VAL C 703 -12.53 21.11 19.11
CA VAL C 703 -11.46 20.97 20.08
C VAL C 703 -10.89 19.55 20.14
N SER C 704 -11.74 18.52 20.11
CA SER C 704 -11.28 17.16 20.32
C SER C 704 -11.97 16.19 19.36
N MET C 705 -11.44 14.97 19.30
CA MET C 705 -12.02 13.91 18.48
C MET C 705 -12.03 12.58 19.25
N THR C 706 -12.88 11.67 18.79
CA THR C 706 -13.07 10.36 19.42
C THR C 706 -11.76 9.56 19.50
N LYS C 707 -11.50 9.03 20.70
CA LYS C 707 -10.30 8.25 21.03
C LYS C 707 -10.46 6.77 20.66
N THR C 708 -10.26 6.45 19.38
CA THR C 708 -10.41 5.09 18.89
C THR C 708 -9.18 4.24 19.26
N SER C 709 -9.38 2.92 19.31
CA SER C 709 -8.31 1.95 19.57
C SER C 709 -8.58 0.66 18.80
N VAL C 710 -7.55 0.11 18.15
CA VAL C 710 -7.70 -1.08 17.31
C VAL C 710 -6.82 -2.22 17.82
N ASP C 711 -7.42 -3.39 17.99
CA ASP C 711 -6.76 -4.64 18.36
C ASP C 711 -6.22 -5.36 17.12
N CYS C 712 -4.89 -5.34 16.93
CA CYS C 712 -4.30 -5.87 15.71
C CYS C 712 -4.66 -7.34 15.49
N THR C 713 -4.58 -8.14 16.56
CA THR C 713 -4.71 -9.58 16.41
C THR C 713 -6.15 -9.97 16.16
N MET C 714 -7.08 -9.45 16.94
CA MET C 714 -8.47 -9.84 16.73
C MET C 714 -9.01 -9.27 15.42
N TYR C 715 -8.57 -8.06 15.03
CA TYR C 715 -9.05 -7.51 13.77
C TYR C 715 -8.55 -8.31 12.57
N ILE C 716 -7.24 -8.55 12.49
CA ILE C 716 -6.69 -9.20 11.30
C ILE C 716 -6.94 -10.71 11.33
N CYS C 717 -6.66 -11.34 12.46
CA CYS C 717 -6.69 -12.79 12.61
C CYS C 717 -7.64 -13.22 13.72
N GLY C 718 -8.91 -12.85 13.61
CA GLY C 718 -9.86 -13.10 14.68
C GLY C 718 -10.02 -14.56 15.01
N ASP C 719 -9.68 -14.90 16.26
CA ASP C 719 -9.79 -16.24 16.88
C ASP C 719 -9.27 -17.34 15.97
N SER C 720 -8.12 -17.08 15.33
CA SER C 720 -7.47 -18.05 14.46
C SER C 720 -6.01 -18.18 14.87
N THR C 721 -5.65 -19.36 15.39
CA THR C 721 -4.29 -19.59 15.84
C THR C 721 -3.31 -19.60 14.68
N GLU C 722 -3.71 -20.22 13.57
CA GLU C 722 -2.82 -20.28 12.41
C GLU C 722 -2.56 -18.90 11.85
N CYS C 723 -3.61 -18.07 11.75
CA CYS C 723 -3.42 -16.72 11.23
C CYS C 723 -2.54 -15.91 12.17
N SER C 724 -2.74 -16.08 13.49
CA SER C 724 -1.87 -15.36 14.44
C SER C 724 -0.42 -15.79 14.30
N ASN C 725 -0.18 -17.10 14.13
CA ASN C 725 1.19 -17.59 13.98
C ASN C 725 1.84 -17.05 12.71
N LEU C 726 1.08 -16.92 11.63
CA LEU C 726 1.63 -16.31 10.43
C LEU C 726 1.86 -14.82 10.62
N LEU C 727 0.95 -14.14 11.33
CA LEU C 727 1.11 -12.71 11.58
C LEU C 727 2.35 -12.42 12.40
N LEU C 728 2.76 -13.34 13.27
CA LEU C 728 3.92 -13.08 14.12
C LEU C 728 5.20 -12.84 13.34
N GLN C 729 5.24 -13.22 12.06
CA GLN C 729 6.42 -13.02 11.24
C GLN C 729 6.62 -11.59 10.76
N TYR C 730 5.65 -10.69 11.01
CA TYR C 730 5.77 -9.30 10.60
C TYR C 730 6.23 -8.37 11.72
N GLY C 731 6.53 -8.91 12.90
CA GLY C 731 7.11 -8.10 13.96
C GLY C 731 6.25 -6.95 14.46
N SER C 732 6.86 -5.77 14.50
CA SER C 732 6.30 -4.55 15.10
C SER C 732 5.49 -3.69 14.13
N PHE C 733 5.24 -4.15 12.91
CA PHE C 733 4.59 -3.30 11.92
C PHE C 733 3.29 -2.71 12.40
N CYS C 734 2.42 -3.48 13.07
CA CYS C 734 1.17 -2.88 13.52
C CYS C 734 1.37 -2.11 14.82
N THR C 735 2.11 -2.69 15.77
CA THR C 735 2.22 -2.06 17.08
C THR C 735 2.84 -0.68 16.99
N GLN C 736 3.56 -0.37 15.90
CA GLN C 736 4.00 1.02 15.76
C GLN C 736 2.82 1.94 15.44
N LEU C 737 1.76 1.42 14.82
CA LEU C 737 0.56 2.23 14.63
C LEU C 737 -0.25 2.27 15.91
N ASN C 738 -0.20 1.18 16.68
CA ASN C 738 -0.80 1.21 18.01
C ASN C 738 -0.17 2.28 18.87
N ARG C 739 1.16 2.45 18.75
CA ARG C 739 1.84 3.52 19.46
C ARG C 739 1.38 4.89 18.97
N ALA C 740 1.25 5.05 17.65
CA ALA C 740 0.77 6.33 17.12
C ALA C 740 -0.64 6.66 17.63
N LEU C 741 -1.51 5.65 17.68
CA LEU C 741 -2.87 5.87 18.17
C LEU C 741 -2.89 6.18 19.65
N THR C 742 -1.99 5.58 20.42
CA THR C 742 -1.89 5.93 21.84
C THR C 742 -1.46 7.39 21.99
N GLY C 743 -0.48 7.82 21.19
CA GLY C 743 -0.07 9.22 21.22
C GLY C 743 -1.22 10.16 20.90
N ILE C 744 -2.04 9.80 19.92
CA ILE C 744 -3.20 10.62 19.56
C ILE C 744 -4.17 10.70 20.74
N ALA C 745 -4.47 9.54 21.33
CA ALA C 745 -5.41 9.52 22.45
C ALA C 745 -4.93 10.38 23.60
N VAL C 746 -3.62 10.36 23.88
CA VAL C 746 -3.10 11.18 24.96
C VAL C 746 -3.17 12.66 24.61
N GLU C 747 -2.78 13.02 23.38
CA GLU C 747 -2.77 14.43 23.02
C GLU C 747 -4.15 15.03 22.95
N GLN C 748 -5.20 14.23 22.75
CA GLN C 748 -6.55 14.82 22.78
C GLN C 748 -6.91 15.31 24.18
N ASP C 749 -6.47 14.58 25.21
CA ASP C 749 -6.73 15.02 26.57
C ASP C 749 -5.80 16.16 26.94
N LYS C 750 -4.59 16.16 26.40
CA LYS C 750 -3.71 17.31 26.60
C LYS C 750 -4.32 18.58 26.02
N ASN C 751 -4.92 18.48 24.82
CA ASN C 751 -5.55 19.64 24.20
C ASN C 751 -6.73 20.14 25.03
N THR C 752 -7.59 19.23 25.48
CA THR C 752 -8.74 19.67 26.28
C THR C 752 -8.28 20.30 27.59
N GLN C 753 -7.27 19.70 28.23
CA GLN C 753 -6.79 20.19 29.50
C GLN C 753 -6.19 21.58 29.36
N GLU C 754 -5.40 21.79 28.29
CA GLU C 754 -4.79 23.09 28.02
C GLU C 754 -5.82 24.13 27.64
N VAL C 755 -6.90 23.74 26.97
CA VAL C 755 -7.90 24.71 26.56
C VAL C 755 -8.70 25.20 27.76
N PHE C 756 -9.07 24.31 28.67
CA PHE C 756 -9.97 24.72 29.74
C PHE C 756 -9.30 25.13 31.07
N ALA C 757 -8.16 24.55 31.44
CA ALA C 757 -7.61 24.78 32.78
C ALA C 757 -6.76 26.05 32.89
N GLN C 758 -7.38 27.20 32.71
CA GLN C 758 -6.67 28.47 32.84
C GLN C 758 -6.96 29.21 34.14
N VAL C 759 -7.79 28.66 35.02
CA VAL C 759 -8.13 29.30 36.28
C VAL C 759 -7.69 28.42 37.44
N LYS C 760 -6.97 29.02 38.39
CA LYS C 760 -6.43 28.28 39.52
C LYS C 760 -7.48 27.90 40.56
N GLN C 761 -8.62 28.58 40.60
CA GLN C 761 -9.62 28.33 41.63
C GLN C 761 -11.02 28.27 41.02
N ILE C 762 -11.92 27.58 41.73
CA ILE C 762 -13.31 27.43 41.32
C ILE C 762 -14.12 28.52 42.03
N TYR C 763 -14.55 29.52 41.29
CA TYR C 763 -15.30 30.65 41.81
C TYR C 763 -16.80 30.38 41.71
N LYS C 764 -17.58 31.05 42.57
CA LYS C 764 -19.03 30.91 42.55
C LYS C 764 -19.69 32.27 42.72
N THR C 765 -20.83 32.44 42.06
CA THR C 765 -21.59 33.68 42.09
C THR C 765 -22.31 33.85 43.42
N PRO C 766 -22.64 35.09 43.79
CA PRO C 766 -23.47 35.33 44.99
C PRO C 766 -24.90 34.88 44.76
N PRO C 767 -25.64 34.61 45.84
CA PRO C 767 -27.06 34.24 45.68
C PRO C 767 -27.94 35.36 45.13
N ILE C 768 -27.53 36.62 45.24
CA ILE C 768 -28.31 37.76 44.77
C ILE C 768 -27.66 38.29 43.50
N LYS C 769 -28.42 38.25 42.39
CA LYS C 769 -27.91 38.63 41.08
C LYS C 769 -28.10 40.13 40.83
N ASP C 770 -27.46 40.93 41.67
CA ASP C 770 -27.53 42.40 41.58
C ASP C 770 -26.38 42.91 40.71
N PHE C 771 -26.50 42.68 39.40
CA PHE C 771 -25.44 42.98 38.45
C PHE C 771 -25.70 44.28 37.69
N GLY C 772 -26.31 45.28 38.34
CA GLY C 772 -26.41 46.60 37.75
C GLY C 772 -27.39 46.73 36.60
N GLY C 773 -28.37 45.84 36.51
CA GLY C 773 -29.34 45.85 35.44
C GLY C 773 -29.03 44.92 34.29
N PHE C 774 -27.84 44.32 34.26
CA PHE C 774 -27.49 43.37 33.23
C PHE C 774 -28.01 42.00 33.64
N ASN C 775 -28.85 41.40 32.81
CA ASN C 775 -29.49 40.14 33.15
C ASN C 775 -28.67 38.99 32.58
N PHE C 776 -28.08 38.19 33.46
CA PHE C 776 -27.27 37.04 33.05
C PHE C 776 -27.91 35.72 33.44
N SER C 777 -29.19 35.73 33.82
CA SER C 777 -29.85 34.51 34.29
C SER C 777 -29.96 33.49 33.17
N GLN C 778 -29.78 33.92 31.94
CA GLN C 778 -29.89 33.10 30.76
C GLN C 778 -28.55 32.50 30.34
N ILE C 779 -27.46 32.86 31.02
CA ILE C 779 -26.16 32.26 30.76
C ILE C 779 -25.58 31.55 31.99
N LEU C 780 -26.10 31.80 33.19
CA LEU C 780 -25.68 31.13 34.43
C LEU C 780 -26.37 29.79 34.58
N PRO C 781 -25.75 28.85 35.31
CA PRO C 781 -26.38 27.54 35.53
C PRO C 781 -27.74 27.66 36.19
N ASP C 782 -28.65 26.76 35.81
CA ASP C 782 -29.99 26.70 36.36
C ASP C 782 -30.03 25.67 37.47
N PRO C 783 -30.15 26.08 38.74
CA PRO C 783 -30.11 25.10 39.85
C PRO C 783 -31.22 24.07 39.83
N SER C 784 -32.29 24.28 39.06
CA SER C 784 -33.43 23.37 39.11
C SER C 784 -33.25 22.13 38.23
N LYS C 785 -32.19 22.05 37.46
CA LYS C 785 -31.96 20.92 36.57
C LYS C 785 -31.16 19.84 37.29
N PRO C 786 -31.27 18.58 36.84
CA PRO C 786 -30.43 17.53 37.43
C PRO C 786 -28.95 17.75 37.19
N SER C 787 -28.59 18.60 36.23
CA SER C 787 -27.21 18.98 35.95
C SER C 787 -27.22 20.50 35.76
N LYS C 788 -26.41 21.20 36.55
CA LYS C 788 -26.51 22.66 36.62
C LYS C 788 -25.92 23.27 35.35
N ARG C 789 -26.69 23.18 34.28
CA ARG C 789 -26.33 23.76 33.00
C ARG C 789 -27.24 24.95 32.71
N SER C 790 -26.75 25.87 31.89
CA SER C 790 -27.52 27.04 31.54
C SER C 790 -28.54 26.69 30.44
N PRO C 791 -29.57 27.51 30.22
CA PRO C 791 -30.49 27.22 29.11
C PRO C 791 -29.83 27.21 27.75
N ILE C 792 -28.93 28.17 27.46
CA ILE C 792 -28.26 28.19 26.17
C ILE C 792 -27.49 26.89 25.97
N GLU C 793 -26.79 26.43 27.01
CA GLU C 793 -26.08 25.16 26.92
C GLU C 793 -27.04 24.02 26.66
N ASP C 794 -28.21 24.03 27.31
CA ASP C 794 -29.21 23.00 27.02
C ASP C 794 -29.63 23.04 25.56
N LEU C 795 -29.78 24.25 24.99
CA LEU C 795 -30.17 24.35 23.58
C LEU C 795 -29.10 23.78 22.66
N LEU C 796 -27.82 24.04 22.94
CA LEU C 796 -26.77 23.48 22.09
C LEU C 796 -26.65 21.97 22.27
N PHE C 797 -26.77 21.48 23.51
CA PHE C 797 -26.68 20.05 23.73
C PHE C 797 -27.88 19.30 23.17
N ASN C 798 -29.02 19.98 22.99
CA ASN C 798 -30.21 19.37 22.46
C ASN C 798 -30.26 19.40 20.93
N LYS C 799 -29.23 19.91 20.27
CA LYS C 799 -29.20 20.00 18.82
C LYS C 799 -28.25 19.01 18.15
N VAL C 800 -27.14 18.66 18.78
CA VAL C 800 -26.20 17.69 18.23
C VAL C 800 -26.57 16.30 18.69
N THR C 801 -26.71 15.38 17.74
CA THR C 801 -27.10 14.01 18.05
C THR C 801 -25.99 13.04 17.66
N LYS C 828 -17.40 -2.64 16.60
CA LYS C 828 -18.41 -3.33 17.39
C LYS C 828 -17.76 -4.53 18.10
N PHE C 829 -17.64 -5.65 17.39
CA PHE C 829 -16.95 -6.84 17.90
C PHE C 829 -15.71 -7.16 17.08
N ASN C 830 -15.16 -6.17 16.37
CA ASN C 830 -14.00 -6.36 15.51
C ASN C 830 -12.76 -5.64 16.04
N GLY C 831 -12.69 -5.38 17.34
CA GLY C 831 -11.55 -4.71 17.93
C GLY C 831 -11.61 -3.21 17.95
N LEU C 832 -12.73 -2.62 17.56
CA LEU C 832 -12.88 -1.17 17.52
C LEU C 832 -13.65 -0.73 18.78
N THR C 833 -12.99 0.05 19.62
CA THR C 833 -13.59 0.51 20.86
C THR C 833 -13.43 2.03 21.00
N VAL C 834 -14.19 2.59 21.92
CA VAL C 834 -14.15 4.02 22.22
C VAL C 834 -13.86 4.19 23.71
N LEU C 835 -12.83 4.99 24.01
CA LEU C 835 -12.43 5.29 25.38
C LEU C 835 -13.20 6.50 25.91
N PRO C 836 -13.50 6.53 27.21
CA PRO C 836 -14.17 7.70 27.78
C PRO C 836 -13.21 8.85 27.95
N PRO C 837 -13.71 10.09 27.94
CA PRO C 837 -12.87 11.24 28.27
C PRO C 837 -12.56 11.29 29.76
N LEU C 838 -11.42 11.91 30.08
CA LEU C 838 -11.04 12.08 31.49
C LEU C 838 -11.92 13.10 32.20
N LEU C 839 -12.25 14.21 31.54
CA LEU C 839 -13.04 15.28 32.14
C LEU C 839 -14.50 15.16 31.72
N THR C 840 -15.38 14.95 32.69
CA THR C 840 -16.80 14.77 32.44
C THR C 840 -17.48 16.09 32.11
N ASP C 841 -18.69 15.99 31.57
CA ASP C 841 -19.46 17.18 31.20
C ASP C 841 -19.73 18.07 32.41
N GLU C 842 -19.99 17.46 33.57
CA GLU C 842 -20.20 18.25 34.78
C GLU C 842 -18.94 19.03 35.14
N MET C 843 -17.77 18.40 34.97
CA MET C 843 -16.52 19.06 35.31
C MET C 843 -16.24 20.21 34.35
N ILE C 844 -16.56 20.01 33.07
CA ILE C 844 -16.41 21.09 32.09
C ILE C 844 -17.34 22.24 32.40
N ALA C 845 -18.60 21.92 32.76
CA ALA C 845 -19.54 22.96 33.14
C ALA C 845 -19.06 23.72 34.37
N GLN C 846 -18.45 23.01 35.33
CA GLN C 846 -17.93 23.70 36.51
C GLN C 846 -16.79 24.63 36.15
N TYR C 847 -15.93 24.22 35.20
CA TYR C 847 -14.85 25.11 34.77
C TYR C 847 -15.40 26.33 34.05
N THR C 848 -16.41 26.15 33.19
CA THR C 848 -16.96 27.29 32.47
C THR C 848 -17.71 28.22 33.40
N SER C 849 -18.38 27.68 34.42
CA SER C 849 -19.03 28.51 35.42
C SER C 849 -18.00 29.31 36.21
N ALA C 850 -16.91 28.68 36.61
CA ALA C 850 -15.86 29.39 37.33
C ALA C 850 -15.28 30.51 36.47
N LEU C 851 -15.04 30.24 35.19
CA LEU C 851 -14.47 31.26 34.32
C LEU C 851 -15.44 32.42 34.12
N LEU C 852 -16.73 32.13 33.97
CA LEU C 852 -17.71 33.19 33.77
C LEU C 852 -17.88 34.05 35.03
N ALA C 853 -17.99 33.40 36.19
CA ALA C 853 -18.11 34.14 37.44
C ALA C 853 -16.87 34.95 37.72
N GLY C 854 -15.70 34.39 37.42
CA GLY C 854 -14.47 35.14 37.59
C GLY C 854 -14.43 36.36 36.69
N THR C 855 -14.77 36.18 35.41
CA THR C 855 -14.76 37.30 34.48
C THR C 855 -15.67 38.42 34.96
N ILE C 856 -16.91 38.07 35.35
CA ILE C 856 -17.86 39.10 35.73
C ILE C 856 -17.46 39.79 37.02
N THR C 857 -16.96 39.04 38.00
CA THR C 857 -16.70 39.64 39.30
C THR C 857 -15.31 40.26 39.43
N SER C 858 -14.36 39.92 38.55
CA SER C 858 -13.00 40.43 38.72
C SER C 858 -12.35 41.00 37.45
N GLY C 859 -13.08 41.15 36.35
CA GLY C 859 -12.45 41.70 35.16
C GLY C 859 -11.30 40.85 34.66
N TRP C 860 -10.16 41.51 34.44
CA TRP C 860 -8.94 40.88 33.95
C TRP C 860 -7.98 40.50 35.07
N THR C 861 -8.33 40.76 36.32
CA THR C 861 -7.38 40.62 37.41
C THR C 861 -7.06 39.15 37.70
N PHE C 862 -8.02 38.24 37.51
CA PHE C 862 -7.71 36.83 37.76
C PHE C 862 -6.79 36.28 36.69
N GLY C 863 -6.83 36.85 35.48
CA GLY C 863 -5.94 36.46 34.42
C GLY C 863 -4.55 37.01 34.62
N ALA C 864 -4.47 38.29 34.99
CA ALA C 864 -3.17 38.92 35.16
C ALA C 864 -2.44 38.41 36.40
N GLY C 865 -3.16 38.24 37.51
CA GLY C 865 -2.57 37.83 38.76
C GLY C 865 -3.60 37.15 39.63
N PRO C 866 -3.83 37.70 40.82
CA PRO C 866 -4.86 37.16 41.70
C PRO C 866 -6.23 37.73 41.35
N ALA C 867 -7.27 36.97 41.71
CA ALA C 867 -8.63 37.41 41.40
C ALA C 867 -9.02 38.54 42.35
N LEU C 868 -9.07 39.74 41.82
CA LEU C 868 -9.39 40.95 42.56
C LEU C 868 -10.78 41.41 42.14
N GLN C 869 -11.73 41.37 43.07
CA GLN C 869 -13.11 41.69 42.73
C GLN C 869 -13.24 43.11 42.23
N ILE C 870 -14.12 43.31 41.24
CA ILE C 870 -14.41 44.63 40.70
C ILE C 870 -15.86 44.70 40.23
N PRO C 871 -16.56 45.80 40.52
CA PRO C 871 -17.94 45.97 40.02
C PRO C 871 -18.07 45.94 38.50
N PHE C 872 -19.16 45.32 38.05
CA PHE C 872 -19.43 45.18 36.62
C PHE C 872 -19.57 46.51 35.88
N PRO C 873 -20.23 47.55 36.41
CA PRO C 873 -20.30 48.80 35.63
C PRO C 873 -18.95 49.43 35.36
N MET C 874 -18.02 49.41 36.32
CA MET C 874 -16.68 49.92 36.04
C MET C 874 -15.91 48.98 35.12
N GLN C 875 -16.11 47.66 35.25
CA GLN C 875 -15.48 46.76 34.30
C GLN C 875 -15.90 47.09 32.88
N MET C 876 -17.20 47.32 32.69
CA MET C 876 -17.75 47.64 31.38
C MET C 876 -17.24 48.99 30.89
N ALA C 877 -17.12 49.97 31.80
CA ALA C 877 -16.61 51.29 31.43
C ALA C 877 -15.16 51.21 30.97
N TYR C 878 -14.35 50.39 31.63
CA TYR C 878 -12.95 50.27 31.24
C TYR C 878 -12.83 49.53 29.92
N ARG C 879 -13.64 48.48 29.72
CA ARG C 879 -13.62 47.81 28.43
C ARG C 879 -14.01 48.75 27.30
N PHE C 880 -14.93 49.69 27.56
CA PHE C 880 -15.25 50.70 26.55
C PHE C 880 -14.10 51.68 26.36
N ASN C 881 -13.45 52.09 27.45
CA ASN C 881 -12.30 52.98 27.33
C ASN C 881 -11.19 52.35 26.50
N GLY C 882 -11.02 51.03 26.57
CA GLY C 882 -9.97 50.33 25.85
C GLY C 882 -10.06 50.39 24.34
N ILE C 883 -11.19 50.80 23.78
CA ILE C 883 -11.37 50.86 22.33
C ILE C 883 -11.47 52.31 21.85
N GLY C 884 -11.10 53.28 22.67
CA GLY C 884 -11.14 54.66 22.26
C GLY C 884 -12.51 55.29 22.34
N VAL C 885 -13.39 54.78 23.19
CA VAL C 885 -14.71 55.34 23.41
C VAL C 885 -14.83 55.72 24.87
N THR C 886 -15.06 57.01 25.13
CA THR C 886 -15.12 57.49 26.50
C THR C 886 -16.29 56.85 27.25
N GLN C 887 -16.04 56.46 28.50
CA GLN C 887 -17.02 55.75 29.33
C GLN C 887 -18.33 56.50 29.51
N ASN C 888 -18.35 57.83 29.32
CA ASN C 888 -19.60 58.55 29.54
C ASN C 888 -20.68 58.11 28.56
N VAL C 889 -20.28 57.60 27.39
CA VAL C 889 -21.26 57.04 26.45
C VAL C 889 -21.90 55.81 27.06
N LEU C 890 -21.09 54.95 27.69
CA LEU C 890 -21.61 53.79 28.38
C LEU C 890 -22.59 54.19 29.47
N TYR C 891 -22.22 55.16 30.29
CA TYR C 891 -23.09 55.53 31.40
C TYR C 891 -24.39 56.16 30.89
N GLU C 892 -24.30 56.93 29.80
CA GLU C 892 -25.49 57.53 29.21
C GLU C 892 -26.42 56.48 28.59
N ASN C 893 -25.85 55.42 28.00
CA ASN C 893 -26.64 54.40 27.30
C ASN C 893 -26.66 53.02 27.97
N GLN C 894 -26.43 52.95 29.29
CA GLN C 894 -26.34 51.66 29.96
C GLN C 894 -27.63 50.84 29.83
N LYS C 895 -28.79 51.48 29.99
CA LYS C 895 -30.04 50.71 29.90
C LYS C 895 -30.27 50.20 28.49
N LEU C 896 -29.96 51.03 27.49
CA LEU C 896 -30.11 50.60 26.10
C LEU C 896 -29.16 49.45 25.79
N ILE C 897 -27.92 49.53 26.27
CA ILE C 897 -26.95 48.47 26.02
C ILE C 897 -27.39 47.17 26.67
N ALA C 898 -27.86 47.23 27.91
CA ALA C 898 -28.33 46.02 28.58
C ALA C 898 -29.53 45.40 27.86
N ASN C 899 -30.47 46.25 27.42
CA ASN C 899 -31.64 45.72 26.73
C ASN C 899 -31.26 45.13 25.38
N GLN C 900 -30.31 45.77 24.67
CA GLN C 900 -29.84 45.25 23.40
C GLN C 900 -29.12 43.93 23.58
N PHE C 901 -28.34 43.81 24.66
CA PHE C 901 -27.66 42.55 24.94
C PHE C 901 -28.67 41.43 25.19
N ASN C 902 -29.67 41.69 26.03
CA ASN C 902 -30.65 40.65 26.32
C ASN C 902 -31.46 40.28 25.09
N SER C 903 -31.80 41.27 24.26
CA SER C 903 -32.53 40.98 23.04
C SER C 903 -31.68 40.19 22.05
N ALA C 904 -30.39 40.53 21.96
CA ALA C 904 -29.49 39.78 21.10
C ALA C 904 -29.37 38.33 21.56
N ILE C 905 -29.33 38.10 22.88
CA ILE C 905 -29.29 36.74 23.38
C ILE C 905 -30.57 35.99 23.03
N GLY C 906 -31.72 36.65 23.17
CA GLY C 906 -32.97 36.03 22.74
C GLY C 906 -32.97 35.69 21.26
N LYS C 907 -32.36 36.57 20.46
CA LYS C 907 -32.24 36.30 19.03
C LYS C 907 -31.33 35.12 18.79
N ILE C 908 -30.29 34.97 19.62
CA ILE C 908 -29.44 33.79 19.53
C ILE C 908 -30.25 32.54 19.82
N GLN C 909 -31.15 32.61 20.81
CA GLN C 909 -31.98 31.45 21.09
C GLN C 909 -32.85 31.10 19.90
N ASP C 910 -33.46 32.10 19.27
CA ASP C 910 -34.31 31.82 18.12
C ASP C 910 -33.51 31.29 16.94
N SER C 911 -32.30 31.81 16.73
CA SER C 911 -31.45 31.35 15.64
C SER C 911 -31.05 29.90 15.87
N LEU C 912 -30.59 29.58 17.08
CA LEU C 912 -30.18 28.21 17.38
C LEU C 912 -31.36 27.26 17.32
N SER C 913 -32.54 27.72 17.70
CA SER C 913 -33.74 26.89 17.68
C SER C 913 -34.34 26.72 16.29
N SER C 914 -33.95 27.54 15.31
CA SER C 914 -34.58 27.46 14.00
C SER C 914 -33.63 27.14 12.85
N THR C 915 -32.33 27.41 12.97
CA THR C 915 -31.38 27.18 11.89
C THR C 915 -30.50 25.97 12.21
N PRO C 916 -30.77 24.80 11.64
CA PRO C 916 -29.95 23.63 11.97
C PRO C 916 -28.50 23.70 11.52
N SER C 917 -28.22 24.35 10.39
CA SER C 917 -26.87 24.41 9.83
C SER C 917 -25.87 25.17 10.68
N ALA C 918 -26.33 25.88 11.73
CA ALA C 918 -25.42 26.68 12.54
C ALA C 918 -24.28 25.86 13.14
N LEU C 919 -24.51 24.58 13.43
CA LEU C 919 -23.52 23.71 14.06
C LEU C 919 -22.87 22.75 13.08
N GLY C 920 -22.87 23.09 11.80
CA GLY C 920 -22.28 22.25 10.79
C GLY C 920 -20.81 21.94 11.01
N LYS C 921 -20.07 22.88 11.60
CA LYS C 921 -18.64 22.66 11.81
C LYS C 921 -18.37 21.49 12.73
N LEU C 922 -19.27 21.20 13.67
CA LEU C 922 -19.13 20.06 14.56
C LEU C 922 -19.85 18.83 14.02
N GLN C 923 -20.96 19.04 13.33
CA GLN C 923 -21.66 17.90 12.75
C GLN C 923 -20.82 17.23 11.68
N ASP C 924 -20.05 18.02 10.92
CA ASP C 924 -19.22 17.45 9.87
C ASP C 924 -18.09 16.60 10.44
N VAL C 925 -17.49 17.02 11.56
CA VAL C 925 -16.42 16.20 12.14
C VAL C 925 -16.99 14.91 12.70
N VAL C 926 -18.14 14.99 13.40
CA VAL C 926 -18.74 13.77 13.93
C VAL C 926 -19.08 12.82 12.80
N ASN C 927 -19.66 13.34 11.71
CA ASN C 927 -20.03 12.51 10.58
C ASN C 927 -18.81 11.91 9.90
N GLN C 928 -17.72 12.69 9.78
CA GLN C 928 -16.52 12.16 9.14
C GLN C 928 -15.92 11.02 9.96
N ASN C 929 -15.94 11.13 11.28
CA ASN C 929 -15.37 10.05 12.08
C ASN C 929 -16.25 8.81 12.05
N ALA C 930 -17.57 8.99 12.08
CA ALA C 930 -18.47 7.85 11.99
C ALA C 930 -18.35 7.17 10.63
N GLN C 931 -18.22 7.97 9.58
CA GLN C 931 -18.07 7.43 8.24
C GLN C 931 -16.75 6.70 8.08
N ALA C 932 -15.67 7.22 8.67
CA ALA C 932 -14.38 6.54 8.59
C ALA C 932 -14.45 5.18 9.26
N LEU C 933 -15.11 5.10 10.42
CA LEU C 933 -15.21 3.80 11.09
C LEU C 933 -16.11 2.85 10.31
N ASN C 934 -17.19 3.36 9.72
CA ASN C 934 -18.07 2.49 8.93
C ASN C 934 -17.35 1.98 7.69
N THR C 935 -16.52 2.82 7.07
CA THR C 935 -15.74 2.38 5.91
C THR C 935 -14.73 1.32 6.30
N LEU C 936 -14.06 1.50 7.45
CA LEU C 936 -13.11 0.50 7.91
C LEU C 936 -13.81 -0.84 8.14
N VAL C 937 -14.99 -0.81 8.76
CA VAL C 937 -15.71 -2.06 9.01
C VAL C 937 -16.16 -2.70 7.69
N LYS C 938 -16.70 -1.90 6.77
CA LYS C 938 -17.14 -2.43 5.48
C LYS C 938 -15.99 -3.02 4.67
N GLN C 939 -14.78 -2.51 4.86
CA GLN C 939 -13.63 -2.98 4.08
C GLN C 939 -13.36 -4.47 4.26
N LEU C 940 -13.87 -5.09 5.32
CA LEU C 940 -13.65 -6.52 5.54
C LEU C 940 -14.32 -7.38 4.47
N SER C 941 -15.28 -6.84 3.72
CA SER C 941 -16.00 -7.61 2.72
C SER C 941 -15.24 -7.75 1.40
N SER C 942 -14.10 -7.07 1.24
CA SER C 942 -13.37 -7.14 -0.01
C SER C 942 -12.55 -8.43 -0.09
N ASN C 943 -12.41 -8.94 -1.31
CA ASN C 943 -11.75 -10.21 -1.54
C ASN C 943 -10.24 -10.09 -1.68
N PHE C 944 -9.75 -9.03 -2.32
CA PHE C 944 -8.31 -8.85 -2.58
C PHE C 944 -7.67 -10.03 -3.32
N GLY C 945 -8.45 -10.77 -4.10
CA GLY C 945 -7.91 -11.84 -4.93
C GLY C 945 -8.03 -13.24 -4.39
N ALA C 946 -8.45 -13.42 -3.13
CA ALA C 946 -8.56 -14.75 -2.57
C ALA C 946 -9.78 -15.48 -3.13
N ILE C 947 -9.81 -16.80 -2.96
CA ILE C 947 -10.96 -17.56 -3.38
C ILE C 947 -12.20 -17.23 -2.56
N SER C 948 -12.03 -16.70 -1.34
CA SER C 948 -13.15 -16.33 -0.50
C SER C 948 -12.70 -15.27 0.50
N SER C 949 -13.59 -14.31 0.78
CA SER C 949 -13.32 -13.28 1.77
C SER C 949 -13.47 -13.75 3.22
N VAL C 950 -14.10 -14.89 3.44
CA VAL C 950 -14.40 -15.35 4.81
C VAL C 950 -13.22 -16.16 5.33
N LEU C 951 -12.63 -15.69 6.43
CA LEU C 951 -11.44 -16.33 6.97
C LEU C 951 -11.74 -17.75 7.45
N ASN C 952 -12.91 -17.96 8.05
CA ASN C 952 -13.25 -19.30 8.50
C ASN C 952 -13.48 -20.23 7.32
N ASP C 953 -13.99 -19.69 6.20
CA ASP C 953 -14.20 -20.51 5.02
C ASP C 953 -12.89 -20.81 4.28
N ILE C 954 -11.92 -19.89 4.32
CA ILE C 954 -10.63 -20.19 3.72
C ILE C 954 -9.88 -21.21 4.57
N LEU C 955 -9.85 -21.00 5.90
CA LEU C 955 -9.16 -21.94 6.78
C LEU C 955 -9.82 -23.30 6.74
N SER C 956 -11.14 -23.32 6.60
CA SER C 956 -11.92 -24.53 6.56
C SER C 956 -11.89 -25.21 5.20
N ARG C 957 -11.26 -24.59 4.19
CA ARG C 957 -11.30 -25.16 2.85
C ARG C 957 -9.95 -25.61 2.29
N LEU C 958 -8.85 -24.96 2.61
CA LEU C 958 -7.56 -25.32 2.02
C LEU C 958 -6.59 -25.89 3.04
N ASP C 959 -5.77 -26.84 2.57
CA ASP C 959 -4.66 -27.35 3.37
C ASP C 959 -3.62 -26.25 3.56
N PRO C 960 -2.83 -26.33 4.63
CA PRO C 960 -1.81 -25.28 4.94
C PRO C 960 -1.02 -24.81 3.72
N PRO C 961 -0.52 -25.71 2.84
CA PRO C 961 0.31 -25.23 1.71
C PRO C 961 -0.36 -24.20 0.82
N GLU C 962 -1.69 -24.13 0.77
CA GLU C 962 -2.42 -23.13 0.01
C GLU C 962 -3.08 -22.09 0.91
N ALA C 963 -3.50 -22.53 2.10
CA ALA C 963 -4.12 -21.62 3.05
C ALA C 963 -3.15 -20.54 3.46
N GLU C 964 -1.87 -20.87 3.57
CA GLU C 964 -0.88 -19.86 3.96
C GLU C 964 -0.78 -18.78 2.90
N VAL C 965 -0.91 -19.15 1.61
CA VAL C 965 -0.86 -18.16 0.54
C VAL C 965 -2.10 -17.28 0.58
N GLN C 966 -3.27 -17.90 0.75
CA GLN C 966 -4.49 -17.09 0.76
C GLN C 966 -4.49 -16.15 1.97
N ILE C 967 -3.97 -16.64 3.10
CA ILE C 967 -3.92 -15.85 4.31
C ILE C 967 -2.91 -14.70 4.20
N ASP C 968 -1.72 -14.95 3.63
CA ASP C 968 -0.80 -13.83 3.45
C ASP C 968 -1.41 -12.77 2.55
N ARG C 969 -2.17 -13.18 1.52
CA ARG C 969 -2.81 -12.16 0.68
C ARG C 969 -3.81 -11.34 1.47
N LEU C 970 -4.62 -12.01 2.32
CA LEU C 970 -5.61 -11.27 3.08
C LEU C 970 -4.95 -10.38 4.13
N ILE C 971 -3.84 -10.86 4.72
CA ILE C 971 -3.11 -10.07 5.71
C ILE C 971 -2.52 -8.82 5.05
N THR C 972 -1.96 -8.98 3.85
CA THR C 972 -1.39 -7.83 3.15
C THR C 972 -2.46 -6.79 2.88
N GLY C 973 -3.62 -7.22 2.40
CA GLY C 973 -4.68 -6.25 2.11
C GLY C 973 -5.17 -5.55 3.36
N ARG C 974 -5.35 -6.29 4.45
CA ARG C 974 -5.88 -5.70 5.66
C ARG C 974 -4.85 -4.78 6.33
N LEU C 975 -3.57 -5.12 6.21
CA LEU C 975 -2.53 -4.25 6.73
C LEU C 975 -2.48 -2.94 5.95
N GLN C 976 -2.64 -3.01 4.63
CA GLN C 976 -2.69 -1.76 3.85
C GLN C 976 -3.88 -0.91 4.27
N SER C 977 -5.03 -1.55 4.53
CA SER C 977 -6.20 -0.79 4.97
C SER C 977 -5.95 -0.11 6.31
N LEU C 978 -5.33 -0.82 7.26
CA LEU C 978 -5.01 -0.20 8.55
C LEU C 978 -4.03 0.95 8.39
N GLN C 979 -3.01 0.79 7.56
CA GLN C 979 -2.04 1.86 7.38
C GLN C 979 -2.68 3.11 6.80
N THR C 980 -3.58 2.93 5.82
CA THR C 980 -4.27 4.08 5.24
C THR C 980 -5.12 4.78 6.29
N TYR C 981 -5.88 4.00 7.07
CA TYR C 981 -6.73 4.59 8.11
C TYR C 981 -5.90 5.41 9.08
N VAL C 982 -4.81 4.84 9.59
CA VAL C 982 -4.00 5.52 10.59
C VAL C 982 -3.36 6.79 10.02
N THR C 983 -2.86 6.73 8.78
CA THR C 983 -2.26 7.93 8.19
C THR C 983 -3.29 9.06 8.08
N GLN C 984 -4.51 8.73 7.63
CA GLN C 984 -5.53 9.77 7.53
C GLN C 984 -5.88 10.32 8.91
N GLN C 985 -5.87 9.46 9.92
CA GLN C 985 -6.16 9.91 11.27
C GLN C 985 -5.07 10.84 11.79
N LEU C 986 -3.82 10.58 11.42
CA LEU C 986 -2.73 11.46 11.86
C LEU C 986 -2.86 12.84 11.24
N ILE C 987 -3.22 12.90 9.96
CA ILE C 987 -3.36 14.21 9.32
C ILE C 987 -4.54 14.98 9.92
N ARG C 988 -5.67 14.30 10.11
CA ARG C 988 -6.83 14.97 10.72
C ARG C 988 -6.52 15.43 12.13
N ALA C 989 -5.78 14.61 12.89
CA ALA C 989 -5.40 14.98 14.25
C ALA C 989 -4.52 16.22 14.25
N ALA C 990 -3.62 16.34 13.28
CA ALA C 990 -2.78 17.55 13.21
C ALA C 990 -3.63 18.78 12.93
N GLU C 991 -4.63 18.64 12.06
CA GLU C 991 -5.52 19.77 11.79
C GLU C 991 -6.30 20.16 13.05
N ILE C 992 -6.80 19.17 13.78
CA ILE C 992 -7.55 19.44 15.01
C ILE C 992 -6.65 20.11 16.04
N ARG C 993 -5.39 19.66 16.14
CA ARG C 993 -4.46 20.27 17.08
C ARG C 993 -4.22 21.74 16.76
N ALA C 994 -4.05 22.06 15.47
CA ALA C 994 -3.89 23.46 15.09
C ALA C 994 -5.12 24.27 15.47
N SER C 995 -6.30 23.71 15.24
CA SER C 995 -7.54 24.41 15.62
C SER C 995 -7.61 24.62 17.12
N ALA C 996 -7.22 23.61 17.91
CA ALA C 996 -7.23 23.74 19.36
C ALA C 996 -6.26 24.81 19.84
N ASN C 997 -5.10 24.92 19.20
CA ASN C 997 -4.16 25.97 19.58
C ASN C 997 -4.72 27.34 19.28
N LEU C 998 -5.40 27.49 18.14
CA LEU C 998 -6.04 28.76 17.84
C LEU C 998 -7.13 29.09 18.86
N ALA C 999 -7.93 28.07 19.23
CA ALA C 999 -9.00 28.29 20.19
C ALA C 999 -8.44 28.70 21.54
N ALA C 1000 -7.33 28.09 21.97
CA ALA C 1000 -6.73 28.46 23.25
C ALA C 1000 -6.18 29.87 23.21
N THR C 1001 -5.55 30.26 22.08
CA THR C 1001 -5.05 31.62 21.97
C THR C 1001 -6.18 32.63 22.03
N LYS C 1002 -7.29 32.37 21.31
CA LYS C 1002 -8.43 33.28 21.36
C LYS C 1002 -9.01 33.35 22.77
N MET C 1003 -9.13 32.19 23.42
CA MET C 1003 -9.68 32.14 24.77
C MET C 1003 -8.87 33.04 25.71
N SER C 1004 -7.54 32.86 25.70
CA SER C 1004 -6.66 33.60 26.60
C SER C 1004 -6.63 35.08 26.26
N GLU C 1005 -6.59 35.44 24.97
CA GLU C 1005 -6.39 36.82 24.57
C GLU C 1005 -7.72 37.52 24.30
N CYS C 1006 -8.83 36.92 24.69
CA CYS C 1006 -10.11 37.54 24.41
C CYS C 1006 -11.02 37.57 25.64
N VAL C 1007 -11.09 36.49 26.42
CA VAL C 1007 -11.98 36.54 27.58
C VAL C 1007 -11.27 37.18 28.78
N LEU C 1008 -10.01 36.77 29.03
CA LEU C 1008 -9.28 37.26 30.20
C LEU C 1008 -8.83 38.71 30.04
N GLY C 1009 -8.66 39.18 28.81
CA GLY C 1009 -8.23 40.53 28.54
C GLY C 1009 -9.17 41.23 27.58
N GLN C 1010 -8.58 42.11 26.76
CA GLN C 1010 -9.29 42.80 25.70
C GLN C 1010 -8.39 42.88 24.49
N SER C 1011 -8.91 42.48 23.33
CA SER C 1011 -8.09 42.34 22.12
C SER C 1011 -8.15 43.62 21.31
N LYS C 1012 -6.97 44.15 20.95
CA LYS C 1012 -6.85 45.30 20.07
C LYS C 1012 -6.65 44.88 18.62
N ARG C 1013 -6.56 43.59 18.34
CA ARG C 1013 -6.32 43.09 16.99
C ARG C 1013 -7.61 43.13 16.19
N VAL C 1014 -7.58 43.79 15.03
CA VAL C 1014 -8.78 44.00 14.25
C VAL C 1014 -9.28 42.66 13.71
N ASP C 1015 -10.58 42.40 13.88
CA ASP C 1015 -11.25 41.19 13.45
C ASP C 1015 -10.69 39.92 14.10
N PHE C 1016 -9.93 40.06 15.19
CA PHE C 1016 -9.50 38.87 15.93
C PHE C 1016 -10.65 38.23 16.69
N CYS C 1017 -11.51 39.05 17.30
CA CYS C 1017 -12.64 38.55 18.06
C CYS C 1017 -13.95 39.05 17.46
N GLY C 1018 -14.10 38.88 16.15
CA GLY C 1018 -15.30 39.29 15.44
C GLY C 1018 -15.18 40.69 14.86
N LYS C 1019 -16.09 41.00 13.94
CA LYS C 1019 -16.08 42.31 13.31
C LYS C 1019 -16.61 43.35 14.29
N GLY C 1020 -15.91 44.47 14.35
CA GLY C 1020 -16.26 45.54 15.27
C GLY C 1020 -15.20 45.71 16.34
N TYR C 1021 -15.50 46.59 17.29
CA TYR C 1021 -14.59 46.87 18.39
C TYR C 1021 -14.88 45.90 19.53
N HIS C 1022 -13.90 45.05 19.84
CA HIS C 1022 -14.08 43.97 20.81
C HIS C 1022 -14.26 44.50 22.23
N LEU C 1023 -15.24 43.95 22.94
CA LEU C 1023 -15.41 44.23 24.36
C LEU C 1023 -15.09 43.01 25.23
N MET C 1024 -15.85 41.93 25.09
CA MET C 1024 -15.64 40.74 25.91
C MET C 1024 -16.23 39.53 25.20
N SER C 1025 -15.86 38.36 25.69
CA SER C 1025 -16.40 37.11 25.20
C SER C 1025 -16.78 36.23 26.38
N PHE C 1026 -17.74 35.33 26.14
CA PHE C 1026 -18.22 34.42 27.16
C PHE C 1026 -18.13 33.00 26.61
N PRO C 1027 -17.45 32.08 27.28
CA PRO C 1027 -17.40 30.71 26.81
C PRO C 1027 -18.67 29.95 27.11
N GLN C 1028 -19.00 29.02 26.22
CA GLN C 1028 -20.06 28.07 26.45
C GLN C 1028 -19.58 26.72 25.95
N SER C 1029 -19.91 25.66 26.67
CA SER C 1029 -19.48 24.34 26.23
C SER C 1029 -20.40 23.82 25.13
N ALA C 1030 -19.86 22.89 24.35
CA ALA C 1030 -20.60 22.21 23.30
C ALA C 1030 -19.98 20.84 23.11
N PRO C 1031 -20.70 19.89 22.52
CA PRO C 1031 -20.11 18.58 22.24
C PRO C 1031 -18.86 18.72 21.38
N HIS C 1032 -17.73 18.26 21.92
CA HIS C 1032 -16.44 18.28 21.23
C HIS C 1032 -16.07 19.66 20.71
N GLY C 1033 -16.42 20.72 21.43
CA GLY C 1033 -16.05 22.04 20.96
C GLY C 1033 -16.46 23.12 21.94
N VAL C 1034 -16.17 24.36 21.54
CA VAL C 1034 -16.46 25.55 22.34
C VAL C 1034 -17.13 26.59 21.44
N VAL C 1035 -18.08 27.34 21.99
CA VAL C 1035 -18.80 28.39 21.28
C VAL C 1035 -18.56 29.71 22.01
N PHE C 1036 -18.16 30.73 21.26
CA PHE C 1036 -17.86 32.06 21.79
C PHE C 1036 -18.96 33.04 21.41
N LEU C 1037 -19.44 33.81 22.38
CA LEU C 1037 -20.36 34.90 22.16
C LEU C 1037 -19.56 36.21 22.20
N HIS C 1038 -19.40 36.84 21.04
CA HIS C 1038 -18.57 38.04 20.90
C HIS C 1038 -19.46 39.28 20.89
N VAL C 1039 -19.20 40.20 21.81
CA VAL C 1039 -19.92 41.45 21.92
C VAL C 1039 -19.08 42.54 21.25
N THR C 1040 -19.62 43.16 20.19
CA THR C 1040 -18.87 44.10 19.39
C THR C 1040 -19.63 45.41 19.22
N TYR C 1041 -18.86 46.48 18.99
CA TYR C 1041 -19.37 47.82 18.73
C TYR C 1041 -19.36 48.08 17.23
N VAL C 1042 -20.53 48.37 16.66
CA VAL C 1042 -20.66 48.62 15.23
C VAL C 1042 -21.32 49.98 15.03
N PRO C 1043 -20.68 50.93 14.33
CA PRO C 1043 -21.35 52.20 13.98
C PRO C 1043 -22.63 51.98 13.18
N ALA C 1044 -23.65 52.77 13.50
CA ALA C 1044 -24.98 52.61 12.92
C ALA C 1044 -25.42 53.74 11.99
N GLN C 1045 -25.20 55.00 12.35
CA GLN C 1045 -25.67 56.12 11.56
C GLN C 1045 -24.55 57.14 11.37
N GLU C 1046 -24.53 57.79 10.20
CA GLU C 1046 -23.46 58.72 9.87
C GLU C 1046 -24.01 59.98 9.23
N LYS C 1047 -23.27 61.07 9.38
CA LYS C 1047 -23.53 62.34 8.70
C LYS C 1047 -22.26 62.79 7.98
N ASN C 1048 -22.46 63.53 6.89
CA ASN C 1048 -21.36 64.05 6.08
C ASN C 1048 -20.92 65.40 6.66
N PHE C 1049 -19.70 65.46 7.19
CA PHE C 1049 -19.14 66.68 7.77
C PHE C 1049 -17.90 67.14 7.01
N THR C 1050 -17.69 68.46 7.05
CA THR C 1050 -16.47 69.09 6.53
C THR C 1050 -15.37 69.06 7.58
N THR C 1051 -14.12 68.89 7.12
CA THR C 1051 -12.95 68.77 7.99
C THR C 1051 -11.87 69.76 7.54
N ALA C 1052 -10.77 69.81 8.31
CA ALA C 1052 -9.64 70.69 8.02
C ALA C 1052 -8.37 70.16 8.67
N PRO C 1053 -7.21 70.29 8.03
CA PRO C 1053 -5.97 69.75 8.62
C PRO C 1053 -5.41 70.55 9.79
N ALA C 1054 -5.70 71.85 9.91
CA ALA C 1054 -5.08 72.64 10.96
C ALA C 1054 -5.84 73.94 11.15
N ILE C 1055 -5.63 74.57 12.29
CA ILE C 1055 -6.24 75.87 12.60
C ILE C 1055 -5.13 76.88 12.90
N CYS C 1056 -5.19 78.03 12.25
CA CYS C 1056 -4.33 79.17 12.54
C CYS C 1056 -4.96 80.06 13.60
N HIS C 1057 -4.14 80.57 14.53
CA HIS C 1057 -4.62 81.58 15.47
C HIS C 1057 -3.89 82.90 15.30
N ASP C 1058 -2.63 83.00 15.71
CA ASP C 1058 -1.81 84.17 15.49
C ASP C 1058 -0.70 83.92 14.47
N GLY C 1059 -0.88 82.93 13.60
CA GLY C 1059 0.15 82.48 12.69
C GLY C 1059 0.75 81.15 13.09
N LYS C 1060 0.46 80.68 14.30
CA LYS C 1060 0.92 79.38 14.77
C LYS C 1060 0.01 78.27 14.26
N ALA C 1061 0.60 77.11 14.01
CA ALA C 1061 -0.13 75.94 13.54
C ALA C 1061 -0.46 75.03 14.72
N HIS C 1062 -1.76 74.83 14.96
CA HIS C 1062 -2.25 74.01 16.06
C HIS C 1062 -2.65 72.64 15.55
N PHE C 1063 -2.15 71.59 16.20
CA PHE C 1063 -2.48 70.24 15.75
C PHE C 1063 -3.22 69.49 16.85
N PRO C 1064 -4.15 68.62 16.49
CA PRO C 1064 -4.89 67.84 17.50
C PRO C 1064 -4.02 66.79 18.19
N ARG C 1065 -4.21 66.65 19.51
CA ARG C 1065 -3.64 65.50 20.20
C ARG C 1065 -4.44 64.23 19.91
N GLU C 1066 -5.77 64.33 19.94
CA GLU C 1066 -6.66 63.21 19.64
C GLU C 1066 -7.88 63.73 18.90
N GLY C 1067 -8.42 62.88 18.03
CA GLY C 1067 -9.63 63.23 17.30
C GLY C 1067 -9.38 63.94 15.99
N VAL C 1068 -10.49 64.44 15.43
CA VAL C 1068 -10.49 65.09 14.12
C VAL C 1068 -11.21 66.43 14.25
N PHE C 1069 -10.95 67.32 13.31
CA PHE C 1069 -11.71 68.55 13.20
C PHE C 1069 -12.92 68.36 12.31
N VAL C 1070 -14.07 68.90 12.75
CA VAL C 1070 -15.31 68.85 12.00
C VAL C 1070 -15.95 70.23 11.97
N SER C 1071 -16.79 70.44 10.97
CA SER C 1071 -17.58 71.66 10.84
C SER C 1071 -19.01 71.31 10.50
N ASN C 1072 -19.96 71.96 11.18
CA ASN C 1072 -21.37 71.81 10.87
C ASN C 1072 -21.85 72.80 9.81
N GLY C 1073 -20.91 73.52 9.18
CA GLY C 1073 -21.22 74.49 8.16
C GLY C 1073 -20.95 75.93 8.57
N THR C 1074 -20.89 76.22 9.87
CA THR C 1074 -20.60 77.57 10.31
C THR C 1074 -19.47 77.62 11.34
N HIS C 1075 -19.33 76.58 12.15
CA HIS C 1075 -18.33 76.54 13.20
C HIS C 1075 -17.58 75.22 13.18
N TRP C 1076 -16.30 75.30 13.56
CA TRP C 1076 -15.42 74.14 13.59
C TRP C 1076 -15.43 73.48 14.98
N PHE C 1077 -15.48 72.15 14.99
CA PHE C 1077 -15.50 71.39 16.23
C PHE C 1077 -14.49 70.25 16.14
N VAL C 1078 -14.12 69.72 17.31
CA VAL C 1078 -13.28 68.54 17.42
C VAL C 1078 -14.08 67.43 18.07
N THR C 1079 -14.00 66.22 17.52
CA THR C 1079 -14.73 65.09 18.05
C THR C 1079 -13.93 63.81 17.83
N GLN C 1080 -14.16 62.83 18.70
CA GLN C 1080 -13.51 61.54 18.57
C GLN C 1080 -13.93 60.85 17.28
N ARG C 1081 -12.98 60.11 16.69
CA ARG C 1081 -13.18 59.53 15.38
C ARG C 1081 -14.36 58.56 15.33
N ASN C 1082 -14.57 57.78 16.39
CA ASN C 1082 -15.50 56.67 16.34
C ASN C 1082 -16.87 56.97 16.95
N PHE C 1083 -17.16 58.22 17.30
CA PHE C 1083 -18.44 58.53 17.90
C PHE C 1083 -18.70 60.04 17.87
N TYR C 1084 -19.81 60.47 17.28
CA TYR C 1084 -20.06 61.90 17.16
C TYR C 1084 -20.35 62.47 18.55
N GLU C 1085 -19.47 63.35 19.00
CA GLU C 1085 -19.60 63.98 20.32
C GLU C 1085 -18.88 65.32 20.26
N PRO C 1086 -19.53 66.34 19.70
CA PRO C 1086 -18.83 67.59 19.38
C PRO C 1086 -18.40 68.31 20.65
N GLN C 1087 -17.15 68.78 20.64
CA GLN C 1087 -16.61 69.59 21.73
C GLN C 1087 -16.01 70.86 21.16
N ILE C 1088 -15.97 71.91 21.98
CA ILE C 1088 -15.35 73.15 21.58
C ILE C 1088 -13.84 72.96 21.43
N ILE C 1089 -13.27 73.53 20.37
CA ILE C 1089 -11.84 73.45 20.12
C ILE C 1089 -11.14 74.43 21.04
N THR C 1090 -10.23 73.92 21.87
CA THR C 1090 -9.55 74.72 22.86
C THR C 1090 -8.06 74.42 22.86
N THR C 1091 -7.31 75.23 23.61
CA THR C 1091 -5.87 75.03 23.73
C THR C 1091 -5.50 73.80 24.53
N ASP C 1092 -6.47 73.17 25.20
CA ASP C 1092 -6.22 71.95 25.95
C ASP C 1092 -6.44 70.70 25.13
N ASN C 1093 -6.87 70.86 23.87
CA ASN C 1093 -7.02 69.76 22.94
C ASN C 1093 -5.95 69.74 21.85
N THR C 1094 -5.34 70.90 21.56
CA THR C 1094 -4.35 71.04 20.51
C THR C 1094 -3.03 71.55 21.12
N PHE C 1095 -1.97 71.48 20.31
CA PHE C 1095 -0.64 71.96 20.67
C PHE C 1095 -0.08 72.80 19.54
N VAL C 1096 0.91 73.62 19.88
CA VAL C 1096 1.51 74.58 18.95
C VAL C 1096 2.85 74.03 18.48
N SER C 1097 3.06 74.02 17.16
CA SER C 1097 4.33 73.64 16.57
C SER C 1097 4.48 74.32 15.21
N GLY C 1098 5.52 75.14 15.06
CA GLY C 1098 5.72 75.80 13.79
C GLY C 1098 4.72 76.91 13.53
N ASN C 1099 4.52 77.19 12.24
CA ASN C 1099 3.67 78.30 11.85
C ASN C 1099 2.87 77.94 10.59
N CYS C 1100 1.96 78.84 10.23
CA CYS C 1100 0.98 78.64 9.16
C CYS C 1100 1.58 78.64 7.75
N ASP C 1101 2.82 79.06 7.57
CA ASP C 1101 3.33 79.24 6.21
C ASP C 1101 3.86 77.96 5.58
N VAL C 1102 3.81 76.82 6.27
CA VAL C 1102 4.35 75.58 5.74
C VAL C 1102 3.25 74.59 5.35
N VAL C 1103 2.21 74.47 6.18
CA VAL C 1103 1.23 73.41 6.02
C VAL C 1103 0.22 73.76 4.94
N ILE C 1104 0.04 72.85 3.98
CA ILE C 1104 -0.89 73.01 2.86
C ILE C 1104 -2.31 72.67 3.30
N GLY C 1105 -3.25 73.59 3.06
CA GLY C 1105 -4.64 73.38 3.40
C GLY C 1105 -5.09 73.92 4.74
N ILE C 1106 -4.28 74.71 5.43
CA ILE C 1106 -4.67 75.28 6.70
C ILE C 1106 -5.83 76.25 6.53
N VAL C 1107 -6.74 76.26 7.50
CA VAL C 1107 -7.91 77.12 7.47
C VAL C 1107 -7.79 78.10 8.63
N ASN C 1108 -8.51 79.22 8.50
CA ASN C 1108 -8.48 80.25 9.51
C ASN C 1108 -9.58 80.00 10.54
N ASN C 1109 -9.24 80.10 11.82
CA ASN C 1109 -10.24 79.99 12.89
C ASN C 1109 -9.68 80.65 14.15
N THR C 1110 -10.29 80.33 15.30
CA THR C 1110 -9.82 80.77 16.60
C THR C 1110 -9.68 79.58 17.55
N VAL C 1111 -8.71 79.66 18.45
CA VAL C 1111 -8.47 78.63 19.46
C VAL C 1111 -8.73 79.23 20.83
N TYR C 1112 -9.68 78.64 21.56
CA TYR C 1112 -10.06 79.13 22.88
C TYR C 1112 -9.06 78.72 23.94
N ASP C 1113 -8.69 79.67 24.80
CA ASP C 1113 -7.79 79.41 25.93
C ASP C 1113 -8.61 79.49 27.21
N PRO C 1114 -8.87 78.37 27.89
CA PRO C 1114 -9.73 78.42 29.10
C PRO C 1114 -9.22 79.35 30.19
N LEU C 1115 -7.94 79.70 30.18
CA LEU C 1115 -7.40 80.58 31.22
C LEU C 1115 -7.83 82.03 31.02
N GLN C 1116 -7.96 82.45 29.75
CA GLN C 1116 -8.31 83.83 29.38
C GLN C 1116 -9.57 84.28 30.10
N PRO C 1117 -10.71 83.58 29.99
CA PRO C 1117 -11.91 84.05 30.72
C PRO C 1117 -11.75 83.96 32.23
N GLU C 1118 -10.85 83.12 32.72
CA GLU C 1118 -10.66 82.99 34.17
C GLU C 1118 -9.90 84.19 34.72
N LEU C 1119 -9.02 84.78 33.92
CA LEU C 1119 -8.33 85.99 34.34
C LEU C 1119 -9.12 87.23 33.99
N ASP C 1120 -9.95 87.17 32.94
CA ASP C 1120 -10.78 88.31 32.58
C ASP C 1120 -11.91 88.52 33.58
N SER C 1121 -12.53 87.44 34.02
CA SER C 1121 -13.61 87.53 35.00
C SER C 1121 -13.06 87.59 36.43
N GLN D 1 -18.77 -65.83 -56.07
CA GLN D 1 -19.10 -65.59 -54.67
C GLN D 1 -17.84 -65.37 -53.84
N VAL D 2 -18.02 -64.79 -52.65
CA VAL D 2 -16.93 -64.76 -51.67
C VAL D 2 -16.74 -66.17 -51.12
N GLN D 3 -15.50 -66.65 -51.16
CA GLN D 3 -15.25 -68.09 -51.14
C GLN D 3 -13.95 -68.38 -50.42
N LEU D 4 -13.93 -69.51 -49.72
CA LEU D 4 -12.70 -70.13 -49.23
C LEU D 4 -12.70 -71.57 -49.67
N LYS D 5 -11.58 -72.03 -50.21
CA LYS D 5 -11.50 -73.37 -50.79
C LYS D 5 -10.17 -74.02 -50.43
N GLU D 6 -10.18 -75.34 -50.35
CA GLU D 6 -9.13 -76.12 -49.72
C GLU D 6 -8.50 -77.03 -50.76
N SER D 7 -7.18 -77.09 -50.78
CA SER D 7 -6.43 -77.48 -51.96
C SER D 7 -5.21 -78.27 -51.55
N GLY D 8 -5.02 -79.43 -52.18
CA GLY D 8 -3.98 -80.36 -51.78
C GLY D 8 -3.99 -80.75 -50.32
N PRO D 9 -5.11 -81.27 -49.83
CA PRO D 9 -5.14 -81.77 -48.44
C PRO D 9 -4.23 -82.98 -48.27
N GLY D 10 -3.71 -83.12 -47.06
CA GLY D 10 -2.75 -84.18 -46.80
C GLY D 10 -3.39 -85.55 -46.90
N LEU D 11 -2.58 -86.53 -47.32
CA LEU D 11 -3.06 -87.87 -47.60
C LEU D 11 -2.20 -88.88 -46.84
N VAL D 12 -2.78 -90.06 -46.63
CA VAL D 12 -2.17 -91.06 -45.76
C VAL D 12 -0.76 -91.38 -46.23
N ALA D 13 0.15 -91.52 -45.27
CA ALA D 13 1.48 -92.05 -45.52
C ALA D 13 2.00 -92.66 -44.23
N PRO D 14 2.98 -93.57 -44.33
CA PRO D 14 3.75 -93.91 -43.13
C PRO D 14 4.58 -92.73 -42.62
N SER D 15 5.15 -91.94 -43.52
CA SER D 15 5.85 -90.73 -43.11
C SER D 15 4.89 -89.77 -42.41
N GLN D 16 5.35 -89.18 -41.32
CA GLN D 16 4.51 -88.45 -40.40
C GLN D 16 4.29 -86.99 -40.81
N SER D 17 4.78 -86.60 -41.99
CA SER D 17 4.57 -85.24 -42.47
C SER D 17 3.23 -85.12 -43.20
N LEU D 18 2.68 -83.91 -43.19
CA LEU D 18 1.42 -83.63 -43.85
C LEU D 18 1.43 -82.18 -44.33
N SER D 19 0.78 -81.95 -45.47
CA SER D 19 0.70 -80.63 -46.07
C SER D 19 -0.74 -80.31 -46.44
N ILE D 20 -1.12 -79.05 -46.30
CA ILE D 20 -2.45 -78.58 -46.69
C ILE D 20 -2.34 -77.13 -47.13
N THR D 21 -3.13 -76.76 -48.13
CA THR D 21 -3.21 -75.38 -48.61
C THR D 21 -4.66 -74.93 -48.71
N CYS D 22 -4.88 -73.65 -48.48
CA CYS D 22 -6.20 -73.03 -48.63
C CYS D 22 -6.09 -71.81 -49.53
N THR D 23 -7.14 -71.57 -50.31
CA THR D 23 -7.14 -70.58 -51.36
C THR D 23 -8.35 -69.67 -51.21
N VAL D 24 -8.17 -68.40 -51.55
CA VAL D 24 -9.15 -67.36 -51.27
C VAL D 24 -9.46 -66.62 -52.57
N SER D 25 -10.73 -66.26 -52.75
CA SER D 25 -11.18 -65.61 -53.97
C SER D 25 -12.34 -64.67 -53.63
N GLY D 26 -12.39 -63.55 -54.34
CA GLY D 26 -13.38 -62.51 -54.07
C GLY D 26 -12.97 -61.52 -53.01
N PHE D 27 -11.81 -61.70 -52.39
CA PHE D 27 -11.20 -60.67 -51.55
C PHE D 27 -9.70 -60.87 -51.55
N SER D 28 -8.97 -59.78 -51.33
CA SER D 28 -7.52 -59.84 -51.32
C SER D 28 -7.01 -60.06 -49.89
N LEU D 29 -5.90 -60.79 -49.78
CA LEU D 29 -5.24 -60.99 -48.50
C LEU D 29 -4.71 -59.68 -47.91
N THR D 30 -4.61 -58.64 -48.72
CA THR D 30 -4.24 -57.31 -48.23
C THR D 30 -5.42 -56.52 -47.69
N ARG D 31 -6.65 -57.02 -47.85
CA ARG D 31 -7.84 -56.28 -47.47
C ARG D 31 -8.55 -56.82 -46.24
N TYR D 32 -8.36 -58.10 -45.90
CA TYR D 32 -8.96 -58.66 -44.70
C TYR D 32 -7.99 -59.66 -44.08
N GLY D 33 -8.46 -60.38 -43.07
CA GLY D 33 -7.62 -61.28 -42.32
C GLY D 33 -8.24 -62.65 -42.21
N VAL D 34 -7.38 -63.67 -42.19
CA VAL D 34 -7.82 -65.06 -42.23
C VAL D 34 -7.12 -65.83 -41.11
N HIS D 35 -7.89 -66.69 -40.44
CA HIS D 35 -7.49 -67.30 -39.19
C HIS D 35 -7.64 -68.82 -39.30
N TRP D 36 -6.76 -69.54 -38.60
CA TRP D 36 -6.49 -70.94 -38.91
C TRP D 36 -6.67 -71.77 -37.64
N VAL D 37 -7.52 -72.79 -37.72
CA VAL D 37 -8.02 -73.49 -36.55
C VAL D 37 -8.03 -74.98 -36.85
N ARG D 38 -7.66 -75.78 -35.85
CA ARG D 38 -7.37 -77.20 -36.02
C ARG D 38 -8.16 -77.99 -34.99
N GLN D 39 -8.57 -79.20 -35.37
CA GLN D 39 -9.34 -80.07 -34.47
C GLN D 39 -8.68 -81.45 -34.39
N PRO D 40 -8.34 -81.93 -33.20
CA PRO D 40 -7.99 -83.34 -33.04
C PRO D 40 -9.24 -84.20 -33.13
N PRO D 41 -9.11 -85.44 -33.60
CA PRO D 41 -10.28 -86.34 -33.62
C PRO D 41 -10.82 -86.57 -32.21
N GLY D 42 -12.13 -86.39 -32.06
CA GLY D 42 -12.78 -86.62 -30.79
C GLY D 42 -12.57 -85.53 -29.76
N LYS D 43 -12.22 -84.32 -30.18
CA LYS D 43 -11.88 -83.24 -29.26
C LYS D 43 -12.38 -81.93 -29.84
N GLY D 44 -12.43 -80.91 -28.99
CA GLY D 44 -12.67 -79.56 -29.46
C GLY D 44 -11.53 -79.04 -30.31
N LEU D 45 -11.75 -77.85 -30.86
CA LEU D 45 -10.80 -77.28 -31.81
C LEU D 45 -9.67 -76.56 -31.09
N GLU D 46 -8.59 -76.31 -31.82
CA GLU D 46 -7.41 -75.64 -31.32
C GLU D 46 -7.00 -74.57 -32.31
N TRP D 47 -6.42 -73.48 -31.80
CA TRP D 47 -6.46 -72.20 -32.48
C TRP D 47 -5.06 -71.61 -32.66
N LEU D 48 -4.86 -71.00 -33.83
CA LEU D 48 -3.74 -70.10 -34.09
C LEU D 48 -4.31 -68.91 -34.86
N GLY D 49 -4.06 -67.70 -34.37
CA GLY D 49 -4.73 -66.53 -34.94
C GLY D 49 -3.89 -65.27 -34.86
N VAL D 50 -4.04 -64.45 -35.89
CA VAL D 50 -3.19 -63.28 -36.12
C VAL D 50 -4.02 -62.24 -36.85
N ILE D 51 -3.77 -60.97 -36.54
CA ILE D 51 -4.48 -59.85 -37.15
C ILE D 51 -3.47 -58.90 -37.77
N TRP D 52 -3.70 -58.54 -39.03
CA TRP D 52 -2.67 -57.86 -39.81
C TRP D 52 -3.34 -57.06 -40.93
N ALA D 53 -2.57 -56.13 -41.50
CA ALA D 53 -2.86 -55.59 -42.83
C ALA D 53 -2.14 -56.36 -43.92
N ASP D 54 -0.81 -56.46 -43.82
CA ASP D 54 -0.05 -57.53 -44.44
C ASP D 54 1.29 -57.64 -43.75
N GLY D 55 1.91 -58.82 -43.87
CA GLY D 55 3.26 -59.04 -43.42
C GLY D 55 3.45 -59.17 -41.92
N SER D 56 2.48 -58.75 -41.12
CA SER D 56 2.57 -58.92 -39.68
C SER D 56 2.43 -60.40 -39.30
N THR D 57 2.86 -60.71 -38.08
CA THR D 57 2.79 -62.05 -37.54
C THR D 57 2.55 -61.98 -36.03
N TYR D 58 1.71 -62.88 -35.54
CA TYR D 58 1.53 -63.10 -34.11
C TYR D 58 1.36 -64.58 -33.84
N TYR D 59 1.88 -65.05 -32.72
CA TYR D 59 1.80 -66.47 -32.38
C TYR D 59 1.69 -66.64 -30.87
N ASN D 60 0.92 -67.64 -30.46
CA ASN D 60 1.13 -68.31 -29.17
C ASN D 60 0.97 -69.81 -29.39
N SER D 61 1.90 -70.59 -28.87
CA SER D 61 1.86 -72.03 -29.04
C SER D 61 2.46 -72.73 -27.83
N ALA D 62 1.96 -73.93 -27.55
CA ALA D 62 2.58 -74.80 -26.57
C ALA D 62 3.95 -75.31 -27.04
N LEU D 63 4.14 -75.39 -28.36
CA LEU D 63 5.42 -75.72 -28.96
C LEU D 63 5.57 -74.89 -30.23
N MET D 64 6.79 -74.44 -30.50
CA MET D 64 7.03 -73.52 -31.61
C MET D 64 8.23 -73.91 -32.47
N SER D 65 8.89 -75.04 -32.18
CA SER D 65 10.00 -75.48 -33.01
C SER D 65 9.56 -75.82 -34.43
N ARG D 66 10.33 -75.33 -35.40
CA ARG D 66 10.04 -75.37 -36.83
C ARG D 66 8.81 -74.54 -37.22
N LEU D 67 8.19 -73.82 -36.28
CA LEU D 67 6.86 -73.28 -36.48
C LEU D 67 6.92 -71.77 -36.61
N SER D 68 6.45 -71.29 -37.77
CA SER D 68 6.12 -69.89 -38.04
C SER D 68 5.22 -69.91 -39.27
N ILE D 69 4.55 -68.79 -39.52
CA ILE D 69 3.57 -68.78 -40.60
C ILE D 69 4.29 -69.06 -41.91
N SER D 70 3.57 -69.70 -42.84
CA SER D 70 4.07 -69.92 -44.18
C SER D 70 3.00 -69.46 -45.16
N LYS D 71 3.39 -68.59 -46.09
CA LYS D 71 2.41 -67.88 -46.89
C LYS D 71 2.98 -67.57 -48.27
N ASP D 72 2.13 -67.68 -49.29
CA ASP D 72 2.47 -67.35 -50.66
C ASP D 72 1.61 -66.15 -51.00
N ASN D 73 2.14 -64.95 -50.77
CA ASN D 73 1.31 -63.76 -50.84
C ASN D 73 1.19 -63.26 -52.28
N SER D 74 0.79 -64.15 -53.18
CA SER D 74 0.26 -63.78 -54.49
C SER D 74 -1.24 -64.00 -54.56
N LYS D 75 -1.86 -64.35 -53.42
CA LYS D 75 -3.26 -64.72 -53.22
C LYS D 75 -3.46 -66.20 -53.56
N SER D 76 -2.42 -66.91 -53.99
CA SER D 76 -2.58 -68.28 -54.45
C SER D 76 -2.98 -69.22 -53.31
N GLN D 77 -2.21 -69.24 -52.22
CA GLN D 77 -2.47 -70.21 -51.17
C GLN D 77 -1.65 -69.88 -49.93
N VAL D 78 -2.04 -70.51 -48.82
CA VAL D 78 -1.30 -70.50 -47.55
C VAL D 78 -0.96 -71.95 -47.23
N PHE D 79 0.21 -72.18 -46.64
CA PHE D 79 0.78 -73.53 -46.60
C PHE D 79 1.24 -73.90 -45.19
N LEU D 80 1.08 -75.18 -44.84
CA LEU D 80 1.47 -75.71 -43.54
C LEU D 80 2.33 -76.95 -43.73
N ASN D 81 3.40 -77.07 -42.95
CA ASN D 81 4.30 -78.22 -43.03
C ASN D 81 4.93 -78.49 -41.66
N MET D 82 4.84 -79.74 -41.21
CA MET D 82 5.41 -80.31 -39.98
C MET D 82 5.84 -81.76 -40.14
N ASN D 83 6.96 -82.09 -39.48
CA ASN D 83 7.58 -83.40 -39.61
C ASN D 83 6.66 -84.50 -39.12
N SER D 84 6.00 -84.29 -37.97
CA SER D 84 5.26 -85.34 -37.28
C SER D 84 3.76 -85.07 -37.24
N LEU D 85 3.29 -84.10 -38.02
CA LEU D 85 1.90 -83.64 -37.94
C LEU D 85 0.89 -84.77 -38.12
N GLN D 86 1.25 -85.81 -38.90
CA GLN D 86 0.32 -86.90 -39.16
C GLN D 86 -0.15 -87.59 -37.87
N THR D 87 0.79 -88.00 -37.02
CA THR D 87 0.41 -88.60 -35.75
C THR D 87 -0.08 -87.55 -34.75
N ASP D 88 0.58 -86.38 -34.71
CA ASP D 88 0.33 -85.43 -33.63
C ASP D 88 -1.01 -84.73 -33.77
N ASP D 89 -1.47 -84.51 -35.00
CA ASP D 89 -2.41 -83.43 -35.26
C ASP D 89 -3.20 -83.72 -36.53
N THR D 90 -4.14 -82.83 -36.84
CA THR D 90 -4.73 -82.67 -38.17
C THR D 90 -5.41 -83.96 -38.65
N ALA D 91 -6.51 -84.28 -37.96
CA ALA D 91 -7.54 -85.10 -38.59
C ALA D 91 -8.37 -84.27 -39.55
N LYS D 92 -8.66 -83.03 -39.17
CA LYS D 92 -9.32 -82.07 -40.05
C LYS D 92 -8.67 -80.71 -39.83
N TYR D 93 -8.55 -79.93 -40.91
CA TYR D 93 -8.02 -78.58 -40.84
C TYR D 93 -8.96 -77.60 -41.52
N TYR D 94 -9.12 -76.43 -40.92
CA TYR D 94 -10.21 -75.52 -41.25
C TYR D 94 -9.63 -74.15 -41.57
N CYS D 95 -10.29 -73.47 -42.52
CA CYS D 95 -9.76 -72.26 -43.14
C CYS D 95 -10.83 -71.19 -43.03
N ALA D 96 -10.49 -70.06 -42.40
CA ALA D 96 -11.49 -69.15 -41.88
C ALA D 96 -10.99 -67.72 -41.95
N ARG D 97 -11.93 -66.80 -42.16
CA ARG D 97 -11.64 -65.39 -42.36
C ARG D 97 -12.49 -64.55 -41.42
N ASP D 98 -11.93 -63.43 -40.98
CA ASP D 98 -12.63 -62.50 -40.10
C ASP D 98 -12.54 -61.08 -40.63
N GLY D 99 -13.57 -60.29 -40.34
CA GLY D 99 -13.56 -58.88 -40.64
C GLY D 99 -13.74 -58.02 -39.40
N ARG D 100 -14.40 -56.86 -39.56
CA ARG D 100 -14.73 -56.04 -38.41
C ARG D 100 -15.72 -56.75 -37.49
N GLY D 101 -16.64 -57.51 -38.07
CA GLY D 101 -17.62 -58.26 -37.33
C GLY D 101 -18.79 -58.66 -38.20
N TYR D 102 -19.45 -59.76 -37.85
CA TYR D 102 -20.67 -60.24 -38.50
C TYR D 102 -20.46 -60.39 -40.01
N ASP D 103 -19.24 -60.77 -40.38
CA ASP D 103 -18.83 -60.97 -41.76
C ASP D 103 -17.79 -62.09 -41.80
N ASP D 104 -18.07 -63.19 -41.11
CA ASP D 104 -17.08 -64.20 -40.79
C ASP D 104 -17.50 -65.50 -41.46
N TYR D 105 -16.57 -66.09 -42.22
CA TYR D 105 -16.89 -67.12 -43.19
C TYR D 105 -15.86 -68.24 -43.06
N TRP D 106 -16.32 -69.48 -43.15
CA TRP D 106 -15.55 -70.64 -42.73
C TRP D 106 -15.50 -71.69 -43.82
N GLY D 107 -14.35 -72.35 -43.93
CA GLY D 107 -14.16 -73.41 -44.89
C GLY D 107 -13.51 -74.59 -44.22
N GLN D 108 -13.85 -75.78 -44.69
CA GLN D 108 -13.50 -77.02 -44.01
C GLN D 108 -12.74 -77.95 -44.93
N GLY D 109 -11.62 -78.47 -44.44
CA GLY D 109 -10.80 -79.37 -45.20
C GLY D 109 -10.45 -80.59 -44.38
N THR D 110 -10.32 -81.72 -45.06
CA THR D 110 -10.24 -83.02 -44.40
C THR D 110 -8.94 -83.71 -44.79
N THR D 111 -8.18 -84.11 -43.78
CA THR D 111 -6.77 -84.48 -43.91
C THR D 111 -6.62 -85.96 -43.57
N LEU D 112 -6.06 -86.73 -44.49
CA LEU D 112 -5.93 -88.16 -44.32
C LEU D 112 -4.52 -88.49 -43.83
N THR D 113 -4.45 -89.38 -42.84
CA THR D 113 -3.23 -89.57 -42.06
C THR D 113 -2.91 -91.05 -41.90
N GLN E 1 -6.71 -66.60 -20.41
CA GLN E 1 -7.78 -67.10 -19.54
C GLN E 1 -8.22 -68.48 -19.96
N ILE E 2 -8.33 -69.38 -18.99
CA ILE E 2 -8.94 -70.69 -19.19
C ILE E 2 -10.43 -70.58 -18.90
N VAL E 3 -11.24 -71.34 -19.65
CA VAL E 3 -12.68 -71.34 -19.48
C VAL E 3 -13.17 -72.77 -19.33
N LEU E 4 -14.21 -72.93 -18.51
CA LEU E 4 -14.66 -74.24 -18.05
C LEU E 4 -16.15 -74.37 -18.30
N THR E 5 -16.60 -75.58 -18.65
CA THR E 5 -17.93 -75.78 -19.20
C THR E 5 -18.57 -77.01 -18.58
N GLN E 6 -19.88 -76.95 -18.36
CA GLN E 6 -20.67 -78.04 -17.82
C GLN E 6 -21.81 -78.34 -18.78
N SER E 7 -22.25 -79.60 -18.80
CA SER E 7 -23.40 -79.95 -19.62
C SER E 7 -24.13 -81.13 -19.01
N PRO E 8 -25.44 -81.23 -19.21
CA PRO E 8 -26.20 -82.37 -18.70
C PRO E 8 -26.21 -83.54 -19.68
N ALA E 9 -26.75 -84.66 -19.20
CA ALA E 9 -27.20 -85.75 -20.06
C ALA E 9 -28.66 -86.03 -19.72
N ILE E 10 -29.53 -85.96 -20.74
CA ILE E 10 -30.94 -85.66 -20.52
C ILE E 10 -31.75 -86.36 -21.61
N MET E 11 -32.98 -86.72 -21.26
CA MET E 11 -33.94 -87.30 -22.19
C MET E 11 -35.21 -86.46 -22.16
N SER E 12 -35.63 -85.99 -23.33
CA SER E 12 -36.78 -85.10 -23.42
C SER E 12 -38.08 -85.88 -23.55
N ALA E 13 -39.17 -85.24 -23.14
CA ALA E 13 -40.51 -85.73 -23.42
C ALA E 13 -41.34 -84.79 -24.28
N SER E 14 -40.91 -83.54 -24.47
CA SER E 14 -41.52 -82.64 -25.44
C SER E 14 -40.57 -81.47 -25.66
N PRO E 15 -40.74 -80.74 -26.75
CA PRO E 15 -40.24 -79.36 -26.83
C PRO E 15 -40.83 -78.47 -25.75
N GLY E 16 -40.20 -77.30 -25.58
CA GLY E 16 -40.54 -76.38 -24.51
C GLY E 16 -39.94 -76.68 -23.16
N GLU E 17 -39.31 -77.85 -22.99
CA GLU E 17 -38.42 -78.07 -21.86
C GLU E 17 -37.21 -77.15 -22.01
N LYS E 18 -37.09 -76.16 -21.14
CA LYS E 18 -36.15 -75.07 -21.38
C LYS E 18 -34.72 -75.57 -21.29
N VAL E 19 -33.82 -74.87 -21.98
CA VAL E 19 -32.43 -75.31 -22.12
C VAL E 19 -31.51 -74.15 -21.79
N THR E 20 -30.42 -74.43 -21.08
CA THR E 20 -29.43 -73.43 -20.69
C THR E 20 -28.03 -73.94 -21.03
N MET E 21 -27.17 -73.01 -21.46
CA MET E 21 -25.75 -73.29 -21.67
C MET E 21 -24.94 -72.26 -20.88
N THR E 22 -23.84 -72.72 -20.29
CA THR E 22 -23.09 -71.95 -19.30
C THR E 22 -21.60 -72.09 -19.58
N CYS E 23 -20.86 -71.00 -19.37
CA CYS E 23 -19.41 -71.04 -19.36
C CYS E 23 -18.88 -70.25 -18.18
N SER E 24 -17.76 -70.73 -17.62
CA SER E 24 -17.10 -70.12 -16.49
C SER E 24 -15.62 -69.95 -16.82
N ALA E 25 -15.04 -68.82 -16.44
CA ALA E 25 -13.76 -68.37 -16.96
C ALA E 25 -12.82 -68.01 -15.82
N SER E 26 -11.54 -68.26 -16.02
CA SER E 26 -10.58 -68.15 -14.93
C SER E 26 -10.39 -66.71 -14.48
N SER E 27 -10.60 -65.74 -15.37
CA SER E 27 -10.37 -64.35 -15.04
C SER E 27 -11.31 -63.47 -15.86
N THR E 28 -11.40 -62.20 -15.45
CA THR E 28 -12.28 -61.23 -16.09
C THR E 28 -12.18 -61.26 -17.60
N VAL E 29 -13.34 -61.31 -18.27
CA VAL E 29 -13.43 -61.17 -19.71
C VAL E 29 -14.59 -60.23 -20.02
N SER E 30 -14.35 -59.30 -20.94
CA SER E 30 -15.32 -58.25 -21.24
C SER E 30 -16.19 -58.53 -22.46
N PHE E 31 -15.64 -59.21 -23.46
CA PHE E 31 -16.34 -59.42 -24.73
C PHE E 31 -16.33 -60.91 -25.05
N ILE E 32 -17.49 -61.43 -25.47
CA ILE E 32 -17.62 -62.83 -25.83
C ILE E 32 -18.54 -62.94 -27.05
N TYR E 33 -18.33 -64.00 -27.82
CA TYR E 33 -19.06 -64.26 -29.05
C TYR E 33 -19.68 -65.65 -28.97
N TRP E 34 -20.83 -65.81 -29.64
CA TRP E 34 -21.76 -66.89 -29.34
C TRP E 34 -22.01 -67.69 -30.61
N TYR E 35 -21.85 -69.00 -30.53
CA TYR E 35 -21.75 -69.85 -31.72
C TYR E 35 -22.54 -71.13 -31.49
N GLN E 36 -23.12 -71.64 -32.57
CA GLN E 36 -23.89 -72.87 -32.55
C GLN E 36 -23.36 -73.83 -33.61
N GLN E 37 -23.34 -75.12 -33.28
CA GLN E 37 -22.84 -76.15 -34.18
C GLN E 37 -23.80 -77.33 -34.22
N LYS E 38 -23.98 -77.89 -35.42
CA LYS E 38 -24.68 -79.15 -35.63
C LYS E 38 -23.68 -80.31 -35.69
N PRO E 39 -24.00 -81.46 -35.09
CA PRO E 39 -23.07 -82.59 -35.11
C PRO E 39 -22.90 -83.17 -36.51
N GLY E 40 -21.83 -83.91 -36.69
CA GLY E 40 -21.56 -84.65 -37.92
C GLY E 40 -20.83 -83.88 -39.00
N SER E 41 -21.17 -82.61 -39.18
CA SER E 41 -20.45 -81.72 -40.09
C SER E 41 -20.43 -80.33 -39.48
N SER E 42 -19.32 -79.63 -39.65
CA SER E 42 -18.98 -78.49 -38.81
C SER E 42 -18.68 -77.22 -39.62
N PRO E 43 -19.65 -76.71 -40.39
CA PRO E 43 -19.62 -75.29 -40.72
C PRO E 43 -19.75 -74.46 -39.47
N ARG E 44 -19.43 -73.17 -39.59
CA ARG E 44 -19.46 -72.28 -38.43
C ARG E 44 -20.31 -71.06 -38.75
N LEU E 45 -21.12 -70.66 -37.78
CA LEU E 45 -22.04 -69.55 -37.91
C LEU E 45 -22.14 -68.86 -36.57
N LEU E 46 -22.30 -67.53 -36.59
CA LEU E 46 -21.93 -66.72 -35.45
C LEU E 46 -23.10 -65.86 -34.98
N ILE E 47 -23.12 -65.63 -33.67
CA ILE E 47 -23.98 -64.65 -33.01
C ILE E 47 -23.07 -63.78 -32.17
N TYR E 48 -23.12 -62.47 -32.37
CA TYR E 48 -22.00 -61.59 -32.09
C TYR E 48 -22.33 -60.65 -30.94
N ASP E 49 -21.52 -59.61 -30.78
CA ASP E 49 -21.67 -58.67 -29.66
C ASP E 49 -23.06 -58.05 -29.64
N THR E 50 -23.53 -57.79 -28.42
CA THR E 50 -24.92 -57.45 -28.09
C THR E 50 -25.88 -58.62 -28.40
N SER E 51 -25.36 -59.80 -28.69
CA SER E 51 -26.15 -61.00 -28.93
C SER E 51 -27.13 -60.84 -30.09
N ASN E 52 -26.90 -59.86 -30.95
CA ASN E 52 -27.70 -59.74 -32.16
C ASN E 52 -27.35 -60.91 -33.10
N PRO E 53 -28.33 -61.47 -33.81
CA PRO E 53 -28.03 -62.57 -34.73
C PRO E 53 -27.38 -62.09 -36.03
N ALA E 54 -26.65 -63.01 -36.65
CA ALA E 54 -26.33 -62.92 -38.07
C ALA E 54 -27.56 -63.25 -38.91
N SER E 55 -27.36 -63.22 -40.22
CA SER E 55 -28.39 -63.65 -41.17
C SER E 55 -28.64 -65.16 -41.06
N GLY E 56 -29.89 -65.54 -41.33
CA GLY E 56 -30.20 -66.95 -41.54
C GLY E 56 -30.38 -67.76 -40.29
N VAL E 57 -30.92 -67.17 -39.23
CA VAL E 57 -31.13 -67.88 -37.95
C VAL E 57 -32.43 -67.41 -37.34
N PRO E 58 -33.08 -68.28 -36.56
CA PRO E 58 -34.40 -67.93 -36.01
C PRO E 58 -34.32 -66.71 -35.11
N VAL E 59 -35.46 -66.04 -34.96
CA VAL E 59 -35.47 -64.76 -34.24
C VAL E 59 -35.41 -64.96 -32.73
N ARG E 60 -35.92 -66.08 -32.21
CA ARG E 60 -36.02 -66.26 -30.77
C ARG E 60 -34.66 -66.63 -30.19
N PHE E 61 -33.90 -65.59 -29.88
CA PHE E 61 -32.67 -65.68 -29.08
C PHE E 61 -32.54 -64.40 -28.29
N SER E 62 -32.02 -64.52 -27.06
CA SER E 62 -31.63 -63.36 -26.28
C SER E 62 -30.49 -63.74 -25.37
N GLY E 63 -29.48 -62.87 -25.29
CA GLY E 63 -28.35 -63.13 -24.43
C GLY E 63 -27.98 -61.97 -23.52
N SER E 64 -27.79 -62.27 -22.24
CA SER E 64 -27.25 -61.32 -21.29
C SER E 64 -26.48 -62.10 -20.24
N GLY E 65 -25.40 -61.50 -19.74
CA GLY E 65 -24.53 -62.21 -18.82
C GLY E 65 -24.06 -61.34 -17.67
N CYS E 66 -23.27 -61.96 -16.81
CA CYS E 66 -22.63 -61.35 -15.65
C CYS E 66 -21.17 -61.78 -15.67
N GLY E 67 -20.32 -61.07 -14.95
CA GLY E 67 -18.91 -61.36 -15.04
C GLY E 67 -18.63 -62.81 -14.68
N THR E 68 -17.60 -63.37 -15.32
CA THR E 68 -17.21 -64.77 -15.15
C THR E 68 -18.37 -65.76 -15.36
N SER E 69 -19.43 -65.37 -16.09
CA SER E 69 -20.55 -66.27 -16.33
C SER E 69 -21.52 -65.75 -17.39
N TYR E 70 -21.77 -66.52 -18.45
CA TYR E 70 -22.51 -65.99 -19.59
C TYR E 70 -23.69 -66.92 -19.88
N TYR E 71 -24.83 -66.33 -20.24
CA TYR E 71 -26.07 -67.06 -20.40
C TYR E 71 -26.89 -66.52 -21.57
N LEU E 72 -27.46 -67.43 -22.36
CA LEU E 72 -28.47 -67.10 -23.37
C LEU E 72 -29.52 -68.20 -23.36
N THR E 73 -30.75 -67.85 -23.71
CA THR E 73 -31.89 -68.72 -23.45
C THR E 73 -32.67 -68.96 -24.73
N ILE E 74 -33.10 -70.20 -24.93
CA ILE E 74 -33.76 -70.66 -26.15
C ILE E 74 -34.96 -71.48 -25.73
N SER E 75 -36.05 -71.38 -26.48
CA SER E 75 -37.32 -71.96 -26.04
C SER E 75 -37.84 -73.12 -26.89
N ARG E 76 -37.76 -73.05 -28.21
CA ARG E 76 -38.61 -73.90 -29.04
C ARG E 76 -37.91 -74.36 -30.30
N MET E 77 -38.50 -75.41 -30.88
CA MET E 77 -38.29 -75.98 -32.24
C MET E 77 -36.82 -76.37 -32.41
N GLU E 78 -36.26 -76.18 -33.61
CA GLU E 78 -35.14 -76.98 -34.12
C GLU E 78 -33.91 -76.96 -33.22
N ALA E 79 -33.73 -75.92 -32.40
CA ALA E 79 -32.57 -75.85 -31.52
C ALA E 79 -32.43 -77.09 -30.64
N GLU E 80 -33.55 -77.75 -30.30
CA GLU E 80 -33.46 -79.00 -29.54
C GLU E 80 -32.58 -80.03 -30.25
N ASP E 81 -32.74 -80.18 -31.56
CA ASP E 81 -31.81 -81.00 -32.34
C ASP E 81 -30.47 -80.29 -32.52
N ALA E 82 -30.51 -79.03 -32.92
CA ALA E 82 -29.40 -78.42 -33.66
C ALA E 82 -28.32 -77.81 -32.77
N ALA E 83 -28.59 -77.58 -31.49
CA ALA E 83 -27.74 -76.70 -30.68
C ALA E 83 -26.60 -77.49 -30.05
N THR E 84 -25.37 -77.14 -30.43
CA THR E 84 -24.18 -77.33 -29.62
C THR E 84 -23.44 -75.99 -29.62
N TYR E 85 -22.92 -75.59 -28.47
CA TYR E 85 -22.48 -74.22 -28.29
C TYR E 85 -21.05 -74.16 -27.77
N TYR E 86 -20.32 -73.13 -28.22
CA TYR E 86 -18.95 -72.86 -27.82
C TYR E 86 -18.84 -71.40 -27.43
N CYS E 87 -17.93 -71.12 -26.49
CA CYS E 87 -17.75 -69.77 -25.96
C CYS E 87 -16.28 -69.39 -26.02
N GLN E 88 -16.01 -68.18 -26.52
CA GLN E 88 -14.66 -67.73 -26.85
C GLN E 88 -14.53 -66.26 -26.55
N GLN E 89 -13.32 -65.84 -26.19
CA GLN E 89 -13.08 -64.51 -25.64
C GLN E 89 -12.08 -63.79 -26.53
N TRP E 90 -12.30 -62.49 -26.73
CA TRP E 90 -11.61 -61.73 -27.76
C TRP E 90 -10.99 -60.45 -27.21
N ASN E 91 -10.64 -60.43 -25.93
CA ASN E 91 -10.10 -59.23 -25.32
C ASN E 91 -8.58 -59.16 -25.37
N THR E 92 -7.90 -60.32 -25.34
CA THR E 92 -6.45 -60.34 -25.36
C THR E 92 -6.00 -61.74 -25.76
N TYR E 93 -4.78 -61.84 -26.27
CA TYR E 93 -4.23 -63.09 -26.76
C TYR E 93 -3.72 -63.94 -25.61
N PRO E 94 -3.52 -65.26 -25.83
CA PRO E 94 -4.08 -66.05 -26.94
C PRO E 94 -5.59 -66.19 -26.89
N LEU E 95 -6.22 -66.32 -28.04
CA LEU E 95 -7.67 -66.53 -28.13
C LEU E 95 -7.96 -68.02 -27.91
N THR E 96 -8.16 -68.38 -26.65
CA THR E 96 -8.46 -69.76 -26.31
C THR E 96 -9.82 -70.18 -26.87
N PHE E 97 -9.89 -71.40 -27.38
CA PHE E 97 -11.06 -71.85 -28.13
C PHE E 97 -12.14 -72.46 -27.25
N GLY E 98 -11.76 -73.04 -26.11
CA GLY E 98 -12.70 -73.72 -25.25
C GLY E 98 -13.04 -75.11 -25.76
N ALA E 99 -13.69 -75.88 -24.88
CA ALA E 99 -13.95 -77.29 -25.15
C ALA E 99 -15.25 -77.69 -24.47
N GLY E 100 -15.74 -78.87 -24.85
CA GLY E 100 -16.93 -79.42 -24.24
C GLY E 100 -17.60 -80.42 -25.16
N THR E 101 -18.74 -80.91 -24.71
CA THR E 101 -19.58 -81.78 -25.51
C THR E 101 -21.02 -81.67 -25.02
N LYS E 102 -21.96 -81.65 -25.96
CA LYS E 102 -23.37 -81.52 -25.64
C LYS E 102 -24.17 -82.34 -26.64
N LEU E 103 -25.28 -82.91 -26.17
CA LEU E 103 -26.14 -83.73 -26.99
C LEU E 103 -27.58 -83.63 -26.48
N GLU E 104 -28.52 -83.77 -27.42
CA GLU E 104 -29.89 -84.14 -27.08
C GLU E 104 -30.40 -85.14 -28.10
N LEU E 105 -31.19 -86.11 -27.64
CA LEU E 105 -31.86 -87.04 -28.53
C LEU E 105 -33.33 -87.22 -28.12
C1 NAG F . 4.93 -42.04 20.27
C2 NAG F . 5.57 -43.43 20.28
C3 NAG F . 4.49 -44.53 20.25
C4 NAG F . 3.42 -44.28 21.29
C5 NAG F . 2.89 -42.86 21.18
C6 NAG F . 1.87 -42.51 22.25
C7 NAG F . 7.44 -44.52 19.11
C8 NAG F . 8.28 -44.54 17.87
N2 NAG F . 6.48 -43.59 19.15
O3 NAG F . 5.11 -45.80 20.44
O4 NAG F . 2.32 -45.17 21.11
O5 NAG F . 3.97 -41.95 21.33
O6 NAG F . 2.38 -41.55 23.15
O7 NAG F . 7.62 -45.32 20.03
C1 NAG F . 2.45 -46.40 21.88
C2 NAG F . 1.57 -46.34 23.12
C3 NAG F . 1.58 -47.69 23.87
C4 NAG F . 1.46 -48.89 22.94
C5 NAG F . 2.24 -48.74 21.64
C6 NAG F . 1.84 -49.76 20.59
C7 NAG F . 1.17 -44.69 24.90
C8 NAG F . 1.78 -43.60 25.73
N2 NAG F . 1.99 -45.26 24.01
O3 NAG F . 0.52 -47.70 24.83
O4 NAG F . 1.92 -50.06 23.61
O5 NAG F . 2.02 -47.45 21.06
O6 NAG F . 0.52 -49.52 20.11
O7 NAG F . 0.00 -45.03 25.02
C1 NAG G . 6.36 45.12 50.19
C2 NAG G . 7.28 45.66 51.29
C3 NAG G . 8.40 44.66 51.60
C4 NAG G . 7.82 43.27 51.87
C5 NAG G . 6.88 42.87 50.73
C6 NAG G . 6.20 41.54 50.96
C7 NAG G . 7.44 48.09 51.50
C8 NAG G . 8.11 49.34 51.00
N2 NAG G . 7.84 46.95 50.93
O3 NAG G . 9.13 45.12 52.73
O4 NAG G . 8.87 42.32 51.94
O5 NAG G . 5.84 43.85 50.60
O6 NAG G . 7.08 40.46 50.63
O7 NAG G . 6.58 48.12 52.36
C1 NAG G . 9.40 42.13 53.28
C2 NAG G . 10.90 42.38 53.20
C3 NAG G . 11.55 42.28 54.59
C4 NAG G . 10.74 42.94 55.69
C5 NAG G . 9.23 42.75 55.55
C6 NAG G . 8.43 43.69 56.42
C7 NAG G . 12.68 41.78 51.63
C8 NAG G . 13.21 40.74 50.69
N2 NAG G . 11.54 41.49 52.25
O3 NAG G . 12.86 42.85 54.53
O4 NAG G . 11.15 42.43 56.96
O5 NAG G . 8.81 42.99 54.20
O6 NAG G . 9.28 44.46 57.27
O7 NAG G . 13.28 42.84 51.82
C1 NAG H . 26.58 39.60 41.14
C2 NAG H . 26.89 40.31 42.45
C3 NAG H . 28.33 40.03 42.90
C4 NAG H . 28.62 38.54 42.88
C5 NAG H . 28.28 37.97 41.50
C6 NAG H . 28.50 36.49 41.40
C7 NAG H . 26.25 42.51 43.36
C8 NAG H . 26.06 43.96 43.05
N2 NAG H . 26.66 41.75 42.33
O3 NAG H . 28.52 40.56 44.21
O4 NAG H . 29.98 38.27 43.21
O5 NAG H . 26.89 38.22 41.25
O6 NAG H . 27.46 35.76 42.06
O7 NAG H . 26.04 42.04 44.48
C1 NAG H . 29.95 37.69 44.55
C2 NAG H . 30.47 36.24 44.51
C3 NAG H . 31.98 36.19 44.19
C4 NAG H . 32.67 37.54 44.32
C5 NAG H . 32.16 38.39 45.48
C6 NAG H . 32.66 39.81 45.44
C7 NAG H . 29.00 34.97 46.00
C8 NAG H . 28.87 34.28 47.33
N2 NAG H . 30.18 35.54 45.74
O3 NAG H . 32.16 35.66 42.88
O4 NAG H . 34.06 37.35 44.47
O5 NAG H . 30.72 38.46 45.53
O6 NAG H . 31.69 40.71 45.96
O7 NAG H . 28.08 35.00 45.19
C1 NAG I . -7.62 57.81 54.98
C2 NAG I . -7.61 57.80 56.50
C3 NAG I . -7.48 59.23 57.04
C4 NAG I . -6.32 59.96 56.39
C5 NAG I . -6.43 59.86 54.86
C6 NAG I . -5.26 60.49 54.15
C7 NAG I . -8.74 56.17 57.95
C8 NAG I . -10.05 55.61 58.39
N2 NAG I . -8.79 57.15 57.04
O3 NAG I . -7.30 59.18 58.46
O4 NAG I . -6.28 61.33 56.79
O5 NAG I . -6.47 58.48 54.49
O6 NAG I . -4.62 61.47 54.95
O7 NAG I . -7.67 55.75 58.38
C1 NAG I . -7.51 62.03 56.56
C2 NAG I . -7.72 63.10 57.69
C3 NAG I . -6.91 64.40 57.48
C4 NAG I . -6.62 64.65 56.01
C5 NAG I . -7.76 64.08 55.20
C6 NAG I . -7.73 64.51 53.75
C7 NAG I . -9.63 63.90 59.02
C8 NAG I . -11.11 64.14 59.03
N2 NAG I . -9.14 63.40 57.88
O3 NAG I . -5.69 64.31 58.21
O4 NAG I . -6.52 66.06 55.77
O5 NAG I . -7.59 62.68 55.22
O6 NAG I . -7.82 63.39 52.89
O7 NAG I . -8.92 64.13 59.99
C1 NAG J . -24.79 63.79 48.55
C2 NAG J . -26.11 63.13 48.17
C3 NAG J . -26.98 64.10 47.37
C4 NAG J . -27.09 65.45 48.07
C5 NAG J . -25.69 65.97 48.43
C6 NAG J . -25.72 67.26 49.23
C7 NAG J . -25.75 60.71 48.01
C8 NAG J . -25.53 59.55 47.08
N2 NAG J . -25.90 61.90 47.43
O3 NAG J . -28.29 63.54 47.21
O4 NAG J . -27.68 66.39 47.18
O5 NAG J . -25.03 65.00 49.26
O6 NAG J . -25.99 67.01 50.60
O7 NAG J . -25.78 60.57 49.23
C1 NAG J . -28.94 66.85 47.69
C2 NAG J . -29.19 68.23 47.07
C3 NAG J . -30.56 68.78 47.48
C4 NAG J . -31.67 67.73 47.41
C5 NAG J . -31.23 66.34 47.86
C6 NAG J . -32.20 65.25 47.46
C7 NAG J . -27.03 69.35 46.73
C8 NAG J . -26.05 70.35 47.27
N2 NAG J . -28.13 69.16 47.46
O3 NAG J . -30.88 69.88 46.64
O4 NAG J . -32.78 68.15 48.18
O5 NAG J . -29.97 65.99 47.30
O6 NAG J . -31.52 64.07 47.07
O7 NAG J . -26.82 68.74 45.68
C1 NAG K . 33.10 -19.15 -28.30
C2 NAG K . 34.08 -20.16 -28.91
C3 NAG K . 35.15 -20.56 -27.89
C4 NAG K . 35.80 -19.33 -27.27
C5 NAG K . 34.71 -18.41 -26.72
C6 NAG K . 35.25 -17.15 -26.11
C7 NAG K . 32.85 -21.42 -30.63
C8 NAG K . 32.17 -22.71 -30.98
N2 NAG K . 33.39 -21.35 -29.40
O3 NAG K . 36.12 -21.37 -28.56
O4 NAG K . 36.66 -19.68 -26.19
O5 NAG K . 33.83 -18.03 -27.78
O6 NAG K . 34.20 -16.24 -25.77
O7 NAG K . 32.91 -20.48 -31.42
C1 NAG K . 37.98 -20.09 -26.62
C2 NAG K . 39.06 -19.40 -25.79
C3 NAG K . 40.44 -19.90 -26.19
C4 NAG K . 40.48 -21.43 -26.13
C5 NAG K . 39.34 -22.01 -26.96
C6 NAG K . 39.25 -23.51 -26.88
C7 NAG K . 39.18 -17.27 -27.04
C8 NAG K . 39.07 -15.78 -26.94
N2 NAG K . 38.98 -17.94 -25.91
O3 NAG K . 41.42 -19.36 -25.31
O4 NAG K . 41.72 -21.90 -26.64
O5 NAG K . 38.09 -21.50 -26.47
O6 NAG K . 38.40 -23.94 -25.82
O7 NAG K . 39.44 -17.83 -28.10
C1 NAG L . 17.44 65.11 6.86
C2 NAG L . 17.37 66.35 5.97
C3 NAG L . 17.31 65.96 4.50
C4 NAG L . 18.43 64.99 4.16
C5 NAG L . 18.43 63.82 5.16
C6 NAG L . 19.57 62.86 4.93
C7 NAG L . 16.36 68.33 7.04
C8 NAG L . 15.09 69.07 7.31
N2 NAG L . 16.23 67.19 6.33
O3 NAG L . 17.42 67.13 3.70
O4 NAG L . 18.24 64.46 2.85
O5 NAG L . 18.57 64.32 6.49
O6 NAG L . 19.27 61.93 3.89
O7 NAG L . 17.45 68.72 7.43
C1 NAG L . 19.03 65.18 1.86
C2 NAG L . 18.08 65.56 0.73
C3 NAG L . 18.79 66.39 -0.34
C4 NAG L . 19.71 67.46 0.23
C5 NAG L . 20.47 67.01 1.49
C6 NAG L . 21.08 68.17 2.25
C7 NAG L . 16.32 64.40 -0.55
C8 NAG L . 15.85 63.07 -1.08
N2 NAG L . 17.47 64.37 0.14
O3 NAG L . 17.82 66.99 -1.20
O4 NAG L . 20.65 67.88 -0.75
O5 NAG L . 19.60 66.35 2.39
O6 NAG L . 20.46 69.41 1.89
O7 NAG L . 15.70 65.43 -0.73
C1 NAG M . 2.42 60.48 -11.62
C2 NAG M . 2.33 61.78 -12.42
C3 NAG M . 2.10 61.49 -13.90
C4 NAG M . 3.12 60.47 -14.42
C5 NAG M . 3.13 59.24 -13.52
C6 NAG M . 4.17 58.22 -13.91
C7 NAG M . 1.44 63.92 -11.61
C8 NAG M . 0.23 64.65 -11.10
N2 NAG M . 1.27 62.63 -11.91
O3 NAG M . 2.22 62.70 -14.65
O4 NAG M . 2.77 60.07 -15.74
O5 NAG M . 3.44 59.65 -12.18
O6 NAG M . 5.35 58.34 -13.12
O7 NAG M . 2.52 64.48 -11.76
C1 NAG M . 3.82 60.47 -16.66
C2 NAG M . 3.60 59.73 -17.96
C3 NAG M . 4.61 60.15 -19.03
C4 NAG M . 4.84 61.66 -19.07
C5 NAG M . 4.85 62.32 -17.69
C6 NAG M . 4.72 63.83 -17.75
C7 NAG M . 2.57 57.53 -17.54
C8 NAG M . 2.81 56.06 -17.34
N2 NAG M . 3.65 58.28 -17.75
O3 NAG M . 4.18 59.69 -20.31
O4 NAG M . 6.07 61.94 -19.73
O5 NAG M . 3.76 61.85 -16.89
O6 NAG M . 4.72 64.40 -16.45
O7 NAG M . 1.44 58.02 -17.50
C1 NAG N . 22.55 74.44 23.81
C2 NAG N . 23.45 75.39 23.01
C3 NAG N . 23.43 76.79 23.63
C4 NAG N . 22.00 77.26 23.86
C5 NAG N . 21.21 76.20 24.62
C6 NAG N . 19.75 76.57 24.81
C7 NAG N . 25.65 75.18 21.93
C8 NAG N . 27.02 74.58 22.02
N2 NAG N . 24.82 74.89 22.93
O3 NAG N . 24.10 77.70 22.77
O4 NAG N . 22.01 78.46 24.62
O5 NAG N . 21.24 74.97 23.89
O6 NAG N . 19.08 76.66 23.56
O7 NAG N . 25.32 75.91 21.00
C1 NAG N . 21.54 79.57 23.82
C2 NAG N . 21.51 80.78 24.73
C3 NAG N . 21.11 82.05 23.96
C4 NAG N . 21.79 82.16 22.60
C5 NAG N . 21.93 80.82 21.87
C6 NAG N . 22.89 80.88 20.71
C7 NAG N . 21.05 80.20 27.08
C8 NAG N . 20.00 80.03 28.12
N2 NAG N . 20.62 80.57 25.87
O3 NAG N . 21.41 83.20 24.75
O4 NAG N . 21.06 83.06 21.77
O5 NAG N . 22.40 79.81 22.75
O6 NAG N . 24.20 81.26 21.14
O7 NAG N . 22.25 80.02 27.32
C1 NAG O . 22.40 70.49 42.67
C2 NAG O . 23.93 70.67 42.79
C3 NAG O . 24.52 69.52 43.61
C4 NAG O . 23.76 69.31 44.92
C5 NAG O . 22.26 69.22 44.64
C6 NAG O . 21.44 69.13 45.89
C7 NAG O . 25.78 71.16 41.26
C8 NAG O . 26.25 71.15 39.83
N2 NAG O . 24.54 70.73 41.47
O3 NAG O . 25.89 69.79 43.89
O4 NAG O . 24.14 68.07 45.50
O5 NAG O . 21.83 70.39 43.95
O6 NAG O . 21.43 70.37 46.60
O7 NAG O . 26.50 71.54 42.17
C1 NAG O . 25.02 68.18 46.63
C2 NAG O . 24.44 67.41 47.81
C3 NAG O . 25.42 67.38 48.99
C4 NAG O . 26.87 67.12 48.57
C5 NAG O . 27.26 67.81 47.26
C6 NAG O . 28.54 67.27 46.68
C7 NAG O . 22.23 67.22 48.83
C8 NAG O . 20.96 67.95 49.20
N2 NAG O . 23.16 67.95 48.22
O3 NAG O . 24.99 66.38 49.91
O4 NAG O . 27.75 67.54 49.61
O5 NAG O . 26.24 67.64 46.27
O6 NAG O . 28.65 65.87 46.87
O7 NAG O . 22.38 66.03 49.07
C1 NAG P . -28.42 -22.88 -26.81
C2 NAG P . -27.21 -23.64 -27.34
C3 NAG P . -26.98 -23.30 -28.81
C4 NAG P . -28.27 -23.42 -29.62
C5 NAG P . -29.42 -22.72 -28.91
C6 NAG P . -30.76 -22.92 -29.59
C7 NAG P . -25.70 -23.94 -25.41
C8 NAG P . -24.46 -23.45 -24.74
N2 NAG P . -26.03 -23.31 -26.55
O3 NAG P . -25.99 -24.17 -29.35
O4 NAG P . -28.05 -22.70 -30.82
O5 NAG P . -29.57 -23.22 -27.57
O6 NAG P . -30.84 -24.18 -30.24
O7 NAG P . -26.37 -24.85 -24.96
C1 NAG P . -28.36 -23.36 -32.06
C2 NAG P . -28.81 -22.27 -33.06
C3 NAG P . -28.96 -22.83 -34.49
C4 NAG P . -27.76 -23.68 -34.88
C5 NAG P . -27.54 -24.75 -33.83
C6 NAG P . -26.37 -25.65 -34.13
C7 NAG P . -30.22 -20.29 -32.73
C8 NAG P . -31.53 -19.78 -32.22
N2 NAG P . -30.02 -21.61 -32.63
O3 NAG P . -29.12 -21.75 -35.40
O4 NAG P . -28.00 -24.29 -36.14
O5 NAG P . -27.25 -24.09 -32.59
O6 NAG P . -25.36 -24.94 -34.84
O7 NAG P . -29.36 -19.54 -33.19
C1 NAG Q . -29.66 55.01 18.29
C2 NAG Q . -30.53 56.13 18.87
C3 NAG Q . -31.57 55.56 19.85
C4 NAG Q . -32.33 54.40 19.21
C5 NAG Q . -31.33 53.39 18.66
C6 NAG Q . -32.01 52.23 17.95
C7 NAG Q . -29.89 58.46 19.34
C8 NAG Q . -28.96 59.36 20.09
N2 NAG Q . -29.72 57.14 19.53
O3 NAG Q . -32.48 56.59 20.21
O4 NAG Q . -33.17 53.78 20.17
O5 NAG Q . -30.49 54.03 17.71
O6 NAG Q . -31.06 51.45 17.24
O7 NAG Q . -30.77 58.89 18.60
C1 NAG Q . -34.55 54.14 19.91
C2 NAG Q . -35.42 53.48 20.97
C3 NAG Q . -36.89 53.88 20.82
C4 NAG Q . -37.08 55.37 20.53
C5 NAG Q . -36.03 55.96 19.60
C6 NAG Q . -36.01 57.47 19.61
C7 NAG Q . -34.80 51.31 21.95
C8 NAG Q . -34.73 49.83 21.73
N2 NAG Q . -35.27 52.03 20.93
O3 NAG Q . -37.60 53.52 22.00
O4 NAG Q . -38.37 55.58 19.97
O5 NAG Q . -34.71 55.53 19.99
O6 NAG Q . -36.77 57.99 20.70
O7 NAG Q . -34.45 51.83 23.01
C1 NAG R . -34.02 38.16 33.57
C2 NAG R . -35.30 38.86 34.01
C3 NAG R . -36.38 37.83 34.38
C4 NAG R . -36.54 36.78 33.29
C5 NAG R . -35.18 36.19 32.95
C6 NAG R . -35.23 35.18 31.81
C7 NAG R . -34.69 41.03 34.97
C8 NAG R . -34.47 41.81 36.23
N2 NAG R . -35.05 39.75 35.13
O3 NAG R . -37.62 38.50 34.61
O4 NAG R . -37.44 35.76 33.74
O5 NAG R . -34.31 37.23 32.52
O6 NAG R . -35.90 35.72 30.68
O7 NAG R . -34.55 41.54 33.86
C1 NAG R . -38.51 35.57 32.79
C2 NAG R . -38.88 34.06 32.73
C3 NAG R . -40.25 33.81 33.36
C4 NAG R . -40.40 34.67 34.60
C5 NAG R . -40.62 36.10 34.12
C6 NAG R . -40.37 37.12 35.20
C7 NAG R . -38.39 32.34 31.06
C8 NAG R . -38.42 31.98 29.59
N2 NAG R . -38.85 33.56 31.37
O3 NAG R . -40.36 32.44 33.72
O4 NAG R . -41.53 34.25 35.35
O5 NAG R . -39.74 36.41 33.04
O6 NAG R . -41.52 37.95 35.41
O7 NAG R . -37.96 31.57 31.91
C1 NAG S . -23.20 74.88 14.32
C2 NAG S . -24.59 75.48 14.11
C3 NAG S . -24.64 76.89 14.69
C4 NAG S . -24.11 76.94 16.11
C5 NAG S . -22.75 76.26 16.18
C6 NAG S . -22.20 76.17 17.59
C7 NAG S . -26.22 75.42 12.28
C8 NAG S . -26.41 75.43 10.79
N2 NAG S . -24.96 75.48 12.70
O3 NAG S . -25.99 77.36 14.65
O4 NAG S . -23.95 78.30 16.50
O5 NAG S . -22.86 74.91 15.70
O6 NAG S . -22.84 75.14 18.33
O7 NAG S . -27.16 75.36 13.06
C1 NAG S . -24.77 78.61 17.65
C2 NAG S . -24.31 79.98 18.14
C3 NAG S . -25.17 80.47 19.31
C4 NAG S . -26.66 80.22 19.11
C5 NAG S . -26.97 78.89 18.43
C6 NAG S . -28.39 78.80 17.91
C7 NAG S . -22.07 80.97 18.30
C8 NAG S . -20.65 80.77 18.74
N2 NAG S . -22.91 79.95 18.52
O3 NAG S . -24.93 81.86 19.52
O4 NAG S . -27.33 80.26 20.36
O5 NAG S . -26.11 78.68 17.30
O6 NAG S . -29.23 78.10 18.81
O7 NAG S . -22.44 82.02 17.78
C1 NAG T . -6.35 82.97 6.17
C2 NAG T . -6.43 82.51 4.74
C3 NAG T . -5.14 82.83 4.00
C4 NAG T . -4.72 84.29 4.19
C5 NAG T . -5.66 85.12 5.07
C6 NAG T . -6.85 85.72 4.34
C7 NAG T . -7.60 80.55 3.81
C8 NAG T . -7.77 79.07 3.86
N2 NAG T . -6.71 81.08 4.66
O3 NAG T . -5.30 82.55 2.62
O4 NAG T . -3.41 84.34 4.73
O5 NAG T . -6.15 84.41 6.23
O6 NAG T . -8.04 85.62 5.11
O7 NAG T . -8.25 81.25 3.03
C1 NAG T . -2.56 85.10 3.85
C2 NAG T . -1.13 84.99 4.37
C3 NAG T . -0.14 85.70 3.44
C4 NAG T . -0.42 85.44 1.96
C5 NAG T . -1.90 85.39 1.60
C6 NAG T . -2.17 84.78 0.24
C7 NAG T . -0.94 84.72 6.80
C8 NAG T . -0.83 85.44 8.12
N2 NAG T . -1.02 85.51 5.73
O3 NAG T . 1.19 85.30 3.76
O4 NAG T . 0.20 86.46 1.17
O5 NAG T . -2.62 84.59 2.55
O6 NAG T . -1.37 83.62 0.03
O7 NAG T . -0.94 83.50 6.72
C1 NAG U . 1.99 -24.32 44.06
C2 NAG U . 1.04 -23.31 43.38
C3 NAG U . 0.41 -22.39 44.42
C4 NAG U . -0.19 -23.18 45.57
C5 NAG U . 0.84 -24.16 46.13
C6 NAG U . 0.28 -25.04 47.22
C7 NAG U . 1.74 -22.86 41.07
C8 NAG U . 2.52 -21.95 40.16
N2 NAG U . 1.75 -22.54 42.37
O3 NAG U . -0.60 -21.60 43.80
O4 NAG U . -0.62 -22.31 46.61
O5 NAG U . 1.28 -25.02 45.07
O6 NAG U . 0.56 -26.41 46.96
O7 NAG U . 1.13 -23.84 40.65
C1 NAG V . 31.58 -48.05 32.68
C2 NAG V . 32.92 -48.74 32.89
C3 NAG V . 33.48 -49.29 31.56
C4 NAG V . 32.42 -50.10 30.82
C5 NAG V . 31.13 -49.31 30.71
C6 NAG V . 30.02 -50.09 30.05
C7 NAG V . 34.33 -48.02 34.76
C8 NAG V . 35.32 -47.00 35.24
N2 NAG V . 33.89 -47.84 33.51
O3 NAG V . 34.63 -50.08 31.82
O4 NAG V . 32.89 -50.45 29.53
O5 NAG V . 30.68 -48.94 32.02
O6 NAG V . 28.75 -49.73 30.60
O7 NAG V . 33.96 -48.95 35.46
C1 NAG W . 12.71 -54.14 17.45
C2 NAG W . 12.33 -53.07 18.50
C3 NAG W . 11.53 -51.94 17.83
C4 NAG W . 12.22 -51.44 16.57
C5 NAG W . 12.55 -52.60 15.65
C6 NAG W . 13.31 -52.18 14.42
C7 NAG W . 11.47 -53.04 20.79
C8 NAG W . 10.65 -53.78 21.82
N2 NAG W . 11.58 -53.64 19.60
O3 NAG W . 11.35 -50.87 18.75
O4 NAG W . 11.37 -50.52 15.89
O5 NAG W . 13.39 -53.52 16.36
O6 NAG W . 12.63 -51.16 13.70
O7 NAG W . 12.01 -51.97 21.04
C1 NAG X . 32.20 -14.12 31.28
C2 NAG X . 31.53 -14.83 32.46
C3 NAG X . 32.04 -14.26 33.79
C4 NAG X . 33.55 -14.21 33.83
C5 NAG X . 34.08 -13.48 32.61
C6 NAG X . 35.59 -13.47 32.53
C7 NAG X . 29.24 -15.42 33.16
C8 NAG X . 27.78 -15.13 32.97
N2 NAG X . 30.08 -14.72 32.39
O3 NAG X . 31.56 -15.06 34.87
O4 NAG X . 33.99 -13.54 35.01
O5 NAG X . 33.62 -14.16 31.44
O6 NAG X . 36.08 -14.60 31.81
O7 NAG X . 29.65 -16.23 33.98
C1 NAG Y . -34.77 -36.21 12.30
C2 NAG Y . -34.80 -35.18 13.43
C3 NAG Y . -36.20 -34.55 13.56
C4 NAG Y . -36.71 -34.08 12.20
C5 NAG Y . -36.61 -35.21 11.18
C6 NAG Y . -37.02 -34.78 9.79
C7 NAG Y . -33.87 -35.04 15.69
C8 NAG Y . -33.49 -35.82 16.92
N2 NAG Y . -34.39 -35.76 14.68
O3 NAG Y . -36.16 -33.47 14.46
O4 NAG Y . -38.08 -33.69 12.32
O5 NAG Y . -35.23 -35.62 11.09
O6 NAG Y . -37.08 -33.37 9.67
O7 NAG Y . -33.70 -33.83 15.61
C1 NAG Z . -17.94 -54.08 -8.95
C2 NAG Z . -17.50 -54.26 -7.50
C3 NAG Z . -16.94 -55.67 -7.27
C4 NAG Z . -17.90 -56.73 -7.78
C5 NAG Z . -18.36 -56.44 -9.20
C6 NAG Z . -19.44 -57.36 -9.69
C7 NAG Z . -16.81 -52.24 -6.28
C8 NAG Z . -15.69 -51.29 -6.00
N2 NAG Z . -16.52 -53.25 -7.11
O3 NAG Z . -16.68 -55.85 -5.88
O4 NAG Z . -17.28 -58.00 -7.74
O5 NAG Z . -18.88 -55.10 -9.30
O6 NAG Z . -19.18 -58.70 -9.30
O7 NAG Z . -17.91 -52.11 -5.78
C1 NAG AA . 14.43 3.90 42.22
C2 NAG AA . 15.00 5.28 41.92
C3 NAG AA . 16.54 5.23 41.83
C4 NAG AA . 17.12 4.54 43.06
C5 NAG AA . 16.45 3.19 43.27
C6 NAG AA . 16.92 2.48 44.52
C7 NAG AA . 13.90 7.03 40.60
C8 NAG AA . 13.37 7.43 39.26
N2 NAG AA . 14.45 5.82 40.68
O3 NAG AA . 17.05 6.56 41.74
O4 NAG AA . 18.52 4.35 42.89
O5 NAG AA . 15.03 3.38 43.42
O6 NAG AA . 17.91 3.23 45.21
O7 NAG AA . 13.83 7.79 41.57
C1 NAG BA . -22.71 -4.38 33.82
C2 NAG BA . -21.71 -3.40 33.17
C3 NAG BA . -22.20 -2.93 31.79
C4 NAG BA . -22.63 -4.12 30.94
C5 NAG BA . -23.61 -5.00 31.71
C6 NAG BA . -24.03 -6.24 30.94
C7 NAG BA . -22.09 -1.29 34.53
C8 NAG BA . -23.57 -1.31 34.20
N2 NAG BA . -21.33 -2.27 34.02
O3 NAG BA . -21.17 -2.21 31.13
O4 NAG BA . -23.25 -3.66 29.74
O5 NAG BA . -22.99 -5.45 32.92
O6 NAG BA . -23.76 -7.42 31.68
O7 NAG BA . -21.62 -0.41 35.24
C1 NAG CA . -15.33 6.48 52.44
C2 NAG CA . -14.52 5.63 53.42
C3 NAG CA . -15.17 4.26 53.62
C4 NAG CA . -16.65 4.41 53.94
C5 NAG CA . -17.33 5.30 52.90
C6 NAG CA . -18.78 5.56 53.20
C7 NAG CA . -12.13 6.22 53.44
C8 NAG CA . -10.77 5.92 52.86
N2 NAG CA . -13.14 5.47 52.97
O3 NAG CA . -14.51 3.57 54.67
O4 NAG CA . -17.28 3.13 53.94
O5 NAG CA . -16.67 6.57 52.89
O6 NAG CA . -19.27 6.69 52.48
O7 NAG CA . -12.30 7.08 54.29
C1 NAG DA . -24.94 48.93 45.57
C2 NAG DA . -25.49 50.30 45.13
C3 NAG DA . -26.51 50.82 46.15
C4 NAG DA . -27.57 49.75 46.44
C5 NAG DA . -26.89 48.44 46.83
C6 NAG DA . -27.87 47.31 47.05
C7 NAG DA . -23.71 51.42 43.85
C8 NAG DA . -22.63 52.45 43.88
N2 NAG DA . -24.40 51.26 44.98
O3 NAG DA . -27.14 51.98 45.62
O4 NAG DA . -28.41 50.17 47.50
O5 NAG DA . -26.02 48.03 45.76
O6 NAG DA . -28.39 46.83 45.82
O7 NAG DA . -23.95 50.74 42.85
C1 NAG EA . -11.67 40.87 51.10
C2 NAG EA . -11.93 39.96 52.30
C3 NAG EA . -11.86 38.49 51.90
C4 NAG EA . -12.71 38.23 50.66
C5 NAG EA . -12.35 39.21 49.56
C6 NAG EA . -13.22 39.06 48.33
C7 NAG EA . -11.19 41.18 54.31
C8 NAG EA . -10.11 41.33 55.34
N2 NAG EA . -10.99 40.24 53.38
O3 NAG EA . -12.30 37.68 52.98
O4 NAG EA . -12.49 36.90 50.20
O5 NAG EA . -12.55 40.54 50.05
O6 NAG EA . -14.08 40.17 48.15
O7 NAG EA . -12.20 41.88 54.32
C1 NAG FA . 46.47 4.75 -25.57
C2 NAG FA . 47.40 5.06 -24.39
C3 NAG FA . 48.79 5.44 -24.89
C4 NAG FA . 49.31 4.42 -25.89
C5 NAG FA . 48.29 4.17 -26.98
C6 NAG FA . 48.70 3.10 -27.97
C7 NAG FA . 46.81 6.07 -22.23
C8 NAG FA . 46.21 7.25 -21.55
N2 NAG FA . 46.84 6.13 -23.57
O3 NAG FA . 49.68 5.55 -23.79
O4 NAG FA . 50.53 4.88 -26.48
O5 NAG FA . 47.06 3.73 -26.39
O6 NAG FA . 50.10 3.18 -28.25
O7 NAG FA . 47.25 5.10 -21.61
C1 NAG GA . 32.06 -5.67 -56.38
C2 NAG GA . 33.46 -6.04 -56.91
C3 NAG GA . 33.44 -7.36 -57.69
C4 NAG GA . 32.03 -7.90 -57.83
C5 NAG GA . 31.11 -6.81 -58.37
C6 NAG GA . 29.69 -7.26 -58.54
C7 NAG GA . 35.12 -4.30 -57.41
C8 NAG GA . 35.53 -3.22 -58.38
N2 NAG GA . 34.01 -4.97 -57.74
O3 NAG GA . 34.26 -8.32 -57.03
O4 NAG GA . 32.02 -9.01 -58.72
O5 NAG GA . 31.09 -5.67 -57.49
O6 NAG GA . 29.30 -8.15 -57.49
O7 NAG GA . 35.75 -4.52 -56.39
C1 NAG HA . 31.70 -27.34 -41.82
C2 NAG HA . 32.81 -27.38 -40.77
C3 NAG HA . 33.03 -28.80 -40.25
C4 NAG HA . 31.71 -29.44 -39.83
C5 NAG HA . 30.69 -29.31 -40.96
C6 NAG HA . 29.32 -29.83 -40.58
C7 NAG HA . 34.99 -26.26 -40.54
C8 NAG HA . 36.21 -25.78 -41.25
N2 NAG HA . 34.06 -26.85 -41.30
O3 NAG HA . 33.93 -28.79 -39.16
O4 NAG HA . 31.90 -30.81 -39.52
O5 NAG HA . 30.51 -27.92 -41.28
O6 NAG HA . 29.14 -29.87 -39.17
O7 NAG HA . 34.85 -26.13 -39.33
C1 NAG IA . 13.62 18.33 -39.89
C2 NAG IA . 14.64 18.75 -40.97
C3 NAG IA . 14.16 20.03 -41.66
C4 NAG IA . 12.74 19.86 -42.18
C5 NAG IA . 11.82 19.38 -41.05
C6 NAG IA . 10.42 19.08 -41.52
C7 NAG IA . 17.09 18.76 -41.08
C8 NAG IA . 18.37 19.00 -40.33
N2 NAG IA . 15.96 18.95 -40.39
O3 NAG IA . 15.04 20.34 -42.74
O4 NAG IA . 12.25 21.10 -42.68
O5 NAG IA . 12.34 18.16 -40.49
O6 NAG IA . 9.95 20.06 -42.43
O7 NAG IA . 17.08 18.42 -42.26
C1 NAG JA . 43.47 -29.15 8.91
C2 NAG JA . 44.24 -27.93 9.40
C3 NAG JA . 44.82 -28.18 10.80
C4 NAG JA . 43.78 -28.80 11.74
C5 NAG JA . 42.98 -29.91 11.07
C6 NAG JA . 41.81 -30.38 11.90
C7 NAG JA . 45.57 -26.29 8.16
C8 NAG JA . 46.68 -26.08 7.18
N2 NAG JA . 45.28 -27.56 8.47
O3 NAG JA . 45.29 -26.96 11.34
O4 NAG JA . 44.44 -29.33 12.89
O5 NAG JA . 42.45 -29.45 9.83
O6 NAG JA . 41.54 -29.49 12.96
O7 NAG JA . 44.96 -25.35 8.66
C1 NAG KA . 27.02 -47.51 -7.19
C2 NAG KA . 28.08 -46.46 -6.87
C3 NAG KA . 28.48 -45.67 -8.13
C4 NAG KA . 28.83 -46.63 -9.26
C5 NAG KA . 27.71 -47.66 -9.47
C6 NAG KA . 28.05 -48.70 -10.51
C7 NAG KA . 26.55 -44.75 -5.92
C8 NAG KA . 26.27 -43.90 -4.73
N2 NAG KA . 27.64 -45.54 -5.82
O3 NAG KA . 29.59 -44.84 -7.83
O4 NAG KA . 29.00 -45.90 -10.48
O5 NAG KA . 27.50 -48.36 -8.23
O6 NAG KA . 27.74 -50.01 -10.05
O7 NAG KA . 25.85 -44.72 -6.92
C1 NAG LA . 24.97 32.12 -18.93
C2 NAG LA . 24.20 33.01 -17.96
C3 NAG LA . 23.88 34.35 -18.62
C4 NAG LA . 25.15 34.99 -19.16
C5 NAG LA . 25.87 34.01 -20.09
C6 NAG LA . 27.18 34.54 -20.59
C7 NAG LA . 22.90 31.68 -16.37
C8 NAG LA . 21.57 31.07 -16.05
N2 NAG LA . 22.97 32.36 -17.50
O3 NAG LA . 23.27 35.21 -17.66
O4 NAG LA . 24.84 36.18 -19.88
O5 NAG LA . 26.15 32.80 -19.38
O6 NAG LA . 28.27 33.73 -20.16
O7 NAG LA . 23.87 31.54 -15.61
C1 NAG MA . 40.51 10.83 9.38
C2 NAG MA . 39.07 11.16 8.92
C3 NAG MA . 38.05 10.64 9.93
C4 NAG MA . 38.30 9.16 10.23
C5 NAG MA . 39.74 8.97 10.69
C6 NAG MA . 40.09 7.52 10.96
C7 NAG MA . 37.90 13.09 7.97
C8 NAG MA . 37.87 14.59 7.85
N2 NAG MA . 38.90 12.58 8.70
O3 NAG MA . 36.74 10.80 9.41
O4 NAG MA . 37.42 8.72 11.27
O5 NAG MA . 40.62 9.42 9.65
O6 NAG MA . 39.39 7.03 12.10
O7 NAG MA . 37.06 12.38 7.43
C1 NAG NA . 46.78 34.01 5.98
C2 NAG NA . 48.26 34.35 5.89
C3 NAG NA . 49.06 33.44 6.81
C4 NAG NA . 48.51 33.52 8.22
C5 NAG NA . 47.02 33.20 8.22
C6 NAG NA . 46.38 33.34 9.59
C7 NAG NA . 48.91 35.31 3.72
C8 NAG NA . 49.41 35.02 2.35
N2 NAG NA . 48.74 34.24 4.52
O3 NAG NA . 50.43 33.83 6.79
O4 NAG NA . 49.19 32.59 9.07
O5 NAG NA . 46.34 34.12 7.35
O6 NAG NA . 46.89 32.37 10.49
O7 NAG NA . 48.67 36.45 4.11
C1 NAG OA . 28.16 57.32 35.66
C2 NAG OA . 27.61 57.99 36.92
C3 NAG OA . 28.72 58.78 37.64
C4 NAG OA . 29.96 57.92 37.83
C5 NAG OA . 30.37 57.29 36.51
C6 NAG OA . 31.54 56.35 36.65
C7 NAG OA . 25.23 58.45 36.55
C8 NAG OA . 24.20 59.48 36.20
N2 NAG OA . 26.49 58.88 36.60
O3 NAG OA . 28.24 59.24 38.89
O4 NAG OA . 31.03 58.70 38.34
O5 NAG OA . 29.28 56.51 35.99
O6 NAG OA . 31.59 55.76 37.94
O7 NAG OA . 24.92 57.28 36.78
C1 NAG PA . 30.09 59.54 19.32
C2 NAG PA . 30.88 60.15 18.16
C3 NAG PA . 31.76 59.10 17.48
C4 NAG PA . 32.58 58.34 18.51
C5 NAG PA . 31.69 57.81 19.62
C6 NAG PA . 32.46 57.13 20.73
C7 NAG PA . 29.69 62.07 17.19
C8 NAG PA . 28.75 62.53 16.12
N2 NAG PA . 29.98 60.76 17.19
O3 NAG PA . 32.60 59.72 16.54
O4 NAG PA . 33.25 57.25 17.89
O5 NAG PA . 30.99 58.91 20.23
O6 NAG PA . 32.25 57.76 21.98
O7 NAG PA . 30.17 62.84 18.01
C1 NAG QA . -41.13 0.95 -27.42
C2 NAG QA . -40.11 1.29 -28.51
C3 NAG QA . -40.60 2.46 -29.37
C4 NAG QA . -42.03 2.22 -29.85
C5 NAG QA . -42.92 1.87 -28.68
C6 NAG QA . -44.34 1.52 -29.10
C7 NAG QA . -37.65 1.34 -28.57
C8 NAG QA . -36.40 1.70 -27.84
N2 NAG QA . -38.81 1.58 -27.93
O3 NAG QA . -39.73 2.62 -30.48
O4 NAG QA . -42.52 3.38 -30.51
O5 NAG QA . -42.40 0.72 -28.01
O6 NAG QA . -44.92 2.57 -29.87
O7 NAG QA . -37.63 0.85 -29.69
C1 NAG RA . -55.46 -34.80 -14.90
C2 NAG RA . -54.14 -35.28 -14.24
C3 NAG RA . -53.55 -36.47 -15.02
C4 NAG RA . -54.59 -37.53 -15.30
C5 NAG RA . -55.80 -36.90 -15.98
C6 NAG RA . -56.92 -37.88 -16.23
C7 NAG RA . -52.18 -34.14 -13.27
C8 NAG RA . -51.29 -32.94 -13.37
N2 NAG RA . -53.17 -34.20 -14.17
O3 NAG RA . -52.46 -37.02 -14.28
O4 NAG RA . -54.05 -38.52 -16.17
O5 NAG RA . -56.33 -35.90 -15.09
O6 NAG RA . -56.42 -39.13 -16.70
O7 NAG RA . -52.03 -35.01 -12.42
C1 NAG SA . -33.45 -40.97 -25.66
C2 NAG SA . -33.75 -40.82 -27.16
C3 NAG SA . -32.92 -41.82 -27.98
C4 NAG SA . -31.45 -41.78 -27.58
C5 NAG SA . -31.32 -41.93 -26.07
C6 NAG SA . -29.89 -41.80 -25.60
C7 NAG SA . -36.04 -39.98 -27.34
C8 NAG SA . -37.47 -40.32 -27.67
N2 NAG SA . -35.17 -40.98 -27.44
O3 NAG SA . -33.06 -41.54 -29.37
O4 NAG SA . -30.74 -42.83 -28.22
O5 NAG SA . -32.05 -40.87 -25.43
O6 NAG SA . -29.63 -42.69 -24.52
O7 NAG SA . -35.71 -38.85 -26.99
C1 NAG TA . -42.82 -7.58 9.13
C2 NAG TA . -43.93 -6.61 8.71
C3 NAG TA . -44.69 -6.14 9.95
C4 NAG TA . -45.19 -7.34 10.74
C5 NAG TA . -44.04 -8.29 11.05
C6 NAG TA . -44.49 -9.56 11.74
C7 NAG TA . -43.75 -5.19 6.73
C8 NAG TA . -43.09 -3.99 6.11
N2 NAG TA . -43.38 -5.49 7.97
O3 NAG TA . -45.77 -5.33 9.54
O4 NAG TA . -45.77 -6.90 11.96
O5 NAG TA . -43.38 -8.68 9.84
O6 NAG TA . -45.62 -9.33 12.56
O7 NAG TA . -44.57 -5.87 6.10
C1 NAG UA . -0.01 -5.86 -50.84
C2 NAG UA . -0.57 -4.43 -50.86
C3 NAG UA . 0.26 -3.54 -51.77
C4 NAG UA . 1.76 -3.74 -51.59
C5 NAG UA . 2.14 -5.21 -51.43
C6 NAG UA . 3.58 -5.41 -51.00
C7 NAG UA . -2.84 -3.50 -50.88
C8 NAG UA . -4.24 -3.66 -51.40
N2 NAG UA . -1.96 -4.44 -51.26
O3 NAG UA . -0.08 -2.18 -51.53
O4 NAG UA . 2.47 -3.19 -52.71
O5 NAG UA . 1.33 -5.82 -50.44
O6 NAG UA . 4.27 -4.17 -50.90
O7 NAG UA . -2.52 -2.58 -50.16
C1 NAG VA . 3.71 -34.17 -42.04
C2 NAG VA . 2.92 -32.92 -42.51
C3 NAG VA . 1.40 -33.17 -42.52
C4 NAG VA . 1.06 -34.46 -43.23
C5 NAG VA . 1.82 -35.60 -42.57
C6 NAG VA . 1.55 -36.94 -43.21
C7 NAG VA . 4.44 -31.28 -41.42
C8 NAG VA . 4.51 -30.05 -40.58
N2 NAG VA . 3.21 -31.73 -41.70
O3 NAG VA . 0.75 -32.07 -43.15
O4 NAG VA . -0.33 -34.71 -43.14
O5 NAG VA . 3.22 -35.35 -42.72
O6 NAG VA . 0.87 -36.80 -44.45
O7 NAG VA . 5.46 -31.86 -41.81
C1 NAG WA . -36.28 17.86 2.39
C2 NAG WA . -35.89 18.79 3.54
C3 NAG WA . -35.82 18.03 4.86
C4 NAG WA . -37.14 17.31 5.09
C5 NAG WA . -37.47 16.42 3.90
C6 NAG WA . -38.81 15.72 4.04
C7 NAG WA . -34.52 20.67 2.73
C8 NAG WA . -33.14 21.20 2.52
N2 NAG WA . -34.61 19.45 3.26
O3 NAG WA . -35.57 18.94 5.92
O4 NAG WA . -37.04 16.50 6.27
O5 NAG WA . -37.54 17.22 2.71
O6 NAG WA . -38.74 14.65 4.97
O7 NAG WA . -35.52 21.33 2.44
C1 NAG XA . -15.55 25.01 -29.18
C2 NAG XA . -14.88 26.30 -29.71
C3 NAG XA . -13.36 26.14 -29.80
C4 NAG XA . -12.80 25.64 -28.48
C5 NAG XA . -13.48 24.34 -28.11
C6 NAG XA . -12.99 23.78 -26.80
C7 NAG XA . -15.79 27.95 -31.29
C8 NAG XA . -16.34 28.18 -32.66
N2 NAG XA . -15.44 26.69 -31.00
O3 NAG XA . -12.78 27.40 -30.15
O4 NAG XA . -11.40 25.42 -28.60
O5 NAG XA . -14.88 24.58 -27.97
O6 NAG XA . -13.63 22.54 -26.49
O7 NAG XA . -15.67 28.86 -30.48
C1 NAG YA . -29.49 40.89 -21.53
C2 NAG YA . -29.21 39.74 -22.52
C3 NAG YA . -30.16 39.81 -23.71
C4 NAG YA . -31.60 39.83 -23.22
C5 NAG YA . -31.81 40.99 -22.26
C6 NAG YA . -33.20 41.05 -21.68
C7 NAG YA . -26.90 38.90 -22.53
C8 NAG YA . -25.53 39.08 -23.10
N2 NAG YA . -27.82 39.77 -22.97
O3 NAG YA . -29.95 38.69 -24.56
O4 NAG YA . -32.48 39.96 -24.32
O5 NAG YA . -30.90 40.88 -21.15
O6 NAG YA . -34.19 41.04 -22.70
O7 NAG YA . -27.16 38.02 -21.72
C1 NAG ZA . -9.32 71.07 -2.01
C2 NAG ZA . -8.56 72.19 -1.29
C3 NAG ZA . -8.84 73.53 -1.95
C4 NAG ZA . -8.63 73.46 -3.47
C5 NAG ZA . -9.42 72.29 -4.04
C6 NAG ZA . -9.19 72.09 -5.51
C7 NAG ZA . -8.27 71.54 1.06
C8 NAG ZA . -8.77 71.71 2.46
N2 NAG ZA . -8.92 72.24 0.12
O3 NAG ZA . -7.98 74.53 -1.41
O4 NAG ZA . -9.06 74.66 -4.09
O5 NAG ZA . -9.00 71.08 -3.39
O6 NAG ZA . -7.82 72.20 -5.85
O7 NAG ZA . -7.32 70.80 0.79
C1 NAG AB . -23.05 61.49 2.27
C2 NAG AB . -24.51 61.46 1.77
C3 NAG AB . -24.85 60.09 1.18
C4 NAG AB . -23.80 59.66 0.17
C5 NAG AB . -22.41 59.77 0.79
C6 NAG AB . -21.31 59.40 -0.18
C7 NAG AB . -25.92 63.03 3.04
C8 NAG AB . -26.86 63.19 4.19
N2 NAG AB . -25.43 61.79 2.85
O3 NAG AB . -26.13 60.15 0.56
O4 NAG AB . -24.03 58.31 -0.23
O5 NAG AB . -22.19 61.11 1.20
O6 NAG AB . -20.03 59.69 0.38
O7 NAG AB . -25.62 63.96 2.31
#